data_7N8H
#
_entry.id   7N8H
#
loop_
_entity.id
_entity.type
_entity.pdbx_description
1 polymer 'Spike glycoprotein'
2 polymer 'S2M11 Fab Light Chain variable region'
3 polymer 'S2M11 Fab Heavy Chain variable region'
4 polymer 'S2L20 Fab Light Chain variable region'
5 polymer 'S2L20 Fab Heavy Chain variable region'
6 branched 2-acetamido-2-deoxy-beta-D-glucopyranose-(1-4)-[alpha-L-fucopyranose-(1-6)]2-acetamido-2-deoxy-beta-D-glucopyranose
7 branched 2-acetamido-2-deoxy-beta-D-glucopyranose-(1-4)-2-acetamido-2-deoxy-beta-D-glucopyranose
8 non-polymer 2-acetamido-2-deoxy-beta-D-glucopyranose
9 water water
#
loop_
_entity_poly.entity_id
_entity_poly.type
_entity_poly.pdbx_seq_one_letter_code
_entity_poly.pdbx_strand_id
1 'polypeptide(L)'
;MFVFLVLLPLVSIQCVNLTTRTQLPPAYTNSFTRGVYYPDKVFRSSVLHSTQDLFLPFFSNVTWFHAIHVSGTNGTKRFD
NPVLPFNDGVYFASTEKSNIIRGWIFGTTLDSKTQSLLIVNNATNVVIKVCEFQFCNDPFLGVYYHKNNKSCMESEFRVY
SSANNCTFEYVSQPFLMDLEGKQGNFKNLREFVFKNIDGYFKIYSKHTPINLVRDLPQGFSALEPLVDLPIGINITRFQT
LLALHRSYLTPGDSSSGWTAGAAAYYVGYLQPRTFLLKYNENGTITDAVDCALDPLSETKCTLKSFTVEKGIYQTSNFRV
QPTESIVRFPNITNLCPFGEVFNATRFASVYAWNRKRISNCVADYSVLYNSASFSTFKCYGVSPTKLNDLCFTNVYADSF
VIRGDEVRQIAPGQTGKIADYNYKLPDDFTGCVIAWNSNNLDSKVGGNYNYRYRLFRKSNLKPFERDISTEIYQAGSTPC
NGVEGFNCYFPLQSYGFQPTNGVGYQPYRVVVLSFELLHAPATVCGPKKSTNLVKNKCVNFNFNGLTGTGVLTESNKKFL
PFQQFGRDIADTTDAVRDPQTLEILDITPCSFGGVSVITPGTNTSNQVAVLYQDVNCTEVPVAIHADQLTPTWRVYSTGS
NVFQTRAGCLIGAEHVNNSYECDIPIGAGICASYQTQTNSPGSASSVASQSIIAYTMSLGAENSVAYSNNSIAIPTNFTI
SVTTEILPVSMTKTSVDCTMYICGDSTECSNLLLQYGSFCTQLNRALTGIAVEQDKNTQEVFAQVKQIYKTPPIKDFGGF
NFSQILPDPSKPSKRSPIEDLLFNKVTLADAGFIKQYGDCLGDIAARDLICAQKFNGLTVLPPLLTDEMIAQYTSALLAG
TITSGWTFGAGPALQIPFPMQMAYRFNGIGVTQNVLYENQKLIANQFNSAIGKIQDSLSSTPSALGKLQDVVNQNAQALN
TLVKQLSSNFGAISSVLNDILSRLDPPEAEVQIDRLITGRLQSLQTYVTQQLIRAAEIRASANLAATKMSECVLGQSKRV
DFCGKGYHLMSFPQSAPHGVVFLHVTYVPAQEKNFTTAPAICHDGKAHFPREGVFVSNGTHWFVTQRNFYEPQIITTDNT
FVSGNCDVVIGIVNNTVYDPLQPELDSFKEELDKYFKNHTSPDVDLGDISGINASVVNIQKEIDRLNEVAKNLNESLIDL
QELGKYEQGSGYIPEAPRDGQAYVRKDGEWVLLSTFLGRSLEVLFQGPGSGGLNDIFEAQKIEWHEGSGHHHHHHHH
;
A,F,K
2 'polypeptide(L)'
;IVMMQSPGTLSLSPGERATLSCRASQSVSSSYLAWYQQKPGQAPRLLIYGASSRATGIPDRFSGSGSGTDFTLTISRLEP
EDFAVYYCQQYGSSAWTFGQGTKV
;
D,G,L
3 'polypeptide(L)'
;VQLVQSGAEVKKPGASVKVSCKASGYTFTGYYMHWVRQAPGQGLEWMGWINPISSGTSYAQTFQGRVTMTSDTSITTAYM
ELSRLRSDDTAVYYCARAAPFYDFWSGYSYFDYWGQGTLVTV
;
E,H,M
4 'polypeptide(L)'
;VIWMTQSPSSLSASVGDRVTITCQASQDIRFYLNWYQQKPGKAPKLLISDASNMETGVPSRFSGSGSGTDFTFTISSLQP
EDIATYYCQQYDNLPFTFGPGTKVDF
;
B,I,N
5 'polypeptide(L)'
;EVQLVESGGGVVQPGGSLRLSCAASGFTFNSYGMHWVRQAPGKGLEWVAFIRYDGGNKYYADSVKGRFTISRDNSKNTLY
LQMKSLRAEDTAVYYCANLKDSRYSGSYYDYWGQGTLVTVS
;
C,J,O
#
loop_
_chem_comp.id
_chem_comp.type
_chem_comp.name
_chem_comp.formula
FUC L-saccharide, alpha linking alpha-L-fucopyranose 'C6 H12 O5'
NAG D-saccharide, beta linking 2-acetamido-2-deoxy-beta-D-glucopyranose 'C8 H15 N O6'
#
# COMPACT_ATOMS: atom_id res chain seq x y z
N ALA A 27 54.88 13.47 -18.74
CA ALA A 27 54.54 12.55 -19.82
C ALA A 27 53.22 11.85 -19.57
N TYR A 28 52.37 11.79 -20.61
CA TYR A 28 51.06 11.16 -20.53
C TYR A 28 50.84 10.22 -21.70
N THR A 29 50.04 9.21 -21.48
CA THR A 29 49.63 8.33 -22.56
C THR A 29 48.12 8.27 -22.59
N ASN A 30 47.59 7.78 -23.68
CA ASN A 30 46.16 7.55 -23.74
C ASN A 30 45.89 6.09 -23.49
N SER A 31 45.22 5.83 -22.39
CA SER A 31 44.73 4.44 -22.17
C SER A 31 43.42 4.34 -22.88
N PHE A 32 43.40 3.63 -23.97
CA PHE A 32 42.20 3.75 -24.82
C PHE A 32 40.97 3.19 -24.09
N THR A 33 40.96 1.89 -23.86
CA THR A 33 39.85 1.26 -23.17
C THR A 33 40.36 0.27 -22.09
N ARG A 34 41.60 0.49 -21.63
CA ARG A 34 42.24 -0.36 -20.64
C ARG A 34 41.68 -0.12 -19.26
N GLY A 35 41.82 -1.14 -18.40
CA GLY A 35 41.56 -0.99 -16.97
C GLY A 35 40.20 -1.51 -16.58
N VAL A 36 39.59 -2.28 -17.46
CA VAL A 36 38.31 -2.89 -17.17
C VAL A 36 38.47 -4.20 -16.42
N TYR A 37 37.73 -4.37 -15.35
CA TYR A 37 37.81 -5.56 -14.52
C TYR A 37 36.43 -6.12 -14.22
N TYR A 38 36.38 -7.39 -13.85
CA TYR A 38 35.13 -8.04 -13.48
C TYR A 38 34.62 -7.48 -12.14
N PRO A 39 33.50 -6.75 -12.16
CA PRO A 39 32.97 -5.96 -11.08
C PRO A 39 32.50 -6.81 -9.87
N ASP A 40 32.17 -8.07 -10.11
CA ASP A 40 31.71 -8.93 -9.03
C ASP A 40 31.97 -10.41 -9.34
N LYS A 41 31.44 -11.28 -8.48
CA LYS A 41 31.69 -12.70 -8.58
C LYS A 41 30.51 -13.47 -9.16
N VAL A 42 29.61 -12.75 -9.81
CA VAL A 42 28.44 -13.38 -10.41
C VAL A 42 28.74 -13.78 -11.84
N PHE A 43 28.47 -15.03 -12.17
CA PHE A 43 28.67 -15.51 -13.52
C PHE A 43 27.54 -15.06 -14.42
N ARG A 44 27.90 -14.47 -15.55
CA ARG A 44 26.95 -14.04 -16.55
C ARG A 44 27.44 -14.46 -17.90
N SER A 45 26.54 -14.72 -18.82
CA SER A 45 26.93 -15.08 -20.18
C SER A 45 25.91 -14.62 -21.21
N SER A 46 26.37 -14.35 -22.42
CA SER A 46 25.51 -13.92 -23.51
C SER A 46 24.56 -12.81 -23.09
N VAL A 47 25.10 -11.78 -22.46
CA VAL A 47 24.27 -10.71 -21.93
C VAL A 47 25.04 -9.39 -21.85
N LEU A 48 24.32 -8.29 -22.03
CA LEU A 48 24.89 -6.96 -21.79
C LEU A 48 24.44 -6.45 -20.43
N HIS A 49 25.40 -6.23 -19.54
CA HIS A 49 25.09 -5.87 -18.17
C HIS A 49 25.57 -4.47 -17.82
N SER A 50 24.67 -3.64 -17.31
CA SER A 50 25.01 -2.27 -16.93
C SER A 50 25.34 -2.19 -15.43
N THR A 51 26.53 -1.69 -15.10
CA THR A 51 26.95 -1.66 -13.71
C THR A 51 27.58 -0.34 -13.28
N GLN A 52 27.39 0.01 -12.02
CA GLN A 52 28.01 1.20 -11.40
C GLN A 52 29.23 0.83 -10.54
N ASP A 53 30.38 1.34 -10.86
CA ASP A 53 31.57 1.03 -10.09
C ASP A 53 32.73 1.99 -10.41
N LEU A 54 33.87 1.81 -9.75
CA LEU A 54 35.06 2.60 -9.99
C LEU A 54 35.88 2.04 -11.12
N PHE A 55 35.88 2.74 -12.24
CA PHE A 55 36.56 2.29 -13.45
C PHE A 55 37.48 3.37 -13.98
N LEU A 56 38.48 2.97 -14.74
CA LEU A 56 39.31 3.95 -15.44
C LEU A 56 38.54 4.46 -16.66
N PRO A 57 38.23 5.77 -16.74
CA PRO A 57 37.49 6.40 -17.82
C PRO A 57 38.18 6.13 -19.16
N PHE A 58 37.41 5.87 -20.21
CA PHE A 58 38.05 5.58 -21.49
C PHE A 58 38.71 6.84 -22.06
N PHE A 59 39.84 6.62 -22.74
CA PHE A 59 40.61 7.66 -23.36
C PHE A 59 41.09 8.74 -22.36
N SER A 60 41.21 8.36 -21.09
CA SER A 60 41.76 9.24 -20.06
C SER A 60 43.27 9.41 -20.24
N ASN A 61 43.81 10.48 -19.61
CA ASN A 61 45.25 10.71 -19.60
C ASN A 61 45.92 9.99 -18.47
N VAL A 62 46.72 8.97 -18.80
CA VAL A 62 47.44 8.15 -17.84
C VAL A 62 48.88 8.62 -17.74
N THR A 63 49.35 8.84 -16.52
CA THR A 63 50.69 9.38 -16.35
C THR A 63 51.75 8.33 -16.63
N TRP A 64 52.74 8.70 -17.43
CA TRP A 64 53.82 7.79 -17.77
C TRP A 64 55.08 8.14 -16.98
N PHE A 65 55.47 7.25 -16.08
CA PHE A 65 56.61 7.50 -15.21
C PHE A 65 57.86 6.76 -15.69
N HIS A 66 59.01 7.41 -15.53
CA HIS A 66 60.28 6.78 -15.81
C HIS A 66 61.15 6.78 -14.56
N ALA A 67 61.86 5.67 -14.34
CA ALA A 67 62.73 5.49 -13.17
C ALA A 67 63.68 4.33 -13.39
N ASN A 81 61.10 8.09 -9.08
CA ASN A 81 60.21 7.10 -8.48
C ASN A 81 59.45 7.70 -7.28
N PRO A 82 58.57 8.70 -7.52
CA PRO A 82 57.93 9.54 -6.53
C PRO A 82 56.83 8.80 -5.77
N VAL A 83 56.46 9.33 -4.62
CA VAL A 83 55.29 8.86 -3.90
C VAL A 83 54.04 9.50 -4.49
N LEU A 84 53.06 8.68 -4.84
CA LEU A 84 51.84 9.14 -5.50
C LEU A 84 50.65 8.98 -4.57
N PRO A 85 49.60 9.79 -4.77
CA PRO A 85 48.31 9.67 -4.12
C PRO A 85 47.61 8.40 -4.61
N PHE A 86 46.83 7.80 -3.72
CA PHE A 86 46.06 6.60 -4.04
C PHE A 86 44.66 6.96 -4.47
N ASN A 87 44.14 8.05 -3.92
CA ASN A 87 42.82 8.52 -4.26
C ASN A 87 41.75 7.44 -4.00
N ASP A 88 40.95 7.12 -5.02
CA ASP A 88 39.86 6.16 -4.84
C ASP A 88 40.18 4.81 -5.45
N GLY A 89 41.43 4.63 -5.84
CA GLY A 89 41.84 3.41 -6.49
C GLY A 89 42.81 3.70 -7.62
N VAL A 90 43.68 2.76 -7.90
CA VAL A 90 44.74 2.99 -8.85
C VAL A 90 44.82 1.94 -9.95
N TYR A 91 44.94 2.42 -11.18
CA TYR A 91 45.28 1.57 -12.31
C TYR A 91 46.77 1.63 -12.57
N PHE A 92 47.43 0.48 -12.52
CA PHE A 92 48.87 0.40 -12.71
C PHE A 92 49.22 -0.54 -13.84
N ALA A 93 50.12 -0.12 -14.71
CA ALA A 93 50.55 -0.98 -15.81
C ALA A 93 52.03 -0.82 -16.09
N SER A 94 52.67 -1.91 -16.47
CA SER A 94 54.10 -1.86 -16.81
C SER A 94 54.48 -2.94 -17.79
N THR A 95 55.56 -2.69 -18.53
CA THR A 95 56.11 -3.67 -19.47
C THR A 95 57.48 -4.15 -19.01
N GLU A 96 57.84 -3.79 -17.79
CA GLU A 96 59.14 -4.15 -17.23
C GLU A 96 59.14 -5.57 -16.69
N LYS A 97 60.33 -6.14 -16.59
CA LYS A 97 60.50 -7.50 -16.11
C LYS A 97 60.20 -7.62 -14.61
N SER A 98 59.93 -8.84 -14.17
CA SER A 98 59.56 -9.12 -12.79
C SER A 98 60.72 -8.86 -11.82
N ASN A 99 61.93 -8.77 -12.35
CA ASN A 99 63.10 -8.49 -11.52
C ASN A 99 63.43 -7.01 -11.52
N ILE A 100 62.56 -6.20 -12.12
CA ILE A 100 62.71 -4.76 -12.11
C ILE A 100 61.69 -4.10 -11.21
N ILE A 101 60.42 -4.46 -11.41
CA ILE A 101 59.37 -3.98 -10.51
C ILE A 101 59.07 -5.05 -9.47
N ARG A 102 59.38 -4.74 -8.23
CA ARG A 102 59.35 -5.74 -7.16
C ARG A 102 58.00 -5.79 -6.47
N GLY A 103 57.32 -4.66 -6.43
CA GLY A 103 56.06 -4.60 -5.72
C GLY A 103 55.68 -3.17 -5.36
N TRP A 104 54.82 -3.03 -4.36
CA TRP A 104 54.28 -1.72 -3.99
C TRP A 104 54.16 -1.55 -2.49
N ILE A 105 54.21 -0.30 -2.05
CA ILE A 105 53.86 0.04 -0.67
C ILE A 105 52.65 0.94 -0.65
N PHE A 106 51.66 0.55 0.16
CA PHE A 106 50.44 1.36 0.31
C PHE A 106 50.28 1.78 1.76
N GLY A 107 49.87 3.01 1.97
CA GLY A 107 49.63 3.47 3.34
C GLY A 107 49.33 4.95 3.40
N THR A 108 49.65 5.54 4.53
CA THR A 108 49.40 6.94 4.78
C THR A 108 50.71 7.70 4.93
N THR A 109 51.30 7.63 6.12
CA THR A 109 52.56 8.31 6.39
C THR A 109 53.75 7.54 5.85
N LEU A 110 53.53 6.26 5.56
CA LEU A 110 54.55 5.40 4.99
C LEU A 110 55.79 5.36 5.87
N ASP A 111 55.59 5.38 7.19
CA ASP A 111 56.68 5.31 8.14
C ASP A 111 56.26 4.49 9.36
N SER A 112 57.04 4.58 10.43
CA SER A 112 56.85 3.73 11.60
C SER A 112 55.69 4.17 12.49
N LYS A 113 55.01 5.25 12.10
CA LYS A 113 53.94 5.79 12.91
C LYS A 113 52.59 5.11 12.68
N THR A 114 52.43 4.48 11.52
CA THR A 114 51.13 3.88 11.21
C THR A 114 51.33 2.54 10.53
N GLN A 115 50.26 1.76 10.45
CA GLN A 115 50.28 0.50 9.70
C GLN A 115 50.40 0.75 8.21
N SER A 116 51.27 -0.01 7.54
CA SER A 116 51.40 0.09 6.08
C SER A 116 51.33 -1.29 5.43
N LEU A 117 50.85 -1.32 4.20
CA LEU A 117 50.72 -2.55 3.44
C LEU A 117 51.90 -2.73 2.49
N LEU A 118 52.63 -3.82 2.66
CA LEU A 118 53.80 -4.09 1.85
C LEU A 118 53.60 -5.32 0.98
N ILE A 119 53.64 -5.13 -0.33
CA ILE A 119 53.52 -6.25 -1.27
C ILE A 119 54.82 -6.45 -2.03
N VAL A 120 55.51 -7.55 -1.74
CA VAL A 120 56.80 -7.80 -2.38
C VAL A 120 56.88 -9.16 -3.05
N ASN A 121 57.27 -9.17 -4.31
CA ASN A 121 57.46 -10.40 -5.06
C ASN A 121 58.92 -10.82 -5.07
N ASN A 122 59.15 -12.14 -5.14
CA ASN A 122 60.47 -12.69 -5.39
C ASN A 122 60.38 -13.87 -6.35
N ALA A 123 61.50 -14.61 -6.52
CA ALA A 123 61.61 -15.65 -7.53
C ALA A 123 60.60 -16.81 -7.35
N THR A 124 60.14 -17.02 -6.12
CA THR A 124 59.30 -18.19 -5.87
C THR A 124 57.92 -17.86 -5.31
N ASN A 125 57.76 -16.71 -4.67
CA ASN A 125 56.49 -16.39 -4.01
C ASN A 125 56.19 -14.90 -3.97
N VAL A 126 55.03 -14.57 -3.42
CA VAL A 126 54.69 -13.19 -3.09
C VAL A 126 54.37 -13.08 -1.61
N VAL A 127 54.94 -12.09 -0.95
CA VAL A 127 54.70 -11.90 0.48
C VAL A 127 53.99 -10.58 0.74
N ILE A 128 52.83 -10.67 1.38
CA ILE A 128 52.06 -9.50 1.71
C ILE A 128 51.89 -9.34 3.21
N LYS A 129 52.34 -8.21 3.74
CA LYS A 129 52.28 -7.99 5.17
C LYS A 129 51.77 -6.60 5.52
N VAL A 130 51.11 -6.50 6.67
CA VAL A 130 50.74 -5.20 7.23
C VAL A 130 51.39 -5.02 8.61
N CYS A 131 52.28 -4.03 8.74
CA CYS A 131 53.05 -3.79 9.96
C CYS A 131 53.39 -2.31 10.09
N GLU A 132 53.96 -1.98 11.26
CA GLU A 132 54.53 -0.67 11.49
C GLU A 132 55.93 -0.61 10.89
N PHE A 133 55.99 -0.55 9.56
CA PHE A 133 57.23 -0.62 8.83
C PHE A 133 58.02 0.68 8.89
N GLN A 134 59.32 0.54 9.03
CA GLN A 134 60.24 1.64 8.78
C GLN A 134 61.03 1.33 7.52
N PHE A 135 60.73 2.06 6.46
CA PHE A 135 61.27 1.75 5.16
C PHE A 135 62.65 2.35 4.95
N CYS A 136 63.50 1.64 4.20
CA CYS A 136 64.85 2.07 3.95
C CYS A 136 64.89 3.05 2.79
N ASN A 137 65.81 4.03 2.86
CA ASN A 137 65.98 5.04 1.81
C ASN A 137 64.64 5.63 1.37
N ARG A 158 65.19 -6.40 2.34
CA ARG A 158 65.94 -5.32 1.70
C ARG A 158 65.10 -4.04 1.51
N VAL A 159 63.81 -4.13 1.81
CA VAL A 159 62.89 -3.00 1.67
C VAL A 159 62.81 -2.17 2.95
N TYR A 160 62.76 -2.85 4.09
CA TYR A 160 62.57 -2.18 5.37
C TYR A 160 63.64 -2.57 6.38
N SER A 161 63.86 -1.70 7.36
CA SER A 161 64.78 -1.99 8.45
C SER A 161 64.06 -2.62 9.64
N SER A 162 62.76 -2.36 9.75
CA SER A 162 61.98 -2.93 10.86
C SER A 162 60.50 -3.10 10.49
N ALA A 163 59.81 -3.95 11.25
CA ALA A 163 58.39 -4.23 11.03
C ALA A 163 57.71 -4.60 12.33
N ASN A 164 57.30 -3.59 13.09
CA ASN A 164 56.70 -3.80 14.42
C ASN A 164 55.19 -3.91 14.33
N ASN A 165 54.56 -4.52 15.32
CA ASN A 165 53.09 -4.59 15.38
C ASN A 165 52.49 -5.16 14.09
N CYS A 166 52.96 -6.32 13.66
CA CYS A 166 52.41 -6.95 12.47
C CYS A 166 51.03 -7.55 12.74
N THR A 167 50.06 -7.22 11.89
CA THR A 167 48.69 -7.64 12.10
C THR A 167 48.19 -8.57 10.99
N PHE A 168 48.86 -8.54 9.85
CA PHE A 168 48.41 -9.35 8.70
C PHE A 168 49.58 -9.94 7.95
N GLU A 169 49.45 -11.21 7.57
CA GLU A 169 50.44 -11.86 6.72
C GLU A 169 49.77 -12.81 5.74
N TYR A 170 50.17 -12.73 4.47
CA TYR A 170 49.65 -13.61 3.43
C TYR A 170 50.75 -13.99 2.45
N VAL A 171 50.81 -15.28 2.12
CA VAL A 171 51.81 -15.76 1.17
C VAL A 171 51.17 -16.61 0.07
N SER A 172 51.52 -16.31 -1.18
CA SER A 172 51.00 -17.06 -2.31
C SER A 172 52.00 -17.11 -3.46
N GLN A 173 51.50 -17.36 -4.67
CA GLN A 173 52.35 -17.42 -5.85
C GLN A 173 52.58 -16.00 -6.39
N PRO A 174 53.68 -15.78 -7.13
CA PRO A 174 54.12 -14.50 -7.64
C PRO A 174 53.03 -13.79 -8.44
N PHE A 175 52.93 -12.47 -8.25
CA PHE A 175 51.98 -11.64 -8.99
C PHE A 175 52.53 -11.27 -10.37
N LEU A 176 53.86 -11.14 -10.49
CA LEU A 176 54.53 -10.75 -11.74
C LEU A 176 55.34 -11.92 -12.27
N PHE A 186 59.15 -9.02 -28.57
CA PHE A 186 57.78 -9.03 -27.99
C PHE A 186 57.86 -9.15 -26.46
N LYS A 187 57.27 -8.20 -25.74
CA LYS A 187 57.26 -8.26 -24.28
C LYS A 187 55.88 -8.64 -23.77
N ASN A 188 55.70 -8.55 -22.46
CA ASN A 188 54.42 -8.89 -21.84
C ASN A 188 53.95 -7.76 -20.91
N LEU A 189 52.81 -7.18 -21.25
CA LEU A 189 52.26 -6.08 -20.45
C LEU A 189 51.52 -6.61 -19.24
N ARG A 190 51.84 -6.06 -18.07
CA ARG A 190 51.18 -6.46 -16.84
C ARG A 190 50.31 -5.33 -16.31
N GLU A 191 49.03 -5.63 -16.11
CA GLU A 191 48.09 -4.61 -15.62
C GLU A 191 47.50 -5.00 -14.28
N PHE A 192 47.42 -4.04 -13.37
CA PHE A 192 46.86 -4.25 -12.04
C PHE A 192 45.87 -3.15 -11.69
N VAL A 193 44.85 -3.52 -10.93
CA VAL A 193 43.94 -2.53 -10.35
C VAL A 193 43.88 -2.68 -8.83
N PHE A 194 44.13 -1.59 -8.12
CA PHE A 194 44.16 -1.59 -6.67
C PHE A 194 43.01 -0.78 -6.08
N LYS A 195 42.16 -1.44 -5.31
CA LYS A 195 41.05 -0.78 -4.63
C LYS A 195 41.09 -1.05 -3.14
N ASN A 196 40.55 -0.13 -2.34
CA ASN A 196 40.52 -0.30 -0.89
C ASN A 196 39.16 0.09 -0.32
N ILE A 197 38.27 -0.89 -0.23
CA ILE A 197 36.89 -0.61 0.14
C ILE A 197 36.45 -1.41 1.37
N ASP A 198 35.97 -0.70 2.38
CA ASP A 198 35.43 -1.33 3.59
C ASP A 198 36.44 -2.27 4.24
N GLY A 199 37.72 -1.89 4.20
CA GLY A 199 38.75 -2.66 4.88
C GLY A 199 39.35 -3.75 3.99
N TYR A 200 38.76 -3.96 2.81
CA TYR A 200 39.24 -5.02 1.89
C TYR A 200 40.10 -4.40 0.78
N PHE A 201 41.34 -4.85 0.67
CA PHE A 201 42.23 -4.42 -0.41
C PHE A 201 42.11 -5.40 -1.56
N LYS A 202 41.50 -4.93 -2.64
CA LYS A 202 41.17 -5.80 -3.77
C LYS A 202 42.14 -5.59 -4.90
N ILE A 203 42.72 -6.68 -5.39
CA ILE A 203 43.65 -6.61 -6.50
C ILE A 203 43.14 -7.41 -7.69
N TYR A 204 43.11 -6.76 -8.85
CA TYR A 204 42.77 -7.41 -10.12
C TYR A 204 43.98 -7.39 -11.02
N SER A 205 44.11 -8.36 -11.90
CA SER A 205 45.27 -8.37 -12.80
C SER A 205 45.06 -9.09 -14.12
N LYS A 206 45.89 -8.76 -15.09
CA LYS A 206 45.93 -9.44 -16.37
C LYS A 206 47.34 -9.41 -16.96
N HIS A 207 47.73 -10.49 -17.63
CA HIS A 207 49.04 -10.57 -18.28
C HIS A 207 48.89 -10.90 -19.75
N THR A 208 49.25 -9.95 -20.62
CA THR A 208 49.09 -10.12 -22.06
C THR A 208 50.35 -9.73 -22.80
N PRO A 209 50.60 -10.30 -23.99
CA PRO A 209 51.68 -9.97 -24.90
C PRO A 209 51.52 -8.57 -25.48
N ILE A 210 52.63 -7.86 -25.64
CA ILE A 210 52.61 -6.51 -26.18
C ILE A 210 53.71 -6.29 -27.22
N ASN A 211 53.39 -5.57 -28.29
CA ASN A 211 54.36 -5.25 -29.33
C ASN A 211 54.53 -3.74 -29.50
N LEU A 212 54.33 -3.00 -28.42
CA LEU A 212 54.46 -1.55 -28.44
C LEU A 212 55.62 -1.10 -27.57
N VAL A 213 56.17 0.07 -27.88
CA VAL A 213 57.30 0.61 -27.13
C VAL A 213 56.95 1.87 -26.33
N ARG A 214 56.25 2.80 -26.99
CA ARG A 214 56.05 4.12 -26.40
C ARG A 214 54.63 4.38 -25.86
N ASP A 215 53.69 3.44 -26.06
CA ASP A 215 52.31 3.66 -25.67
C ASP A 215 51.63 2.42 -25.06
N LEU A 216 50.36 2.58 -24.65
CA LEU A 216 49.54 1.46 -24.16
C LEU A 216 48.83 0.74 -25.31
N PRO A 217 48.57 -0.56 -25.12
CA PRO A 217 48.02 -1.43 -26.12
C PRO A 217 46.55 -1.12 -26.38
N GLN A 218 46.13 -1.41 -27.60
CA GLN A 218 44.75 -1.22 -27.98
C GLN A 218 44.00 -2.53 -27.90
N GLY A 219 42.68 -2.44 -27.87
CA GLY A 219 41.87 -3.66 -27.77
C GLY A 219 41.35 -3.81 -26.36
N PHE A 220 40.44 -4.76 -26.20
CA PHE A 220 39.78 -4.88 -24.87
C PHE A 220 40.21 -6.17 -24.18
N SER A 221 40.60 -6.05 -22.91
CA SER A 221 40.94 -7.20 -22.08
C SER A 221 40.55 -6.92 -20.63
N ALA A 222 39.67 -7.77 -20.08
CA ALA A 222 39.20 -7.57 -18.72
C ALA A 222 40.15 -8.18 -17.70
N LEU A 223 40.30 -7.51 -16.56
CA LEU A 223 41.17 -7.97 -15.48
C LEU A 223 40.41 -8.80 -14.46
N GLU A 224 41.00 -9.93 -14.09
CA GLU A 224 40.35 -10.85 -13.17
C GLU A 224 40.82 -10.60 -11.74
N PRO A 225 40.00 -10.89 -10.73
CA PRO A 225 40.34 -10.89 -9.33
C PRO A 225 41.55 -11.76 -9.06
N LEU A 226 42.50 -11.22 -8.31
CA LEU A 226 43.73 -11.93 -7.99
C LEU A 226 43.74 -12.33 -6.52
N VAL A 227 43.42 -11.38 -5.66
CA VAL A 227 43.36 -11.62 -4.22
C VAL A 227 42.49 -10.56 -3.55
N ASP A 228 41.88 -10.92 -2.43
CA ASP A 228 41.07 -9.98 -1.66
C ASP A 228 41.47 -10.03 -0.18
N LEU A 229 42.18 -8.99 0.26
CA LEU A 229 42.84 -9.01 1.56
C LEU A 229 42.09 -8.19 2.62
N PRO A 230 41.68 -8.81 3.74
CA PRO A 230 41.01 -8.19 4.87
C PRO A 230 42.02 -7.49 5.79
N ILE A 231 42.64 -6.43 5.28
CA ILE A 231 43.73 -5.76 5.98
C ILE A 231 43.21 -4.75 7.03
N GLY A 232 42.11 -4.06 6.71
CA GLY A 232 41.45 -3.18 7.65
C GLY A 232 42.20 -1.86 7.91
N ILE A 233 42.94 -1.36 6.93
CA ILE A 233 43.67 -0.11 7.12
C ILE A 233 43.32 0.90 6.02
N ASN A 234 43.61 2.18 6.31
CA ASN A 234 43.39 3.28 5.37
C ASN A 234 44.62 3.50 4.48
N ILE A 235 44.38 3.66 3.17
CA ILE A 235 45.44 3.94 2.20
C ILE A 235 45.16 5.26 1.48
N THR A 236 46.14 6.17 1.52
CA THR A 236 46.01 7.47 0.86
C THR A 236 47.15 7.74 -0.12
N ARG A 237 48.28 7.07 0.08
CA ARG A 237 49.46 7.24 -0.77
C ARG A 237 50.07 5.89 -1.08
N PHE A 238 50.81 5.82 -2.17
CA PHE A 238 51.53 4.57 -2.47
C PHE A 238 52.81 4.85 -3.25
N GLN A 239 53.71 3.89 -3.24
CA GLN A 239 54.97 3.99 -3.99
C GLN A 239 55.34 2.66 -4.61
N THR A 240 55.90 2.70 -5.82
CA THR A 240 56.33 1.48 -6.49
C THR A 240 57.74 1.10 -6.07
N LEU A 241 57.94 -0.17 -5.76
CA LEU A 241 59.26 -0.68 -5.39
C LEU A 241 60.00 -1.19 -6.61
N LEU A 242 61.17 -0.60 -6.88
CA LEU A 242 62.00 -0.94 -8.03
C LEU A 242 63.31 -1.56 -7.58
N ALA A 264 60.06 1.80 -16.14
CA ALA A 264 58.95 2.64 -16.55
C ALA A 264 57.60 1.98 -16.25
N TYR A 265 56.60 2.81 -15.93
CA TYR A 265 55.26 2.33 -15.63
C TYR A 265 54.22 3.43 -15.81
N TYR A 266 52.95 3.02 -15.88
CA TYR A 266 51.85 3.94 -16.11
C TYR A 266 50.90 3.94 -14.92
N VAL A 267 50.44 5.13 -14.53
CA VAL A 267 49.48 5.23 -13.42
C VAL A 267 48.25 6.05 -13.78
N GLY A 268 47.08 5.45 -13.60
CA GLY A 268 45.82 6.15 -13.81
C GLY A 268 44.97 6.06 -12.55
N TYR A 269 43.83 6.75 -12.53
CA TYR A 269 42.97 6.73 -11.36
C TYR A 269 41.53 6.38 -11.71
N LEU A 270 40.89 5.65 -10.81
CA LEU A 270 39.52 5.18 -11.04
C LEU A 270 38.51 6.24 -10.66
N GLN A 271 37.38 6.26 -11.35
CA GLN A 271 36.29 7.17 -11.04
C GLN A 271 34.97 6.42 -11.04
N PRO A 272 33.96 6.92 -10.33
CA PRO A 272 32.60 6.42 -10.30
C PRO A 272 31.93 6.68 -11.63
N ARG A 273 31.87 5.64 -12.46
CA ARG A 273 31.29 5.74 -13.79
C ARG A 273 30.22 4.69 -13.98
N THR A 274 29.55 4.75 -15.13
CA THR A 274 28.63 3.69 -15.50
C THR A 274 29.10 3.01 -16.78
N PHE A 275 29.27 1.70 -16.72
CA PHE A 275 29.72 0.91 -17.86
C PHE A 275 28.69 -0.11 -18.31
N LEU A 276 28.61 -0.30 -19.62
CA LEU A 276 27.86 -1.42 -20.18
C LEU A 276 28.84 -2.51 -20.59
N LEU A 277 28.76 -3.66 -19.94
CA LEU A 277 29.72 -4.74 -20.17
C LEU A 277 29.12 -5.87 -20.98
N LYS A 278 29.85 -6.30 -22.01
CA LYS A 278 29.39 -7.37 -22.88
C LYS A 278 30.02 -8.71 -22.52
N TYR A 279 29.19 -9.65 -22.05
CA TYR A 279 29.64 -10.99 -21.71
C TYR A 279 29.35 -11.96 -22.85
N ASN A 280 30.37 -12.69 -23.27
CA ASN A 280 30.18 -13.66 -24.37
C ASN A 280 29.61 -14.97 -23.83
N GLU A 281 29.53 -15.97 -24.69
CA GLU A 281 28.89 -17.24 -24.33
C GLU A 281 29.66 -18.04 -23.27
N ASN A 282 30.94 -17.69 -23.03
CA ASN A 282 31.77 -18.34 -22.01
C ASN A 282 31.83 -17.52 -20.73
N GLY A 283 31.11 -16.40 -20.68
CA GLY A 283 31.08 -15.54 -19.53
C GLY A 283 32.30 -14.62 -19.44
N THR A 284 32.96 -14.40 -20.56
CA THR A 284 34.11 -13.51 -20.60
C THR A 284 33.70 -12.14 -21.12
N ILE A 285 34.15 -11.08 -20.46
CA ILE A 285 33.86 -9.74 -20.95
C ILE A 285 34.73 -9.45 -22.16
N THR A 286 34.10 -9.14 -23.28
CA THR A 286 34.83 -8.95 -24.53
C THR A 286 34.77 -7.52 -25.03
N ASP A 287 33.90 -6.72 -24.43
CA ASP A 287 33.77 -5.33 -24.81
C ASP A 287 33.15 -4.52 -23.68
N ALA A 288 33.12 -3.21 -23.84
CA ALA A 288 32.50 -2.33 -22.85
C ALA A 288 32.22 -0.94 -23.43
N VAL A 289 31.20 -0.29 -22.90
CA VAL A 289 30.91 1.10 -23.24
C VAL A 289 30.95 2.00 -22.02
N ASP A 290 31.76 3.05 -22.10
CA ASP A 290 31.79 4.09 -21.09
C ASP A 290 30.67 5.08 -21.38
N CYS A 291 29.62 5.07 -20.56
CA CYS A 291 28.36 5.74 -20.87
C CYS A 291 28.47 7.25 -20.82
N ALA A 292 29.59 7.74 -20.33
CA ALA A 292 29.80 9.18 -20.23
C ALA A 292 30.89 9.66 -21.17
N LEU A 293 31.34 8.78 -22.05
CA LEU A 293 32.42 9.09 -22.97
C LEU A 293 32.00 10.13 -24.02
N ASP A 294 30.79 9.98 -24.54
CA ASP A 294 30.30 10.82 -25.64
C ASP A 294 28.84 10.47 -25.94
N PRO A 295 28.12 11.31 -26.69
CA PRO A 295 26.74 11.15 -27.11
C PRO A 295 26.47 9.78 -27.75
N LEU A 296 27.43 9.24 -28.49
CA LEU A 296 27.25 7.94 -29.12
C LEU A 296 27.19 6.83 -28.06
N SER A 297 28.07 6.91 -27.07
CA SER A 297 28.14 5.92 -26.02
C SER A 297 26.88 5.93 -25.14
N GLU A 298 26.35 7.12 -24.88
CA GLU A 298 25.12 7.22 -24.12
C GLU A 298 23.96 6.59 -24.89
N THR A 299 23.95 6.75 -26.21
CA THR A 299 22.93 6.14 -27.02
C THR A 299 23.03 4.62 -26.91
N LYS A 300 24.24 4.11 -26.99
CA LYS A 300 24.48 2.68 -26.87
C LYS A 300 24.03 2.13 -25.50
N CYS A 301 24.32 2.89 -24.43
CA CYS A 301 23.95 2.51 -23.07
C CYS A 301 22.46 2.61 -22.85
N THR A 302 21.84 3.62 -23.43
CA THR A 302 20.39 3.76 -23.34
C THR A 302 19.71 2.55 -24.00
N LEU A 303 20.35 2.00 -25.03
CA LEU A 303 19.76 0.91 -25.79
C LEU A 303 20.14 -0.53 -25.31
N LYS A 304 21.09 -0.68 -24.42
CA LYS A 304 21.50 -2.04 -24.10
C LYS A 304 21.87 -2.75 -25.40
N SER A 305 22.60 -2.03 -26.25
CA SER A 305 23.06 -2.57 -27.54
C SER A 305 24.39 -1.89 -27.94
N PHE A 306 25.30 -2.66 -28.53
CA PHE A 306 26.60 -2.16 -28.94
C PHE A 306 26.58 -1.65 -30.40
N THR A 307 25.46 -1.84 -31.07
CA THR A 307 25.23 -1.30 -32.41
C THR A 307 24.01 -0.40 -32.40
N VAL A 308 24.08 0.73 -33.12
CA VAL A 308 22.91 1.62 -33.22
C VAL A 308 22.50 1.80 -34.69
N GLU A 309 21.21 1.59 -34.95
CA GLU A 309 20.67 1.79 -36.30
C GLU A 309 20.44 3.27 -36.58
N LYS A 310 20.35 3.63 -37.85
CA LYS A 310 20.08 5.00 -38.23
C LYS A 310 18.78 5.52 -37.62
N GLY A 311 18.83 6.72 -37.06
CA GLY A 311 17.63 7.32 -36.50
C GLY A 311 17.94 8.39 -35.46
N ILE A 312 16.89 8.86 -34.79
CA ILE A 312 17.00 9.83 -33.71
C ILE A 312 16.53 9.19 -32.41
N TYR A 313 17.34 9.33 -31.35
CA TYR A 313 17.03 8.66 -30.09
C TYR A 313 17.09 9.60 -28.91
N GLN A 314 16.10 9.51 -28.04
CA GLN A 314 16.14 10.27 -26.78
C GLN A 314 16.95 9.50 -25.76
N THR A 315 17.99 10.14 -25.24
CA THR A 315 18.94 9.44 -24.39
C THR A 315 18.94 9.94 -22.96
N SER A 316 18.61 11.20 -22.78
CA SER A 316 18.68 11.83 -21.46
C SER A 316 17.91 13.11 -21.41
N ASN A 317 17.87 13.72 -20.25
CA ASN A 317 17.31 15.06 -20.11
C ASN A 317 18.37 16.02 -19.60
N PHE A 318 18.32 17.24 -20.09
CA PHE A 318 19.13 18.31 -19.50
C PHE A 318 18.27 19.11 -18.53
N ARG A 319 18.93 19.72 -17.56
CA ARG A 319 18.25 20.57 -16.59
C ARG A 319 19.25 21.51 -15.95
N VAL A 320 18.91 22.79 -15.95
CA VAL A 320 19.78 23.79 -15.32
C VAL A 320 19.72 23.71 -13.80
N GLN A 321 20.88 23.70 -13.16
CA GLN A 321 20.94 23.61 -11.69
C GLN A 321 21.00 25.02 -11.06
N PRO A 322 20.44 25.19 -9.87
CA PRO A 322 20.45 26.41 -9.09
C PRO A 322 21.88 26.89 -8.76
N THR A 323 22.11 28.16 -9.04
CA THR A 323 23.38 28.80 -8.74
C THR A 323 23.52 29.10 -7.23
N GLU A 324 22.44 29.49 -6.59
CA GLU A 324 22.50 29.82 -5.18
C GLU A 324 21.18 29.62 -4.42
N SER A 325 21.23 29.72 -3.10
CA SER A 325 20.08 29.64 -2.23
C SER A 325 19.77 30.99 -1.64
N ILE A 326 18.48 31.40 -1.69
CA ILE A 326 18.12 32.67 -1.09
C ILE A 326 17.01 32.48 -0.05
N VAL A 327 17.24 33.04 1.14
CA VAL A 327 16.28 32.94 2.22
C VAL A 327 15.61 34.27 2.51
N ARG A 328 14.29 34.27 2.53
CA ARG A 328 13.54 35.49 2.79
C ARG A 328 12.48 35.28 3.86
N PHE A 329 12.84 35.57 5.11
CA PHE A 329 11.92 35.52 6.25
C PHE A 329 11.47 36.93 6.61
N PRO A 330 10.42 37.09 7.43
CA PRO A 330 9.98 38.32 8.05
C PRO A 330 11.10 38.89 8.90
N ASN A 331 11.14 40.21 9.03
CA ASN A 331 12.25 40.88 9.72
C ASN A 331 11.92 41.26 11.17
N ILE A 332 10.99 40.51 11.77
CA ILE A 332 10.68 40.67 13.22
C ILE A 332 11.84 40.11 14.06
N THR A 333 12.01 40.62 15.25
CA THR A 333 13.17 40.23 16.05
C THR A 333 12.82 39.75 17.46
N ASN A 334 11.56 39.92 17.88
CA ASN A 334 11.16 39.54 19.23
C ASN A 334 11.10 38.03 19.37
N LEU A 335 11.67 37.50 20.44
CA LEU A 335 11.70 36.06 20.66
C LEU A 335 10.41 35.54 21.30
N CYS A 336 10.01 34.32 20.90
CA CYS A 336 8.83 33.66 21.46
C CYS A 336 9.02 33.32 22.91
N PRO A 337 8.02 33.59 23.77
CA PRO A 337 8.01 33.42 25.20
C PRO A 337 7.80 31.96 25.61
N PHE A 338 8.70 31.09 25.18
CA PHE A 338 8.61 29.68 25.57
C PHE A 338 9.07 29.49 27.01
N GLY A 339 10.10 30.24 27.38
CA GLY A 339 10.67 30.11 28.71
C GLY A 339 9.62 30.33 29.79
N GLU A 340 8.68 31.21 29.51
CA GLU A 340 7.61 31.54 30.46
C GLU A 340 6.70 30.34 30.72
N VAL A 341 6.53 29.50 29.71
CA VAL A 341 5.72 28.29 29.85
C VAL A 341 6.48 27.25 30.66
N PHE A 342 7.76 27.10 30.36
CA PHE A 342 8.58 26.08 30.98
C PHE A 342 8.95 26.36 32.44
N ASN A 343 9.16 27.65 32.80
CA ASN A 343 9.61 27.98 34.13
C ASN A 343 8.55 28.65 34.99
N ALA A 344 7.27 28.33 34.70
CA ALA A 344 6.16 28.74 35.56
C ALA A 344 6.27 28.06 36.91
N THR A 345 5.95 28.80 37.96
CA THR A 345 6.00 28.25 39.31
C THR A 345 4.93 27.19 39.53
N ARG A 346 3.75 27.46 39.01
CA ARG A 346 2.62 26.55 39.21
C ARG A 346 2.15 25.96 37.89
N PHE A 347 2.04 24.64 37.87
CA PHE A 347 1.48 23.93 36.73
C PHE A 347 0.05 23.49 36.99
N ALA A 348 -0.73 23.36 35.94
CA ALA A 348 -2.11 22.91 36.02
C ALA A 348 -2.24 21.42 36.24
N SER A 349 -3.35 21.02 36.82
CA SER A 349 -3.78 19.63 36.78
C SER A 349 -4.11 19.24 35.35
N VAL A 350 -3.96 17.96 35.04
CA VAL A 350 -4.14 17.49 33.68
C VAL A 350 -5.59 17.60 33.20
N TYR A 351 -6.55 17.43 34.10
CA TYR A 351 -7.95 17.53 33.71
C TYR A 351 -8.30 18.98 33.36
N ALA A 352 -7.56 19.91 33.96
CA ALA A 352 -7.76 21.34 33.75
C ALA A 352 -6.52 21.95 33.12
N TRP A 353 -6.06 21.36 32.04
CA TRP A 353 -4.79 21.72 31.44
C TRP A 353 -4.77 23.15 30.92
N ASN A 354 -3.63 23.82 31.05
CA ASN A 354 -3.49 25.19 30.57
C ASN A 354 -3.11 25.22 29.11
N ARG A 355 -3.55 26.26 28.41
CA ARG A 355 -3.15 26.50 27.04
C ARG A 355 -2.70 27.95 26.84
N LYS A 356 -1.54 28.11 26.22
CA LYS A 356 -1.04 29.42 25.85
C LYS A 356 -0.87 29.53 24.34
N ARG A 357 -1.38 30.60 23.77
CA ARG A 357 -1.23 30.84 22.33
C ARG A 357 0.01 31.69 22.05
N ILE A 358 0.83 31.23 21.13
CA ILE A 358 2.06 31.91 20.77
C ILE A 358 2.04 32.35 19.31
N SER A 359 2.31 33.63 19.09
CA SER A 359 2.27 34.19 17.73
C SER A 359 3.15 35.43 17.59
N ASN A 360 3.44 35.79 16.34
CA ASN A 360 4.17 37.02 16.03
C ASN A 360 5.51 37.11 16.74
N CYS A 361 6.36 36.10 16.55
CA CYS A 361 7.65 36.03 17.25
C CYS A 361 8.61 35.06 16.57
N VAL A 362 9.86 35.09 17.02
CA VAL A 362 10.89 34.18 16.53
C VAL A 362 11.09 33.02 17.48
N ALA A 363 10.99 31.81 16.95
CA ALA A 363 11.02 30.61 17.77
C ALA A 363 12.28 29.80 17.55
N ASP A 364 13.13 29.75 18.57
CA ASP A 364 14.34 28.93 18.51
C ASP A 364 14.10 27.64 19.29
N TYR A 365 13.98 26.54 18.58
CA TYR A 365 13.59 25.28 19.19
C TYR A 365 14.80 24.45 19.58
N SER A 366 15.99 24.89 19.17
CA SER A 366 17.19 24.10 19.42
C SER A 366 17.64 24.23 20.85
N VAL A 367 17.29 25.35 21.46
CA VAL A 367 17.64 25.58 22.85
C VAL A 367 16.90 24.60 23.74
N LEU A 368 15.73 24.17 23.31
CA LEU A 368 14.96 23.19 24.05
C LEU A 368 15.43 21.78 23.73
N TYR A 369 15.62 21.49 22.44
CA TYR A 369 15.97 20.14 22.03
C TYR A 369 17.36 19.73 22.49
N ASN A 370 18.28 20.69 22.52
CA ASN A 370 19.67 20.42 22.87
C ASN A 370 19.89 20.50 24.36
N SER A 371 18.82 20.73 25.11
CA SER A 371 18.91 20.76 26.56
C SER A 371 19.19 19.39 27.12
N ALA A 372 19.82 19.35 28.29
CA ALA A 372 20.07 18.11 29.00
C ALA A 372 19.00 17.83 30.06
N SER A 373 18.01 18.73 30.14
CA SER A 373 17.09 18.73 31.26
C SER A 373 15.77 17.97 31.05
N PHE A 374 15.50 17.56 29.82
CA PHE A 374 14.21 16.94 29.52
C PHE A 374 14.35 15.43 29.30
N SER A 375 13.52 14.68 30.02
CA SER A 375 13.52 13.20 29.90
C SER A 375 12.80 12.76 28.67
N THR A 376 11.84 13.51 28.17
CA THR A 376 11.11 13.20 26.97
C THR A 376 11.08 14.37 26.01
N PHE A 377 11.36 14.12 24.75
CA PHE A 377 11.20 15.11 23.70
C PHE A 377 10.85 14.41 22.39
N LYS A 378 9.57 14.29 22.12
CA LYS A 378 9.10 13.49 20.99
C LYS A 378 8.24 14.32 20.03
N CYS A 379 8.64 14.34 18.76
CA CYS A 379 7.95 15.11 17.74
C CYS A 379 7.17 14.23 16.78
N TYR A 380 6.04 14.73 16.34
CA TYR A 380 5.16 14.05 15.41
C TYR A 380 4.83 14.96 14.24
N GLY A 381 4.88 14.42 13.03
CA GLY A 381 4.53 15.19 11.84
C GLY A 381 5.66 16.13 11.45
N VAL A 382 6.73 16.10 12.23
CA VAL A 382 7.87 16.97 12.02
C VAL A 382 9.08 16.43 12.74
N SER A 383 10.26 16.64 12.17
CA SER A 383 11.51 16.28 12.83
C SER A 383 12.09 17.50 13.56
N PRO A 384 12.58 17.32 14.80
CA PRO A 384 13.07 18.35 15.70
C PRO A 384 14.24 19.13 15.11
N THR A 385 15.01 18.49 14.23
CA THR A 385 16.19 19.12 13.67
C THR A 385 15.83 20.07 12.54
N LYS A 386 14.58 20.04 12.12
CA LYS A 386 14.11 20.88 11.03
C LYS A 386 13.22 22.00 11.52
N LEU A 387 12.94 22.03 12.82
CA LEU A 387 11.99 22.99 13.35
C LEU A 387 12.44 24.43 13.13
N ASN A 388 13.75 24.66 13.19
CA ASN A 388 14.28 26.01 13.06
C ASN A 388 14.23 26.52 11.64
N ASP A 389 13.88 25.66 10.70
CA ASP A 389 13.80 26.05 9.30
C ASP A 389 12.36 26.37 8.92
N LEU A 390 11.42 26.09 9.81
CA LEU A 390 10.02 26.14 9.47
C LEU A 390 9.31 27.40 9.95
N CYS A 391 8.20 27.74 9.31
CA CYS A 391 7.31 28.82 9.72
C CYS A 391 5.90 28.28 9.93
N PHE A 392 5.25 28.77 10.99
CA PHE A 392 3.89 28.33 11.33
C PHE A 392 2.98 29.54 11.52
N THR A 393 1.69 29.33 11.34
CA THR A 393 0.72 30.41 11.52
C THR A 393 0.46 30.65 13.00
N ASN A 394 0.44 29.58 13.78
CA ASN A 394 0.29 29.70 15.22
C ASN A 394 0.95 28.54 15.94
N VAL A 395 1.34 28.75 17.19
CA VAL A 395 1.80 27.66 18.04
C VAL A 395 1.07 27.66 19.36
N TYR A 396 0.58 26.50 19.76
CA TYR A 396 -0.03 26.36 21.08
C TYR A 396 0.87 25.60 22.02
N ALA A 397 0.97 26.09 23.25
CA ALA A 397 1.73 25.41 24.29
C ALA A 397 0.82 25.00 25.43
N ASP A 398 0.58 23.70 25.53
CA ASP A 398 -0.28 23.15 26.59
C ASP A 398 0.59 22.59 27.70
N SER A 399 0.16 22.77 28.94
CA SER A 399 0.98 22.28 30.04
C SER A 399 0.17 21.73 31.22
N PHE A 400 0.73 20.71 31.86
CA PHE A 400 0.06 20.02 32.95
C PHE A 400 1.00 19.05 33.68
N VAL A 401 0.52 18.49 34.79
CA VAL A 401 1.26 17.48 35.53
C VAL A 401 0.57 16.11 35.55
N ILE A 402 1.33 15.08 35.24
CA ILE A 402 0.91 13.68 35.33
C ILE A 402 1.98 12.86 36.03
N ARG A 403 1.69 11.60 36.33
CA ARG A 403 2.73 10.75 36.91
C ARG A 403 3.55 10.06 35.80
N GLY A 404 4.76 9.65 36.14
CA GLY A 404 5.73 9.18 35.17
C GLY A 404 5.21 8.09 34.23
N ASP A 405 4.44 7.16 34.76
CA ASP A 405 3.95 6.04 33.98
C ASP A 405 2.98 6.47 32.89
N GLU A 406 2.49 7.70 32.98
CA GLU A 406 1.45 8.17 32.09
C GLU A 406 1.98 8.98 30.93
N VAL A 407 3.27 9.24 30.90
CA VAL A 407 3.82 10.09 29.86
C VAL A 407 3.63 9.45 28.47
N ARG A 408 3.70 8.12 28.41
CA ARG A 408 3.47 7.39 27.15
C ARG A 408 2.06 7.65 26.60
N GLN A 409 1.12 8.06 27.43
CA GLN A 409 -0.22 8.30 26.95
C GLN A 409 -0.32 9.64 26.20
N ILE A 410 0.67 10.50 26.37
CA ILE A 410 0.65 11.77 25.67
C ILE A 410 1.29 11.61 24.30
N ALA A 411 0.53 10.96 23.43
CA ALA A 411 0.95 10.66 22.07
C ALA A 411 -0.30 10.32 21.27
N PRO A 412 -0.28 10.43 19.95
CA PRO A 412 -1.33 10.03 19.05
C PRO A 412 -1.61 8.52 19.14
N GLY A 413 -2.90 8.17 19.13
CA GLY A 413 -3.31 6.78 19.07
C GLY A 413 -3.25 6.05 20.41
N GLN A 414 -3.21 6.79 21.50
CA GLN A 414 -3.10 6.18 22.82
C GLN A 414 -4.45 6.04 23.50
N THR A 415 -4.52 5.08 24.42
CA THR A 415 -5.68 4.88 25.26
C THR A 415 -5.27 4.83 26.73
N GLY A 416 -6.25 4.92 27.62
CA GLY A 416 -5.98 4.99 29.05
C GLY A 416 -6.67 6.20 29.65
N LYS A 417 -6.62 6.32 30.96
CA LYS A 417 -7.41 7.34 31.64
C LYS A 417 -7.04 8.75 31.21
N ILE A 418 -5.76 8.98 30.92
CA ILE A 418 -5.34 10.32 30.56
C ILE A 418 -5.69 10.64 29.13
N ALA A 419 -5.35 9.75 28.22
CA ALA A 419 -5.68 9.93 26.82
C ALA A 419 -7.19 9.99 26.60
N ASP A 420 -7.93 9.22 27.41
CA ASP A 420 -9.37 9.11 27.22
C ASP A 420 -10.17 10.22 27.88
N TYR A 421 -9.80 10.62 29.10
CA TYR A 421 -10.66 11.50 29.88
C TYR A 421 -10.04 12.84 30.24
N ASN A 422 -8.76 13.03 29.96
CA ASN A 422 -8.08 14.23 30.43
C ASN A 422 -7.49 15.07 29.30
N TYR A 423 -6.57 14.48 28.54
CA TYR A 423 -5.91 15.22 27.47
C TYR A 423 -5.67 14.32 26.26
N LYS A 424 -6.38 14.61 25.18
CA LYS A 424 -6.35 13.79 23.99
C LYS A 424 -5.71 14.51 22.81
N LEU A 425 -4.73 13.86 22.18
CA LEU A 425 -4.16 14.37 20.94
C LEU A 425 -4.89 13.77 19.75
N PRO A 426 -4.93 14.47 18.62
CA PRO A 426 -5.43 14.02 17.34
C PRO A 426 -4.49 13.00 16.72
N ASP A 427 -5.01 12.23 15.77
CA ASP A 427 -4.22 11.19 15.12
C ASP A 427 -3.28 11.76 14.07
N ASP A 428 -3.66 12.92 13.51
CA ASP A 428 -2.83 13.62 12.54
C ASP A 428 -2.08 14.77 13.20
N PHE A 429 -1.71 14.56 14.46
CA PHE A 429 -1.05 15.58 15.26
C PHE A 429 0.30 15.99 14.69
N THR A 430 0.53 17.31 14.64
CA THR A 430 1.83 17.85 14.32
C THR A 430 2.32 18.71 15.48
N GLY A 431 3.44 18.34 16.07
CA GLY A 431 3.93 19.02 17.27
C GLY A 431 4.92 18.18 18.04
N CYS A 432 5.30 18.64 19.24
CA CYS A 432 6.29 17.96 20.07
C CYS A 432 5.81 17.85 21.52
N VAL A 433 6.09 16.71 22.14
CA VAL A 433 5.78 16.47 23.53
C VAL A 433 7.03 16.47 24.38
N ILE A 434 7.07 17.37 25.37
CA ILE A 434 8.25 17.54 26.20
C ILE A 434 7.92 17.31 27.66
N ALA A 435 8.71 16.50 28.34
CA ALA A 435 8.43 16.19 29.74
C ALA A 435 9.70 16.07 30.58
N TRP A 436 9.58 16.41 31.86
CA TRP A 436 10.69 16.24 32.78
C TRP A 436 10.20 15.95 34.20
N ASN A 437 11.04 15.26 34.97
CA ASN A 437 10.73 14.91 36.35
C ASN A 437 10.74 16.13 37.24
N SER A 438 9.68 16.29 38.02
CA SER A 438 9.52 17.45 38.89
C SER A 438 9.35 17.06 40.34
N ASN A 439 9.89 15.91 40.72
CA ASN A 439 9.77 15.40 42.08
C ASN A 439 10.24 16.42 43.10
N ASN A 440 11.24 17.22 42.71
CA ASN A 440 11.83 18.20 43.61
C ASN A 440 10.94 19.42 43.84
N LEU A 441 9.92 19.57 43.00
CA LEU A 441 9.04 20.73 43.10
C LEU A 441 7.62 20.36 43.52
N ASP A 442 7.13 19.24 43.00
CA ASP A 442 5.72 18.94 43.09
C ASP A 442 5.36 17.93 44.20
N SER A 443 6.36 17.23 44.74
CA SER A 443 6.10 16.28 45.82
C SER A 443 6.32 16.92 47.18
N LYS A 444 5.63 16.41 48.18
CA LYS A 444 5.88 16.82 49.56
C LYS A 444 5.65 15.65 50.51
N VAL A 445 6.21 15.76 51.70
CA VAL A 445 6.02 14.71 52.71
C VAL A 445 4.57 14.67 53.17
N GLY A 446 3.98 13.49 53.11
CA GLY A 446 2.57 13.32 53.46
C GLY A 446 1.68 13.35 52.23
N GLY A 447 2.21 13.89 51.14
CA GLY A 447 1.51 13.90 49.87
C GLY A 447 1.00 15.27 49.45
N ASN A 448 1.24 15.61 48.18
CA ASN A 448 0.68 16.78 47.55
C ASN A 448 -0.59 16.42 46.82
N TYR A 449 -1.72 16.91 47.31
CA TYR A 449 -3.02 16.51 46.78
C TYR A 449 -3.64 17.57 45.89
N ASN A 450 -2.82 18.52 45.46
CA ASN A 450 -3.30 19.59 44.58
C ASN A 450 -3.47 19.12 43.14
N TYR A 451 -2.66 18.15 42.72
CA TYR A 451 -2.71 17.68 41.35
C TYR A 451 -3.74 16.56 41.19
N ARG A 452 -4.65 16.76 40.26
CA ARG A 452 -5.78 15.85 40.09
C ARG A 452 -6.01 15.44 38.63
N TYR A 453 -6.73 14.36 38.44
CA TYR A 453 -7.07 13.86 37.12
C TYR A 453 -8.48 13.28 37.11
N ARG A 454 -9.08 13.20 35.93
CA ARG A 454 -10.41 12.62 35.78
C ARG A 454 -10.35 11.11 35.66
N LEU A 455 -11.13 10.44 36.49
CA LEU A 455 -11.13 9.00 36.57
C LEU A 455 -12.31 8.37 35.84
N PHE A 456 -13.44 9.06 35.85
CA PHE A 456 -14.65 8.55 35.18
C PHE A 456 -15.24 9.57 34.21
N ARG A 457 -15.75 9.07 33.09
CA ARG A 457 -16.45 9.94 32.15
C ARG A 457 -17.38 9.12 31.27
N LYS A 458 -18.51 9.73 30.88
CA LYS A 458 -19.50 9.05 30.03
C LYS A 458 -18.94 8.64 28.68
N SER A 459 -18.06 9.46 28.14
CA SER A 459 -17.47 9.21 26.83
C SER A 459 -16.06 9.77 26.76
N ASN A 460 -15.31 9.32 25.76
CA ASN A 460 -13.96 9.82 25.56
C ASN A 460 -13.99 11.25 25.05
N LEU A 461 -12.97 12.02 25.41
CA LEU A 461 -12.83 13.40 24.93
C LEU A 461 -12.43 13.41 23.46
N LYS A 462 -12.89 14.46 22.76
CA LYS A 462 -12.36 14.73 21.43
C LYS A 462 -10.99 15.40 21.60
N PRO A 463 -10.14 15.35 20.57
CA PRO A 463 -8.81 15.94 20.56
C PRO A 463 -8.87 17.41 20.99
N PHE A 464 -7.99 17.76 21.94
CA PHE A 464 -7.88 19.10 22.48
C PHE A 464 -9.16 19.59 23.17
N GLU A 465 -10.00 18.66 23.60
CA GLU A 465 -11.16 19.01 24.41
C GLU A 465 -10.78 19.11 25.89
N ARG A 466 -11.40 20.05 26.60
CA ARG A 466 -11.14 20.27 28.01
C ARG A 466 -12.42 20.10 28.81
N ASP A 467 -12.34 19.35 29.91
CA ASP A 467 -13.49 19.08 30.78
C ASP A 467 -13.16 19.32 32.25
N ILE A 468 -13.77 20.35 32.84
CA ILE A 468 -13.47 20.72 34.23
C ILE A 468 -14.68 20.65 35.15
N SER A 469 -15.72 19.95 34.71
CA SER A 469 -16.91 19.78 35.55
C SER A 469 -16.67 18.75 36.65
N THR A 470 -17.42 18.88 37.74
CA THR A 470 -17.28 17.96 38.87
C THR A 470 -18.56 17.24 39.22
N GLU A 471 -19.45 17.10 38.25
CA GLU A 471 -20.73 16.41 38.48
C GLU A 471 -20.53 14.94 38.82
N ILE A 472 -21.46 14.39 39.58
CA ILE A 472 -21.39 13.00 39.98
C ILE A 472 -21.59 12.05 38.82
N TYR A 473 -20.73 11.04 38.74
CA TYR A 473 -20.77 10.05 37.66
C TYR A 473 -21.73 8.93 37.99
N GLN A 474 -22.64 8.66 37.05
CA GLN A 474 -23.61 7.59 37.23
C GLN A 474 -23.12 6.30 36.62
N ALA A 475 -22.74 5.35 37.48
CA ALA A 475 -22.21 4.08 37.01
C ALA A 475 -23.33 3.08 36.82
N GLY A 476 -24.39 3.23 37.61
CA GLY A 476 -25.51 2.29 37.57
C GLY A 476 -26.65 2.80 36.70
N SER A 477 -27.80 2.15 36.82
CA SER A 477 -28.98 2.53 36.04
C SER A 477 -29.83 3.57 36.75
N THR A 478 -29.54 3.78 38.03
CA THR A 478 -30.32 4.69 38.85
C THR A 478 -29.61 6.06 38.98
N PRO A 479 -30.31 7.17 38.69
CA PRO A 479 -29.87 8.54 38.81
C PRO A 479 -29.33 8.85 40.19
N CYS A 480 -28.31 9.73 40.25
CA CYS A 480 -27.62 10.07 41.49
C CYS A 480 -28.19 11.33 42.11
N ASN A 481 -28.73 12.22 41.28
CA ASN A 481 -29.27 13.49 41.74
C ASN A 481 -28.22 14.32 42.48
N GLY A 482 -26.97 14.16 42.08
CA GLY A 482 -25.89 14.97 42.62
C GLY A 482 -25.37 14.45 43.95
N VAL A 483 -25.74 13.24 44.32
CA VAL A 483 -25.30 12.67 45.59
C VAL A 483 -24.33 11.52 45.38
N GLU A 484 -23.19 11.61 46.05
CA GLU A 484 -22.18 10.56 45.98
C GLU A 484 -22.56 9.37 46.86
N GLY A 485 -22.36 8.17 46.33
CA GLY A 485 -22.69 6.95 47.06
C GLY A 485 -22.52 5.73 46.17
N PHE A 486 -23.31 4.70 46.43
CA PHE A 486 -23.21 3.45 45.69
C PHE A 486 -23.58 3.68 44.22
N ASN A 487 -22.69 3.26 43.32
CA ASN A 487 -22.84 3.47 41.88
C ASN A 487 -22.90 4.95 41.47
N CYS A 488 -22.45 5.84 42.37
CA CYS A 488 -22.43 7.29 42.14
C CYS A 488 -21.12 7.88 42.62
N TYR A 489 -20.23 8.15 41.68
CA TYR A 489 -18.84 8.46 42.05
C TYR A 489 -18.48 9.91 41.81
N PHE A 490 -17.59 10.44 42.62
CA PHE A 490 -16.95 11.71 42.33
C PHE A 490 -15.89 11.47 41.25
N PRO A 491 -15.96 12.17 40.11
CA PRO A 491 -15.26 11.92 38.87
C PRO A 491 -13.75 12.14 38.94
N LEU A 492 -13.28 12.88 39.93
CA LEU A 492 -11.85 13.23 40.00
C LEU A 492 -11.12 12.48 41.11
N GLN A 493 -9.80 12.36 40.96
CA GLN A 493 -8.95 11.77 41.99
C GLN A 493 -7.58 12.46 42.01
N SER A 494 -6.91 12.41 43.16
CA SER A 494 -5.60 13.05 43.31
C SER A 494 -4.46 12.06 43.17
N TYR A 495 -3.30 12.56 42.77
CA TYR A 495 -2.11 11.73 42.69
C TYR A 495 -1.47 11.53 44.06
N GLY A 496 -1.48 12.58 44.88
CA GLY A 496 -0.90 12.50 46.22
C GLY A 496 0.60 12.28 46.16
N PHE A 497 1.29 13.14 45.44
CA PHE A 497 2.71 12.94 45.17
C PHE A 497 3.57 13.04 46.43
N GLN A 498 4.42 12.03 46.64
CA GLN A 498 5.35 12.01 47.75
C GLN A 498 6.75 11.67 47.24
N PRO A 499 7.78 12.28 47.81
CA PRO A 499 9.16 12.25 47.36
C PRO A 499 9.76 10.84 47.39
N THR A 500 9.14 9.95 48.15
CA THR A 500 9.65 8.59 48.30
C THR A 500 8.99 7.63 47.32
N ASN A 501 8.13 8.15 46.47
CA ASN A 501 7.45 7.31 45.48
C ASN A 501 8.45 6.74 44.49
N GLY A 502 8.10 5.60 43.90
CA GLY A 502 8.87 5.08 42.77
C GLY A 502 8.72 6.02 41.59
N VAL A 503 9.63 5.93 40.64
CA VAL A 503 9.69 6.91 39.55
C VAL A 503 8.39 6.98 38.75
N GLY A 504 7.72 5.85 38.61
CA GLY A 504 6.49 5.79 37.84
C GLY A 504 5.36 6.54 38.53
N TYR A 505 5.56 6.83 39.82
CA TYR A 505 4.55 7.51 40.61
C TYR A 505 5.01 8.91 41.01
N GLN A 506 6.14 9.34 40.48
CA GLN A 506 6.60 10.71 40.71
C GLN A 506 5.97 11.62 39.66
N PRO A 507 5.80 12.90 39.99
CA PRO A 507 5.24 13.92 39.14
C PRO A 507 6.16 14.27 37.98
N TYR A 508 5.56 14.43 36.80
CA TYR A 508 6.25 14.94 35.63
C TYR A 508 5.53 16.14 35.06
N ARG A 509 6.29 17.16 34.75
CA ARG A 509 5.73 18.34 34.10
C ARG A 509 5.81 18.16 32.59
N VAL A 510 4.69 18.40 31.93
CA VAL A 510 4.59 18.16 30.51
C VAL A 510 4.20 19.42 29.75
N VAL A 511 4.91 19.68 28.66
CA VAL A 511 4.55 20.73 27.73
C VAL A 511 4.33 20.17 26.34
N VAL A 512 3.18 20.43 25.77
CA VAL A 512 2.87 19.98 24.41
C VAL A 512 2.82 21.15 23.46
N LEU A 513 3.67 21.12 22.43
CA LEU A 513 3.69 22.17 21.43
C LEU A 513 3.03 21.73 20.15
N SER A 514 1.91 22.34 19.81
CA SER A 514 1.19 21.98 18.58
C SER A 514 1.37 23.06 17.54
N PHE A 515 1.71 22.65 16.32
CA PHE A 515 2.06 23.59 15.26
C PHE A 515 0.92 23.74 14.27
N GLU A 516 0.37 24.93 14.16
CA GLU A 516 -0.72 25.19 13.24
C GLU A 516 -0.20 25.71 11.92
N LEU A 517 -0.49 24.98 10.86
CA LEU A 517 0.03 25.31 9.53
C LEU A 517 -1.10 25.46 8.51
N LEU A 518 -1.75 26.62 8.54
CA LEU A 518 -2.86 26.90 7.63
C LEU A 518 -2.40 27.73 6.44
N HIS A 519 -3.23 27.80 5.42
CA HIS A 519 -2.94 28.64 4.26
C HIS A 519 -3.15 30.11 4.63
N ALA A 520 -2.23 30.63 5.44
CA ALA A 520 -2.34 31.96 6.02
C ALA A 520 -0.94 32.46 6.33
N PRO A 521 -0.75 33.76 6.54
CA PRO A 521 0.52 34.39 6.84
C PRO A 521 1.12 33.74 8.07
N ALA A 522 2.35 33.26 7.94
CA ALA A 522 3.02 32.65 9.07
C ALA A 522 3.50 33.73 10.02
N THR A 523 3.27 33.53 11.32
CA THR A 523 3.62 34.56 12.30
C THR A 523 4.72 34.09 13.23
N VAL A 524 4.98 32.78 13.26
CA VAL A 524 6.06 32.24 14.07
C VAL A 524 7.06 31.50 13.20
N CYS A 525 8.30 32.00 13.18
CA CYS A 525 9.35 31.42 12.33
C CYS A 525 10.61 31.14 13.12
N GLY A 526 11.38 30.17 12.65
CA GLY A 526 12.69 29.91 13.22
C GLY A 526 13.63 31.08 12.95
N PRO A 527 14.82 31.05 13.56
CA PRO A 527 15.82 32.10 13.58
C PRO A 527 16.75 32.07 12.37
N LYS A 528 16.25 31.60 11.23
CA LYS A 528 17.08 31.58 10.02
C LYS A 528 17.23 32.99 9.46
N LYS A 529 18.47 33.37 9.18
CA LYS A 529 18.75 34.71 8.67
C LYS A 529 18.44 34.83 7.19
N SER A 530 17.99 36.00 6.79
CA SER A 530 17.65 36.23 5.40
C SER A 530 18.85 36.66 4.57
N THR A 531 18.82 36.32 3.30
CA THR A 531 19.83 36.72 2.33
C THR A 531 19.27 37.77 1.41
N ASN A 532 20.10 38.33 0.55
CA ASN A 532 19.64 39.26 -0.47
C ASN A 532 18.83 38.53 -1.53
N LEU A 533 17.91 39.24 -2.17
CA LEU A 533 17.09 38.67 -3.23
C LEU A 533 17.84 38.63 -4.55
N VAL A 534 17.79 37.48 -5.24
CA VAL A 534 18.45 37.27 -6.52
C VAL A 534 17.46 36.92 -7.64
N LYS A 535 17.46 37.72 -8.70
CA LYS A 535 16.49 37.57 -9.76
C LYS A 535 17.11 37.26 -11.13
N ASN A 536 16.30 36.66 -12.02
CA ASN A 536 16.66 36.36 -13.40
C ASN A 536 17.71 35.25 -13.50
N LYS A 537 17.85 34.48 -12.43
CA LYS A 537 18.76 33.36 -12.36
C LYS A 537 18.11 32.19 -11.66
N CYS A 538 18.65 31.00 -11.95
CA CYS A 538 18.17 29.76 -11.32
C CYS A 538 18.67 29.63 -9.91
N VAL A 539 17.77 29.72 -8.95
CA VAL A 539 18.16 29.68 -7.53
C VAL A 539 17.23 28.80 -6.69
N ASN A 540 17.73 28.37 -5.57
CA ASN A 540 16.88 27.79 -4.54
C ASN A 540 16.32 28.93 -3.73
N PHE A 541 15.07 28.78 -3.29
CA PHE A 541 14.47 29.84 -2.51
C PHE A 541 13.69 29.32 -1.31
N ASN A 542 13.55 30.18 -0.31
CA ASN A 542 12.75 29.91 0.87
C ASN A 542 12.02 31.17 1.32
N PHE A 543 10.75 31.28 0.94
CA PHE A 543 9.97 32.47 1.25
C PHE A 543 9.02 32.24 2.39
N ASN A 544 9.40 32.72 3.57
CA ASN A 544 8.58 32.57 4.76
C ASN A 544 8.12 31.12 4.93
N GLY A 545 9.03 30.18 4.69
CA GLY A 545 8.75 28.77 4.88
C GLY A 545 8.48 28.02 3.58
N LEU A 546 8.21 28.75 2.50
CA LEU A 546 7.94 28.11 1.21
C LEU A 546 9.21 27.86 0.43
N THR A 547 9.55 26.59 0.25
CA THR A 547 10.81 26.24 -0.40
C THR A 547 10.59 25.74 -1.81
N GLY A 548 11.58 25.96 -2.67
CA GLY A 548 11.52 25.47 -4.04
C GLY A 548 12.72 25.92 -4.87
N THR A 549 12.71 25.56 -6.14
CA THR A 549 13.78 25.93 -7.07
C THR A 549 13.21 26.55 -8.33
N GLY A 550 13.83 27.62 -8.79
CA GLY A 550 13.36 28.26 -10.02
C GLY A 550 13.96 29.66 -10.22
N VAL A 551 13.50 30.32 -11.28
CA VAL A 551 13.93 31.67 -11.61
C VAL A 551 12.90 32.69 -11.16
N LEU A 552 13.38 33.72 -10.47
CA LEU A 552 12.48 34.75 -9.94
C LEU A 552 12.54 36.02 -10.77
N THR A 553 11.38 36.57 -11.08
CA THR A 553 11.31 37.82 -11.84
C THR A 553 10.25 38.75 -11.29
N GLU A 554 10.35 40.04 -11.62
CA GLU A 554 9.29 40.99 -11.29
C GLU A 554 7.99 40.59 -11.97
N SER A 555 6.89 40.71 -11.24
CA SER A 555 5.60 40.26 -11.75
C SER A 555 4.65 41.41 -12.08
N ASN A 556 3.80 41.19 -13.08
CA ASN A 556 2.74 42.14 -13.40
C ASN A 556 1.43 41.74 -12.75
N LYS A 557 1.45 40.70 -11.93
CA LYS A 557 0.24 40.21 -11.27
C LYS A 557 -0.23 41.17 -10.19
N LYS A 558 -1.48 41.59 -10.29
CA LYS A 558 -2.02 42.59 -9.38
C LYS A 558 -2.57 41.97 -8.11
N PHE A 559 -1.68 41.66 -7.18
CA PHE A 559 -2.10 41.09 -5.90
C PHE A 559 -2.81 42.14 -5.06
N LEU A 560 -3.82 41.71 -4.34
CA LEU A 560 -4.44 42.56 -3.33
C LEU A 560 -3.64 42.41 -2.03
N PRO A 561 -3.62 43.42 -1.16
CA PRO A 561 -2.78 43.53 0.03
C PRO A 561 -2.81 42.28 0.91
N PHE A 562 -3.94 41.57 0.93
CA PHE A 562 -4.07 40.39 1.76
C PHE A 562 -3.38 39.18 1.14
N GLN A 563 -3.22 39.19 -0.18
CA GLN A 563 -2.71 38.04 -0.91
C GLN A 563 -1.20 37.89 -0.76
N GLN A 564 -0.76 36.68 -0.46
CA GLN A 564 0.65 36.43 -0.20
C GLN A 564 1.34 35.63 -1.30
N PHE A 565 0.56 34.85 -2.04
CA PHE A 565 1.10 34.01 -3.09
C PHE A 565 0.03 33.59 -4.07
N GLY A 566 0.44 33.13 -5.25
CA GLY A 566 -0.50 32.56 -6.22
C GLY A 566 -0.22 31.09 -6.47
N ARG A 567 -1.19 30.38 -7.02
CA ARG A 567 -1.03 28.96 -7.32
C ARG A 567 -1.52 28.58 -8.71
N ASP A 568 -0.93 27.53 -9.28
CA ASP A 568 -1.40 26.96 -10.53
C ASP A 568 -2.33 25.76 -10.27
N ILE A 569 -2.73 25.08 -11.33
CA ILE A 569 -3.69 23.99 -11.24
C ILE A 569 -3.09 22.72 -10.63
N ALA A 570 -1.76 22.68 -10.54
CA ALA A 570 -1.06 21.53 -9.96
C ALA A 570 -0.80 21.76 -8.48
N ASP A 571 -1.40 22.83 -7.93
CA ASP A 571 -1.21 23.20 -6.54
C ASP A 571 0.22 23.61 -6.26
N THR A 572 0.86 24.20 -7.26
CA THR A 572 2.22 24.71 -7.11
C THR A 572 2.21 26.22 -7.09
N THR A 573 2.97 26.80 -6.18
CA THR A 573 3.06 28.25 -6.10
C THR A 573 3.79 28.80 -7.31
N ASP A 574 3.18 29.76 -8.00
CA ASP A 574 3.79 30.32 -9.21
C ASP A 574 4.06 31.80 -9.04
N ALA A 575 3.81 32.31 -7.84
CA ALA A 575 4.10 33.70 -7.51
C ALA A 575 4.09 33.87 -6.00
N VAL A 576 4.98 34.72 -5.51
CA VAL A 576 5.03 35.01 -4.09
C VAL A 576 5.16 36.50 -3.80
N ARG A 577 4.70 36.92 -2.64
CA ARG A 577 5.03 38.24 -2.12
C ARG A 577 6.24 38.15 -1.21
N ASP A 578 7.25 38.95 -1.48
CA ASP A 578 8.43 39.00 -0.65
C ASP A 578 8.10 39.64 0.71
N PRO A 579 8.34 38.93 1.82
CA PRO A 579 7.92 39.27 3.16
C PRO A 579 8.56 40.55 3.70
N GLN A 580 9.62 41.02 3.05
CA GLN A 580 10.30 42.22 3.54
C GLN A 580 10.03 43.43 2.66
N THR A 581 10.01 43.23 1.35
CA THR A 581 9.84 44.35 0.42
C THR A 581 8.41 44.45 -0.10
N LEU A 582 7.65 43.38 0.11
CA LEU A 582 6.26 43.29 -0.33
C LEU A 582 6.13 43.32 -1.85
N GLU A 583 7.24 43.11 -2.55
CA GLU A 583 7.27 42.99 -4.00
C GLU A 583 6.69 41.66 -4.45
N ILE A 584 5.97 41.67 -5.57
CA ILE A 584 5.42 40.44 -6.13
C ILE A 584 6.36 39.84 -7.16
N LEU A 585 6.71 38.57 -6.96
CA LEU A 585 7.63 37.88 -7.85
C LEU A 585 6.97 36.70 -8.53
N ASP A 586 7.29 36.50 -9.80
CA ASP A 586 6.88 35.29 -10.52
C ASP A 586 7.89 34.19 -10.30
N ILE A 587 7.41 32.96 -10.24
CA ILE A 587 8.30 31.80 -10.15
C ILE A 587 8.14 30.89 -11.36
N THR A 588 9.21 30.72 -12.11
CA THR A 588 9.22 29.79 -13.25
C THR A 588 10.36 28.81 -13.08
N PRO A 589 10.22 27.58 -13.55
CA PRO A 589 11.19 26.53 -13.47
C PRO A 589 12.42 26.84 -14.31
N CYS A 590 13.57 26.33 -13.85
CA CYS A 590 14.83 26.48 -14.57
C CYS A 590 14.80 25.60 -15.81
N SER A 591 15.51 26.01 -16.85
CA SER A 591 15.39 25.34 -18.15
C SER A 591 15.63 23.83 -18.05
N PHE A 592 14.79 23.07 -18.72
CA PHE A 592 14.91 21.62 -18.80
C PHE A 592 14.31 21.12 -20.09
N GLY A 593 14.67 19.91 -20.48
CA GLY A 593 14.09 19.32 -21.68
C GLY A 593 14.85 18.06 -22.08
N GLY A 594 14.38 17.41 -23.12
CA GLY A 594 14.99 16.16 -23.57
C GLY A 594 16.24 16.40 -24.41
N VAL A 595 17.14 15.43 -24.38
CA VAL A 595 18.29 15.40 -25.25
C VAL A 595 18.19 14.21 -26.18
N SER A 596 18.19 14.48 -27.47
CA SER A 596 18.11 13.42 -28.46
C SER A 596 19.33 13.39 -29.35
N VAL A 597 19.80 12.20 -29.68
CA VAL A 597 20.97 12.03 -30.49
C VAL A 597 20.61 11.54 -31.89
N ILE A 598 21.05 12.29 -32.89
CA ILE A 598 20.81 11.97 -34.28
C ILE A 598 22.00 11.25 -34.84
N THR A 599 21.77 10.08 -35.39
CA THR A 599 22.89 9.29 -35.86
C THR A 599 22.54 8.50 -37.13
N PRO A 600 23.48 8.36 -38.06
CA PRO A 600 23.52 7.34 -39.08
C PRO A 600 23.88 6.05 -38.37
N GLY A 601 23.64 4.93 -39.01
CA GLY A 601 23.94 3.68 -38.31
C GLY A 601 25.41 3.64 -37.92
N THR A 602 25.71 2.93 -36.84
CA THR A 602 27.11 2.73 -36.42
C THR A 602 27.86 1.87 -37.44
N ASN A 603 27.09 1.20 -38.32
CA ASN A 603 27.62 0.45 -39.44
C ASN A 603 28.15 1.38 -40.54
N THR A 604 27.79 2.68 -40.47
CA THR A 604 28.16 3.67 -41.46
C THR A 604 29.15 4.70 -40.91
N SER A 605 28.90 5.18 -39.68
CA SER A 605 29.71 6.25 -39.11
C SER A 605 29.56 6.35 -37.60
N ASN A 606 30.54 6.99 -36.96
CA ASN A 606 30.47 7.27 -35.53
C ASN A 606 30.11 8.73 -35.24
N GLN A 607 29.79 9.48 -36.28
CA GLN A 607 29.43 10.90 -36.11
C GLN A 607 27.99 11.04 -35.67
N VAL A 608 27.75 11.96 -34.74
CA VAL A 608 26.39 12.23 -34.29
C VAL A 608 26.11 13.72 -34.19
N ALA A 609 24.84 14.07 -34.23
CA ALA A 609 24.38 15.42 -33.91
C ALA A 609 23.44 15.36 -32.72
N VAL A 610 23.40 16.43 -31.94
CA VAL A 610 22.55 16.44 -30.76
C VAL A 610 21.49 17.52 -30.79
N LEU A 611 20.25 17.13 -30.54
CA LEU A 611 19.15 18.07 -30.44
C LEU A 611 18.78 18.33 -28.99
N TYR A 612 18.88 19.57 -28.57
CA TYR A 612 18.44 19.97 -27.23
C TYR A 612 17.05 20.54 -27.32
N GLN A 613 16.08 19.76 -26.88
CA GLN A 613 14.70 20.06 -27.19
C GLN A 613 14.18 21.29 -26.46
N ASP A 614 13.47 22.13 -27.20
CA ASP A 614 12.76 23.27 -26.64
C ASP A 614 13.63 24.40 -26.11
N VAL A 615 14.94 24.34 -26.31
CA VAL A 615 15.80 25.41 -25.79
C VAL A 615 16.43 26.23 -26.88
N ASN A 616 16.81 27.44 -26.58
CA ASN A 616 17.66 28.31 -27.37
C ASN A 616 19.14 27.79 -27.32
N CYS A 617 19.82 28.02 -28.45
CA CYS A 617 21.19 27.53 -28.49
C CYS A 617 22.13 28.24 -27.52
N THR A 618 21.65 29.34 -26.96
CA THR A 618 22.46 30.14 -26.07
C THR A 618 22.63 29.50 -24.69
N GLU A 619 21.71 28.63 -24.31
CA GLU A 619 21.67 28.08 -22.96
C GLU A 619 22.24 26.67 -22.87
N VAL A 620 22.73 26.17 -24.00
CA VAL A 620 23.11 24.78 -24.10
C VAL A 620 24.23 24.33 -23.12
N PRO A 621 25.42 25.01 -23.09
CA PRO A 621 26.58 24.61 -22.31
C PRO A 621 26.36 24.84 -20.82
N ASN A 641 28.47 24.61 -36.43
CA ASN A 641 27.32 23.77 -36.70
C ASN A 641 26.29 23.87 -35.57
N VAL A 642 25.76 25.08 -35.37
CA VAL A 642 24.69 25.33 -34.39
C VAL A 642 23.49 25.97 -35.08
N PHE A 643 22.34 25.32 -35.00
CA PHE A 643 21.16 25.70 -35.77
C PHE A 643 19.88 25.62 -34.94
N GLN A 644 19.14 26.71 -34.90
CA GLN A 644 17.91 26.76 -34.12
C GLN A 644 16.72 26.30 -34.95
N THR A 645 15.99 25.31 -34.43
CA THR A 645 14.78 24.80 -35.09
C THR A 645 13.60 24.89 -34.15
N ARG A 646 12.40 24.67 -34.69
CA ARG A 646 11.20 24.70 -33.87
C ARG A 646 11.21 23.58 -32.82
N ALA A 647 11.96 22.52 -33.10
CA ALA A 647 12.06 21.38 -32.19
C ALA A 647 13.05 21.63 -31.07
N GLY A 648 13.87 22.68 -31.20
CA GLY A 648 14.93 22.95 -30.24
C GLY A 648 16.24 23.30 -30.95
N CYS A 649 17.35 23.24 -30.21
CA CYS A 649 18.65 23.61 -30.73
C CYS A 649 19.40 22.39 -31.25
N LEU A 650 19.79 22.44 -32.51
CA LEU A 650 20.51 21.34 -33.13
C LEU A 650 21.99 21.66 -33.26
N ILE A 651 22.82 20.82 -32.68
CA ILE A 651 24.27 21.01 -32.71
C ILE A 651 25.00 19.82 -33.32
N GLY A 652 25.89 20.09 -34.26
CA GLY A 652 26.69 19.05 -34.85
C GLY A 652 26.25 18.71 -36.28
N ALA A 653 25.24 19.41 -36.76
CA ALA A 653 24.76 19.21 -38.13
C ALA A 653 24.91 20.49 -38.92
N GLU A 654 25.37 20.35 -40.16
CA GLU A 654 25.54 21.49 -41.05
C GLU A 654 24.22 21.85 -41.73
N HIS A 655 23.75 23.06 -41.49
CA HIS A 655 22.49 23.50 -42.09
C HIS A 655 22.71 23.97 -43.51
N VAL A 656 21.96 23.41 -44.44
CA VAL A 656 22.08 23.78 -45.85
C VAL A 656 20.76 24.28 -46.41
N ASN A 657 20.83 25.03 -47.51
CA ASN A 657 19.63 25.57 -48.17
C ASN A 657 19.08 24.62 -49.23
N ASN A 658 19.84 23.57 -49.55
CA ASN A 658 19.39 22.54 -50.48
C ASN A 658 18.32 21.68 -49.82
N SER A 659 17.45 21.10 -50.63
CA SER A 659 16.34 20.31 -50.11
C SER A 659 16.36 18.89 -50.63
N TYR A 660 16.11 17.94 -49.74
CA TYR A 660 16.18 16.52 -50.08
C TYR A 660 14.98 15.78 -49.52
N GLU A 661 14.81 14.54 -49.94
CA GLU A 661 13.84 13.65 -49.31
C GLU A 661 14.21 13.46 -47.84
N CYS A 662 13.20 13.36 -46.97
CA CYS A 662 13.44 13.25 -45.53
C CYS A 662 14.09 11.91 -45.19
N ASP A 663 15.20 11.97 -44.46
CA ASP A 663 15.89 10.78 -44.00
C ASP A 663 15.58 10.55 -42.53
N ILE A 664 16.21 11.33 -41.66
CA ILE A 664 15.89 11.30 -40.24
C ILE A 664 15.11 12.55 -39.85
N PRO A 665 13.85 12.42 -39.46
CA PRO A 665 12.95 13.50 -39.13
C PRO A 665 13.38 14.20 -37.85
N ILE A 666 13.38 15.52 -37.86
CA ILE A 666 13.63 16.30 -36.67
C ILE A 666 12.34 16.94 -36.18
N GLY A 667 11.61 17.55 -37.09
CA GLY A 667 10.32 18.15 -36.78
C GLY A 667 10.14 19.49 -37.48
N ALA A 668 8.89 19.86 -37.71
CA ALA A 668 8.55 21.14 -38.33
C ALA A 668 9.24 21.32 -39.67
N GLY A 669 9.33 20.24 -40.44
CA GLY A 669 9.84 20.31 -41.79
C GLY A 669 11.33 20.04 -41.90
N ILE A 670 12.01 20.02 -40.76
CA ILE A 670 13.46 19.82 -40.77
C ILE A 670 13.81 18.35 -40.63
N CYS A 671 14.70 17.87 -41.50
CA CYS A 671 15.22 16.51 -41.47
C CYS A 671 16.75 16.55 -41.52
N ALA A 672 17.38 15.45 -41.12
CA ALA A 672 18.82 15.34 -41.17
C ALA A 672 19.25 14.10 -41.92
N SER A 673 20.43 14.15 -42.54
CA SER A 673 21.00 13.01 -43.25
C SER A 673 22.52 13.06 -43.25
N TYR A 674 23.13 11.93 -43.52
CA TYR A 674 24.59 11.85 -43.64
C TYR A 674 24.99 11.90 -45.11
N GLN A 675 25.79 12.91 -45.48
CA GLN A 675 26.16 13.16 -46.88
C GLN A 675 27.65 13.44 -47.01
N GLN A 690 32.67 13.25 -45.16
CA GLN A 690 31.22 13.33 -45.04
C GLN A 690 30.80 13.86 -43.67
N SER A 691 29.60 14.44 -43.61
CA SER A 691 29.08 15.06 -42.39
C SER A 691 27.57 14.93 -42.32
N ILE A 692 27.02 15.16 -41.13
CA ILE A 692 25.57 15.24 -40.96
C ILE A 692 25.08 16.61 -41.34
N ILE A 693 24.04 16.65 -42.19
CA ILE A 693 23.46 17.91 -42.62
C ILE A 693 22.01 18.01 -42.18
N ALA A 694 21.54 19.23 -42.00
CA ALA A 694 20.14 19.50 -41.71
C ALA A 694 19.54 20.34 -42.81
N TYR A 695 18.30 20.06 -43.16
CA TYR A 695 17.65 20.75 -44.29
C TYR A 695 16.15 20.72 -44.18
N THR A 696 15.49 21.60 -44.91
CA THR A 696 14.04 21.51 -45.08
C THR A 696 13.73 20.45 -46.12
N MET A 697 12.84 19.54 -45.76
CA MET A 697 12.53 18.38 -46.61
C MET A 697 11.77 18.77 -47.86
N SER A 698 12.02 18.06 -48.94
CA SER A 698 11.28 18.22 -50.18
C SER A 698 10.04 17.34 -50.17
N LEU A 699 8.98 17.82 -50.79
CA LEU A 699 7.76 17.02 -50.88
C LEU A 699 7.68 16.27 -52.20
N GLY A 700 8.66 16.48 -53.06
CA GLY A 700 8.69 15.84 -54.37
C GLY A 700 9.05 16.82 -55.47
N ALA A 701 9.27 16.30 -56.67
CA ALA A 701 9.62 17.13 -57.83
C ALA A 701 8.42 17.91 -58.32
N GLU A 702 8.64 19.14 -58.71
CA GLU A 702 7.59 19.97 -59.28
C GLU A 702 7.26 19.55 -60.71
N ASN A 703 5.98 19.54 -61.04
CA ASN A 703 5.54 19.09 -62.36
C ASN A 703 4.35 19.89 -62.87
N SER A 704 4.54 20.55 -64.00
CA SER A 704 3.45 21.27 -64.63
C SER A 704 2.81 20.42 -65.72
N VAL A 705 1.53 20.14 -65.57
CA VAL A 705 0.78 19.41 -66.58
C VAL A 705 0.39 20.36 -67.69
N ALA A 706 0.66 19.97 -68.93
CA ALA A 706 0.41 20.85 -70.07
C ALA A 706 -1.06 20.88 -70.42
N TYR A 707 -1.85 21.48 -69.54
CA TYR A 707 -3.28 21.55 -69.72
C TYR A 707 -3.68 22.56 -70.78
N SER A 708 -4.63 22.19 -71.61
CA SER A 708 -5.32 23.10 -72.49
C SER A 708 -6.71 22.57 -72.72
N ASN A 709 -7.56 23.33 -73.39
CA ASN A 709 -8.96 22.95 -73.58
C ASN A 709 -9.17 22.04 -74.80
N ASN A 710 -8.08 21.70 -75.51
CA ASN A 710 -8.17 20.83 -76.69
C ASN A 710 -6.98 19.88 -76.79
N SER A 711 -6.28 19.66 -75.69
CA SER A 711 -5.11 18.78 -75.71
C SER A 711 -5.29 17.57 -74.82
N ILE A 712 -5.04 16.40 -75.39
CA ILE A 712 -5.12 15.16 -74.62
C ILE A 712 -3.85 14.34 -74.79
N ALA A 713 -3.39 13.71 -73.72
CA ALA A 713 -2.24 12.81 -73.80
C ALA A 713 -2.70 11.36 -73.71
N ILE A 714 -2.22 10.55 -74.65
CA ILE A 714 -2.59 9.14 -74.69
C ILE A 714 -1.34 8.25 -74.74
N PRO A 715 -1.26 7.21 -73.89
CA PRO A 715 -0.20 6.22 -73.85
C PRO A 715 -0.09 5.48 -75.16
N THR A 716 1.13 5.27 -75.63
CA THR A 716 1.35 4.45 -76.82
C THR A 716 1.97 3.10 -76.47
N ASN A 717 2.32 2.93 -75.18
CA ASN A 717 2.95 1.73 -74.67
C ASN A 717 2.50 1.49 -73.22
N PHE A 718 2.99 0.41 -72.62
CA PHE A 718 2.70 0.11 -71.23
C PHE A 718 3.78 -0.77 -70.64
N THR A 719 3.82 -0.83 -69.32
CA THR A 719 4.70 -1.76 -68.64
C THR A 719 3.92 -2.58 -67.62
N ILE A 720 4.25 -3.86 -67.53
CA ILE A 720 3.69 -4.72 -66.49
C ILE A 720 4.52 -4.62 -65.22
N SER A 721 3.88 -4.17 -64.16
CA SER A 721 4.56 -3.92 -62.91
C SER A 721 4.18 -4.92 -61.84
N VAL A 722 5.17 -5.36 -61.08
CA VAL A 722 4.90 -6.22 -59.92
C VAL A 722 5.45 -5.59 -58.65
N THR A 723 4.58 -5.42 -57.66
CA THR A 723 4.97 -4.83 -56.40
C THR A 723 4.59 -5.71 -55.22
N THR A 724 5.28 -5.52 -54.10
CA THR A 724 5.00 -6.31 -52.90
C THR A 724 4.20 -5.52 -51.88
N GLU A 725 3.31 -6.22 -51.21
CA GLU A 725 2.63 -5.68 -50.03
C GLU A 725 2.71 -6.66 -48.88
N ILE A 726 3.20 -6.18 -47.74
CA ILE A 726 3.45 -7.06 -46.60
C ILE A 726 2.56 -6.70 -45.41
N LEU A 727 1.82 -7.69 -44.93
CA LEU A 727 0.93 -7.47 -43.79
C LEU A 727 1.13 -8.54 -42.72
N PRO A 728 1.15 -8.14 -41.43
CA PRO A 728 1.04 -8.99 -40.26
C PRO A 728 -0.30 -9.70 -40.22
N VAL A 729 -0.28 -10.95 -39.80
CA VAL A 729 -1.52 -11.70 -39.65
C VAL A 729 -1.71 -12.20 -38.22
N SER A 730 -0.65 -12.64 -37.59
CA SER A 730 -0.76 -13.23 -36.26
C SER A 730 0.45 -12.92 -35.38
N MET A 731 0.26 -13.09 -34.07
CA MET A 731 1.35 -12.99 -33.10
C MET A 731 1.69 -14.34 -32.53
N THR A 732 2.82 -14.41 -31.85
CA THR A 732 3.16 -15.56 -31.04
C THR A 732 2.15 -15.72 -29.91
N LYS A 733 1.65 -16.93 -29.72
CA LYS A 733 0.64 -17.20 -28.70
C LYS A 733 1.26 -17.44 -27.34
N THR A 734 1.47 -16.37 -26.60
CA THR A 734 2.09 -16.50 -25.29
C THR A 734 1.05 -16.83 -24.24
N SER A 735 1.49 -17.43 -23.15
CA SER A 735 0.63 -17.72 -22.03
C SER A 735 1.38 -17.58 -20.72
N VAL A 736 0.86 -16.78 -19.82
CA VAL A 736 1.50 -16.57 -18.53
C VAL A 736 0.62 -17.06 -17.42
N ASP A 737 1.11 -18.00 -16.63
CA ASP A 737 0.35 -18.45 -15.47
C ASP A 737 0.54 -17.44 -14.35
N CYS A 738 -0.52 -16.70 -14.02
CA CYS A 738 -0.43 -15.58 -13.10
C CYS A 738 0.11 -16.02 -11.74
N THR A 739 -0.38 -17.13 -11.20
CA THR A 739 0.08 -17.60 -9.91
C THR A 739 1.57 -17.94 -9.88
N MET A 740 2.04 -18.66 -10.88
CA MET A 740 3.45 -19.04 -10.91
C MET A 740 4.35 -17.83 -11.12
N TYR A 741 3.92 -16.89 -11.94
CA TYR A 741 4.69 -15.68 -12.16
C TYR A 741 4.87 -14.90 -10.86
N ILE A 742 3.79 -14.73 -10.12
CA ILE A 742 3.78 -13.92 -8.92
C ILE A 742 4.45 -14.60 -7.71
N CYS A 743 4.14 -15.89 -7.51
CA CYS A 743 4.48 -16.59 -6.28
C CYS A 743 5.46 -17.73 -6.47
N GLY A 744 5.76 -18.07 -7.72
CA GLY A 744 6.52 -19.29 -7.96
C GLY A 744 5.74 -20.47 -7.40
N ASP A 745 6.40 -21.29 -6.60
CA ASP A 745 5.73 -22.44 -5.98
C ASP A 745 5.60 -22.27 -4.47
N SER A 746 5.67 -21.03 -4.01
CA SER A 746 5.50 -20.73 -2.59
C SER A 746 4.02 -20.76 -2.21
N THR A 747 3.69 -21.58 -1.23
CA THR A 747 2.33 -21.68 -0.75
C THR A 747 1.99 -20.52 0.17
N GLU A 748 3.02 -19.93 0.78
CA GLU A 748 2.81 -18.77 1.63
C GLU A 748 2.33 -17.57 0.82
N CYS A 749 2.98 -17.32 -0.33
CA CYS A 749 2.57 -16.28 -1.26
C CYS A 749 1.22 -16.60 -1.89
N SER A 750 1.06 -17.85 -2.32
CA SER A 750 -0.16 -18.26 -2.99
C SER A 750 -1.38 -18.02 -2.13
N ASN A 751 -1.26 -18.31 -0.83
CA ASN A 751 -2.36 -18.11 0.09
C ASN A 751 -2.69 -16.63 0.28
N LEU A 752 -1.68 -15.78 0.23
CA LEU A 752 -1.90 -14.34 0.33
C LEU A 752 -2.55 -13.79 -0.93
N LEU A 753 -2.17 -14.35 -2.07
CA LEU A 753 -2.69 -13.90 -3.35
C LEU A 753 -4.19 -14.06 -3.43
N LEU A 754 -4.71 -15.06 -2.71
CA LEU A 754 -6.14 -15.33 -2.69
C LEU A 754 -6.94 -14.15 -2.17
N GLN A 755 -6.30 -13.28 -1.40
CA GLN A 755 -6.98 -12.14 -0.79
C GLN A 755 -7.40 -11.12 -1.84
N TYR A 756 -6.83 -11.24 -3.03
CA TYR A 756 -7.06 -10.27 -4.09
C TYR A 756 -8.19 -10.68 -5.02
N GLY A 757 -8.79 -11.83 -4.74
CA GLY A 757 -9.93 -12.28 -5.51
C GLY A 757 -9.55 -12.94 -6.82
N SER A 758 -10.22 -12.54 -7.90
CA SER A 758 -10.16 -13.25 -9.16
C SER A 758 -9.24 -12.61 -10.18
N PHE A 759 -8.39 -11.69 -9.75
CA PHE A 759 -7.53 -10.98 -10.70
C PHE A 759 -6.76 -11.91 -11.62
N CYS A 760 -6.18 -12.97 -11.06
CA CYS A 760 -5.35 -13.90 -11.86
C CYS A 760 -6.22 -14.72 -12.84
N THR A 761 -7.41 -15.09 -12.43
CA THR A 761 -8.32 -15.76 -13.36
C THR A 761 -8.65 -14.85 -14.53
N GLN A 762 -8.85 -13.58 -14.24
CA GLN A 762 -9.14 -12.60 -15.29
C GLN A 762 -7.98 -12.44 -16.27
N LEU A 763 -6.77 -12.43 -15.74
CA LEU A 763 -5.59 -12.25 -16.56
C LEU A 763 -5.34 -13.45 -17.44
N ASN A 764 -5.55 -14.64 -16.88
CA ASN A 764 -5.36 -15.86 -17.64
C ASN A 764 -6.38 -15.95 -18.76
N ARG A 765 -7.61 -15.52 -18.47
CA ARG A 765 -8.68 -15.51 -19.45
C ARG A 765 -8.37 -14.57 -20.61
N ALA A 766 -7.87 -13.39 -20.28
CA ALA A 766 -7.55 -12.38 -21.28
C ALA A 766 -6.48 -12.86 -22.25
N LEU A 767 -5.45 -13.51 -21.73
CA LEU A 767 -4.38 -13.99 -22.57
C LEU A 767 -4.81 -15.18 -23.41
N THR A 768 -5.70 -16.00 -22.86
CA THR A 768 -6.25 -17.12 -23.61
C THR A 768 -7.06 -16.62 -24.80
N GLY A 769 -7.85 -15.57 -24.59
CA GLY A 769 -8.65 -14.99 -25.65
C GLY A 769 -7.78 -14.49 -26.80
N ILE A 770 -6.64 -13.91 -26.46
CA ILE A 770 -5.71 -13.44 -27.48
C ILE A 770 -5.16 -14.61 -28.29
N ALA A 771 -4.75 -15.66 -27.60
CA ALA A 771 -4.17 -16.83 -28.25
C ALA A 771 -5.15 -17.47 -29.23
N VAL A 772 -6.42 -17.53 -28.86
CA VAL A 772 -7.43 -18.11 -29.74
C VAL A 772 -7.62 -17.26 -30.99
N GLU A 773 -7.62 -15.95 -30.80
CA GLU A 773 -7.76 -15.01 -31.88
C GLU A 773 -6.68 -15.19 -32.95
N GLN A 774 -5.47 -15.53 -32.53
CA GLN A 774 -4.37 -15.62 -33.47
C GLN A 774 -4.57 -16.74 -34.50
N ASP A 775 -5.25 -17.80 -34.08
CA ASP A 775 -5.54 -18.89 -35.01
C ASP A 775 -6.70 -18.51 -35.91
N LYS A 776 -7.65 -17.76 -35.35
CA LYS A 776 -8.76 -17.26 -36.13
C LYS A 776 -8.27 -16.30 -37.23
N ASN A 777 -7.30 -15.46 -36.88
CA ASN A 777 -6.74 -14.52 -37.85
C ASN A 777 -6.12 -15.24 -39.03
N THR A 778 -5.36 -16.29 -38.73
CA THR A 778 -4.70 -17.06 -39.77
C THR A 778 -5.71 -17.75 -40.66
N GLN A 779 -6.74 -18.33 -40.06
CA GLN A 779 -7.75 -19.03 -40.81
C GLN A 779 -8.50 -18.12 -41.77
N GLU A 780 -8.85 -16.91 -41.30
CA GLU A 780 -9.66 -16.00 -42.11
C GLU A 780 -8.87 -15.47 -43.31
N VAL A 781 -7.56 -15.46 -43.21
CA VAL A 781 -6.72 -15.02 -44.32
C VAL A 781 -6.47 -16.14 -45.34
N PHE A 782 -6.10 -17.32 -44.87
CA PHE A 782 -5.58 -18.35 -45.76
C PHE A 782 -6.59 -19.43 -46.16
N ALA A 783 -7.51 -19.75 -45.26
CA ALA A 783 -8.49 -20.79 -45.54
C ALA A 783 -9.70 -20.23 -46.27
N GLN A 784 -9.46 -19.62 -47.42
CA GLN A 784 -10.53 -19.05 -48.24
C GLN A 784 -10.82 -19.91 -49.45
N VAL A 785 -10.15 -21.04 -49.54
CA VAL A 785 -10.29 -21.92 -50.69
C VAL A 785 -11.00 -23.20 -50.28
N LYS A 786 -12.03 -23.56 -51.04
CA LYS A 786 -12.85 -24.76 -50.68
C LYS A 786 -12.05 -26.04 -50.94
N GLN A 787 -11.25 -26.08 -52.00
CA GLN A 787 -10.55 -27.30 -52.40
C GLN A 787 -9.07 -27.05 -52.53
N ILE A 788 -8.29 -28.11 -52.42
CA ILE A 788 -6.85 -27.98 -52.60
C ILE A 788 -6.48 -28.20 -54.05
N TYR A 789 -6.33 -27.10 -54.78
CA TYR A 789 -6.09 -27.14 -56.22
C TYR A 789 -4.63 -27.38 -56.52
N LYS A 790 -4.37 -28.09 -57.61
CA LYS A 790 -2.99 -28.30 -58.06
C LYS A 790 -2.83 -27.88 -59.53
N THR A 791 -1.63 -27.41 -59.85
CA THR A 791 -1.29 -27.07 -61.23
C THR A 791 -1.04 -28.34 -62.03
N PRO A 792 -1.10 -28.26 -63.37
CA PRO A 792 -0.79 -29.33 -64.31
C PRO A 792 0.70 -29.67 -64.24
N PRO A 793 1.08 -30.93 -64.54
CA PRO A 793 2.43 -31.44 -64.65
C PRO A 793 3.29 -30.61 -65.60
N ILE A 794 2.67 -30.11 -66.67
CA ILE A 794 3.39 -29.30 -67.64
C ILE A 794 3.02 -27.84 -67.53
N LYS A 795 4.01 -27.02 -67.20
CA LYS A 795 3.77 -25.61 -66.95
C LYS A 795 3.79 -24.78 -68.23
N ASP A 796 2.84 -25.04 -69.10
CA ASP A 796 2.71 -24.27 -70.34
C ASP A 796 1.61 -23.24 -70.23
N PHE A 797 1.98 -22.00 -70.00
CA PHE A 797 1.00 -20.95 -69.76
C PHE A 797 1.13 -19.82 -70.77
N GLY A 798 1.63 -20.15 -71.96
CA GLY A 798 1.69 -19.18 -73.04
C GLY A 798 2.87 -18.22 -72.93
N GLY A 799 3.93 -18.65 -72.25
CA GLY A 799 5.12 -17.84 -72.11
C GLY A 799 5.27 -17.27 -70.70
N PHE A 800 4.20 -17.36 -69.92
CA PHE A 800 4.24 -16.87 -68.55
C PHE A 800 4.88 -17.90 -67.63
N ASN A 801 5.80 -17.45 -66.77
CA ASN A 801 6.61 -18.31 -65.93
C ASN A 801 6.36 -18.01 -64.45
N PHE A 802 5.81 -18.99 -63.74
CA PHE A 802 5.41 -18.82 -62.34
C PHE A 802 6.30 -19.60 -61.38
N SER A 803 7.46 -20.02 -61.87
CA SER A 803 8.31 -20.94 -61.10
C SER A 803 8.79 -20.37 -59.77
N GLN A 804 8.82 -19.05 -59.66
CA GLN A 804 9.35 -18.42 -58.46
C GLN A 804 8.28 -18.29 -57.38
N ILE A 805 7.03 -18.47 -57.75
CA ILE A 805 5.94 -18.37 -56.79
C ILE A 805 5.28 -19.74 -56.51
N LEU A 806 5.49 -20.67 -57.44
CA LEU A 806 4.98 -22.03 -57.25
C LEU A 806 5.90 -22.82 -56.34
N PRO A 807 5.38 -23.84 -55.65
CA PRO A 807 6.12 -24.73 -54.76
C PRO A 807 7.29 -25.36 -55.46
N ASP A 808 8.43 -25.40 -54.79
CA ASP A 808 9.61 -26.07 -55.33
C ASP A 808 9.70 -27.50 -54.76
N PRO A 809 9.42 -28.51 -55.59
CA PRO A 809 9.22 -29.89 -55.20
C PRO A 809 10.49 -30.51 -54.63
N SER A 810 11.65 -29.87 -54.88
CA SER A 810 12.93 -30.40 -54.42
C SER A 810 13.22 -30.06 -52.96
N LYS A 811 12.46 -29.11 -52.42
CA LYS A 811 12.69 -28.67 -51.05
C LYS A 811 11.66 -29.30 -50.11
N PRO A 812 12.10 -29.81 -48.95
CA PRO A 812 11.34 -30.59 -47.99
C PRO A 812 10.09 -29.86 -47.47
N SER A 813 10.16 -28.53 -47.45
CA SER A 813 9.05 -27.73 -46.95
C SER A 813 8.00 -27.51 -48.03
N LYS A 814 8.38 -27.74 -49.28
CA LYS A 814 7.53 -27.50 -50.43
C LYS A 814 7.14 -26.04 -50.56
N ARG A 815 7.97 -25.15 -50.06
CA ARG A 815 7.76 -23.72 -50.24
C ARG A 815 8.24 -23.28 -51.61
N SER A 816 7.71 -22.16 -52.10
CA SER A 816 8.23 -21.56 -53.33
C SER A 816 9.59 -20.93 -53.03
N PRO A 817 10.40 -20.66 -54.08
CA PRO A 817 11.65 -19.92 -54.03
C PRO A 817 11.52 -18.59 -53.29
N ILE A 818 10.44 -17.86 -53.54
CA ILE A 818 10.21 -16.59 -52.84
C ILE A 818 9.84 -16.81 -51.37
N GLU A 819 8.97 -17.79 -51.12
CA GLU A 819 8.57 -18.08 -49.75
C GLU A 819 9.75 -18.53 -48.91
N ASP A 820 10.64 -19.30 -49.52
CA ASP A 820 11.84 -19.76 -48.81
C ASP A 820 12.71 -18.59 -48.41
N LEU A 821 12.83 -17.62 -49.30
CA LEU A 821 13.59 -16.42 -49.00
C LEU A 821 12.92 -15.61 -47.88
N LEU A 822 11.60 -15.51 -47.92
CA LEU A 822 10.89 -14.75 -46.90
C LEU A 822 11.07 -15.38 -45.52
N PHE A 823 11.04 -16.70 -45.47
CA PHE A 823 11.17 -17.42 -44.21
C PHE A 823 12.59 -17.33 -43.64
N ASN A 824 13.57 -17.09 -44.50
CA ASN A 824 14.94 -16.93 -44.05
C ASN A 824 15.24 -15.51 -43.57
N LYS A 825 14.28 -14.60 -43.79
CA LYS A 825 14.53 -13.18 -43.51
C LYS A 825 13.92 -12.67 -42.20
N VAL A 826 13.07 -13.48 -41.54
CA VAL A 826 12.46 -13.11 -40.26
C VAL A 826 12.54 -14.29 -39.31
N CYS A 851 13.65 -20.27 -22.92
CA CYS A 851 13.94 -21.29 -21.92
C CYS A 851 13.67 -20.77 -20.51
N ALA A 852 14.35 -19.66 -20.15
CA ALA A 852 14.23 -19.08 -18.81
C ALA A 852 12.86 -18.43 -18.62
N GLN A 853 12.20 -18.12 -19.72
CA GLN A 853 10.84 -17.61 -19.63
C GLN A 853 9.91 -18.72 -19.13
N LYS A 854 10.07 -19.91 -19.69
CA LYS A 854 9.30 -21.06 -19.23
C LYS A 854 9.46 -21.22 -17.75
N PHE A 855 10.69 -21.04 -17.27
CA PHE A 855 11.05 -21.27 -15.89
C PHE A 855 10.29 -20.36 -14.93
N ASN A 856 9.66 -19.33 -15.46
CA ASN A 856 8.91 -18.37 -14.65
C ASN A 856 7.41 -18.39 -14.96
N GLY A 857 6.94 -19.44 -15.63
CA GLY A 857 5.52 -19.59 -15.89
C GLY A 857 5.10 -19.02 -17.25
N LEU A 858 6.08 -18.67 -18.07
CA LEU A 858 5.81 -18.10 -19.40
C LEU A 858 6.02 -19.13 -20.49
N THR A 859 4.95 -19.49 -21.18
CA THR A 859 5.08 -20.50 -22.24
C THR A 859 4.57 -20.00 -23.59
N VAL A 860 4.92 -20.73 -24.63
CA VAL A 860 4.43 -20.43 -25.97
C VAL A 860 3.64 -21.58 -26.52
N LEU A 861 2.41 -21.30 -26.91
CA LEU A 861 1.56 -22.30 -27.52
C LEU A 861 1.79 -22.29 -29.03
N PRO A 862 1.87 -23.47 -29.66
CA PRO A 862 2.05 -23.64 -31.08
C PRO A 862 0.78 -23.21 -31.83
N PRO A 863 0.93 -22.64 -33.03
CA PRO A 863 -0.13 -22.35 -33.96
C PRO A 863 -0.89 -23.59 -34.34
N LEU A 864 -2.19 -23.47 -34.55
CA LEU A 864 -3.00 -24.60 -34.99
C LEU A 864 -2.59 -25.07 -36.38
N LEU A 865 -2.40 -24.11 -37.27
CA LEU A 865 -1.91 -24.41 -38.61
C LEU A 865 -0.41 -24.27 -38.66
N THR A 866 0.25 -25.34 -39.11
CA THR A 866 1.70 -25.32 -39.26
C THR A 866 2.08 -24.52 -40.49
N ASP A 867 3.36 -24.20 -40.61
CA ASP A 867 3.82 -23.44 -41.76
C ASP A 867 3.65 -24.23 -43.05
N GLU A 868 3.82 -25.55 -42.94
CA GLU A 868 3.60 -26.42 -44.09
C GLU A 868 2.16 -26.31 -44.57
N MET A 869 1.22 -26.28 -43.63
CA MET A 869 -0.20 -26.19 -43.96
C MET A 869 -0.55 -24.85 -44.58
N ILE A 870 0.06 -23.78 -44.10
CA ILE A 870 -0.18 -22.46 -44.65
C ILE A 870 0.34 -22.39 -46.07
N ALA A 871 1.51 -22.96 -46.32
CA ALA A 871 2.06 -23.04 -47.64
C ALA A 871 1.14 -23.84 -48.61
N GLN A 872 0.51 -24.88 -48.03
CA GLN A 872 -0.43 -25.68 -48.84
C GLN A 872 -1.63 -24.86 -49.21
N TYR A 873 -2.17 -24.05 -48.34
CA TYR A 873 -3.27 -23.17 -48.66
C TYR A 873 -2.88 -22.18 -49.74
N THR A 874 -1.67 -21.64 -49.58
CA THR A 874 -1.18 -20.62 -50.51
C THR A 874 -1.02 -21.17 -51.91
N SER A 875 -0.46 -22.37 -52.02
CA SER A 875 -0.25 -22.98 -53.33
C SER A 875 -1.56 -23.38 -53.98
N ALA A 876 -2.56 -23.71 -53.15
CA ALA A 876 -3.89 -24.02 -53.67
C ALA A 876 -4.53 -22.78 -54.27
N LEU A 877 -4.32 -21.64 -53.61
CA LEU A 877 -4.85 -20.38 -54.10
C LEU A 877 -4.17 -19.99 -55.41
N LEU A 878 -2.87 -20.25 -55.50
CA LEU A 878 -2.12 -19.95 -56.71
C LEU A 878 -2.54 -20.83 -57.86
N ALA A 879 -2.72 -22.12 -57.59
CA ALA A 879 -3.14 -23.06 -58.61
C ALA A 879 -4.52 -22.70 -59.13
N GLY A 880 -5.40 -22.31 -58.22
CA GLY A 880 -6.75 -21.91 -58.59
C GLY A 880 -6.71 -20.72 -59.52
N THR A 881 -5.95 -19.70 -59.13
CA THR A 881 -5.86 -18.47 -59.90
C THR A 881 -5.27 -18.71 -61.28
N ILE A 882 -4.19 -19.48 -61.33
CA ILE A 882 -3.48 -19.72 -62.58
C ILE A 882 -4.30 -20.53 -63.59
N THR A 883 -5.07 -21.50 -63.10
CA THR A 883 -5.79 -22.40 -63.99
C THR A 883 -7.24 -21.99 -64.25
N SER A 884 -7.85 -21.21 -63.35
CA SER A 884 -9.27 -20.91 -63.48
C SER A 884 -9.63 -19.44 -63.24
N GLY A 885 -8.63 -18.59 -63.09
CA GLY A 885 -8.89 -17.18 -62.93
C GLY A 885 -9.68 -16.88 -61.66
N TRP A 886 -10.76 -16.13 -61.81
CA TRP A 886 -11.56 -15.71 -60.67
C TRP A 886 -12.80 -16.58 -60.44
N THR A 887 -12.93 -17.65 -61.22
CA THR A 887 -14.14 -18.45 -61.16
C THR A 887 -14.20 -19.33 -59.92
N PHE A 888 -13.04 -19.75 -59.41
CA PHE A 888 -13.00 -20.66 -58.28
C PHE A 888 -13.39 -19.96 -56.98
N GLY A 889 -13.39 -18.63 -57.01
CA GLY A 889 -13.77 -17.84 -55.85
C GLY A 889 -15.30 -17.76 -55.72
N ALA A 890 -16.01 -17.81 -56.85
CA ALA A 890 -17.46 -17.59 -56.85
C ALA A 890 -18.25 -18.89 -56.93
N GLY A 891 -17.56 -19.99 -57.14
CA GLY A 891 -18.23 -21.26 -57.38
C GLY A 891 -17.20 -22.31 -57.81
N PRO A 892 -17.59 -23.28 -58.65
CA PRO A 892 -16.75 -24.34 -59.15
C PRO A 892 -15.67 -23.76 -60.05
N ALA A 893 -14.46 -24.30 -59.96
CA ALA A 893 -13.37 -23.82 -60.79
C ALA A 893 -13.61 -24.18 -62.25
N LEU A 894 -13.50 -23.17 -63.11
CA LEU A 894 -13.67 -23.36 -64.54
C LEU A 894 -12.38 -23.06 -65.26
N GLN A 895 -11.84 -24.04 -65.95
CA GLN A 895 -10.55 -23.87 -66.60
C GLN A 895 -10.65 -22.90 -67.78
N ILE A 896 -9.59 -22.12 -67.96
CA ILE A 896 -9.44 -21.24 -69.11
C ILE A 896 -7.94 -21.09 -69.38
N PRO A 897 -7.50 -21.04 -70.65
CA PRO A 897 -6.12 -20.78 -71.03
C PRO A 897 -5.65 -19.48 -70.40
N PHE A 898 -4.42 -19.48 -69.91
CA PHE A 898 -3.94 -18.34 -69.16
C PHE A 898 -3.95 -17.02 -69.97
N PRO A 899 -3.47 -17.01 -71.23
CA PRO A 899 -3.48 -15.87 -72.12
C PRO A 899 -4.88 -15.30 -72.29
N MET A 900 -5.89 -16.17 -72.29
CA MET A 900 -7.27 -15.72 -72.40
C MET A 900 -7.74 -15.10 -71.11
N GLN A 901 -7.29 -15.65 -69.99
CA GLN A 901 -7.57 -15.07 -68.68
C GLN A 901 -7.00 -13.67 -68.59
N MET A 902 -5.77 -13.51 -69.09
CA MET A 902 -5.12 -12.21 -69.06
C MET A 902 -5.82 -11.21 -69.98
N ALA A 903 -6.34 -11.72 -71.10
CA ALA A 903 -7.11 -10.89 -72.02
C ALA A 903 -8.37 -10.38 -71.37
N TYR A 904 -9.00 -11.21 -70.53
CA TYR A 904 -10.19 -10.79 -69.80
C TYR A 904 -9.86 -9.70 -68.80
N ARG A 905 -8.69 -9.83 -68.17
CA ARG A 905 -8.25 -8.87 -67.18
C ARG A 905 -7.84 -7.54 -67.82
N PHE A 906 -7.42 -7.59 -69.08
CA PHE A 906 -7.17 -6.38 -69.84
C PHE A 906 -8.48 -5.65 -70.13
N ASN A 907 -9.52 -6.39 -70.48
CA ASN A 907 -10.83 -5.78 -70.68
C ASN A 907 -11.32 -5.11 -69.41
N GLY A 908 -10.97 -5.70 -68.28
CA GLY A 908 -11.37 -5.21 -66.97
C GLY A 908 -10.77 -3.85 -66.63
N ILE A 909 -9.72 -3.46 -67.35
CA ILE A 909 -9.08 -2.17 -67.10
C ILE A 909 -9.29 -1.22 -68.28
N GLY A 910 -10.21 -1.57 -69.17
CA GLY A 910 -10.58 -0.69 -70.26
C GLY A 910 -9.63 -0.76 -71.45
N VAL A 911 -8.94 -1.88 -71.60
CA VAL A 911 -8.04 -2.08 -72.73
C VAL A 911 -8.53 -3.25 -73.57
N THR A 912 -8.58 -3.06 -74.87
CA THR A 912 -9.15 -4.10 -75.74
C THR A 912 -8.28 -5.35 -75.72
N GLN A 913 -8.91 -6.51 -75.92
CA GLN A 913 -8.26 -7.79 -75.74
C GLN A 913 -7.20 -8.07 -76.80
N ASN A 914 -7.31 -7.41 -77.94
CA ASN A 914 -6.33 -7.62 -79.00
C ASN A 914 -4.99 -7.04 -78.62
N VAL A 915 -4.99 -6.10 -77.67
CA VAL A 915 -3.75 -5.50 -77.21
C VAL A 915 -2.92 -6.54 -76.46
N LEU A 916 -3.59 -7.39 -75.70
CA LEU A 916 -2.93 -8.48 -74.99
C LEU A 916 -2.36 -9.48 -75.98
N TYR A 917 -3.19 -9.92 -76.92
CA TYR A 917 -2.80 -11.00 -77.83
C TYR A 917 -1.69 -10.58 -78.76
N GLU A 918 -1.76 -9.34 -79.25
CA GLU A 918 -0.79 -8.85 -80.21
C GLU A 918 0.57 -8.61 -79.58
N ASN A 919 0.60 -8.48 -78.26
CA ASN A 919 1.82 -8.20 -77.54
C ASN A 919 2.13 -9.29 -76.55
N GLN A 920 1.66 -10.50 -76.82
CA GLN A 920 1.73 -11.56 -75.84
C GLN A 920 3.18 -11.85 -75.30
N LYS A 921 4.10 -11.95 -76.27
CA LYS A 921 5.49 -12.26 -75.89
C LYS A 921 6.10 -11.13 -75.14
N LEU A 922 5.78 -9.89 -75.48
CA LEU A 922 6.28 -8.72 -74.79
C LEU A 922 5.76 -8.68 -73.35
N ILE A 923 4.48 -8.97 -73.21
CA ILE A 923 3.81 -8.94 -71.92
C ILE A 923 4.32 -10.05 -71.01
N ALA A 924 4.45 -11.25 -71.55
CA ALA A 924 4.98 -12.36 -70.79
C ALA A 924 6.42 -12.08 -70.35
N ASN A 925 7.18 -11.40 -71.19
CA ASN A 925 8.56 -11.08 -70.86
C ASN A 925 8.66 -10.02 -69.78
N GLN A 926 7.81 -9.00 -69.86
CA GLN A 926 7.79 -7.97 -68.82
C GLN A 926 7.37 -8.57 -67.49
N PHE A 927 6.40 -9.48 -67.55
CA PHE A 927 5.93 -10.14 -66.35
C PHE A 927 7.02 -10.98 -65.71
N ASN A 928 7.67 -11.81 -66.52
CA ASN A 928 8.69 -12.72 -66.01
C ASN A 928 9.85 -11.94 -65.41
N SER A 929 10.19 -10.83 -66.05
CA SER A 929 11.26 -9.97 -65.56
C SER A 929 10.89 -9.31 -64.24
N ALA A 930 9.66 -8.81 -64.16
CA ALA A 930 9.19 -8.16 -62.94
C ALA A 930 9.21 -9.11 -61.76
N ILE A 931 8.81 -10.36 -61.98
CA ILE A 931 8.86 -11.34 -60.90
C ILE A 931 10.29 -11.60 -60.48
N GLY A 932 11.19 -11.69 -61.45
CA GLY A 932 12.60 -11.91 -61.17
C GLY A 932 13.17 -10.81 -60.28
N LYS A 933 12.74 -9.57 -60.50
CA LYS A 933 13.21 -8.45 -59.71
C LYS A 933 12.76 -8.55 -58.26
N ILE A 934 11.59 -9.15 -58.04
CA ILE A 934 11.13 -9.38 -56.67
C ILE A 934 12.10 -10.30 -55.98
N GLN A 935 12.52 -11.34 -56.68
CA GLN A 935 13.47 -12.29 -56.15
C GLN A 935 14.77 -11.60 -55.76
N ASP A 936 15.27 -10.74 -56.66
CA ASP A 936 16.53 -10.03 -56.46
C ASP A 936 16.47 -8.97 -55.38
N SER A 937 15.35 -8.26 -55.30
CA SER A 937 15.21 -7.17 -54.32
C SER A 937 15.20 -7.71 -52.90
N LEU A 938 14.45 -8.77 -52.67
CA LEU A 938 14.36 -9.37 -51.34
C LEU A 938 15.71 -9.91 -50.90
N SER A 939 16.51 -10.37 -51.86
CA SER A 939 17.81 -10.96 -51.58
C SER A 939 18.90 -9.91 -51.25
N SER A 940 18.57 -8.61 -51.39
CA SER A 940 19.56 -7.56 -51.20
C SER A 940 19.06 -6.40 -50.36
N THR A 941 17.97 -6.60 -49.62
CA THR A 941 17.40 -5.52 -48.82
C THR A 941 17.06 -6.00 -47.38
N PRO A 942 17.93 -5.74 -46.41
CA PRO A 942 17.87 -6.15 -45.04
C PRO A 942 16.60 -5.68 -44.30
N SER A 943 16.00 -4.61 -44.79
CA SER A 943 14.86 -4.00 -44.10
C SER A 943 13.52 -4.30 -44.76
N ALA A 944 13.54 -5.20 -45.73
CA ALA A 944 12.37 -5.47 -46.56
C ALA A 944 11.15 -5.93 -45.76
N LEU A 945 11.38 -6.73 -44.72
CA LEU A 945 10.29 -7.30 -43.96
C LEU A 945 10.16 -6.66 -42.59
N GLY A 946 10.39 -5.34 -42.55
CA GLY A 946 10.36 -4.59 -41.31
C GLY A 946 9.01 -4.68 -40.59
N LYS A 947 7.93 -4.70 -41.36
CA LYS A 947 6.60 -4.72 -40.74
C LYS A 947 6.38 -5.97 -39.92
N LEU A 948 6.91 -7.10 -40.37
CA LEU A 948 6.76 -8.35 -39.65
C LEU A 948 7.78 -8.46 -38.53
N GLN A 949 8.98 -7.94 -38.76
CA GLN A 949 10.03 -7.98 -37.77
C GLN A 949 9.68 -7.11 -36.57
N ASP A 950 8.99 -5.99 -36.84
CA ASP A 950 8.58 -5.09 -35.78
C ASP A 950 7.62 -5.74 -34.81
N VAL A 951 6.76 -6.62 -35.33
CA VAL A 951 5.82 -7.33 -34.48
C VAL A 951 6.57 -8.29 -33.57
N VAL A 952 7.54 -9.00 -34.13
CA VAL A 952 8.36 -9.91 -33.36
C VAL A 952 9.14 -9.17 -32.28
N ASN A 953 9.69 -8.01 -32.64
CA ASN A 953 10.50 -7.23 -31.72
C ASN A 953 9.67 -6.66 -30.58
N GLN A 954 8.47 -6.18 -30.89
CA GLN A 954 7.61 -5.58 -29.88
C GLN A 954 7.16 -6.60 -28.85
N ASN A 955 6.88 -7.81 -29.31
CA ASN A 955 6.43 -8.86 -28.40
C ASN A 955 7.57 -9.35 -27.53
N ALA A 956 8.76 -9.46 -28.11
CA ALA A 956 9.93 -9.89 -27.36
C ALA A 956 10.27 -8.88 -26.29
N GLN A 957 10.15 -7.59 -26.63
CA GLN A 957 10.48 -6.54 -25.69
C GLN A 957 9.53 -6.54 -24.51
N ALA A 958 8.25 -6.76 -24.77
CA ALA A 958 7.24 -6.80 -23.71
C ALA A 958 7.48 -7.96 -22.76
N LEU A 959 7.85 -9.11 -23.30
CA LEU A 959 8.12 -10.27 -22.45
C LEU A 959 9.38 -10.09 -21.63
N ASN A 960 10.41 -9.51 -22.25
CA ASN A 960 11.66 -9.32 -21.55
C ASN A 960 11.48 -8.33 -20.41
N THR A 961 10.65 -7.32 -20.64
CA THR A 961 10.34 -6.35 -19.60
C THR A 961 9.61 -7.02 -18.45
N LEU A 962 8.65 -7.88 -18.78
CA LEU A 962 7.87 -8.57 -17.75
C LEU A 962 8.76 -9.44 -16.87
N VAL A 963 9.68 -10.17 -17.48
CA VAL A 963 10.57 -11.03 -16.72
C VAL A 963 11.52 -10.22 -15.85
N LYS A 964 12.04 -9.12 -16.41
CA LYS A 964 12.96 -8.27 -15.68
C LYS A 964 12.32 -7.64 -14.43
N GLN A 965 10.99 -7.48 -14.45
CA GLN A 965 10.29 -6.91 -13.30
C GLN A 965 10.36 -7.82 -12.08
N LEU A 966 10.69 -9.09 -12.28
CA LEU A 966 10.82 -10.02 -11.17
C LEU A 966 12.08 -9.71 -10.35
N SER A 967 12.93 -8.85 -10.88
CA SER A 967 14.15 -8.45 -10.18
C SER A 967 13.93 -7.22 -9.30
N SER A 968 12.74 -6.64 -9.37
CA SER A 968 12.44 -5.45 -8.60
C SER A 968 12.04 -5.78 -7.17
N ASN A 969 12.42 -4.92 -6.23
CA ASN A 969 12.09 -5.12 -4.83
C ASN A 969 10.71 -4.61 -4.48
N PHE A 970 10.29 -3.53 -5.14
CA PHE A 970 9.01 -2.91 -4.88
C PHE A 970 8.87 -2.49 -3.41
N GLY A 971 10.01 -2.22 -2.77
CA GLY A 971 10.01 -1.74 -1.40
C GLY A 971 10.31 -2.87 -0.39
N ALA A 972 10.32 -4.10 -0.87
CA ALA A 972 10.63 -5.24 -0.01
C ALA A 972 12.12 -5.35 0.25
N ILE A 973 12.48 -6.11 1.27
CA ILE A 973 13.88 -6.33 1.63
C ILE A 973 14.63 -7.08 0.53
N SER A 974 13.92 -7.85 -0.26
CA SER A 974 14.52 -8.60 -1.36
C SER A 974 13.50 -8.87 -2.46
N SER A 975 13.97 -8.96 -3.69
CA SER A 975 13.13 -9.35 -4.80
C SER A 975 12.94 -10.85 -4.85
N VAL A 976 13.73 -11.57 -4.07
CA VAL A 976 13.68 -13.02 -4.06
C VAL A 976 12.81 -13.54 -2.93
N LEU A 977 11.76 -14.24 -3.29
CA LEU A 977 10.78 -14.71 -2.33
C LEU A 977 11.38 -15.72 -1.35
N ASN A 978 12.33 -16.50 -1.83
CA ASN A 978 12.99 -17.50 -1.00
C ASN A 978 13.88 -16.85 0.05
N ASP A 979 14.44 -15.68 -0.25
CA ASP A 979 15.26 -14.97 0.72
C ASP A 979 14.41 -14.50 1.87
N ILE A 980 13.21 -14.02 1.55
CA ILE A 980 12.29 -13.54 2.56
C ILE A 980 11.84 -14.65 3.49
N LEU A 981 11.50 -15.78 2.90
CA LEU A 981 10.98 -16.91 3.66
C LEU A 981 12.05 -17.58 4.51
N SER A 982 13.30 -17.52 4.07
CA SER A 982 14.39 -18.12 4.84
C SER A 982 14.84 -17.22 5.98
N ARG A 983 14.49 -15.93 5.92
CA ARG A 983 14.93 -14.97 6.93
C ARG A 983 13.87 -14.67 8.00
N LEU A 984 12.62 -14.53 7.60
CA LEU A 984 11.58 -14.02 8.52
C LEU A 984 10.48 -15.03 8.88
N ASP A 985 9.89 -14.84 10.06
CA ASP A 985 8.75 -15.69 10.49
C ASP A 985 7.49 -15.19 9.78
N PRO A 986 6.35 -15.90 9.78
CA PRO A 986 5.20 -15.51 8.97
C PRO A 986 4.59 -14.11 9.11
N PRO A 987 4.39 -13.49 10.30
CA PRO A 987 3.90 -12.11 10.39
C PRO A 987 4.74 -11.05 9.65
N GLU A 988 6.04 -11.00 9.90
CA GLU A 988 6.96 -10.04 9.26
C GLU A 988 7.12 -10.38 7.78
N ALA A 989 7.12 -11.66 7.49
CA ALA A 989 7.27 -12.14 6.11
C ALA A 989 6.07 -11.73 5.24
N GLU A 990 4.86 -11.78 5.81
CA GLU A 990 3.67 -11.43 5.07
C GLU A 990 3.69 -9.98 4.59
N VAL A 991 4.34 -9.11 5.36
CA VAL A 991 4.46 -7.72 4.96
C VAL A 991 5.34 -7.57 3.74
N GLN A 992 6.47 -8.27 3.73
CA GLN A 992 7.41 -8.19 2.63
C GLN A 992 6.85 -8.85 1.38
N ILE A 993 6.12 -9.95 1.57
CA ILE A 993 5.56 -10.68 0.46
C ILE A 993 4.45 -9.88 -0.21
N ASP A 994 3.63 -9.22 0.60
CA ASP A 994 2.56 -8.39 0.08
C ASP A 994 3.10 -7.29 -0.83
N ARG A 995 4.27 -6.76 -0.50
CA ARG A 995 4.88 -5.73 -1.34
C ARG A 995 5.26 -6.28 -2.71
N LEU A 996 5.77 -7.51 -2.73
CA LEU A 996 6.14 -8.15 -3.98
C LEU A 996 4.91 -8.53 -4.79
N ILE A 997 3.86 -8.96 -4.12
CA ILE A 997 2.63 -9.31 -4.81
C ILE A 997 2.02 -8.10 -5.49
N THR A 998 2.00 -6.97 -4.79
CA THR A 998 1.45 -5.75 -5.34
C THR A 998 2.20 -5.32 -6.61
N GLY A 999 3.53 -5.34 -6.54
CA GLY A 999 4.34 -4.92 -7.66
C GLY A 999 4.25 -5.87 -8.85
N ARG A 1000 4.23 -7.16 -8.56
CA ARG A 1000 4.22 -8.18 -9.60
C ARG A 1000 2.88 -8.28 -10.28
N LEU A 1001 1.81 -8.05 -9.52
CA LEU A 1001 0.48 -8.04 -10.08
C LEU A 1001 0.30 -6.83 -11.00
N GLN A 1002 0.83 -5.69 -10.58
CA GLN A 1002 0.79 -4.49 -11.40
C GLN A 1002 1.57 -4.68 -12.70
N SER A 1003 2.70 -5.36 -12.62
CA SER A 1003 3.52 -5.62 -13.80
C SER A 1003 2.81 -6.53 -14.78
N LEU A 1004 2.12 -7.53 -14.26
CA LEU A 1004 1.41 -8.47 -15.11
C LEU A 1004 0.19 -7.83 -15.74
N GLN A 1005 -0.50 -6.98 -14.99
CA GLN A 1005 -1.65 -6.26 -15.54
C GLN A 1005 -1.23 -5.32 -16.65
N THR A 1006 -0.09 -4.67 -16.47
CA THR A 1006 0.44 -3.79 -17.50
C THR A 1006 0.71 -4.57 -18.78
N TYR A 1007 1.35 -5.72 -18.64
CA TYR A 1007 1.65 -6.58 -19.77
C TYR A 1007 0.40 -6.99 -20.53
N VAL A 1008 -0.60 -7.48 -19.80
CA VAL A 1008 -1.80 -8.00 -20.42
C VAL A 1008 -2.58 -6.91 -21.15
N THR A 1009 -2.69 -5.74 -20.54
CA THR A 1009 -3.37 -4.62 -21.18
C THR A 1009 -2.70 -4.25 -22.49
N GLN A 1010 -1.38 -4.21 -22.49
CA GLN A 1010 -0.64 -3.88 -23.69
C GLN A 1010 -0.81 -4.95 -24.77
N GLN A 1011 -0.91 -6.20 -24.36
CA GLN A 1011 -1.10 -7.29 -25.30
C GLN A 1011 -2.49 -7.24 -25.94
N LEU A 1012 -3.49 -6.83 -25.18
CA LEU A 1012 -4.84 -6.72 -25.69
C LEU A 1012 -4.94 -5.61 -26.73
N ILE A 1013 -4.27 -4.51 -26.48
CA ILE A 1013 -4.25 -3.38 -27.41
C ILE A 1013 -3.49 -3.75 -28.67
N ARG A 1014 -2.34 -4.39 -28.51
CA ARG A 1014 -1.56 -4.85 -29.64
C ARG A 1014 -2.31 -5.90 -30.45
N ALA A 1015 -3.04 -6.78 -29.75
CA ALA A 1015 -3.80 -7.82 -30.41
C ALA A 1015 -4.88 -7.23 -31.30
N ALA A 1016 -5.51 -6.18 -30.83
CA ALA A 1016 -6.53 -5.52 -31.63
C ALA A 1016 -5.94 -4.97 -32.91
N GLU A 1017 -4.76 -4.38 -32.81
CA GLU A 1017 -4.09 -3.82 -33.99
C GLU A 1017 -3.77 -4.91 -35.00
N ILE A 1018 -3.29 -6.05 -34.52
CA ILE A 1018 -2.98 -7.18 -35.39
C ILE A 1018 -4.24 -7.73 -36.05
N ARG A 1019 -5.33 -7.79 -35.29
CA ARG A 1019 -6.59 -8.27 -35.83
C ARG A 1019 -7.06 -7.38 -36.99
N ALA A 1020 -6.90 -6.07 -36.82
CA ALA A 1020 -7.27 -5.14 -37.90
C ALA A 1020 -6.43 -5.40 -39.12
N SER A 1021 -5.15 -5.68 -38.96
CA SER A 1021 -4.27 -5.99 -40.06
C SER A 1021 -4.68 -7.29 -40.74
N ALA A 1022 -5.02 -8.30 -39.94
CA ALA A 1022 -5.48 -9.58 -40.46
C ALA A 1022 -6.79 -9.45 -41.22
N ASN A 1023 -7.67 -8.58 -40.74
CA ASN A 1023 -8.95 -8.35 -41.43
C ASN A 1023 -8.70 -7.71 -42.80
N LEU A 1024 -7.73 -6.82 -42.86
CA LEU A 1024 -7.36 -6.19 -44.11
C LEU A 1024 -6.72 -7.19 -45.06
N ALA A 1025 -5.86 -8.04 -44.53
CA ALA A 1025 -5.22 -9.08 -45.33
C ALA A 1025 -6.23 -10.05 -45.90
N ALA A 1026 -7.25 -10.38 -45.10
CA ALA A 1026 -8.31 -11.26 -45.57
C ALA A 1026 -9.12 -10.61 -46.67
N THR A 1027 -9.35 -9.31 -46.55
CA THR A 1027 -10.08 -8.57 -47.57
C THR A 1027 -9.30 -8.52 -48.88
N LYS A 1028 -7.99 -8.31 -48.79
CA LYS A 1028 -7.13 -8.29 -49.95
C LYS A 1028 -7.06 -9.66 -50.62
N MET A 1029 -7.05 -10.71 -49.82
CA MET A 1029 -7.07 -12.04 -50.38
C MET A 1029 -8.31 -12.24 -51.25
N SER A 1030 -9.44 -11.79 -50.74
CA SER A 1030 -10.70 -11.95 -51.48
C SER A 1030 -10.79 -11.05 -52.71
N GLU A 1031 -10.34 -9.81 -52.57
CA GLU A 1031 -10.58 -8.82 -53.61
C GLU A 1031 -9.43 -8.67 -54.63
N CYS A 1032 -8.21 -9.03 -54.23
CA CYS A 1032 -7.04 -8.90 -55.09
C CYS A 1032 -6.65 -10.25 -55.68
N VAL A 1033 -6.77 -11.31 -54.88
CA VAL A 1033 -6.35 -12.63 -55.33
C VAL A 1033 -7.49 -13.43 -55.96
N LEU A 1034 -8.65 -13.39 -55.34
CA LEU A 1034 -9.80 -14.15 -55.85
C LEU A 1034 -10.64 -13.33 -56.82
N GLY A 1035 -10.14 -12.18 -57.21
CA GLY A 1035 -10.83 -11.34 -58.17
C GLY A 1035 -9.97 -10.18 -58.64
N GLN A 1036 -10.52 -9.38 -59.54
CA GLN A 1036 -9.85 -8.18 -60.05
C GLN A 1036 -10.52 -6.95 -59.46
N SER A 1037 -9.72 -6.07 -58.87
CA SER A 1037 -10.28 -4.96 -58.11
C SER A 1037 -10.22 -3.62 -58.85
N LYS A 1038 -11.33 -2.88 -58.79
CA LYS A 1038 -11.40 -1.53 -59.35
C LYS A 1038 -10.99 -0.47 -58.35
N ARG A 1039 -10.86 -0.86 -57.08
CA ARG A 1039 -10.57 0.10 -56.02
C ARG A 1039 -9.16 0.66 -56.18
N VAL A 1040 -9.05 1.98 -56.24
CA VAL A 1040 -7.78 2.60 -56.53
C VAL A 1040 -6.78 2.42 -55.38
N ASP A 1041 -5.58 1.95 -55.73
CA ASP A 1041 -4.50 1.75 -54.79
C ASP A 1041 -4.77 0.67 -53.76
N PHE A 1042 -5.85 -0.09 -53.93
CA PHE A 1042 -6.14 -1.16 -53.00
C PHE A 1042 -5.25 -2.38 -53.24
N CYS A 1043 -4.94 -2.66 -54.51
CA CYS A 1043 -4.16 -3.83 -54.90
C CYS A 1043 -2.92 -3.40 -55.68
N GLY A 1044 -2.14 -2.50 -55.08
CA GLY A 1044 -0.93 -2.01 -55.71
C GLY A 1044 -1.18 -0.73 -56.51
N LYS A 1045 -0.09 -0.10 -56.95
CA LYS A 1045 -0.17 1.14 -57.77
C LYS A 1045 -0.32 0.79 -59.25
N GLY A 1046 -1.24 1.45 -59.93
CA GLY A 1046 -1.54 1.18 -61.34
C GLY A 1046 -2.87 0.49 -61.46
N TYR A 1047 -3.21 0.05 -62.65
CA TYR A 1047 -4.49 -0.62 -62.85
C TYR A 1047 -4.35 -2.10 -62.54
N HIS A 1048 -5.11 -2.58 -61.58
CA HIS A 1048 -4.94 -3.94 -61.09
C HIS A 1048 -5.33 -4.98 -62.13
N LEU A 1049 -4.45 -5.94 -62.34
CA LEU A 1049 -4.73 -7.09 -63.18
C LEU A 1049 -5.01 -8.31 -62.34
N MET A 1050 -4.05 -8.68 -61.50
CA MET A 1050 -4.18 -9.85 -60.64
C MET A 1050 -3.16 -9.84 -59.52
N SER A 1051 -3.36 -10.68 -58.52
CA SER A 1051 -2.41 -10.77 -57.42
C SER A 1051 -2.12 -12.22 -57.03
N PHE A 1052 -0.95 -12.42 -56.46
CA PHE A 1052 -0.54 -13.73 -55.98
C PHE A 1052 -0.07 -13.64 -54.54
N PRO A 1053 -0.62 -14.45 -53.63
CA PRO A 1053 -0.23 -14.56 -52.25
C PRO A 1053 1.03 -15.39 -52.11
N GLN A 1054 1.84 -15.01 -51.14
CA GLN A 1054 2.96 -15.81 -50.64
C GLN A 1054 2.95 -15.78 -49.13
N SER A 1055 3.09 -16.94 -48.52
CA SER A 1055 3.07 -16.96 -47.06
C SER A 1055 4.40 -16.48 -46.50
N ALA A 1056 4.36 -15.94 -45.28
CA ALA A 1056 5.56 -15.45 -44.58
C ALA A 1056 5.37 -15.72 -43.09
N PRO A 1057 6.45 -15.67 -42.31
CA PRO A 1057 6.43 -15.87 -40.86
C PRO A 1057 5.43 -14.91 -40.20
N HIS A 1058 4.37 -15.47 -39.64
CA HIS A 1058 3.34 -14.70 -38.95
C HIS A 1058 2.68 -13.63 -39.83
N GLY A 1059 2.71 -13.84 -41.13
CA GLY A 1059 2.18 -12.83 -42.03
C GLY A 1059 1.92 -13.33 -43.44
N VAL A 1060 1.57 -12.40 -44.32
CA VAL A 1060 1.30 -12.72 -45.71
C VAL A 1060 1.94 -11.66 -46.61
N VAL A 1061 2.45 -12.09 -47.75
CA VAL A 1061 2.95 -11.17 -48.74
C VAL A 1061 2.16 -11.27 -50.02
N PHE A 1062 1.67 -10.14 -50.50
CA PHE A 1062 0.95 -10.13 -51.76
C PHE A 1062 1.83 -9.56 -52.88
N LEU A 1063 1.85 -10.27 -54.00
CA LEU A 1063 2.51 -9.75 -55.20
C LEU A 1063 1.46 -9.24 -56.16
N HIS A 1064 1.40 -7.92 -56.30
CA HIS A 1064 0.36 -7.29 -57.09
C HIS A 1064 0.85 -7.00 -58.49
N VAL A 1065 0.08 -7.46 -59.47
CA VAL A 1065 0.43 -7.23 -60.87
C VAL A 1065 -0.47 -6.16 -61.46
N THR A 1066 0.14 -5.07 -61.91
CA THR A 1066 -0.64 -3.94 -62.42
C THR A 1066 -0.20 -3.52 -63.80
N TYR A 1067 -1.11 -2.87 -64.51
CA TYR A 1067 -0.84 -2.27 -65.81
C TYR A 1067 -0.56 -0.81 -65.65
N VAL A 1068 0.63 -0.38 -66.05
CA VAL A 1068 1.02 1.01 -65.93
C VAL A 1068 1.29 1.62 -67.31
N PRO A 1069 0.50 2.60 -67.75
CA PRO A 1069 0.61 3.29 -69.01
C PRO A 1069 1.98 3.91 -69.18
N ALA A 1070 2.49 3.94 -70.41
CA ALA A 1070 3.82 4.44 -70.67
C ALA A 1070 3.92 5.11 -72.04
N GLN A 1071 4.93 5.96 -72.18
CA GLN A 1071 5.24 6.59 -73.47
C GLN A 1071 4.05 7.33 -74.04
N GLU A 1072 3.55 8.30 -73.29
CA GLU A 1072 2.43 9.11 -73.77
C GLU A 1072 2.89 10.15 -74.77
N LYS A 1073 1.95 10.50 -75.64
CA LYS A 1073 2.20 11.55 -76.64
C LYS A 1073 1.00 12.49 -76.71
N ASN A 1074 1.23 13.76 -77.07
CA ASN A 1074 0.16 14.78 -77.18
C ASN A 1074 -0.65 14.67 -78.45
N PHE A 1075 -1.97 14.81 -78.35
CA PHE A 1075 -2.88 14.89 -79.51
C PHE A 1075 -3.89 16.02 -79.35
N THR A 1076 -4.43 16.50 -80.47
CA THR A 1076 -5.55 17.44 -80.43
C THR A 1076 -6.85 16.67 -80.31
N THR A 1077 -7.78 17.19 -79.53
CA THR A 1077 -9.04 16.48 -79.30
C THR A 1077 -10.27 17.37 -79.44
N ALA A 1078 -11.42 16.72 -79.56
CA ALA A 1078 -12.72 17.39 -79.60
C ALA A 1078 -13.76 16.50 -78.98
N PRO A 1079 -14.78 17.07 -78.34
CA PRO A 1079 -15.89 16.41 -77.69
C PRO A 1079 -16.85 15.74 -78.68
N ALA A 1080 -16.87 16.23 -79.91
CA ALA A 1080 -17.81 15.72 -80.90
C ALA A 1080 -17.36 16.06 -82.30
N ILE A 1081 -17.83 15.28 -83.26
CA ILE A 1081 -17.60 15.55 -84.67
C ILE A 1081 -18.90 15.91 -85.38
N CYS A 1082 -18.91 16.97 -86.17
CA CYS A 1082 -20.05 17.44 -86.90
C CYS A 1082 -20.02 16.88 -88.35
N HIS A 1083 -21.08 16.20 -88.74
CA HIS A 1083 -21.16 15.64 -90.09
C HIS A 1083 -22.61 15.50 -90.53
N ASP A 1084 -22.90 15.94 -91.76
CA ASP A 1084 -24.25 15.90 -92.29
C ASP A 1084 -25.22 16.65 -91.39
N GLY A 1085 -24.71 17.65 -90.69
CA GLY A 1085 -25.53 18.49 -89.83
C GLY A 1085 -25.80 17.86 -88.45
N LYS A 1086 -25.23 16.69 -88.22
CA LYS A 1086 -25.49 15.98 -86.97
C LYS A 1086 -24.24 15.91 -86.09
N ALA A 1087 -24.44 15.88 -84.79
CA ALA A 1087 -23.32 15.78 -83.84
C ALA A 1087 -23.05 14.32 -83.46
N HIS A 1088 -21.81 13.88 -83.68
CA HIS A 1088 -21.42 12.51 -83.40
C HIS A 1088 -20.48 12.42 -82.21
N PHE A 1089 -20.72 11.42 -81.37
CA PHE A 1089 -19.87 11.16 -80.22
C PHE A 1089 -19.30 9.74 -80.30
N PRO A 1090 -18.12 9.47 -79.71
CA PRO A 1090 -17.50 8.17 -79.65
C PRO A 1090 -18.34 7.21 -78.84
N ARG A 1091 -18.45 5.96 -79.29
CA ARG A 1091 -19.17 4.96 -78.52
C ARG A 1091 -18.36 4.48 -77.32
N GLU A 1092 -17.06 4.31 -77.54
CA GLU A 1092 -16.20 3.74 -76.51
C GLU A 1092 -14.95 4.58 -76.25
N GLY A 1093 -14.46 5.25 -77.28
CA GLY A 1093 -13.15 5.89 -77.18
C GLY A 1093 -13.20 7.41 -77.15
N VAL A 1094 -12.16 8.02 -77.69
CA VAL A 1094 -12.02 9.47 -77.72
C VAL A 1094 -11.57 9.93 -79.11
N PHE A 1095 -12.05 11.09 -79.54
CA PHE A 1095 -11.62 11.64 -80.83
C PHE A 1095 -10.29 12.35 -80.70
N VAL A 1096 -9.35 11.98 -81.57
CA VAL A 1096 -8.03 12.60 -81.57
C VAL A 1096 -7.59 12.97 -82.97
N SER A 1097 -6.66 13.91 -83.06
CA SER A 1097 -6.07 14.26 -84.33
C SER A 1097 -4.55 14.23 -84.27
N ASN A 1098 -3.93 13.68 -85.31
CA ASN A 1098 -2.47 13.61 -85.42
C ASN A 1098 -1.88 14.94 -85.99
N GLY A 1099 -2.77 15.91 -86.23
CA GLY A 1099 -2.37 17.22 -86.75
C GLY A 1099 -3.07 17.49 -88.07
N THR A 1100 -3.42 16.44 -88.79
CA THR A 1100 -4.06 16.60 -90.09
C THR A 1100 -5.32 15.73 -90.26
N HIS A 1101 -5.37 14.61 -89.54
CA HIS A 1101 -6.48 13.68 -89.69
C HIS A 1101 -7.11 13.32 -88.35
N TRP A 1102 -8.43 13.15 -88.36
CA TRP A 1102 -9.16 12.78 -87.15
C TRP A 1102 -9.42 11.27 -87.07
N PHE A 1103 -9.24 10.73 -85.87
CA PHE A 1103 -9.46 9.32 -85.58
C PHE A 1103 -10.17 9.13 -84.25
N VAL A 1104 -10.70 7.95 -84.04
CA VAL A 1104 -11.18 7.58 -82.71
C VAL A 1104 -10.31 6.47 -82.13
N THR A 1105 -9.94 6.61 -80.87
CA THR A 1105 -9.09 5.62 -80.22
C THR A 1105 -9.62 5.22 -78.84
N GLN A 1106 -9.30 4.01 -78.42
CA GLN A 1106 -9.52 3.60 -77.04
C GLN A 1106 -8.68 4.48 -76.11
N ARG A 1107 -9.14 4.65 -74.89
CA ARG A 1107 -8.64 5.71 -74.03
C ARG A 1107 -7.26 5.46 -73.41
N ASN A 1108 -6.95 4.21 -73.12
CA ASN A 1108 -5.75 3.90 -72.35
C ASN A 1108 -4.61 3.35 -73.20
N PHE A 1109 -4.80 3.36 -74.51
CA PHE A 1109 -3.79 2.82 -75.42
C PHE A 1109 -4.03 3.33 -76.84
N TYR A 1110 -3.06 4.04 -77.38
CA TYR A 1110 -3.23 4.66 -78.66
C TYR A 1110 -3.39 3.63 -79.76
N GLU A 1111 -4.56 3.64 -80.39
CA GLU A 1111 -4.89 2.71 -81.46
C GLU A 1111 -5.93 3.34 -82.38
N PRO A 1112 -5.51 4.27 -83.24
CA PRO A 1112 -6.34 5.14 -84.03
C PRO A 1112 -7.12 4.37 -85.08
N GLN A 1113 -8.41 4.67 -85.18
CA GLN A 1113 -9.26 4.05 -86.18
C GLN A 1113 -10.08 5.10 -86.92
N ILE A 1114 -10.47 4.79 -88.14
CA ILE A 1114 -11.28 5.71 -88.94
C ILE A 1114 -12.64 5.90 -88.29
N ILE A 1115 -13.08 7.14 -88.26
CA ILE A 1115 -14.36 7.47 -87.64
C ILE A 1115 -15.51 7.06 -88.55
N THR A 1116 -16.35 6.17 -88.05
CA THR A 1116 -17.44 5.60 -88.81
C THR A 1116 -18.71 5.56 -88.00
N THR A 1117 -19.80 5.16 -88.63
CA THR A 1117 -21.09 5.02 -87.95
C THR A 1117 -21.13 3.78 -87.05
N ASP A 1118 -20.06 2.98 -87.09
CA ASP A 1118 -19.95 1.80 -86.25
C ASP A 1118 -19.30 2.07 -84.90
N ASN A 1119 -18.55 3.18 -84.80
CA ASN A 1119 -17.82 3.47 -83.59
C ASN A 1119 -18.20 4.82 -82.99
N THR A 1120 -19.28 5.40 -83.52
CA THR A 1120 -19.84 6.64 -82.99
C THR A 1120 -21.35 6.53 -82.87
N PHE A 1121 -21.95 7.49 -82.18
CA PHE A 1121 -23.40 7.59 -82.11
C PHE A 1121 -23.83 9.04 -82.29
N VAL A 1122 -25.06 9.25 -82.70
CA VAL A 1122 -25.56 10.59 -83.00
C VAL A 1122 -26.49 11.13 -81.93
N SER A 1123 -26.28 12.38 -81.56
CA SER A 1123 -27.21 13.05 -80.66
C SER A 1123 -27.39 14.52 -81.00
N GLY A 1124 -28.55 14.84 -81.59
CA GLY A 1124 -28.89 16.22 -81.89
C GLY A 1124 -28.05 16.81 -83.01
N ASN A 1125 -28.10 18.14 -83.13
CA ASN A 1125 -27.40 18.87 -84.17
C ASN A 1125 -26.12 19.50 -83.62
N CYS A 1126 -25.44 20.29 -84.46
CA CYS A 1126 -24.09 20.78 -84.17
C CYS A 1126 -24.11 22.15 -83.49
N ASP A 1127 -25.28 22.60 -83.08
CA ASP A 1127 -25.41 23.93 -82.49
C ASP A 1127 -25.12 23.97 -80.99
N VAL A 1128 -25.22 22.82 -80.34
CA VAL A 1128 -25.20 22.77 -78.89
C VAL A 1128 -23.80 22.55 -78.31
N VAL A 1129 -23.03 21.66 -78.92
CA VAL A 1129 -21.78 21.24 -78.34
C VAL A 1129 -20.66 22.24 -78.56
N ILE A 1130 -20.06 22.69 -77.46
CA ILE A 1130 -18.96 23.64 -77.52
C ILE A 1130 -17.67 22.95 -77.90
N GLY A 1131 -17.04 23.42 -78.97
CA GLY A 1131 -15.77 22.86 -79.40
C GLY A 1131 -15.93 21.76 -80.43
N ILE A 1132 -17.15 21.59 -80.96
CA ILE A 1132 -17.38 20.59 -82.00
C ILE A 1132 -16.61 20.93 -83.26
N VAL A 1133 -16.04 19.92 -83.91
CA VAL A 1133 -15.26 20.15 -85.13
C VAL A 1133 -15.87 19.43 -86.32
N ASN A 1134 -15.61 19.95 -87.52
CA ASN A 1134 -16.15 19.41 -88.78
C ASN A 1134 -15.21 18.34 -89.35
N ASN A 1135 -15.76 17.13 -89.56
CA ASN A 1135 -15.01 16.03 -90.16
C ASN A 1135 -15.95 15.01 -90.76
N THR A 1136 -15.47 14.25 -91.74
CA THR A 1136 -16.26 13.19 -92.33
C THR A 1136 -16.46 12.02 -91.38
N VAL A 1137 -17.69 11.51 -91.35
CA VAL A 1137 -18.00 10.27 -90.66
C VAL A 1137 -18.39 9.20 -91.67
N TYR A 1138 -17.66 8.10 -91.69
CA TYR A 1138 -17.80 7.10 -92.74
C TYR A 1138 -18.89 6.07 -92.46
N ASP A 1139 -19.63 5.72 -93.50
CA ASP A 1139 -20.64 4.68 -93.43
C ASP A 1139 -20.24 3.49 -94.34
N PRO A 1140 -19.84 2.35 -93.75
CA PRO A 1140 -19.31 1.16 -94.40
C PRO A 1140 -20.14 0.60 -95.53
N LEU A 1141 -21.43 0.87 -95.54
CA LEU A 1141 -22.27 0.33 -96.60
C LEU A 1141 -22.32 1.26 -97.79
N GLN A 1142 -21.74 2.44 -97.64
CA GLN A 1142 -21.72 3.44 -98.67
C GLN A 1142 -21.14 2.93 -100.01
N PRO A 1143 -19.91 2.37 -100.03
CA PRO A 1143 -19.24 1.85 -101.21
C PRO A 1143 -19.92 0.60 -101.74
N GLU A 1144 -20.66 -0.09 -100.88
CA GLU A 1144 -21.41 -1.28 -101.29
C GLU A 1144 -22.71 -0.90 -101.99
N LEU A 1145 -23.43 0.08 -101.42
CA LEU A 1145 -24.76 0.47 -101.97
C LEU A 1145 -24.74 1.96 -102.31
N ILE B 1 -31.81 -4.73 58.87
CA ILE B 1 -31.25 -6.07 59.05
C ILE B 1 -30.75 -6.27 60.49
N VAL B 2 -30.75 -7.52 60.93
CA VAL B 2 -30.17 -7.92 62.21
C VAL B 2 -29.12 -9.01 62.03
N MET B 3 -27.96 -8.82 62.65
CA MET B 3 -26.89 -9.82 62.62
C MET B 3 -26.78 -10.50 63.99
N MET B 4 -26.96 -11.81 64.03
CA MET B 4 -27.01 -12.56 65.28
C MET B 4 -25.87 -13.55 65.43
N GLN B 5 -25.04 -13.35 66.44
CA GLN B 5 -23.92 -14.26 66.67
C GLN B 5 -24.20 -15.27 67.79
N SER B 6 -23.50 -16.41 67.75
CA SER B 6 -23.69 -17.45 68.73
C SER B 6 -22.47 -18.38 68.83
N PRO B 7 -22.13 -18.87 70.03
CA PRO B 7 -22.76 -18.55 71.33
C PRO B 7 -22.20 -17.25 71.88
N GLY B 8 -22.96 -16.60 72.73
CA GLY B 8 -22.53 -15.35 73.30
C GLY B 8 -21.14 -15.44 73.94
N THR B 9 -20.86 -16.56 74.58
CA THR B 9 -19.56 -16.82 75.15
C THR B 9 -19.13 -18.26 74.91
N LEU B 10 -17.86 -18.46 74.57
CA LEU B 10 -17.29 -19.78 74.34
C LEU B 10 -16.06 -19.98 75.19
N SER B 11 -15.91 -21.19 75.75
CA SER B 11 -14.75 -21.52 76.55
C SER B 11 -14.18 -22.88 76.19
N LEU B 12 -12.87 -22.92 75.96
CA LEU B 12 -12.17 -24.15 75.62
C LEU B 12 -10.67 -23.97 75.88
N SER B 13 -9.95 -25.09 75.94
CA SER B 13 -8.52 -25.05 76.20
C SER B 13 -7.73 -24.58 74.97
N PRO B 14 -6.56 -23.97 75.17
CA PRO B 14 -5.57 -23.67 74.16
C PRO B 14 -5.15 -24.93 73.41
N GLY B 15 -4.95 -24.80 72.12
CA GLY B 15 -4.54 -25.93 71.29
C GLY B 15 -5.73 -26.64 70.66
N GLU B 16 -6.94 -26.28 71.10
CA GLU B 16 -8.15 -26.89 70.56
C GLU B 16 -8.76 -26.02 69.47
N ARG B 17 -9.75 -26.57 68.78
CA ARG B 17 -10.43 -25.87 67.69
C ARG B 17 -11.72 -25.21 68.17
N ALA B 18 -11.99 -23.99 67.67
CA ALA B 18 -13.21 -23.27 68.00
C ALA B 18 -13.95 -22.85 66.76
N THR B 19 -15.28 -22.84 66.84
CA THR B 19 -16.12 -22.31 65.77
C THR B 19 -17.15 -21.32 66.29
N LEU B 20 -17.27 -20.19 65.60
CA LEU B 20 -18.26 -19.17 65.95
C LEU B 20 -19.24 -18.95 64.81
N SER B 21 -20.49 -18.62 65.15
CA SER B 21 -21.52 -18.50 64.13
C SER B 21 -22.07 -17.07 64.01
N CYS B 22 -22.66 -16.78 62.85
CA CYS B 22 -23.33 -15.51 62.57
C CYS B 22 -24.51 -15.73 61.62
N ARG B 23 -25.70 -15.36 62.07
CA ARG B 23 -26.91 -15.53 61.29
C ARG B 23 -27.54 -14.19 60.94
N ALA B 24 -28.00 -14.06 59.71
CA ALA B 24 -28.60 -12.81 59.26
C ALA B 24 -30.11 -12.96 59.12
N SER B 25 -30.82 -11.86 59.37
CA SER B 25 -32.26 -11.82 59.21
C SER B 25 -32.68 -11.90 57.75
N GLN B 26 -31.73 -11.71 56.85
CA GLN B 26 -31.97 -11.80 55.42
C GLN B 26 -30.69 -12.20 54.70
N SER B 27 -30.82 -12.56 53.43
CA SER B 27 -29.66 -13.00 52.66
C SER B 27 -28.60 -11.91 52.58
N VAL B 28 -27.34 -12.32 52.79
CA VAL B 28 -26.21 -11.43 52.65
C VAL B 28 -25.22 -12.01 51.65
N SER B 29 -24.84 -11.21 50.66
CA SER B 29 -23.85 -11.66 49.69
C SER B 29 -22.56 -11.99 50.39
N SER B 30 -21.87 -13.03 49.94
CA SER B 30 -20.65 -13.46 50.61
C SER B 30 -19.60 -12.37 50.61
N SER B 31 -19.64 -11.51 49.60
CA SER B 31 -18.67 -10.44 49.45
C SER B 31 -18.87 -9.35 50.50
N TYR B 32 -20.05 -9.34 51.12
CA TYR B 32 -20.43 -8.29 52.05
C TYR B 32 -20.40 -8.75 53.50
N LEU B 33 -19.77 -9.90 53.75
CA LEU B 33 -19.63 -10.41 55.12
C LEU B 33 -18.17 -10.38 55.57
N ALA B 34 -17.90 -9.80 56.73
CA ALA B 34 -16.54 -9.71 57.28
C ALA B 34 -16.50 -10.06 58.77
N TRP B 35 -15.32 -10.44 59.26
CA TRP B 35 -15.11 -10.75 60.67
C TRP B 35 -14.00 -9.91 61.29
N TYR B 36 -14.22 -9.47 62.54
CA TYR B 36 -13.23 -8.70 63.29
C TYR B 36 -12.87 -9.36 64.61
N GLN B 37 -11.64 -9.12 65.06
CA GLN B 37 -11.16 -9.57 66.37
C GLN B 37 -10.83 -8.37 67.24
N GLN B 38 -11.28 -8.40 68.48
CA GLN B 38 -10.98 -7.31 69.40
C GLN B 38 -10.42 -7.81 70.72
N LYS B 39 -9.13 -7.59 70.94
CA LYS B 39 -8.50 -7.93 72.20
C LYS B 39 -8.84 -6.84 73.21
N PRO B 40 -8.79 -7.15 74.52
CA PRO B 40 -9.06 -6.23 75.61
C PRO B 40 -8.17 -5.00 75.52
N GLY B 41 -8.80 -3.82 75.58
CA GLY B 41 -8.07 -2.56 75.58
C GLY B 41 -7.56 -2.16 74.19
N GLN B 42 -8.10 -2.78 73.15
CA GLN B 42 -7.64 -2.51 71.80
C GLN B 42 -8.78 -2.29 70.82
N ALA B 43 -8.50 -1.57 69.74
CA ALA B 43 -9.42 -1.42 68.62
C ALA B 43 -9.57 -2.77 67.89
N PRO B 44 -10.70 -3.01 67.23
CA PRO B 44 -10.96 -4.15 66.38
C PRO B 44 -9.97 -4.22 65.23
N ARG B 45 -9.63 -5.43 64.80
CA ARG B 45 -8.83 -5.61 63.61
C ARG B 45 -9.50 -6.60 62.67
N LEU B 46 -9.31 -6.42 61.37
CA LEU B 46 -9.92 -7.28 60.38
C LEU B 46 -9.22 -8.63 60.31
N LEU B 47 -10.00 -9.70 60.34
CA LEU B 47 -9.46 -11.05 60.18
C LEU B 47 -9.87 -11.61 58.84
N ILE B 48 -11.17 -11.58 58.57
CA ILE B 48 -11.72 -12.14 57.34
C ILE B 48 -12.57 -11.11 56.63
N TYR B 49 -12.39 -11.00 55.32
CA TYR B 49 -13.28 -10.19 54.50
C TYR B 49 -13.81 -11.02 53.35
N GLY B 50 -14.97 -10.67 52.85
CA GLY B 50 -15.53 -11.38 51.72
C GLY B 50 -15.90 -12.80 52.10
N ALA B 51 -16.24 -13.00 53.37
CA ALA B 51 -16.62 -14.29 53.93
C ALA B 51 -15.43 -15.24 54.13
N SER B 52 -14.60 -15.41 53.11
CA SER B 52 -13.61 -16.49 53.14
C SER B 52 -12.16 -16.05 52.93
N SER B 53 -11.91 -14.74 52.84
CA SER B 53 -10.56 -14.27 52.56
C SER B 53 -9.90 -13.64 53.78
N ARG B 54 -8.69 -14.08 54.09
CA ARG B 54 -7.95 -13.51 55.22
C ARG B 54 -7.37 -12.16 54.91
N ALA B 55 -7.36 -11.29 55.91
CA ALA B 55 -6.70 -9.99 55.82
C ALA B 55 -5.21 -10.15 55.89
N THR B 56 -4.49 -9.14 55.42
CA THR B 56 -3.04 -9.18 55.41
C THR B 56 -2.46 -9.32 56.81
N GLY B 57 -1.55 -10.26 56.99
CA GLY B 57 -0.84 -10.44 58.25
C GLY B 57 -1.58 -11.38 59.20
N ILE B 58 -2.67 -11.99 58.73
CA ILE B 58 -3.44 -12.90 59.57
C ILE B 58 -3.05 -14.36 59.29
N PRO B 59 -2.67 -15.12 60.34
CA PRO B 59 -2.27 -16.51 60.30
C PRO B 59 -3.32 -17.39 59.65
N ASP B 60 -2.89 -18.46 58.99
CA ASP B 60 -3.78 -19.38 58.30
C ASP B 60 -4.51 -20.29 59.28
N ARG B 61 -4.29 -20.03 60.57
CA ARG B 61 -5.03 -20.70 61.62
C ARG B 61 -6.49 -20.27 61.60
N PHE B 62 -6.75 -19.14 60.94
CA PHE B 62 -8.11 -18.62 60.83
C PHE B 62 -8.70 -18.88 59.46
N SER B 63 -9.98 -19.23 59.42
CA SER B 63 -10.70 -19.40 58.15
C SER B 63 -12.17 -19.08 58.33
N GLY B 64 -12.85 -18.79 57.22
CA GLY B 64 -14.28 -18.47 57.28
C GLY B 64 -15.05 -19.11 56.14
N SER B 65 -16.37 -19.16 56.30
CA SER B 65 -17.21 -19.77 55.25
C SER B 65 -18.66 -19.40 55.49
N GLY B 66 -19.50 -19.66 54.50
CA GLY B 66 -20.94 -19.43 54.65
C GLY B 66 -21.54 -18.76 53.42
N SER B 67 -22.86 -18.67 53.42
CA SER B 67 -23.60 -18.02 52.35
C SER B 67 -25.01 -17.71 52.81
N GLY B 68 -25.69 -16.84 52.08
CA GLY B 68 -27.09 -16.59 52.38
C GLY B 68 -27.26 -15.98 53.77
N THR B 69 -27.87 -16.74 54.67
CA THR B 69 -28.18 -16.25 56.00
C THR B 69 -27.23 -16.76 57.08
N ASP B 70 -26.34 -17.69 56.76
CA ASP B 70 -25.54 -18.33 57.80
C ASP B 70 -24.05 -18.40 57.47
N PHE B 71 -23.24 -17.83 58.37
CA PHE B 71 -21.79 -17.78 58.22
C PHE B 71 -21.08 -18.25 59.48
N THR B 72 -19.82 -18.68 59.32
CA THR B 72 -19.05 -19.24 60.46
C THR B 72 -17.57 -18.91 60.41
N LEU B 73 -16.96 -18.56 61.55
CA LEU B 73 -15.52 -18.32 61.67
C LEU B 73 -14.87 -19.47 62.43
N THR B 74 -13.80 -20.02 61.88
CA THR B 74 -13.12 -21.15 62.50
C THR B 74 -11.70 -20.81 62.93
N ILE B 75 -11.37 -21.15 64.16
CA ILE B 75 -10.01 -21.03 64.68
C ILE B 75 -9.46 -22.43 64.95
N SER B 76 -8.49 -22.85 64.15
CA SER B 76 -8.07 -24.25 64.14
C SER B 76 -7.39 -24.69 65.42
N ARG B 77 -6.46 -23.88 65.91
CA ARG B 77 -5.73 -24.18 67.14
C ARG B 77 -5.49 -22.91 67.93
N LEU B 78 -6.14 -22.80 69.07
CA LEU B 78 -6.13 -21.54 69.79
C LEU B 78 -4.84 -21.28 70.53
N GLU B 79 -4.32 -20.06 70.39
CA GLU B 79 -3.22 -19.58 71.22
C GLU B 79 -3.81 -18.74 72.34
N PRO B 80 -3.02 -18.42 73.38
CA PRO B 80 -3.39 -17.57 74.49
C PRO B 80 -3.86 -16.19 74.02
N GLU B 81 -3.48 -15.82 72.80
CA GLU B 81 -3.82 -14.52 72.24
C GLU B 81 -5.20 -14.50 71.59
N ASP B 82 -5.75 -15.68 71.34
CA ASP B 82 -6.98 -15.80 70.55
C ASP B 82 -8.24 -15.71 71.39
N PHE B 83 -8.06 -15.60 72.69
CA PHE B 83 -9.22 -15.54 73.58
C PHE B 83 -9.73 -14.11 73.68
N ALA B 84 -10.31 -13.66 72.57
CA ALA B 84 -10.76 -12.29 72.41
C ALA B 84 -12.22 -12.25 72.02
N VAL B 85 -12.76 -11.05 71.82
CA VAL B 85 -14.11 -10.90 71.33
C VAL B 85 -14.12 -10.84 69.80
N TYR B 86 -15.05 -11.56 69.19
CA TYR B 86 -15.15 -11.56 67.74
C TYR B 86 -16.48 -11.00 67.28
N TYR B 87 -16.45 -10.29 66.16
CA TYR B 87 -17.67 -9.73 65.57
C TYR B 87 -17.80 -10.11 64.12
N CYS B 88 -19.04 -10.28 63.65
CA CYS B 88 -19.32 -10.36 62.22
C CYS B 88 -19.88 -9.02 61.76
N GLN B 89 -19.60 -8.65 60.52
CA GLN B 89 -20.03 -7.37 59.98
C GLN B 89 -20.61 -7.53 58.59
N GLN B 90 -21.70 -6.83 58.33
CA GLN B 90 -22.40 -6.92 57.06
C GLN B 90 -22.53 -5.56 56.41
N TYR B 91 -22.51 -5.54 55.09
CA TYR B 91 -22.84 -4.34 54.35
C TYR B 91 -24.08 -4.53 53.48
N GLY B 92 -24.90 -3.49 53.41
CA GLY B 92 -25.99 -3.48 52.45
C GLY B 92 -26.82 -2.22 52.57
N SER B 93 -27.50 -1.84 51.49
CA SER B 93 -28.39 -0.69 51.49
C SER B 93 -27.73 0.55 52.08
N SER B 94 -26.48 0.80 51.69
CA SER B 94 -25.75 2.00 52.07
C SER B 94 -25.51 2.10 53.58
N ALA B 95 -25.40 0.96 54.24
CA ALA B 95 -25.12 0.96 55.68
C ALA B 95 -24.27 -0.23 56.09
N TRP B 96 -23.52 -0.04 57.17
CA TRP B 96 -22.66 -1.09 57.71
C TRP B 96 -23.18 -1.51 59.08
N THR B 97 -23.36 -2.81 59.27
CA THR B 97 -23.96 -3.34 60.51
C THR B 97 -23.07 -4.39 61.16
N PHE B 98 -22.94 -4.32 62.47
CA PHE B 98 -22.14 -5.29 63.22
C PHE B 98 -23.03 -6.21 64.04
N GLY B 99 -22.56 -7.44 64.26
CA GLY B 99 -23.21 -8.37 65.18
C GLY B 99 -22.95 -7.92 66.62
N GLN B 100 -23.58 -8.60 67.58
CA GLN B 100 -23.47 -8.18 68.97
C GLN B 100 -22.14 -8.60 69.58
N GLY B 101 -21.48 -9.55 68.93
CA GLY B 101 -20.17 -9.99 69.36
C GLY B 101 -20.24 -11.24 70.25
N THR B 102 -19.18 -12.04 70.21
CA THR B 102 -19.05 -13.21 71.06
C THR B 102 -17.68 -13.24 71.71
N LYS B 103 -17.62 -13.68 72.96
CA LYS B 103 -16.35 -13.72 73.69
C LYS B 103 -15.81 -15.14 73.77
N VAL B 104 -14.56 -15.34 73.31
CA VAL B 104 -13.89 -16.63 73.40
C VAL B 104 -13.06 -16.72 74.69
N VAL C 1 0.59 1.59 56.86
CA VAL C 1 -0.60 2.37 57.19
C VAL C 1 -0.70 2.59 58.69
N GLN C 2 -0.92 3.85 59.08
CA GLN C 2 -1.18 4.22 60.48
C GLN C 2 -2.35 5.18 60.57
N LEU C 3 -3.18 4.99 61.59
CA LEU C 3 -4.23 5.94 61.92
C LEU C 3 -4.09 6.38 63.36
N VAL C 4 -3.87 7.68 63.57
CA VAL C 4 -3.59 8.20 64.91
C VAL C 4 -4.67 9.19 65.35
N GLN C 5 -5.28 8.91 66.48
CA GLN C 5 -6.40 9.71 66.95
C GLN C 5 -6.01 10.61 68.13
N SER C 6 -6.81 11.65 68.33
CA SER C 6 -6.63 12.57 69.44
C SER C 6 -6.90 11.89 70.79
N GLY C 7 -6.53 12.57 71.88
CA GLY C 7 -6.67 11.99 73.21
C GLY C 7 -8.10 12.07 73.74
N ALA C 8 -8.31 11.49 74.92
CA ALA C 8 -9.63 11.38 75.52
C ALA C 8 -10.20 12.73 75.92
N GLU C 9 -11.52 12.83 75.92
CA GLU C 9 -12.23 14.07 76.24
C GLU C 9 -13.33 13.85 77.26
N VAL C 10 -13.58 14.88 78.08
CA VAL C 10 -14.67 14.85 79.05
C VAL C 10 -15.59 16.06 78.87
N LYS C 11 -16.89 15.81 78.71
CA LYS C 11 -17.84 16.87 78.38
C LYS C 11 -19.13 16.80 79.21
N LYS C 12 -19.89 17.90 79.19
CA LYS C 12 -21.20 17.95 79.81
C LYS C 12 -22.30 17.92 78.74
N PRO C 13 -23.54 17.56 79.11
CA PRO C 13 -24.70 17.46 78.24
C PRO C 13 -24.97 18.77 77.49
N GLY C 14 -25.39 18.63 76.23
CA GLY C 14 -25.75 19.78 75.40
C GLY C 14 -24.55 20.34 74.65
N ALA C 15 -23.36 19.87 75.00
CA ALA C 15 -22.12 20.36 74.40
C ALA C 15 -21.80 19.63 73.11
N SER C 16 -20.66 19.99 72.51
CA SER C 16 -20.17 19.33 71.31
C SER C 16 -18.73 18.84 71.51
N VAL C 17 -18.39 17.74 70.85
CA VAL C 17 -17.04 17.18 70.91
C VAL C 17 -16.47 16.94 69.52
N LYS C 18 -15.18 17.18 69.35
CA LYS C 18 -14.52 16.94 68.07
C LYS C 18 -13.34 15.99 68.22
N VAL C 19 -13.34 14.92 67.43
CA VAL C 19 -12.26 13.94 67.45
C VAL C 19 -11.51 13.93 66.13
N SER C 20 -10.19 13.96 66.19
CA SER C 20 -9.38 13.98 64.98
C SER C 20 -8.72 12.63 64.72
N CYS C 21 -8.45 12.34 63.43
CA CYS C 21 -7.74 11.13 63.02
C CYS C 21 -6.74 11.45 61.91
N LYS C 22 -5.46 11.37 62.23
CA LYS C 22 -4.41 11.65 61.26
C LYS C 22 -3.97 10.38 60.57
N ALA C 23 -3.96 10.41 59.25
CA ALA C 23 -3.62 9.24 58.46
C ALA C 23 -2.25 9.38 57.84
N SER C 24 -1.54 8.27 57.71
CA SER C 24 -0.27 8.25 57.01
C SER C 24 0.03 6.88 56.42
N GLY C 25 0.91 6.84 55.43
CA GLY C 25 1.37 5.58 54.85
C GLY C 25 0.56 5.18 53.63
N TYR C 26 -0.36 6.04 53.20
CA TYR C 26 -1.18 5.77 52.03
C TYR C 26 -1.72 7.03 51.41
N THR C 27 -2.23 6.92 50.19
CA THR C 27 -2.85 8.06 49.51
C THR C 27 -4.17 8.40 50.19
N PHE C 28 -4.19 9.53 50.87
CA PHE C 28 -5.31 9.91 51.73
C PHE C 28 -6.63 9.96 50.99
N THR C 29 -6.61 10.52 49.79
CA THR C 29 -7.82 10.78 49.04
C THR C 29 -8.31 9.54 48.29
N GLY C 30 -7.59 8.44 48.42
CA GLY C 30 -7.95 7.22 47.72
C GLY C 30 -8.89 6.32 48.53
N TYR C 31 -9.19 6.73 49.76
CA TYR C 31 -10.01 5.93 50.65
C TYR C 31 -11.06 6.75 51.38
N TYR C 32 -12.14 6.10 51.79
CA TYR C 32 -13.13 6.75 52.65
C TYR C 32 -12.73 6.60 54.10
N MET C 33 -13.03 7.61 54.91
CA MET C 33 -12.83 7.50 56.34
C MET C 33 -14.16 7.32 57.06
N HIS C 34 -14.28 6.25 57.81
CA HIS C 34 -15.49 5.93 58.56
C HIS C 34 -15.29 6.14 60.04
N TRP C 35 -16.36 6.44 60.75
CA TRP C 35 -16.31 6.50 62.21
C TRP C 35 -17.21 5.45 62.83
N VAL C 36 -16.68 4.76 63.85
CA VAL C 36 -17.39 3.70 64.54
C VAL C 36 -17.36 3.93 66.05
N ARG C 37 -18.50 3.75 66.71
CA ARG C 37 -18.62 4.02 68.14
C ARG C 37 -18.80 2.75 68.96
N GLN C 38 -18.25 2.75 70.18
CA GLN C 38 -18.39 1.61 71.08
C GLN C 38 -18.63 2.03 72.53
N ALA C 39 -19.88 1.93 72.98
CA ALA C 39 -20.22 2.24 74.38
C ALA C 39 -19.65 1.15 75.29
N PRO C 40 -19.42 1.44 76.56
CA PRO C 40 -18.86 0.53 77.54
C PRO C 40 -19.64 -0.78 77.60
N GLY C 41 -18.93 -1.89 77.36
CA GLY C 41 -19.51 -3.21 77.46
C GLY C 41 -20.35 -3.59 76.24
N GLN C 42 -20.43 -2.67 75.28
CA GLN C 42 -21.27 -2.88 74.10
C GLN C 42 -20.44 -3.20 72.88
N GLY C 43 -21.12 -3.40 71.75
CA GLY C 43 -20.46 -3.75 70.50
C GLY C 43 -20.16 -2.50 69.67
N LEU C 44 -20.20 -2.65 68.36
CA LEU C 44 -19.78 -1.59 67.46
C LEU C 44 -20.92 -1.01 66.65
N GLU C 45 -20.97 0.31 66.55
CA GLU C 45 -21.97 1.00 65.76
C GLU C 45 -21.34 1.93 64.72
N TRP C 46 -21.80 1.82 63.48
CA TRP C 46 -21.31 2.68 62.41
C TRP C 46 -22.04 4.02 62.39
N MET C 47 -21.28 5.11 62.29
CA MET C 47 -21.86 6.44 62.36
C MET C 47 -22.00 7.12 61.00
N GLY C 48 -21.03 6.91 60.12
CA GLY C 48 -21.00 7.60 58.84
C GLY C 48 -19.62 7.57 58.20
N TRP C 49 -19.51 8.14 57.00
CA TRP C 49 -18.23 8.24 56.30
C TRP C 49 -18.03 9.58 55.63
N ILE C 50 -16.77 9.94 55.43
CA ILE C 50 -16.39 11.09 54.63
C ILE C 50 -15.40 10.72 53.53
N ASN C 51 -15.60 11.30 52.34
CA ASN C 51 -14.69 11.12 51.21
C ASN C 51 -13.88 12.40 50.96
N PRO C 52 -12.63 12.45 51.42
CA PRO C 52 -11.74 13.60 51.44
C PRO C 52 -11.58 14.29 50.08
N ILE C 53 -11.68 13.55 48.99
CA ILE C 53 -11.47 14.14 47.67
C ILE C 53 -12.62 15.05 47.28
N SER C 54 -13.82 14.69 47.70
CA SER C 54 -15.02 15.41 47.32
C SER C 54 -15.59 16.17 48.50
N SER C 55 -15.14 15.81 49.70
CA SER C 55 -15.70 16.29 50.95
C SER C 55 -17.17 15.86 51.09
N GLY C 56 -17.56 14.84 50.34
CA GLY C 56 -18.90 14.26 50.46
C GLY C 56 -18.99 13.36 51.67
N THR C 57 -20.18 13.28 52.25
CA THR C 57 -20.39 12.48 53.44
C THR C 57 -21.70 11.70 53.38
N SER C 58 -21.81 10.71 54.25
CA SER C 58 -23.07 10.03 54.49
C SER C 58 -23.14 9.59 55.94
N TYR C 59 -24.31 9.72 56.56
CA TYR C 59 -24.44 9.37 57.97
C TYR C 59 -25.54 8.36 58.21
N ALA C 60 -25.40 7.61 59.30
CA ALA C 60 -26.43 6.71 59.78
C ALA C 60 -27.64 7.50 60.25
N GLN C 61 -28.82 6.90 60.14
CA GLN C 61 -30.07 7.56 60.47
C GLN C 61 -30.10 8.06 61.92
N THR C 62 -29.41 7.35 62.80
CA THR C 62 -29.39 7.69 64.20
C THR C 62 -28.74 9.04 64.48
N PHE C 63 -27.75 9.40 63.67
CA PHE C 63 -26.96 10.60 63.92
C PHE C 63 -27.26 11.71 62.93
N GLN C 64 -28.26 11.51 62.09
CA GLN C 64 -28.56 12.51 61.07
C GLN C 64 -28.99 13.81 61.72
N GLY C 65 -28.21 14.87 61.47
CA GLY C 65 -28.49 16.18 62.05
C GLY C 65 -27.69 16.42 63.33
N ARG C 66 -27.13 15.35 63.90
CA ARG C 66 -26.36 15.47 65.13
C ARG C 66 -24.86 15.53 64.89
N VAL C 67 -24.42 14.86 63.82
CA VAL C 67 -22.99 14.71 63.58
C VAL C 67 -22.54 15.38 62.29
N THR C 68 -21.34 15.96 62.34
CA THR C 68 -20.71 16.53 61.17
C THR C 68 -19.30 15.95 60.99
N MET C 69 -18.96 15.58 59.77
CA MET C 69 -17.62 15.10 59.46
C MET C 69 -16.93 15.99 58.46
N THR C 70 -15.64 16.24 58.69
CA THR C 70 -14.84 17.08 57.81
C THR C 70 -13.46 16.46 57.61
N SER C 71 -12.72 16.99 56.65
CA SER C 71 -11.34 16.54 56.43
C SER C 71 -10.47 17.65 55.88
N ASP C 72 -9.17 17.53 56.10
CA ASP C 72 -8.19 18.47 55.59
C ASP C 72 -7.03 17.74 54.95
N THR C 73 -6.96 17.77 53.64
CA THR C 73 -6.00 16.98 52.90
C THR C 73 -4.58 17.47 53.10
N SER C 74 -4.41 18.73 53.49
CA SER C 74 -3.08 19.31 53.63
C SER C 74 -2.34 18.73 54.81
N ILE C 75 -3.08 18.11 55.72
CA ILE C 75 -2.50 17.47 56.87
C ILE C 75 -3.00 16.02 56.97
N THR C 76 -3.58 15.53 55.88
CA THR C 76 -4.16 14.19 55.83
C THR C 76 -4.86 13.81 57.13
N THR C 77 -5.81 14.65 57.55
CA THR C 77 -6.54 14.41 58.79
C THR C 77 -8.05 14.53 58.61
N ALA C 78 -8.78 13.61 59.24
CA ALA C 78 -10.24 13.66 59.25
C ALA C 78 -10.75 13.99 60.66
N TYR C 79 -11.90 14.66 60.71
CA TYR C 79 -12.50 15.04 61.98
C TYR C 79 -13.96 14.62 62.07
N MET C 80 -14.37 14.21 63.27
CA MET C 80 -15.79 13.93 63.54
C MET C 80 -16.27 14.80 64.70
N GLU C 81 -17.36 15.51 64.47
CA GLU C 81 -17.91 16.39 65.50
C GLU C 81 -19.36 16.01 65.84
N LEU C 82 -19.58 15.71 67.12
CA LEU C 82 -20.91 15.30 67.57
C LEU C 82 -21.50 16.35 68.52
N SER C 83 -22.68 16.86 68.17
CA SER C 83 -23.31 17.95 68.94
C SER C 83 -24.44 17.46 69.84
N ARG C 84 -24.93 18.36 70.70
CA ARG C 84 -26.05 18.07 71.59
C ARG C 84 -25.80 16.78 72.36
N LEU C 85 -24.65 16.72 73.02
CA LEU C 85 -24.21 15.49 73.67
C LEU C 85 -25.10 15.06 74.81
N ARG C 86 -25.23 13.75 74.97
CA ARG C 86 -25.98 13.15 76.06
C ARG C 86 -25.13 12.11 76.77
N SER C 87 -25.56 11.69 77.95
CA SER C 87 -24.77 10.75 78.75
C SER C 87 -24.53 9.43 78.04
N ASP C 88 -25.45 9.06 77.14
CA ASP C 88 -25.32 7.79 76.44
C ASP C 88 -24.45 7.91 75.20
N ASP C 89 -23.83 9.08 75.02
CA ASP C 89 -22.84 9.26 73.99
C ASP C 89 -21.46 8.92 74.52
N THR C 90 -21.40 8.50 75.78
CA THR C 90 -20.13 8.03 76.33
C THR C 90 -19.73 6.74 75.64
N ALA C 91 -18.54 6.76 75.04
CA ALA C 91 -18.07 5.65 74.23
C ALA C 91 -16.65 5.85 73.77
N VAL C 92 -16.03 4.80 73.30
CA VAL C 92 -14.79 4.92 72.54
C VAL C 92 -15.10 5.12 71.07
N TYR C 93 -14.54 6.14 70.47
CA TYR C 93 -14.78 6.45 69.07
C TYR C 93 -13.57 6.08 68.23
N TYR C 94 -13.81 5.38 67.13
CA TYR C 94 -12.73 4.95 66.24
C TYR C 94 -12.87 5.57 64.88
N CYS C 95 -11.74 5.85 64.24
CA CYS C 95 -11.69 6.08 62.79
C CYS C 95 -11.25 4.79 62.11
N ALA C 96 -11.82 4.52 60.95
CA ALA C 96 -11.48 3.31 60.22
C ALA C 96 -11.47 3.57 58.72
N ARG C 97 -10.60 2.87 58.02
CA ARG C 97 -10.45 3.07 56.59
C ARG C 97 -11.15 2.00 55.77
N ALA C 98 -11.75 2.42 54.67
CA ALA C 98 -12.36 1.50 53.72
C ALA C 98 -12.22 2.04 52.30
N ALA C 99 -12.29 1.17 51.31
CA ALA C 99 -12.21 1.59 49.91
C ALA C 99 -13.46 2.39 49.55
N PRO C 100 -13.37 3.21 48.51
CA PRO C 100 -14.46 3.95 47.90
C PRO C 100 -15.40 3.01 47.16
N PHE C 101 -16.58 3.51 46.82
CA PHE C 101 -17.63 2.69 46.25
C PHE C 101 -17.31 2.15 44.85
N TYR C 102 -16.34 2.76 44.19
CA TYR C 102 -16.00 2.33 42.85
C TYR C 102 -15.00 1.18 42.85
N ASP C 103 -14.64 0.71 44.04
CA ASP C 103 -13.73 -0.42 44.16
C ASP C 103 -14.34 -1.68 43.56
N PHE C 104 -13.64 -2.26 42.59
CA PHE C 104 -14.15 -3.38 41.82
C PHE C 104 -14.41 -4.61 42.67
N TRP C 105 -13.55 -4.83 43.66
CA TRP C 105 -13.65 -6.04 44.47
C TRP C 105 -14.34 -5.78 45.81
N SER C 106 -15.22 -4.78 45.83
CA SER C 106 -16.07 -4.52 46.99
C SER C 106 -15.29 -4.26 48.27
N GLY C 107 -14.20 -3.51 48.16
CA GLY C 107 -13.40 -3.17 49.32
C GLY C 107 -14.09 -2.13 50.19
N TYR C 108 -15.20 -1.62 49.70
CA TYR C 108 -15.95 -0.60 50.42
C TYR C 108 -16.80 -1.21 51.52
N SER C 109 -17.00 -2.53 51.45
CA SER C 109 -17.93 -3.21 52.34
C SER C 109 -17.35 -3.49 53.72
N TYR C 110 -16.05 -3.31 53.87
CA TYR C 110 -15.39 -3.64 55.13
C TYR C 110 -14.31 -2.64 55.49
N PHE C 111 -13.94 -2.61 56.76
CA PHE C 111 -12.94 -1.69 57.27
C PHE C 111 -11.62 -2.40 57.48
N ASP C 112 -10.59 -1.97 56.77
CA ASP C 112 -9.34 -2.71 56.76
C ASP C 112 -8.31 -2.19 57.76
N TYR C 113 -8.41 -0.92 58.12
CA TYR C 113 -7.50 -0.36 59.12
C TYR C 113 -8.24 0.45 60.16
N TRP C 114 -7.80 0.35 61.39
CA TRP C 114 -8.42 1.08 62.49
C TRP C 114 -7.41 1.91 63.23
N GLY C 115 -7.83 3.08 63.66
CA GLY C 115 -7.03 3.84 64.63
C GLY C 115 -7.36 3.31 66.00
N GLN C 116 -6.45 3.53 66.93
CA GLN C 116 -6.78 3.23 68.33
C GLN C 116 -7.74 4.31 68.82
N GLY C 117 -8.78 3.91 69.54
CA GLY C 117 -9.93 4.76 69.73
C GLY C 117 -9.71 5.93 70.69
N THR C 118 -10.62 6.91 70.64
CA THR C 118 -10.63 8.05 71.52
C THR C 118 -11.80 7.95 72.49
N LEU C 119 -11.50 7.95 73.77
CA LEU C 119 -12.54 7.83 74.78
C LEU C 119 -13.20 9.17 75.07
N VAL C 120 -14.52 9.22 74.90
CA VAL C 120 -15.27 10.42 75.21
C VAL C 120 -16.29 10.14 76.31
N THR C 121 -16.20 10.90 77.40
CA THR C 121 -17.13 10.76 78.51
C THR C 121 -18.01 11.99 78.63
N VAL C 122 -19.33 11.78 78.72
CA VAL C 122 -20.29 12.88 78.78
C VAL C 122 -21.02 12.85 80.13
N VAL D 1 36.02 21.31 15.04
CA VAL D 1 37.18 22.18 14.81
C VAL D 1 38.20 22.03 15.95
N ILE D 2 39.46 21.81 15.59
CA ILE D 2 40.55 21.70 16.55
C ILE D 2 41.27 23.02 16.69
N TRP D 3 41.35 23.52 17.92
CA TRP D 3 42.01 24.80 18.19
C TRP D 3 43.50 24.60 18.37
N MET D 4 44.30 25.39 17.65
CA MET D 4 45.75 25.28 17.74
C MET D 4 46.35 26.49 18.45
N THR D 5 47.23 26.22 19.40
CA THR D 5 47.90 27.27 20.18
C THR D 5 49.41 27.12 20.09
N GLN D 6 50.10 28.26 20.04
CA GLN D 6 51.56 28.25 20.04
C GLN D 6 52.14 29.14 21.14
N SER D 7 53.34 28.80 21.61
CA SER D 7 54.02 29.56 22.62
C SER D 7 55.51 29.39 22.51
N PRO D 8 56.31 30.48 22.54
CA PRO D 8 55.89 31.89 22.74
C PRO D 8 55.32 32.43 21.43
N SER D 9 54.58 33.53 21.52
CA SER D 9 54.15 34.18 20.29
C SER D 9 55.32 34.83 19.56
N SER D 10 56.36 35.14 20.31
CA SER D 10 57.56 35.75 19.77
C SER D 10 58.75 35.49 20.68
N LEU D 11 59.90 35.21 20.08
CA LEU D 11 61.12 35.02 20.87
C LEU D 11 62.33 35.62 20.17
N SER D 12 63.26 36.14 20.96
CA SER D 12 64.51 36.64 20.43
C SER D 12 65.63 35.65 20.71
N ALA D 13 66.49 35.44 19.73
CA ALA D 13 67.61 34.52 19.88
C ALA D 13 68.79 34.94 19.02
N SER D 14 69.99 34.62 19.48
CA SER D 14 71.21 34.95 18.75
C SER D 14 71.64 33.76 17.89
N VAL D 15 72.65 33.98 17.08
CA VAL D 15 73.19 32.91 16.26
C VAL D 15 73.92 31.90 17.16
N GLY D 16 73.55 30.64 17.03
CA GLY D 16 74.14 29.58 17.84
C GLY D 16 73.22 29.17 19.00
N ASP D 17 72.21 29.99 19.28
CA ASP D 17 71.28 29.69 20.36
C ASP D 17 70.33 28.56 19.98
N ARG D 18 69.86 27.84 21.00
CA ARG D 18 68.84 26.81 20.80
C ARG D 18 67.45 27.42 20.91
N VAL D 19 66.64 27.20 19.88
CA VAL D 19 65.30 27.77 19.85
C VAL D 19 64.22 26.70 19.89
N THR D 20 63.35 26.80 20.88
CA THR D 20 62.26 25.84 21.01
C THR D 20 60.90 26.53 20.91
N ILE D 21 60.03 25.98 20.08
CA ILE D 21 58.67 26.50 19.89
C ILE D 21 57.65 25.42 20.21
N THR D 22 56.70 25.75 21.08
CA THR D 22 55.67 24.80 21.49
C THR D 22 54.38 24.99 20.69
N CYS D 23 53.77 23.87 20.30
CA CYS D 23 52.45 23.86 19.66
C CYS D 23 51.54 22.88 20.36
N GLN D 24 50.34 23.32 20.70
CA GLN D 24 49.40 22.51 21.44
C GLN D 24 48.04 22.43 20.76
N ALA D 25 47.51 21.21 20.67
CA ALA D 25 46.19 20.99 20.10
C ALA D 25 45.15 20.79 21.19
N SER D 26 43.96 21.33 20.98
CA SER D 26 42.86 21.15 21.92
C SER D 26 42.32 19.72 21.90
N GLN D 27 42.68 18.98 20.85
CA GLN D 27 42.27 17.59 20.71
C GLN D 27 43.48 16.72 20.39
N ASP D 28 43.36 15.44 20.70
CA ASP D 28 44.42 14.50 20.35
C ASP D 28 44.46 14.28 18.85
N ILE D 29 45.55 14.73 18.21
CA ILE D 29 45.69 14.65 16.73
C ILE D 29 46.73 13.59 16.38
N ARG D 30 47.03 12.72 17.32
CA ARG D 30 48.07 11.71 17.11
C ARG D 30 49.40 12.35 16.70
N PHE D 31 49.90 12.04 15.50
CA PHE D 31 51.19 12.62 15.03
C PHE D 31 50.97 13.32 13.69
N TYR D 32 49.76 13.82 13.46
CA TYR D 32 49.44 14.42 12.19
C TYR D 32 49.61 15.94 12.21
N LEU D 33 50.85 16.37 12.42
CA LEU D 33 51.16 17.79 12.50
C LEU D 33 52.25 18.18 11.50
N ASN D 34 52.03 19.27 10.79
CA ASN D 34 53.03 19.86 9.90
C ASN D 34 53.63 21.11 10.52
N TRP D 35 54.92 21.36 10.24
CA TRP D 35 55.54 22.63 10.62
C TRP D 35 56.00 23.41 9.39
N TYR D 36 55.63 24.68 9.34
CA TYR D 36 55.98 25.56 8.23
C TYR D 36 56.86 26.72 8.66
N GLN D 37 57.69 27.19 7.73
CA GLN D 37 58.51 28.39 7.94
C GLN D 37 58.20 29.44 6.89
N GLN D 38 57.77 30.62 7.32
CA GLN D 38 57.41 31.67 6.38
C GLN D 38 58.24 32.94 6.57
N LYS D 39 58.78 33.43 5.47
CA LYS D 39 59.47 34.71 5.45
C LYS D 39 58.62 35.73 4.72
N PRO D 40 58.73 37.02 5.06
CA PRO D 40 57.92 38.11 4.55
C PRO D 40 57.88 38.12 3.02
N GLY D 41 56.68 38.18 2.46
CA GLY D 41 56.48 38.28 1.03
C GLY D 41 56.52 36.93 0.31
N LYS D 42 56.74 35.85 1.06
CA LYS D 42 56.85 34.52 0.45
C LYS D 42 55.82 33.55 0.99
N ALA D 43 55.48 32.55 0.18
CA ALA D 43 54.63 31.45 0.63
C ALA D 43 55.39 30.62 1.67
N PRO D 44 54.69 29.99 2.62
CA PRO D 44 55.22 29.08 3.63
C PRO D 44 55.95 27.90 3.03
N LYS D 45 57.05 27.50 3.67
CA LYS D 45 57.78 26.30 3.29
C LYS D 45 57.60 25.21 4.34
N LEU D 46 57.32 23.99 3.91
CA LEU D 46 57.19 22.89 4.85
C LEU D 46 58.57 22.39 5.30
N LEU D 47 58.75 22.27 6.61
CA LEU D 47 60.01 21.73 7.14
C LEU D 47 59.83 20.33 7.71
N ILE D 48 58.75 20.13 8.45
CA ILE D 48 58.51 18.85 9.12
C ILE D 48 57.09 18.35 8.90
N SER D 49 56.98 17.05 8.64
CA SER D 49 55.67 16.42 8.49
C SER D 49 55.53 15.25 9.45
N ASP D 50 54.30 14.80 9.67
CA ASP D 50 54.06 13.69 10.56
C ASP D 50 54.73 13.92 11.89
N ALA D 51 54.67 15.15 12.41
CA ALA D 51 55.26 15.50 13.70
C ALA D 51 56.79 15.56 13.68
N SER D 52 57.44 14.52 13.19
CA SER D 52 58.91 14.41 13.34
C SER D 52 59.68 14.02 12.08
N ASN D 53 58.98 13.85 10.96
CA ASN D 53 59.68 13.48 9.72
C ASN D 53 60.19 14.72 8.99
N MET D 54 61.49 14.74 8.73
CA MET D 54 62.11 15.89 8.09
C MET D 54 61.89 15.85 6.58
N GLU D 55 61.65 17.02 5.99
CA GLU D 55 61.53 17.12 4.55
C GLU D 55 62.91 17.09 3.88
N THR D 56 62.93 16.68 2.62
CA THR D 56 64.18 16.64 1.87
C THR D 56 64.68 18.06 1.62
N GLY D 57 65.96 18.28 1.91
CA GLY D 57 66.59 19.58 1.69
C GLY D 57 66.62 20.43 2.97
N VAL D 58 65.93 19.97 4.00
CA VAL D 58 65.90 20.70 5.26
C VAL D 58 67.15 20.39 6.10
N PRO D 59 67.90 21.42 6.54
CA PRO D 59 69.09 21.33 7.34
C PRO D 59 68.89 20.50 8.59
N SER D 60 69.93 19.76 8.98
CA SER D 60 69.88 18.83 10.09
C SER D 60 69.71 19.53 11.44
N ARG D 61 69.91 20.84 11.46
CA ARG D 61 69.75 21.61 12.68
C ARG D 61 68.28 21.73 13.08
N PHE D 62 67.38 21.44 12.14
CA PHE D 62 65.95 21.45 12.42
C PHE D 62 65.49 20.09 12.90
N SER D 63 64.61 20.07 13.88
CA SER D 63 64.03 18.83 14.38
C SER D 63 62.67 19.08 14.99
N GLY D 64 61.97 18.01 15.33
CA GLY D 64 60.69 18.13 15.99
C GLY D 64 60.22 16.79 16.53
N SER D 65 59.32 16.85 17.50
CA SER D 65 58.79 15.64 18.13
C SER D 65 57.50 15.93 18.86
N GLY D 66 56.84 14.88 19.33
CA GLY D 66 55.64 15.04 20.13
C GLY D 66 54.53 14.12 19.65
N SER D 67 53.53 13.94 20.49
CA SER D 67 52.41 13.08 20.16
C SER D 67 51.18 13.48 20.98
N GLY D 68 50.01 13.38 20.37
CA GLY D 68 48.77 13.66 21.06
C GLY D 68 48.41 15.13 20.97
N THR D 69 48.65 15.84 22.06
CA THR D 69 48.28 17.25 22.10
C THR D 69 49.50 18.19 22.18
N ASP D 70 50.64 17.67 22.64
CA ASP D 70 51.79 18.53 22.90
C ASP D 70 52.96 18.23 21.97
N PHE D 71 53.29 19.21 21.12
CA PHE D 71 54.34 19.06 20.13
C PHE D 71 55.40 20.14 20.27
N THR D 72 56.65 19.81 19.93
CA THR D 72 57.75 20.78 20.00
C THR D 72 58.55 20.85 18.71
N PHE D 73 58.86 22.07 18.29
CA PHE D 73 59.75 22.35 17.16
C PHE D 73 61.05 22.95 17.69
N THR D 74 62.18 22.42 17.22
CA THR D 74 63.47 22.88 17.74
C THR D 74 64.48 23.21 16.64
N ILE D 75 65.20 24.30 16.84
CA ILE D 75 66.39 24.61 16.06
C ILE D 75 67.62 24.51 16.96
N SER D 76 68.45 23.51 16.73
CA SER D 76 69.53 23.21 17.65
C SER D 76 70.59 24.31 17.70
N SER D 77 70.74 25.02 16.60
CA SER D 77 71.72 26.10 16.49
C SER D 77 71.26 27.13 15.47
N LEU D 78 70.62 28.19 15.94
CA LEU D 78 70.01 29.17 15.06
C LEU D 78 71.02 29.81 14.13
N GLN D 79 70.69 29.88 12.84
CA GLN D 79 71.51 30.57 11.87
C GLN D 79 70.82 31.86 11.42
N PRO D 80 71.55 32.81 10.83
CA PRO D 80 71.06 34.06 10.32
C PRO D 80 69.88 33.91 9.35
N GLU D 81 69.86 32.80 8.62
CA GLU D 81 68.83 32.56 7.63
C GLU D 81 67.56 31.93 8.22
N ASP D 82 67.57 31.69 9.53
CA ASP D 82 66.44 31.04 10.19
C ASP D 82 65.48 32.05 10.81
N ILE D 83 65.63 33.31 10.46
CA ILE D 83 64.74 34.34 10.98
C ILE D 83 63.45 34.36 10.18
N ALA D 84 62.38 33.85 10.78
CA ALA D 84 61.11 33.62 10.10
C ALA D 84 59.99 33.41 11.10
N THR D 85 58.76 33.41 10.62
CA THR D 85 57.61 33.05 11.46
C THR D 85 57.25 31.59 11.25
N TYR D 86 57.18 30.84 12.34
CA TYR D 86 56.90 29.42 12.26
C TYR D 86 55.46 29.10 12.60
N TYR D 87 54.86 28.21 11.80
CA TYR D 87 53.47 27.80 12.02
C TYR D 87 53.37 26.30 12.19
N CYS D 88 52.44 25.86 13.04
CA CYS D 88 52.07 24.44 13.12
C CYS D 88 50.69 24.24 12.51
N GLN D 89 50.46 23.10 11.88
CA GLN D 89 49.20 22.84 11.21
C GLN D 89 48.76 21.39 11.39
N GLN D 90 47.51 21.20 11.77
CA GLN D 90 46.98 19.85 11.95
C GLN D 90 46.18 19.42 10.75
N TYR D 91 46.33 18.16 10.38
CA TYR D 91 45.54 17.59 9.31
C TYR D 91 44.93 16.26 9.74
N ASP D 92 44.63 16.15 11.03
CA ASP D 92 43.97 14.96 11.56
C ASP D 92 42.53 14.91 11.05
N ASN D 93 41.88 16.07 11.01
CA ASN D 93 40.53 16.13 10.46
C ASN D 93 40.23 17.49 9.84
N LEU D 94 39.23 17.50 8.97
CA LEU D 94 38.78 18.72 8.32
C LEU D 94 37.73 19.41 9.18
N PRO D 95 37.75 20.75 9.23
CA PRO D 95 38.66 21.67 8.53
C PRO D 95 40.06 21.61 9.12
N PHE D 96 41.06 21.87 8.27
CA PHE D 96 42.44 21.95 8.71
C PHE D 96 42.70 23.30 9.35
N THR D 97 43.60 23.33 10.32
CA THR D 97 43.86 24.57 11.04
C THR D 97 45.34 24.85 11.21
N PHE D 98 45.70 26.14 11.22
CA PHE D 98 47.06 26.60 11.51
C PHE D 98 47.10 27.26 12.89
N GLY D 99 48.24 27.21 13.54
CA GLY D 99 48.43 27.93 14.80
C GLY D 99 48.67 29.41 14.54
N PRO D 100 48.69 30.24 15.59
CA PRO D 100 48.87 31.67 15.58
C PRO D 100 50.12 32.13 14.83
N GLY D 101 51.20 31.34 14.92
CA GLY D 101 52.46 31.71 14.30
C GLY D 101 53.42 32.28 15.35
N THR D 102 54.65 31.76 15.37
CA THR D 102 55.68 32.24 16.29
C THR D 102 56.78 32.98 15.56
N LYS D 103 56.99 34.22 15.93
CA LYS D 103 58.00 35.04 15.26
C LYS D 103 59.35 34.95 15.95
N VAL D 104 60.36 34.53 15.19
CA VAL D 104 61.72 34.48 15.71
C VAL D 104 62.54 35.63 15.15
N ASP D 105 63.19 36.38 16.02
CA ASP D 105 64.06 37.48 15.58
C ASP D 105 65.36 37.51 16.39
N PHE D 106 66.20 38.50 16.10
CA PHE D 106 67.53 38.61 16.76
C PHE D 106 67.41 39.35 18.08
N GLU E 1 60.12 21.57 -13.39
CA GLU E 1 59.76 22.66 -12.49
C GLU E 1 58.25 22.69 -12.23
N VAL E 2 57.88 22.64 -10.95
CA VAL E 2 56.48 22.69 -10.52
C VAL E 2 56.05 24.12 -10.25
N GLN E 3 54.94 24.52 -10.84
CA GLN E 3 54.44 25.87 -10.65
C GLN E 3 52.95 25.89 -10.33
N LEU E 4 52.56 26.86 -9.51
CA LEU E 4 51.16 27.19 -9.26
C LEU E 4 51.00 28.70 -9.36
N VAL E 5 50.14 29.14 -10.28
CA VAL E 5 50.01 30.57 -10.55
C VAL E 5 48.61 31.09 -10.32
N GLU E 6 48.43 31.87 -9.25
CA GLU E 6 47.15 32.48 -8.94
C GLU E 6 46.91 33.71 -9.79
N SER E 7 45.65 33.93 -10.16
CA SER E 7 45.26 35.14 -10.87
C SER E 7 43.79 35.46 -10.61
N GLY E 8 43.38 36.67 -10.95
CA GLY E 8 41.98 37.06 -10.81
C GLY E 8 41.74 37.91 -9.56
N GLY E 9 42.81 38.36 -8.91
CA GLY E 9 42.69 39.20 -7.73
C GLY E 9 42.29 40.61 -8.14
N GLY E 10 42.27 41.52 -7.18
CA GLY E 10 41.83 42.89 -7.48
C GLY E 10 41.02 43.50 -6.34
N VAL E 11 40.31 44.58 -6.64
CA VAL E 11 39.55 45.30 -5.64
C VAL E 11 38.06 45.26 -5.93
N VAL E 12 37.27 44.84 -4.95
CA VAL E 12 35.82 44.76 -5.11
C VAL E 12 35.11 45.45 -3.96
N GLN E 13 33.82 45.70 -4.14
CA GLN E 13 33.00 46.30 -3.11
C GLN E 13 32.40 45.22 -2.21
N PRO E 14 32.11 45.55 -0.94
CA PRO E 14 31.42 44.71 0.02
C PRO E 14 30.09 44.23 -0.54
N GLY E 15 29.84 42.94 -0.39
CA GLY E 15 28.61 42.32 -0.89
C GLY E 15 28.78 41.84 -2.33
N GLY E 16 29.93 42.16 -2.93
CA GLY E 16 30.19 41.79 -4.30
C GLY E 16 30.77 40.39 -4.41
N SER E 17 31.32 40.06 -5.57
CA SER E 17 31.87 38.73 -5.79
C SER E 17 33.13 38.78 -6.63
N LEU E 18 33.99 37.79 -6.44
CA LEU E 18 35.24 37.69 -7.19
C LEU E 18 35.62 36.23 -7.39
N ARG E 19 36.06 35.88 -8.59
CA ARG E 19 36.46 34.51 -8.88
C ARG E 19 37.96 34.41 -9.13
N LEU E 20 38.62 33.58 -8.34
CA LEU E 20 40.05 33.33 -8.49
C LEU E 20 40.31 32.07 -9.27
N SER E 21 41.46 32.02 -9.92
CA SER E 21 41.90 30.80 -10.58
C SER E 21 43.37 30.55 -10.33
N CYS E 22 43.78 29.28 -10.41
CA CYS E 22 45.16 28.88 -10.22
C CYS E 22 45.59 27.90 -11.31
N ALA E 23 46.55 28.33 -12.13
CA ALA E 23 47.04 27.49 -13.21
C ALA E 23 48.15 26.58 -12.71
N ALA E 24 47.96 25.28 -12.89
CA ALA E 24 48.92 24.30 -12.39
C ALA E 24 49.71 23.68 -13.53
N SER E 25 51.00 23.48 -13.30
CA SER E 25 51.85 22.79 -14.26
C SER E 25 53.06 22.16 -13.58
N GLY E 26 53.66 21.17 -14.25
CA GLY E 26 54.89 20.57 -13.77
C GLY E 26 54.63 19.34 -12.90
N PHE E 27 53.36 19.07 -12.63
CA PHE E 27 53.00 17.91 -11.82
C PHE E 27 51.65 17.36 -12.25
N THR E 28 51.34 16.15 -11.80
CA THR E 28 50.11 15.50 -12.21
C THR E 28 48.91 16.05 -11.45
N PHE E 29 48.46 17.22 -11.88
CA PHE E 29 47.41 17.96 -11.21
C PHE E 29 46.18 17.12 -10.91
N ASN E 30 45.78 16.30 -11.87
CA ASN E 30 44.52 15.58 -11.78
C ASN E 30 44.61 14.35 -10.88
N SER E 31 45.76 14.19 -10.22
CA SER E 31 45.92 13.10 -9.28
C SER E 31 45.90 13.58 -7.83
N TYR E 32 46.00 14.89 -7.62
CA TYR E 32 46.09 15.43 -6.27
C TYR E 32 44.87 16.24 -5.92
N GLY E 33 44.49 16.21 -4.65
CA GLY E 33 43.51 17.17 -4.13
C GLY E 33 44.19 18.52 -3.96
N MET E 34 43.40 19.58 -3.93
CA MET E 34 43.97 20.92 -3.83
C MET E 34 43.32 21.75 -2.74
N HIS E 35 44.10 22.67 -2.15
CA HIS E 35 43.62 23.53 -1.10
C HIS E 35 43.71 25.00 -1.47
N TRP E 36 42.83 25.79 -0.87
CA TRP E 36 43.03 27.24 -0.83
C TRP E 36 43.35 27.67 0.60
N VAL E 37 44.35 28.55 0.73
CA VAL E 37 44.77 29.11 2.01
C VAL E 37 44.89 30.62 1.87
N ARG E 38 44.43 31.36 2.87
CA ARG E 38 44.52 32.82 2.77
C ARG E 38 45.26 33.42 3.96
N GLN E 39 45.89 34.55 3.73
CA GLN E 39 46.59 35.26 4.80
C GLN E 39 46.31 36.75 4.77
N ALA E 40 45.55 37.22 5.77
CA ALA E 40 45.24 38.64 5.88
C ALA E 40 46.51 39.40 6.25
N PRO E 41 46.62 40.68 5.88
CA PRO E 41 47.73 41.55 6.19
C PRO E 41 48.03 41.54 7.68
N GLY E 42 49.25 41.18 8.05
CA GLY E 42 49.69 41.21 9.43
C GLY E 42 49.18 40.01 10.24
N LYS E 43 48.49 39.09 9.58
CA LYS E 43 47.90 37.94 10.26
C LYS E 43 48.56 36.63 9.85
N GLY E 44 48.20 35.55 10.54
CA GLY E 44 48.74 34.24 10.25
C GLY E 44 47.95 33.55 9.12
N LEU E 45 48.26 32.28 8.90
CA LEU E 45 47.65 31.52 7.81
C LEU E 45 46.29 30.98 8.21
N GLU E 46 45.34 31.01 7.28
CA GLU E 46 44.03 30.42 7.52
C GLU E 46 43.60 29.54 6.36
N TRP E 47 43.21 28.30 6.67
CA TRP E 47 42.75 27.35 5.66
C TRP E 47 41.35 27.72 5.19
N VAL E 48 41.12 27.65 3.87
CA VAL E 48 39.84 28.07 3.32
C VAL E 48 39.00 26.91 2.79
N ALA E 49 39.58 26.10 1.91
CA ALA E 49 38.80 25.04 1.25
C ALA E 49 39.68 23.92 0.69
N PHE E 50 39.06 22.77 0.47
CA PHE E 50 39.73 21.61 -0.11
C PHE E 50 38.83 20.86 -1.08
N ILE E 51 39.39 20.46 -2.21
CA ILE E 51 38.67 19.65 -3.20
C ILE E 51 39.45 18.40 -3.56
N ARG E 52 38.75 17.28 -3.70
CA ARG E 52 39.37 16.00 -4.05
C ARG E 52 39.82 15.94 -5.52
N TYR E 53 40.49 14.85 -5.91
CA TYR E 53 41.16 14.74 -7.21
C TYR E 53 40.21 14.69 -8.39
N ASP E 54 39.02 14.20 -8.17
CA ASP E 54 38.03 14.08 -9.25
C ASP E 54 37.11 15.29 -9.22
N GLY E 55 37.29 16.14 -8.22
CA GLY E 55 36.46 17.33 -8.07
C GLY E 55 35.12 16.97 -7.40
N GLY E 56 34.99 15.72 -7.00
CA GLY E 56 33.72 15.24 -6.47
C GLY E 56 33.36 15.79 -5.08
N ASN E 57 34.26 15.64 -4.12
CA ASN E 57 33.95 16.01 -2.73
C ASN E 57 34.62 17.34 -2.35
N LYS E 58 33.87 18.19 -1.67
CA LYS E 58 34.36 19.52 -1.36
C LYS E 58 34.20 19.87 0.11
N TYR E 59 35.20 20.54 0.66
CA TYR E 59 35.17 20.91 2.07
C TYR E 59 35.52 22.37 2.26
N TYR E 60 34.90 23.01 3.25
CA TYR E 60 35.11 24.43 3.50
C TYR E 60 35.34 24.73 4.96
N ALA E 61 36.06 25.81 5.23
CA ALA E 61 36.16 26.35 6.58
C ALA E 61 34.83 26.96 6.99
N ASP E 62 34.52 26.91 8.28
CA ASP E 62 33.25 27.42 8.78
C ASP E 62 33.08 28.91 8.51
N SER E 63 34.19 29.62 8.41
CA SER E 63 34.16 31.06 8.22
C SER E 63 33.77 31.47 6.79
N VAL E 64 33.84 30.53 5.85
CA VAL E 64 33.53 30.83 4.46
C VAL E 64 32.42 29.92 3.92
N LYS E 65 32.08 28.91 4.69
CA LYS E 65 31.10 27.93 4.27
C LYS E 65 29.78 28.59 3.91
N GLY E 66 29.29 28.31 2.71
CA GLY E 66 28.02 28.87 2.25
C GLY E 66 28.23 30.12 1.39
N ARG E 67 29.44 30.66 1.42
CA ARG E 67 29.75 31.86 0.65
C ARG E 67 30.78 31.57 -0.44
N PHE E 68 31.72 30.69 -0.13
CA PHE E 68 32.76 30.33 -1.10
C PHE E 68 32.48 28.97 -1.72
N THR E 69 32.78 28.84 -3.01
CA THR E 69 32.67 27.55 -3.71
C THR E 69 33.98 27.17 -4.37
N ILE E 70 34.40 25.93 -4.17
CA ILE E 70 35.63 25.44 -4.76
C ILE E 70 35.33 24.49 -5.90
N SER E 71 36.09 24.59 -6.97
CA SER E 71 35.91 23.71 -8.14
C SER E 71 37.21 23.53 -8.89
N ARG E 72 37.26 22.56 -9.78
CA ARG E 72 38.44 22.35 -10.59
C ARG E 72 38.10 21.82 -11.97
N ASP E 73 38.90 22.20 -12.96
CA ASP E 73 38.77 21.65 -14.30
C ASP E 73 40.04 20.88 -14.67
N ASN E 74 39.95 19.57 -14.66
CA ASN E 74 41.14 18.73 -14.82
C ASN E 74 41.62 18.68 -16.27
N SER E 75 40.84 19.23 -17.19
CA SER E 75 41.25 19.26 -18.59
C SER E 75 42.06 20.51 -18.87
N LYS E 76 42.04 21.46 -17.94
CA LYS E 76 42.76 22.72 -18.09
C LYS E 76 43.80 22.88 -17.00
N ASN E 77 43.92 21.87 -16.14
CA ASN E 77 44.80 21.91 -14.99
C ASN E 77 44.60 23.19 -14.19
N THR E 78 43.35 23.58 -14.00
CA THR E 78 43.08 24.84 -13.32
C THR E 78 42.13 24.68 -12.13
N LEU E 79 42.53 25.26 -11.01
CA LEU E 79 41.73 25.27 -9.79
C LEU E 79 41.02 26.61 -9.67
N TYR E 80 39.75 26.59 -9.23
CA TYR E 80 38.98 27.81 -9.10
C TYR E 80 38.43 28.02 -7.69
N LEU E 81 38.26 29.28 -7.32
CA LEU E 81 37.54 29.64 -6.11
C LEU E 81 36.56 30.77 -6.38
N GLN E 82 35.26 30.50 -6.21
CA GLN E 82 34.23 31.50 -6.43
C GLN E 82 33.76 32.08 -5.11
N MET E 83 34.01 33.37 -4.91
CA MET E 83 33.68 34.00 -3.64
C MET E 83 32.52 34.97 -3.79
N LYS E 84 31.44 34.70 -3.06
CA LYS E 84 30.26 35.56 -3.10
C LYS E 84 30.04 36.25 -1.76
N SER E 85 29.30 37.35 -1.78
CA SER E 85 28.99 38.10 -0.56
C SER E 85 30.25 38.43 0.22
N LEU E 86 31.27 38.92 -0.49
CA LEU E 86 32.54 39.24 0.12
C LEU E 86 32.43 40.32 1.18
N ARG E 87 33.12 40.11 2.30
CA ARG E 87 33.11 41.02 3.42
C ARG E 87 34.47 41.69 3.58
N ALA E 88 34.52 42.77 4.36
CA ALA E 88 35.78 43.44 4.62
C ALA E 88 36.79 42.47 5.24
N GLU E 89 36.28 41.53 6.04
CA GLU E 89 37.11 40.57 6.73
C GLU E 89 37.76 39.56 5.78
N ASP E 90 37.32 39.54 4.53
CA ASP E 90 37.84 38.60 3.55
C ASP E 90 39.07 39.15 2.83
N THR E 91 39.49 40.36 3.18
CA THR E 91 40.70 40.90 2.58
C THR E 91 41.89 40.06 3.00
N ALA E 92 42.59 39.51 2.01
CA ALA E 92 43.70 38.61 2.26
C ALA E 92 44.45 38.28 0.99
N VAL E 93 45.65 37.76 1.14
CA VAL E 93 46.35 37.13 0.02
C VAL E 93 45.96 35.68 -0.08
N TYR E 94 45.42 35.30 -1.23
CA TYR E 94 44.95 33.94 -1.43
C TYR E 94 45.98 33.10 -2.15
N TYR E 95 46.23 31.92 -1.61
CA TYR E 95 47.16 30.97 -2.20
C TYR E 95 46.42 29.71 -2.61
N CYS E 96 46.86 29.11 -3.71
CA CYS E 96 46.51 27.73 -4.03
C CYS E 96 47.69 26.85 -3.63
N ALA E 97 47.41 25.67 -3.10
CA ALA E 97 48.48 24.83 -2.60
C ALA E 97 48.13 23.36 -2.62
N ASN E 98 49.17 22.55 -2.71
CA ASN E 98 49.06 21.11 -2.53
C ASN E 98 49.74 20.75 -1.22
N LEU E 99 48.95 20.62 -0.15
CA LEU E 99 49.52 20.48 1.17
C LEU E 99 49.84 19.03 1.49
N LYS E 100 51.05 18.78 2.01
CA LYS E 100 51.42 17.41 2.35
C LYS E 100 50.49 16.85 3.43
N ASP E 101 49.88 15.71 3.14
CA ASP E 101 48.78 15.21 3.96
C ASP E 101 48.63 13.70 3.83
N SER E 102 49.02 12.97 4.87
CA SER E 102 49.03 11.53 4.85
C SER E 102 47.66 10.91 5.17
N ARG E 103 46.68 11.74 5.43
CA ARG E 103 45.37 11.20 5.80
C ARG E 103 44.29 11.37 4.74
N TYR E 104 44.31 12.49 4.05
CA TYR E 104 43.20 12.79 3.14
C TYR E 104 43.59 12.87 1.67
N SER E 105 44.49 13.78 1.33
CA SER E 105 44.82 13.97 -0.09
C SER E 105 45.81 12.94 -0.58
N GLY E 106 46.65 12.48 0.30
CA GLY E 106 47.64 11.49 -0.05
C GLY E 106 48.84 12.10 -0.78
N SER E 107 48.97 13.41 -0.68
CA SER E 107 50.07 14.10 -1.33
C SER E 107 51.35 13.94 -0.53
N TYR E 108 52.46 13.64 -1.18
CA TYR E 108 53.73 13.44 -0.43
C TYR E 108 54.64 14.64 -0.70
N TYR E 109 54.14 15.61 -1.46
CA TYR E 109 54.91 16.80 -1.78
C TYR E 109 54.13 18.04 -1.43
N ASP E 110 54.84 19.12 -1.10
CA ASP E 110 54.18 20.34 -0.67
C ASP E 110 54.46 21.49 -1.65
N TYR E 111 53.42 21.97 -2.32
CA TYR E 111 53.56 23.03 -3.33
C TYR E 111 52.71 24.24 -3.00
N TRP E 112 53.24 25.44 -3.25
CA TRP E 112 52.49 26.68 -3.06
C TRP E 112 52.66 27.60 -4.26
N GLY E 113 51.63 28.39 -4.55
CA GLY E 113 51.75 29.48 -5.53
C GLY E 113 52.29 30.74 -4.85
N GLN E 114 52.43 31.82 -5.63
CA GLN E 114 52.95 33.07 -5.08
C GLN E 114 51.89 33.85 -4.31
N GLY E 115 50.62 33.58 -4.61
CA GLY E 115 49.51 34.22 -3.93
C GLY E 115 49.00 35.45 -4.69
N THR E 116 47.72 35.74 -4.55
CA THR E 116 47.11 36.92 -5.18
C THR E 116 46.26 37.68 -4.18
N LEU E 117 46.37 39.01 -4.20
CA LEU E 117 45.69 39.84 -3.21
C LEU E 117 44.26 40.19 -3.62
N VAL E 118 43.34 39.91 -2.70
CA VAL E 118 41.94 40.29 -2.87
C VAL E 118 41.54 41.32 -1.83
N THR E 119 41.12 42.49 -2.27
CA THR E 119 40.75 43.57 -1.36
C THR E 119 39.27 43.89 -1.45
N VAL E 120 38.62 43.97 -0.30
CA VAL E 120 37.21 44.33 -0.24
C VAL E 120 37.07 45.71 0.41
N SER E 121 36.55 46.67 -0.36
CA SER E 121 36.47 48.06 0.08
C SER E 121 35.46 48.85 -0.77
N ALA F 27 -40.26 43.27 7.13
CA ALA F 27 -39.82 43.67 5.78
C ALA F 27 -38.61 42.84 5.33
N TYR F 28 -38.67 42.36 4.09
CA TYR F 28 -37.61 41.56 3.50
C TYR F 28 -37.24 42.07 2.12
N THR F 29 -35.99 41.86 1.75
CA THR F 29 -35.56 42.15 0.40
C THR F 29 -34.93 40.92 -0.20
N ASN F 30 -34.78 40.92 -1.50
CA ASN F 30 -34.05 39.84 -2.14
C ASN F 30 -32.64 40.30 -2.41
N SER F 31 -31.71 39.65 -1.75
CA SER F 31 -30.29 39.88 -2.11
C SER F 31 -29.99 38.96 -3.25
N PHE F 32 -29.85 39.51 -4.42
CA PHE F 32 -29.83 38.61 -5.58
C PHE F 32 -28.58 37.70 -5.54
N THR F 33 -27.41 38.29 -5.69
CA THR F 33 -26.17 37.53 -5.66
C THR F 33 -25.11 38.26 -4.78
N ARG F 34 -25.59 39.09 -3.86
CA ARG F 34 -24.73 39.86 -2.98
C ARG F 34 -24.14 39.01 -1.88
N GLY F 35 -23.00 39.47 -1.35
CA GLY F 35 -22.44 38.89 -0.13
C GLY F 35 -21.30 37.93 -0.43
N VAL F 36 -20.79 37.98 -1.64
CA VAL F 36 -19.69 37.14 -2.02
C VAL F 36 -18.36 37.79 -1.65
N TYR F 37 -17.49 37.03 -1.01
CA TYR F 37 -16.19 37.54 -0.57
C TYR F 37 -15.07 36.59 -0.96
N TYR F 38 -13.85 37.11 -1.00
CA TYR F 38 -12.68 36.31 -1.30
C TYR F 38 -12.38 35.33 -0.15
N PRO F 39 -12.55 34.03 -0.38
CA PRO F 39 -12.55 32.97 0.60
C PRO F 39 -11.18 32.77 1.27
N ASP F 40 -10.11 33.17 0.60
CA ASP F 40 -8.77 33.00 1.15
C ASP F 40 -7.78 34.01 0.57
N LYS F 41 -6.50 33.83 0.90
CA LYS F 41 -5.47 34.78 0.52
C LYS F 41 -4.63 34.28 -0.64
N VAL F 42 -5.13 33.28 -1.35
CA VAL F 42 -4.41 32.72 -2.48
C VAL F 42 -4.79 33.45 -3.76
N PHE F 43 -3.78 33.91 -4.49
CA PHE F 43 -4.03 34.58 -5.75
C PHE F 43 -4.33 33.58 -6.84
N ARG F 44 -5.42 33.82 -7.55
CA ARG F 44 -5.82 32.99 -8.67
C ARG F 44 -6.23 33.88 -9.81
N SER F 45 -6.03 33.43 -11.04
CA SER F 45 -6.46 34.20 -12.20
C SER F 45 -6.86 33.30 -13.36
N SER F 46 -7.76 33.80 -14.19
CA SER F 46 -8.22 33.07 -15.37
C SER F 46 -8.60 31.63 -15.03
N VAL F 47 -9.40 31.46 -14.00
CA VAL F 47 -9.74 30.11 -13.53
C VAL F 47 -11.08 30.09 -12.82
N LEU F 48 -11.80 28.97 -12.94
CA LEU F 48 -13.00 28.74 -12.16
C LEU F 48 -12.69 27.84 -10.98
N HIS F 49 -12.87 28.38 -9.77
CA HIS F 49 -12.48 27.66 -8.57
C HIS F 49 -13.68 27.30 -7.70
N SER F 50 -13.80 26.02 -7.35
CA SER F 50 -14.90 25.56 -6.51
C SER F 50 -14.48 25.50 -5.03
N THR F 51 -15.21 26.18 -4.17
CA THR F 51 -14.83 26.26 -2.77
C THR F 51 -15.98 26.05 -1.79
N GLN F 52 -15.68 25.47 -0.65
CA GLN F 52 -16.64 25.28 0.45
C GLN F 52 -16.45 26.32 1.56
N ASP F 53 -17.46 27.10 1.84
CA ASP F 53 -17.35 28.11 2.88
C ASP F 53 -18.73 28.68 3.28
N LEU F 54 -18.74 29.60 4.23
CA LEU F 54 -19.97 30.25 4.67
C LEU F 54 -20.29 31.45 3.81
N PHE F 55 -21.33 31.32 3.01
CA PHE F 55 -21.72 32.35 2.06
C PHE F 55 -23.18 32.69 2.22
N LEU F 56 -23.57 33.89 1.81
CA LEU F 56 -24.98 34.24 1.75
C LEU F 56 -25.61 33.57 0.52
N PRO F 57 -26.59 32.67 0.70
CA PRO F 57 -27.27 31.94 -0.36
C PRO F 57 -27.87 32.91 -1.37
N PHE F 58 -27.80 32.61 -2.66
CA PHE F 58 -28.34 33.53 -3.65
C PHE F 58 -29.86 33.57 -3.56
N PHE F 59 -30.41 34.77 -3.82
CA PHE F 59 -31.83 35.03 -3.80
C PHE F 59 -32.48 34.70 -2.44
N SER F 60 -31.69 34.74 -1.37
CA SER F 60 -32.20 34.57 -0.02
C SER F 60 -33.01 35.79 0.43
N ASN F 61 -33.83 35.59 1.47
CA ASN F 61 -34.59 36.69 2.08
C ASN F 61 -33.78 37.40 3.13
N VAL F 62 -33.39 38.63 2.86
CA VAL F 62 -32.61 39.47 3.74
C VAL F 62 -33.51 40.43 4.49
N THR F 63 -33.37 40.49 5.81
CA THR F 63 -34.27 41.32 6.60
C THR F 63 -33.94 42.78 6.46
N TRP F 64 -34.96 43.59 6.20
CA TRP F 64 -34.78 45.03 6.05
C TRP F 64 -35.23 45.77 7.31
N PHE F 65 -34.28 46.36 8.01
CA PHE F 65 -34.57 47.03 9.27
C PHE F 65 -34.64 48.54 9.10
N HIS F 66 -35.56 49.16 9.84
CA HIS F 66 -35.65 50.60 9.89
C HIS F 66 -35.47 51.09 11.32
N ALA F 67 -34.75 52.21 11.47
CA ALA F 67 -34.45 52.79 12.78
C ALA F 67 -33.96 54.22 12.61
N ASN F 81 -34.28 49.34 16.53
CA ASN F 81 -32.86 48.96 16.46
C ASN F 81 -32.57 47.78 17.42
N PRO F 82 -33.14 46.59 17.16
CA PRO F 82 -33.16 45.43 18.03
C PRO F 82 -31.82 44.72 18.10
N VAL F 83 -31.64 43.93 19.14
CA VAL F 83 -30.50 43.02 19.22
C VAL F 83 -30.78 41.77 18.41
N LEU F 84 -29.86 41.42 17.52
CA LEU F 84 -30.04 40.29 16.61
C LEU F 84 -29.06 39.18 16.95
N PRO F 85 -29.39 37.94 16.61
CA PRO F 85 -28.53 36.78 16.68
C PRO F 85 -27.41 36.91 15.65
N PHE F 86 -26.24 36.37 15.99
CA PHE F 86 -25.09 36.40 15.09
C PHE F 86 -25.01 35.11 14.30
N ASN F 87 -25.48 34.02 14.90
CA ASN F 87 -25.49 32.74 14.24
C ASN F 87 -24.08 32.32 13.78
N ASP F 88 -23.93 32.01 12.49
CA ASP F 88 -22.65 31.52 11.99
C ASP F 88 -21.91 32.59 11.20
N GLY F 89 -22.40 33.81 11.25
CA GLY F 89 -21.83 34.90 10.49
C GLY F 89 -22.91 35.78 9.93
N VAL F 90 -22.59 37.04 9.74
CA VAL F 90 -23.59 38.02 9.35
C VAL F 90 -23.22 38.82 8.11
N TYR F 91 -24.17 38.92 7.19
CA TYR F 91 -24.06 39.85 6.07
C TYR F 91 -24.80 41.13 6.41
N PHE F 92 -24.09 42.25 6.38
CA PHE F 92 -24.68 43.55 6.72
C PHE F 92 -24.50 44.53 5.59
N ALA F 93 -25.56 45.25 5.26
CA ALA F 93 -25.47 46.25 4.20
C ALA F 93 -26.29 47.48 4.54
N SER F 94 -25.81 48.65 4.13
CA SER F 94 -26.54 49.89 4.37
C SER F 94 -26.21 50.96 3.34
N THR F 95 -27.15 51.88 3.15
CA THR F 95 -26.95 53.01 2.25
C THR F 95 -26.89 54.32 3.03
N GLU F 96 -26.83 54.21 4.35
CA GLU F 96 -26.81 55.37 5.22
C GLU F 96 -25.42 55.98 5.32
N LYS F 97 -25.37 57.24 5.68
CA LYS F 97 -24.12 57.97 5.80
C LYS F 97 -23.29 57.48 6.99
N SER F 98 -21.98 57.78 6.95
CA SER F 98 -21.05 57.33 7.97
C SER F 98 -21.31 58.00 9.32
N ASN F 99 -22.08 59.08 9.32
CA ASN F 99 -22.42 59.76 10.56
C ASN F 99 -23.76 59.31 11.10
N ILE F 100 -24.34 58.28 10.45
CA ILE F 100 -25.59 57.70 10.92
C ILE F 100 -25.36 56.32 11.52
N ILE F 101 -24.65 55.46 10.79
CA ILE F 101 -24.25 54.17 11.32
C ILE F 101 -22.83 54.24 11.85
N ARG F 102 -22.69 54.12 13.15
CA ARG F 102 -21.41 54.37 13.82
C ARG F 102 -20.56 53.13 13.92
N GLY F 103 -21.22 51.99 14.02
CA GLY F 103 -20.48 50.75 14.21
C GLY F 103 -21.35 49.64 14.77
N TRP F 104 -20.72 48.66 15.39
CA TRP F 104 -21.43 47.47 15.88
C TRP F 104 -20.91 46.99 17.22
N ILE F 105 -21.77 46.33 17.97
CA ILE F 105 -21.35 45.60 19.16
C ILE F 105 -21.60 44.12 18.98
N PHE F 106 -20.56 43.31 19.23
CA PHE F 106 -20.69 41.86 19.14
C PHE F 106 -20.37 41.23 20.48
N GLY F 107 -21.14 40.22 20.86
CA GLY F 107 -20.85 39.52 22.11
C GLY F 107 -21.93 38.53 22.46
N THR F 108 -22.08 38.27 23.74
CA THR F 108 -23.04 37.32 24.26
C THR F 108 -24.10 38.02 25.08
N THR F 109 -23.78 38.32 26.33
CA THR F 109 -24.72 38.99 27.22
C THR F 109 -24.77 40.50 26.96
N LEU F 110 -23.75 40.99 26.28
CA LEU F 110 -23.68 42.40 25.91
C LEU F 110 -23.77 43.30 27.13
N ASP F 111 -23.16 42.86 28.24
CA ASP F 111 -23.13 43.63 29.47
C ASP F 111 -21.79 43.44 30.17
N SER F 112 -21.73 43.85 31.44
CA SER F 112 -20.47 43.89 32.17
C SER F 112 -20.02 42.52 32.67
N LYS F 113 -20.80 41.48 32.36
CA LYS F 113 -20.50 40.14 32.84
C LYS F 113 -19.49 39.38 31.95
N THR F 114 -19.41 39.79 30.69
CA THR F 114 -18.53 39.05 29.77
C THR F 114 -17.77 40.03 28.88
N GLN F 115 -16.76 39.53 28.20
CA GLN F 115 -16.04 40.31 27.20
C GLN F 115 -16.90 40.59 25.98
N SER F 116 -16.90 41.82 25.49
CA SER F 116 -17.63 42.18 24.28
C SER F 116 -16.74 42.93 23.30
N LEU F 117 -17.04 42.78 22.01
CA LEU F 117 -16.29 43.43 20.96
C LEU F 117 -16.99 44.69 20.49
N LEU F 118 -16.31 45.82 20.61
CA LEU F 118 -16.88 47.11 20.25
C LEU F 118 -16.15 47.73 19.07
N ILE F 119 -16.87 47.93 17.97
CA ILE F 119 -16.28 48.56 16.78
C ILE F 119 -16.94 49.91 16.53
N VAL F 120 -16.19 50.99 16.74
CA VAL F 120 -16.75 52.32 16.58
C VAL F 120 -15.93 53.19 15.64
N ASN F 121 -16.61 53.78 14.66
CA ASN F 121 -15.98 54.70 13.72
C ASN F 121 -16.20 56.14 14.13
N ASN F 122 -15.25 57.00 13.80
CA ASN F 122 -15.40 58.46 13.91
C ASN F 122 -14.80 59.15 12.70
N ALA F 123 -14.70 60.49 12.76
CA ALA F 123 -14.30 61.30 11.61
C ALA F 123 -12.89 60.99 11.09
N THR F 124 -12.02 60.47 11.95
CA THR F 124 -10.62 60.30 11.56
C THR F 124 -10.11 58.85 11.63
N ASN F 125 -10.75 58.03 12.45
CA ASN F 125 -10.24 56.67 12.67
C ASN F 125 -11.34 55.66 13.00
N VAL F 126 -10.92 54.40 13.16
CA VAL F 126 -11.79 53.37 13.70
C VAL F 126 -11.13 52.75 14.92
N VAL F 127 -11.90 52.61 16.00
CA VAL F 127 -11.38 52.03 17.23
C VAL F 127 -12.07 50.73 17.56
N ILE F 128 -11.28 49.67 17.68
CA ILE F 128 -11.81 48.36 18.01
C ILE F 128 -11.26 47.85 19.33
N LYS F 129 -12.15 47.57 20.27
CA LYS F 129 -11.71 47.12 21.58
C LYS F 129 -12.51 45.93 22.09
N VAL F 130 -11.86 45.10 22.90
CA VAL F 130 -12.56 44.03 23.61
C VAL F 130 -12.38 44.22 25.13
N CYS F 131 -13.48 44.45 25.83
CA CYS F 131 -13.48 44.75 27.27
C CYS F 131 -14.78 44.27 27.92
N GLU F 132 -14.79 44.35 29.26
CA GLU F 132 -16.01 44.14 30.03
C GLU F 132 -16.85 45.41 30.02
N PHE F 133 -17.46 45.68 28.88
CA PHE F 133 -18.19 46.91 28.66
C PHE F 133 -19.54 46.93 29.36
N GLN F 134 -19.88 48.07 29.93
CA GLN F 134 -21.24 48.34 30.34
C GLN F 134 -21.82 49.41 29.42
N PHE F 135 -22.74 49.00 28.57
CA PHE F 135 -23.24 49.85 27.53
C PHE F 135 -24.36 50.77 28.01
N CYS F 136 -24.41 51.98 27.46
CA CYS F 136 -25.40 52.97 27.85
C CYS F 136 -26.71 52.74 27.10
N ASN F 137 -27.83 53.01 27.77
CA ASN F 137 -29.17 52.86 27.17
C ASN F 137 -29.31 51.51 26.45
N ARG F 158 -19.23 57.79 24.23
CA ARG F 158 -20.68 58.01 24.23
C ARG F 158 -21.48 56.70 24.11
N VAL F 159 -20.78 55.58 23.87
CA VAL F 159 -21.41 54.28 23.72
C VAL F 159 -21.53 53.55 25.05
N TYR F 160 -20.48 53.63 25.87
CA TYR F 160 -20.41 52.88 27.12
C TYR F 160 -20.10 53.79 28.30
N SER F 161 -20.51 53.34 29.50
CA SER F 161 -20.17 54.05 30.72
C SER F 161 -18.88 53.53 31.34
N SER F 162 -18.53 52.27 31.03
CA SER F 162 -17.31 51.68 31.58
C SER F 162 -16.74 50.60 30.66
N ALA F 163 -15.46 50.29 30.86
CA ALA F 163 -14.76 49.28 30.06
C ALA F 163 -13.66 48.63 30.87
N ASN F 164 -14.01 47.62 31.67
CA ASN F 164 -13.06 46.98 32.57
C ASN F 164 -12.42 45.76 31.91
N ASN F 165 -11.25 45.34 32.39
CA ASN F 165 -10.59 44.13 31.89
C ASN F 165 -10.42 44.15 30.36
N CYS F 166 -9.84 45.21 29.84
CA CYS F 166 -9.60 45.29 28.41
C CYS F 166 -8.45 44.37 27.98
N THR F 167 -8.70 43.55 26.96
CA THR F 167 -7.72 42.56 26.52
C THR F 167 -7.23 42.82 25.10
N PHE F 168 -7.98 43.60 24.33
CA PHE F 168 -7.62 43.85 22.94
C PHE F 168 -7.91 45.28 22.53
N GLU F 169 -6.96 45.87 21.80
CA GLU F 169 -7.17 47.20 21.23
C GLU F 169 -6.52 47.30 19.85
N TYR F 170 -7.27 47.85 18.89
CA TYR F 170 -6.79 48.04 17.53
C TYR F 170 -7.29 49.35 16.97
N VAL F 171 -6.40 50.11 16.34
CA VAL F 171 -6.79 51.39 15.73
C VAL F 171 -6.29 51.48 14.29
N SER F 172 -7.19 51.87 13.38
CA SER F 172 -6.84 52.03 11.98
C SER F 172 -7.67 53.12 11.31
N GLN F 173 -7.76 53.06 9.99
CA GLN F 173 -8.53 54.04 9.23
C GLN F 173 -10.01 53.63 9.22
N PRO F 174 -10.93 54.59 9.03
CA PRO F 174 -12.37 54.42 9.08
C PRO F 174 -12.86 53.30 8.17
N PHE F 175 -13.82 52.52 8.66
CA PHE F 175 -14.44 51.46 7.88
C PHE F 175 -15.54 52.00 6.95
N LEU F 176 -16.22 53.08 7.38
CA LEU F 176 -17.30 53.70 6.61
C LEU F 176 -16.88 55.07 6.11
N PHE F 186 -27.49 60.02 -6.19
CA PHE F 186 -26.71 58.76 -6.18
C PHE F 186 -26.01 58.59 -4.83
N LYS F 187 -26.26 57.48 -4.14
CA LYS F 187 -25.61 57.20 -2.86
C LYS F 187 -24.54 56.12 -3.02
N ASN F 188 -24.01 55.67 -1.89
CA ASN F 188 -22.97 54.64 -1.90
C ASN F 188 -23.33 53.51 -0.94
N LEU F 189 -23.51 52.31 -1.50
CA LEU F 189 -23.86 51.15 -0.69
C LEU F 189 -22.63 50.55 -0.03
N ARG F 190 -22.73 50.32 1.28
CA ARG F 190 -21.64 49.72 2.02
C ARG F 190 -21.99 48.32 2.48
N GLU F 191 -21.18 47.35 2.11
CA GLU F 191 -21.45 45.96 2.48
C GLU F 191 -20.34 45.40 3.34
N PHE F 192 -20.73 44.67 4.39
CA PHE F 192 -19.79 44.04 5.31
C PHE F 192 -20.16 42.58 5.55
N VAL F 193 -19.14 41.76 5.76
CA VAL F 193 -19.36 40.38 6.21
C VAL F 193 -18.59 40.11 7.50
N PHE F 194 -19.29 39.64 8.52
CA PHE F 194 -18.69 39.38 9.82
C PHE F 194 -18.66 37.90 10.14
N LYS F 195 -17.47 37.36 10.34
CA LYS F 195 -17.30 35.95 10.72
C LYS F 195 -16.48 35.83 11.99
N ASN F 196 -16.70 34.77 12.75
CA ASN F 196 -15.94 34.54 13.98
C ASN F 196 -15.50 33.09 14.09
N ILE F 197 -14.31 32.80 13.58
CA ILE F 197 -13.85 31.42 13.48
C ILE F 197 -12.51 31.21 14.19
N ASP F 198 -12.48 30.26 15.11
CA ASP F 198 -11.26 29.88 15.82
C ASP F 198 -10.62 31.08 16.51
N GLY F 199 -11.43 31.97 17.05
CA GLY F 199 -10.93 33.10 17.82
C GLY F 199 -10.63 34.32 16.95
N TYR F 200 -10.72 34.16 15.63
CA TYR F 200 -10.42 35.28 14.70
C TYR F 200 -11.72 35.91 14.19
N PHE F 201 -11.88 37.21 14.43
CA PHE F 201 -13.03 37.94 13.91
C PHE F 201 -12.66 38.56 12.57
N LYS F 202 -13.24 38.02 11.51
CA LYS F 202 -12.88 38.39 10.15
C LYS F 202 -13.89 39.34 9.56
N ILE F 203 -13.42 40.46 9.04
CA ILE F 203 -14.30 41.42 8.41
C ILE F 203 -13.93 41.62 6.95
N TYR F 204 -14.94 41.51 6.08
CA TYR F 204 -14.79 41.79 4.65
C TYR F 204 -15.66 42.98 4.30
N SER F 205 -15.27 43.74 3.30
CA SER F 205 -16.09 44.90 2.92
C SER F 205 -15.96 45.33 1.47
N LYS F 206 -16.96 46.06 1.01
CA LYS F 206 -16.94 46.68 -0.31
C LYS F 206 -17.76 47.98 -0.30
N HIS F 207 -17.29 48.98 -1.05
CA HIS F 207 -18.01 50.25 -1.17
C HIS F 207 -18.29 50.57 -2.62
N THR F 208 -19.57 50.58 -3.00
CA THR F 208 -19.96 50.80 -4.39
C THR F 208 -21.09 51.82 -4.48
N PRO F 209 -21.20 52.54 -5.60
CA PRO F 209 -22.27 53.47 -5.93
C PRO F 209 -23.60 52.74 -6.12
N ILE F 210 -24.69 53.37 -5.66
CA ILE F 210 -26.01 52.78 -5.78
C ILE F 210 -27.06 53.80 -6.24
N ASN F 211 -27.96 53.38 -7.11
CA ASN F 211 -29.03 54.24 -7.60
C ASN F 211 -30.42 53.66 -7.28
N LEU F 212 -30.50 52.92 -6.18
CA LEU F 212 -31.75 52.31 -5.75
C LEU F 212 -32.22 52.89 -4.43
N VAL F 213 -33.52 52.83 -4.19
CA VAL F 213 -34.10 53.38 -2.96
C VAL F 213 -34.67 52.28 -2.03
N ARG F 214 -35.43 51.37 -2.63
CA ARG F 214 -36.19 50.43 -1.81
C ARG F 214 -35.62 48.99 -1.79
N ASP F 215 -34.57 48.71 -2.56
CA ASP F 215 -34.05 47.35 -2.66
C ASP F 215 -32.52 47.27 -2.70
N LEU F 216 -31.98 46.05 -2.76
CA LEU F 216 -30.53 45.81 -2.93
C LEU F 216 -30.14 45.80 -4.41
N PRO F 217 -28.88 46.18 -4.69
CA PRO F 217 -28.37 46.36 -6.03
C PRO F 217 -28.17 45.02 -6.71
N GLN F 218 -28.26 45.03 -8.02
CA GLN F 218 -28.04 43.85 -8.82
C GLN F 218 -26.64 43.86 -9.38
N GLY F 219 -26.19 42.70 -9.81
CA GLY F 219 -24.83 42.59 -10.35
C GLY F 219 -23.91 41.96 -9.33
N PHE F 220 -22.71 41.63 -9.78
CA PHE F 220 -21.80 40.88 -8.87
C PHE F 220 -20.63 41.74 -8.45
N SER F 221 -20.34 41.77 -7.15
CA SER F 221 -19.20 42.47 -6.60
C SER F 221 -18.67 41.73 -5.38
N ALA F 222 -17.42 41.29 -5.43
CA ALA F 222 -16.83 40.52 -4.34
C ALA F 222 -16.27 41.44 -3.26
N LEU F 223 -16.40 41.01 -2.01
CA LEU F 223 -15.93 41.75 -0.86
C LEU F 223 -14.52 41.33 -0.45
N GLU F 224 -13.66 42.32 -0.22
CA GLU F 224 -12.27 42.05 0.12
C GLU F 224 -12.08 42.05 1.63
N PRO F 225 -11.10 41.30 2.14
CA PRO F 225 -10.65 41.32 3.52
C PRO F 225 -10.30 42.72 3.96
N LEU F 226 -10.80 43.10 5.13
CA LEU F 226 -10.57 44.43 5.67
C LEU F 226 -9.64 44.36 6.86
N VAL F 227 -9.94 43.45 7.77
CA VAL F 227 -9.13 43.23 8.97
C VAL F 227 -9.37 41.84 9.53
N ASP F 228 -8.38 41.29 10.21
CA ASP F 228 -8.52 39.98 10.85
C ASP F 228 -8.02 40.05 12.30
N LEU F 229 -8.97 40.05 13.24
CA LEU F 229 -8.68 40.36 14.63
C LEU F 229 -8.63 39.11 15.53
N PRO F 230 -7.49 38.87 16.20
CA PRO F 230 -7.27 37.77 17.13
C PRO F 230 -7.86 38.09 18.51
N ILE F 231 -9.19 38.19 18.57
CA ILE F 231 -9.88 38.63 19.78
C ILE F 231 -10.05 37.48 20.80
N GLY F 232 -10.33 36.28 20.29
CA GLY F 232 -10.41 35.11 21.13
C GLY F 232 -11.68 35.02 22.00
N ILE F 233 -12.78 35.59 21.53
CA ILE F 233 -14.02 35.56 22.31
C ILE F 233 -15.18 34.96 21.48
N ASN F 234 -16.22 34.51 22.19
CA ASN F 234 -17.43 33.96 21.57
C ASN F 234 -18.45 35.06 21.30
N ILE F 235 -19.03 35.03 20.09
CA ILE F 235 -20.08 35.97 19.69
C ILE F 235 -21.35 35.23 19.30
N THR F 236 -22.46 35.58 19.95
CA THR F 236 -23.76 34.96 19.67
C THR F 236 -24.83 35.98 19.29
N ARG F 237 -24.63 37.23 19.70
CA ARG F 237 -25.59 38.30 19.42
C ARG F 237 -24.85 39.56 19.00
N PHE F 238 -25.52 40.43 18.28
CA PHE F 238 -24.91 41.71 17.94
C PHE F 238 -25.96 42.81 17.79
N GLN F 239 -25.51 44.06 17.86
CA GLN F 239 -26.40 45.21 17.68
C GLN F 239 -25.71 46.31 16.91
N THR F 240 -26.45 46.99 16.05
CA THR F 240 -25.90 48.10 15.28
C THR F 240 -25.96 49.40 16.06
N LEU F 241 -24.86 50.14 16.07
CA LEU F 241 -24.81 51.44 16.74
C LEU F 241 -25.18 52.56 15.79
N LEU F 242 -26.25 53.29 16.14
CA LEU F 242 -26.76 54.39 15.33
C LEU F 242 -26.58 55.72 16.04
N ALA F 264 -31.61 52.97 8.15
CA ALA F 264 -32.04 51.68 7.60
C ALA F 264 -30.84 50.82 7.20
N TYR F 265 -31.00 49.50 7.34
CA TYR F 265 -29.96 48.54 7.00
C TYR F 265 -30.53 47.15 6.75
N TYR F 266 -29.73 46.31 6.11
CA TYR F 266 -30.15 44.96 5.76
C TYR F 266 -29.29 43.93 6.47
N VAL F 267 -29.92 42.87 6.97
CA VAL F 267 -29.17 41.81 7.63
C VAL F 267 -29.52 40.42 7.08
N GLY F 268 -28.50 39.69 6.65
CA GLY F 268 -28.66 38.32 6.19
C GLY F 268 -27.73 37.40 6.97
N TYR F 269 -27.85 36.09 6.76
CA TYR F 269 -27.01 35.15 7.48
C TYR F 269 -26.31 34.17 6.55
N LEU F 270 -25.08 33.82 6.91
CA LEU F 270 -24.27 32.94 6.08
C LEU F 270 -24.58 31.48 6.34
N GLN F 271 -24.44 30.65 5.31
CA GLN F 271 -24.63 29.22 5.44
C GLN F 271 -23.50 28.48 4.75
N PRO F 272 -23.22 27.24 5.15
CA PRO F 272 -22.28 26.33 4.54
C PRO F 272 -22.77 25.90 3.18
N ARG F 273 -22.24 26.53 2.14
CA ARG F 273 -22.65 26.25 0.77
C ARG F 273 -21.44 25.90 -0.08
N THR F 274 -21.70 25.53 -1.33
CA THR F 274 -20.63 25.36 -2.29
C THR F 274 -20.79 26.34 -3.43
N PHE F 275 -19.74 27.13 -3.68
CA PHE F 275 -19.75 28.13 -4.74
C PHE F 275 -18.69 27.86 -5.80
N LEU F 276 -19.04 28.13 -7.05
CA LEU F 276 -18.06 28.16 -8.13
C LEU F 276 -17.71 29.62 -8.43
N LEU F 277 -16.46 29.99 -8.19
CA LEU F 277 -16.05 31.39 -8.33
C LEU F 277 -15.23 31.61 -9.59
N LYS F 278 -15.58 32.65 -10.35
CA LYS F 278 -14.87 32.96 -11.59
C LYS F 278 -13.86 34.09 -11.40
N TYR F 279 -12.58 33.75 -11.55
CA TYR F 279 -11.50 34.75 -11.45
C TYR F 279 -11.08 35.20 -12.83
N ASN F 280 -11.04 36.51 -13.03
CA ASN F 280 -10.63 37.04 -14.34
C ASN F 280 -9.10 37.12 -14.43
N GLU F 281 -8.60 37.72 -15.50
CA GLU F 281 -7.16 37.75 -15.76
C GLU F 281 -6.36 38.59 -14.75
N ASN F 282 -7.05 39.45 -13.98
CA ASN F 282 -6.42 40.27 -12.94
C ASN F 282 -6.59 39.67 -11.55
N GLY F 283 -7.22 38.48 -11.47
CA GLY F 283 -7.43 37.81 -10.22
C GLY F 283 -8.62 38.35 -9.44
N THR F 284 -9.53 39.02 -10.14
CA THR F 284 -10.73 39.55 -9.51
C THR F 284 -11.91 38.62 -9.75
N ILE F 285 -12.68 38.35 -8.71
CA ILE F 285 -13.87 37.53 -8.88
C ILE F 285 -14.95 38.36 -9.55
N THR F 286 -15.42 37.88 -10.70
CA THR F 286 -16.37 38.65 -11.50
C THR F 286 -17.75 37.99 -11.57
N ASP F 287 -17.81 36.74 -11.14
CA ASP F 287 -19.07 36.01 -11.14
C ASP F 287 -19.01 34.86 -10.15
N ALA F 288 -20.15 34.20 -9.94
CA ALA F 288 -20.22 33.06 -9.05
C ALA F 288 -21.49 32.25 -9.28
N VAL F 289 -21.41 30.94 -9.01
CA VAL F 289 -22.58 30.09 -9.04
C VAL F 289 -22.84 29.43 -7.69
N ASP F 290 -24.05 29.61 -7.18
CA ASP F 290 -24.49 28.91 -5.99
C ASP F 290 -25.01 27.53 -6.39
N CYS F 291 -24.24 26.48 -6.04
CA CYS F 291 -24.43 25.16 -6.60
C CYS F 291 -25.68 24.49 -6.10
N ALA F 292 -26.34 25.09 -5.12
CA ALA F 292 -27.56 24.53 -4.56
C ALA F 292 -28.76 25.40 -4.87
N LEU F 293 -28.57 26.39 -5.73
CA LEU F 293 -29.64 27.32 -6.07
C LEU F 293 -30.77 26.66 -6.87
N ASP F 294 -30.39 25.81 -7.81
CA ASP F 294 -31.33 25.19 -8.74
C ASP F 294 -30.59 24.18 -9.64
N PRO F 295 -31.32 23.31 -10.35
CA PRO F 295 -30.81 22.30 -11.27
C PRO F 295 -29.85 22.88 -12.32
N LEU F 296 -30.10 24.11 -12.76
CA LEU F 296 -29.21 24.72 -13.74
C LEU F 296 -27.84 25.03 -13.13
N SER F 297 -27.84 25.54 -11.90
CA SER F 297 -26.61 25.89 -11.21
C SER F 297 -25.76 24.64 -10.89
N GLU F 298 -26.44 23.55 -10.53
CA GLU F 298 -25.72 22.31 -10.28
C GLU F 298 -25.07 21.81 -11.56
N THR F 299 -25.74 21.97 -12.68
CA THR F 299 -25.16 21.56 -13.96
C THR F 299 -23.91 22.39 -14.24
N LYS F 300 -24.01 23.68 -14.00
CA LYS F 300 -22.88 24.57 -14.20
C LYS F 300 -21.69 24.20 -13.29
N CYS F 301 -21.97 23.86 -12.03
CA CYS F 301 -20.95 23.47 -11.06
C CYS F 301 -20.36 22.12 -11.38
N THR F 302 -21.20 21.20 -11.85
CA THR F 302 -20.70 19.89 -12.26
C THR F 302 -19.72 20.05 -13.43
N LEU F 303 -19.94 21.07 -14.26
CA LEU F 303 -19.12 21.27 -15.45
C LEU F 303 -17.89 22.20 -15.28
N LYS F 304 -17.78 22.91 -14.18
CA LYS F 304 -16.68 23.88 -14.11
C LYS F 304 -16.79 24.80 -15.32
N SER F 305 -18.01 25.20 -15.62
CA SER F 305 -18.28 26.12 -16.74
C SER F 305 -19.51 26.98 -16.43
N PHE F 306 -19.49 28.25 -16.83
CA PHE F 306 -20.58 29.17 -16.58
C PHE F 306 -21.60 29.20 -17.74
N THR F 307 -21.28 28.47 -18.81
CA THR F 307 -22.17 28.27 -19.94
C THR F 307 -22.45 26.78 -20.12
N VAL F 308 -23.69 26.42 -20.43
CA VAL F 308 -24.02 25.01 -20.70
C VAL F 308 -24.60 24.87 -22.11
N GLU F 309 -24.04 23.93 -22.88
CA GLU F 309 -24.55 23.63 -24.23
C GLU F 309 -25.79 22.75 -24.15
N LYS F 310 -26.58 22.75 -25.22
CA LYS F 310 -27.77 21.92 -25.28
C LYS F 310 -27.43 20.45 -25.07
N GLY F 311 -28.19 19.77 -24.23
CA GLY F 311 -28.00 18.35 -24.00
C GLY F 311 -28.56 17.87 -22.68
N ILE F 312 -28.26 16.62 -22.33
CA ILE F 312 -28.67 16.03 -21.07
C ILE F 312 -27.42 15.70 -20.26
N TYR F 313 -27.40 16.09 -18.98
CA TYR F 313 -26.21 15.93 -18.16
C TYR F 313 -26.52 15.28 -16.83
N GLN F 314 -25.70 14.31 -16.44
CA GLN F 314 -25.83 13.72 -15.10
C GLN F 314 -25.09 14.60 -14.11
N THR F 315 -25.80 15.05 -13.09
CA THR F 315 -25.24 16.04 -12.17
C THR F 315 -25.06 15.52 -10.76
N SER F 316 -25.90 14.56 -10.39
CA SER F 316 -25.90 14.06 -9.01
C SER F 316 -26.64 12.76 -8.90
N ASN F 317 -26.64 12.19 -7.71
CA ASN F 317 -27.46 11.02 -7.43
C ASN F 317 -28.44 11.34 -6.33
N PHE F 318 -29.64 10.79 -6.45
CA PHE F 318 -30.59 10.83 -5.34
C PHE F 318 -30.51 9.51 -4.58
N ARG F 319 -30.88 9.57 -3.30
CA ARG F 319 -30.91 8.38 -2.45
C ARG F 319 -31.81 8.63 -1.26
N VAL F 320 -32.73 7.72 -1.03
CA VAL F 320 -33.63 7.83 0.12
C VAL F 320 -32.92 7.52 1.42
N GLN F 321 -33.09 8.38 2.42
CA GLN F 321 -32.44 8.19 3.72
C GLN F 321 -33.35 7.41 4.69
N PRO F 322 -32.79 6.62 5.59
CA PRO F 322 -33.47 5.86 6.62
C PRO F 322 -34.28 6.77 7.56
N THR F 323 -35.53 6.39 7.75
CA THR F 323 -36.44 7.08 8.66
C THR F 323 -36.10 6.75 10.13
N GLU F 324 -35.75 5.52 10.41
CA GLU F 324 -35.45 5.14 11.78
C GLU F 324 -34.46 3.97 11.91
N SER F 325 -34.03 3.70 13.14
CA SER F 325 -33.14 2.60 13.47
C SER F 325 -33.89 1.55 14.25
N ILE F 326 -33.75 0.28 13.84
CA ILE F 326 -34.41 -0.78 14.60
C ILE F 326 -33.38 -1.82 15.05
N VAL F 327 -33.43 -2.15 16.35
CA VAL F 327 -32.53 -3.13 16.93
C VAL F 327 -33.25 -4.40 17.31
N ARG F 328 -32.72 -5.53 16.84
CA ARG F 328 -33.32 -6.81 17.13
C ARG F 328 -32.30 -7.82 17.64
N PHE F 329 -32.16 -7.90 18.97
CA PHE F 329 -31.29 -8.87 19.62
C PHE F 329 -32.13 -10.03 20.17
N PRO F 330 -31.50 -11.15 20.55
CA PRO F 330 -32.09 -12.26 21.28
C PRO F 330 -32.65 -11.75 22.60
N ASN F 331 -33.70 -12.41 23.10
CA ASN F 331 -34.39 -11.94 24.30
C ASN F 331 -33.98 -12.70 25.56
N ILE F 332 -32.75 -13.23 25.56
CA ILE F 332 -32.16 -13.84 26.78
C ILE F 332 -31.81 -12.76 27.79
N THR F 333 -31.80 -13.11 29.06
CA THR F 333 -31.60 -12.08 30.09
C THR F 333 -30.48 -12.41 31.08
N ASN F 334 -29.97 -13.63 31.04
CA ASN F 334 -28.94 -14.05 31.99
C ASN F 334 -27.61 -13.37 31.68
N LEU F 335 -26.95 -12.85 32.70
CA LEU F 335 -25.69 -12.14 32.51
C LEU F 335 -24.49 -13.09 32.46
N CYS F 336 -23.49 -12.74 31.63
CA CYS F 336 -22.26 -13.52 31.51
C CYS F 336 -21.45 -13.47 32.77
N PRO F 337 -20.94 -14.61 33.25
CA PRO F 337 -20.20 -14.82 34.47
C PRO F 337 -18.76 -14.35 34.37
N PHE F 338 -18.56 -13.07 34.07
CA PHE F 338 -17.21 -12.53 34.01
C PHE F 338 -16.64 -12.31 35.40
N GLY F 339 -17.50 -11.89 36.31
CA GLY F 339 -17.06 -11.61 37.67
C GLY F 339 -16.39 -12.81 38.31
N GLU F 340 -16.86 -14.00 37.95
CA GLU F 340 -16.32 -15.24 38.49
C GLU F 340 -14.88 -15.46 38.06
N VAL F 341 -14.53 -14.98 36.87
CA VAL F 341 -13.17 -15.10 36.37
C VAL F 341 -12.27 -14.10 37.08
N PHE F 342 -12.77 -12.89 37.25
CA PHE F 342 -12.00 -11.80 37.82
C PHE F 342 -11.77 -11.92 39.33
N ASN F 343 -12.76 -12.46 40.08
CA ASN F 343 -12.65 -12.50 41.52
C ASN F 343 -12.44 -13.90 42.08
N ALA F 344 -11.80 -14.77 41.26
CA ALA F 344 -11.35 -16.07 41.73
C ALA F 344 -10.27 -15.90 42.78
N THR F 345 -10.32 -16.74 43.81
CA THR F 345 -9.34 -16.69 44.88
C THR F 345 -7.96 -17.10 44.39
N ARG F 346 -7.92 -18.14 43.57
CA ARG F 346 -6.65 -18.67 43.08
C ARG F 346 -6.53 -18.53 41.58
N PHE F 347 -5.41 -17.95 41.15
CA PHE F 347 -5.08 -17.85 39.74
C PHE F 347 -4.04 -18.89 39.33
N ALA F 348 -4.07 -19.26 38.07
CA ALA F 348 -3.14 -20.23 37.53
C ALA F 348 -1.77 -19.64 37.26
N SER F 349 -0.76 -20.50 37.26
CA SER F 349 0.54 -20.16 36.69
C SER F 349 0.39 -19.96 35.19
N VAL F 350 1.26 -19.14 34.62
CA VAL F 350 1.16 -18.79 33.22
C VAL F 350 1.43 -19.98 32.29
N TYR F 351 2.31 -20.88 32.69
CA TYR F 351 2.62 -22.02 31.86
C TYR F 351 1.42 -22.98 31.82
N ALA F 352 0.61 -22.94 32.87
CA ALA F 352 -0.57 -23.78 33.00
C ALA F 352 -1.82 -22.91 33.06
N TRP F 353 -1.96 -22.01 32.10
CA TRP F 353 -3.00 -21.00 32.14
C TRP F 353 -4.40 -21.60 32.07
N ASN F 354 -5.34 -21.00 32.79
CA ASN F 354 -6.72 -21.47 32.79
C ASN F 354 -7.50 -20.88 31.64
N ARG F 355 -8.47 -21.65 31.13
CA ARG F 355 -9.40 -21.15 30.13
C ARG F 355 -10.83 -21.45 30.51
N LYS F 356 -11.69 -20.43 30.43
CA LYS F 356 -13.11 -20.60 30.64
C LYS F 356 -13.89 -20.21 29.39
N ARG F 357 -14.81 -21.07 28.99
CA ARG F 357 -15.66 -20.78 27.83
C ARG F 357 -16.95 -20.10 28.26
N ILE F 358 -17.28 -18.99 27.62
CA ILE F 358 -18.47 -18.22 27.94
C ILE F 358 -19.43 -18.18 26.76
N SER F 359 -20.68 -18.55 27.00
CA SER F 359 -21.68 -18.60 25.93
C SER F 359 -23.10 -18.44 26.47
N ASN F 360 -24.02 -18.14 25.56
CA ASN F 360 -25.45 -18.07 25.89
C ASN F 360 -25.75 -17.12 27.04
N CYS F 361 -25.34 -15.86 26.91
CA CYS F 361 -25.48 -14.88 27.98
C CYS F 361 -25.35 -13.44 27.46
N VAL F 362 -25.68 -12.50 28.33
CA VAL F 362 -25.54 -11.08 28.02
C VAL F 362 -24.26 -10.51 28.62
N ALA F 363 -23.45 -9.89 27.79
CA ALA F 363 -22.13 -9.43 28.19
C ALA F 363 -22.05 -7.91 28.24
N ASP F 364 -21.93 -7.37 29.45
CA ASP F 364 -21.74 -5.94 29.62
C ASP F 364 -20.27 -5.64 29.87
N TYR F 365 -19.61 -5.05 28.89
CA TYR F 365 -18.17 -4.87 28.95
C TYR F 365 -17.80 -3.50 29.51
N SER F 366 -18.79 -2.65 29.71
CA SER F 366 -18.51 -1.29 30.15
C SER F 366 -18.20 -1.25 31.62
N VAL F 367 -18.73 -2.24 32.35
CA VAL F 367 -18.48 -2.32 33.78
C VAL F 367 -17.01 -2.63 34.03
N LEU F 368 -16.39 -3.32 33.09
CA LEU F 368 -14.97 -3.62 33.20
C LEU F 368 -14.13 -2.45 32.70
N TYR F 369 -14.50 -1.90 31.55
CA TYR F 369 -13.70 -0.86 30.95
C TYR F 369 -13.71 0.43 31.76
N ASN F 370 -14.85 0.73 32.38
CA ASN F 370 -15.02 1.96 33.12
C ASN F 370 -14.56 1.82 34.55
N SER F 371 -14.02 0.66 34.89
CA SER F 371 -13.48 0.42 36.22
C SER F 371 -12.23 1.24 36.45
N ALA F 372 -11.97 1.56 37.71
CA ALA F 372 -10.75 2.26 38.09
C ALA F 372 -9.67 1.29 38.57
N SER F 373 -9.97 -0.02 38.52
CA SER F 373 -9.15 -1.00 39.18
C SER F 373 -8.10 -1.70 38.30
N PHE F 374 -8.17 -1.49 37.00
CA PHE F 374 -7.28 -2.21 36.08
C PHE F 374 -6.18 -1.28 35.53
N SER F 375 -4.94 -1.76 35.66
CA SER F 375 -3.78 -0.99 35.15
C SER F 375 -3.65 -1.14 33.67
N THR F 376 -4.10 -2.24 33.08
CA THR F 376 -4.05 -2.45 31.66
C THR F 376 -5.40 -2.88 31.12
N PHE F 377 -5.82 -2.27 30.03
CA PHE F 377 -7.01 -2.71 29.31
C PHE F 377 -6.83 -2.39 27.83
N LYS F 378 -6.34 -3.36 27.08
CA LYS F 378 -5.98 -3.13 25.69
C LYS F 378 -6.72 -4.09 24.75
N CYS F 379 -7.42 -3.52 23.77
CA CYS F 379 -8.20 -4.28 22.82
C CYS F 379 -7.57 -4.31 21.44
N TYR F 380 -7.73 -5.44 20.77
CA TYR F 380 -7.21 -5.66 19.43
C TYR F 380 -8.30 -6.16 18.52
N GLY F 381 -8.38 -5.60 17.32
CA GLY F 381 -9.36 -6.06 16.34
C GLY F 381 -10.74 -5.50 16.66
N VAL F 382 -10.82 -4.73 17.74
CA VAL F 382 -12.06 -4.17 18.21
C VAL F 382 -11.79 -3.01 19.15
N SER F 383 -12.66 -2.01 19.13
CA SER F 383 -12.58 -0.90 20.08
C SER F 383 -13.51 -1.16 21.27
N PRO F 384 -13.04 -0.90 22.50
CA PRO F 384 -13.71 -1.19 23.76
C PRO F 384 -15.05 -0.46 23.89
N THR F 385 -15.19 0.67 23.21
CA THR F 385 -16.40 1.47 23.31
C THR F 385 -17.51 0.91 22.43
N LYS F 386 -17.17 -0.05 21.59
CA LYS F 386 -18.12 -0.65 20.68
C LYS F 386 -18.50 -2.06 21.10
N LEU F 387 -17.88 -2.57 22.16
CA LEU F 387 -18.08 -3.96 22.55
C LEU F 387 -19.52 -4.25 22.91
N ASN F 388 -20.20 -3.27 23.50
CA ASN F 388 -21.56 -3.46 23.95
C ASN F 388 -22.57 -3.48 22.81
N ASP F 389 -22.10 -3.16 21.61
CA ASP F 389 -22.97 -3.16 20.44
C ASP F 389 -22.83 -4.45 19.66
N LEU F 390 -21.87 -5.29 20.03
CA LEU F 390 -21.50 -6.44 19.23
C LEU F 390 -22.06 -7.75 19.74
N CYS F 391 -22.18 -8.73 18.86
CA CYS F 391 -22.55 -10.10 19.20
C CYS F 391 -21.46 -11.06 18.71
N PHE F 392 -21.17 -12.06 19.55
CA PHE F 392 -20.14 -13.06 19.24
C PHE F 392 -20.70 -14.46 19.40
N THR F 393 -20.09 -15.42 18.71
CA THR F 393 -20.53 -16.81 18.81
C THR F 393 -20.03 -17.44 20.10
N ASN F 394 -18.81 -17.08 20.49
CA ASN F 394 -18.24 -17.54 21.75
C ASN F 394 -17.25 -16.55 22.32
N VAL F 395 -17.07 -16.56 23.63
CA VAL F 395 -16.01 -15.80 24.25
C VAL F 395 -15.15 -16.67 25.16
N TYR F 396 -13.85 -16.58 25.02
CA TYR F 396 -12.96 -17.29 25.93
C TYR F 396 -12.29 -16.33 26.89
N ALA F 397 -12.23 -16.73 28.16
CA ALA F 397 -11.53 -15.95 29.17
C ALA F 397 -10.37 -16.74 29.74
N ASP F 398 -9.15 -16.32 29.39
CA ASP F 398 -7.94 -16.97 29.87
C ASP F 398 -7.36 -16.18 31.02
N SER F 399 -6.83 -16.87 32.01
CA SER F 399 -6.29 -16.14 33.16
C SER F 399 -5.04 -16.78 33.77
N PHE F 400 -4.15 -15.93 34.26
CA PHE F 400 -2.87 -16.35 34.80
C PHE F 400 -2.15 -15.23 35.53
N VAL F 401 -1.03 -15.57 36.18
CA VAL F 401 -0.18 -14.58 36.84
C VAL F 401 1.22 -14.49 36.23
N ILE F 402 1.65 -13.26 35.95
CA ILE F 402 3.00 -12.95 35.49
C ILE F 402 3.54 -11.77 36.29
N ARG F 403 4.81 -11.44 36.10
CA ARG F 403 5.35 -10.25 36.76
C ARG F 403 5.13 -9.01 35.89
N GLY F 404 5.15 -7.83 36.53
CA GLY F 404 4.75 -6.60 35.89
C GLY F 404 5.46 -6.31 34.57
N ASP F 405 6.74 -6.60 34.50
CA ASP F 405 7.53 -6.31 33.32
C ASP F 405 7.11 -7.12 32.11
N GLU F 406 6.33 -8.16 32.35
CA GLU F 406 5.98 -9.11 31.30
C GLU F 406 4.63 -8.84 30.68
N VAL F 407 3.89 -7.87 31.21
CA VAL F 407 2.56 -7.62 30.71
C VAL F 407 2.57 -7.20 29.23
N ARG F 408 3.61 -6.47 28.84
CA ARG F 408 3.78 -6.06 27.45
C ARG F 408 3.90 -7.26 26.50
N GLN F 409 4.28 -8.42 27.01
CA GLN F 409 4.39 -9.58 26.16
C GLN F 409 3.03 -10.19 25.82
N ILE F 410 2.01 -9.81 26.56
CA ILE F 410 0.68 -10.33 26.29
C ILE F 410 -0.01 -9.44 25.26
N ALA F 411 0.46 -9.59 24.03
CA ALA F 411 -0.01 -8.82 22.88
C ALA F 411 0.43 -9.55 21.63
N PRO F 412 -0.23 -9.33 20.49
CA PRO F 412 0.14 -9.83 19.19
C PRO F 412 1.53 -9.34 18.77
N GLY F 413 2.32 -10.25 18.19
CA GLY F 413 3.59 -9.90 17.60
C GLY F 413 4.73 -9.75 18.62
N GLN F 414 4.55 -10.29 19.80
CA GLN F 414 5.56 -10.15 20.85
C GLN F 414 6.49 -11.36 20.92
N THR F 415 7.69 -11.10 21.45
CA THR F 415 8.65 -12.16 21.72
C THR F 415 9.13 -12.06 23.16
N GLY F 416 9.81 -13.13 23.61
CA GLY F 416 10.25 -13.20 25.01
C GLY F 416 9.77 -14.51 25.62
N LYS F 417 10.19 -14.78 26.84
CA LYS F 417 9.94 -16.09 27.43
C LYS F 417 8.45 -16.39 27.57
N ILE F 418 7.64 -15.37 27.84
CA ILE F 418 6.22 -15.60 28.05
C ILE F 418 5.51 -15.79 26.72
N ALA F 419 5.74 -14.88 25.80
CA ALA F 419 5.13 -14.98 24.48
C ALA F 419 5.59 -16.24 23.75
N ASP F 420 6.84 -16.64 23.99
CA ASP F 420 7.42 -17.76 23.26
C ASP F 420 7.09 -19.13 23.86
N TYR F 421 7.12 -19.25 25.18
CA TYR F 421 7.06 -20.56 25.81
C TYR F 421 5.85 -20.78 26.73
N ASN F 422 5.08 -19.74 27.00
CA ASN F 422 4.03 -19.85 27.99
C ASN F 422 2.64 -19.55 27.43
N TYR F 423 2.45 -18.34 26.93
CA TYR F 423 1.15 -17.93 26.42
C TYR F 423 1.29 -17.05 25.19
N LYS F 424 0.88 -17.58 24.04
CA LYS F 424 1.06 -16.92 22.77
C LYS F 424 -0.28 -16.50 22.16
N LEU F 425 -0.38 -15.24 21.78
CA LEU F 425 -1.54 -14.76 21.03
C LEU F 425 -1.25 -14.85 19.53
N PRO F 426 -2.29 -15.00 18.71
CA PRO F 426 -2.24 -14.96 17.26
C PRO F 426 -2.03 -13.54 16.78
N ASP F 427 -1.59 -13.40 15.53
CA ASP F 427 -1.31 -12.09 14.95
C ASP F 427 -2.58 -11.38 14.52
N ASP F 428 -3.61 -12.16 14.20
CA ASP F 428 -4.91 -11.63 13.83
C ASP F 428 -5.88 -11.70 15.01
N PHE F 429 -5.34 -11.53 16.21
CA PHE F 429 -6.10 -11.63 17.44
C PHE F 429 -7.21 -10.59 17.54
N THR F 430 -8.39 -11.04 17.94
CA THR F 430 -9.47 -10.15 18.28
C THR F 430 -9.90 -10.40 19.73
N GLY F 431 -9.78 -9.38 20.56
CA GLY F 431 -10.04 -9.54 21.99
C GLY F 431 -9.41 -8.43 22.81
N CYS F 432 -9.45 -8.58 24.14
CA CYS F 432 -8.94 -7.57 25.06
C CYS F 432 -8.05 -8.19 26.14
N VAL F 433 -6.98 -7.50 26.48
CA VAL F 433 -6.07 -7.92 27.54
C VAL F 433 -6.21 -7.03 28.76
N ILE F 434 -6.56 -7.63 29.89
CA ILE F 434 -6.82 -6.90 31.12
C ILE F 434 -5.90 -7.34 32.24
N ALA F 435 -5.25 -6.40 32.90
CA ALA F 435 -4.32 -6.77 33.97
C ALA F 435 -4.37 -5.79 35.14
N TRP F 436 -4.07 -6.30 36.33
CA TRP F 436 -3.99 -5.47 37.51
C TRP F 436 -2.97 -6.01 38.51
N ASN F 437 -2.42 -5.11 39.32
CA ASN F 437 -1.43 -5.46 40.33
C ASN F 437 -2.06 -6.24 41.47
N SER F 438 -1.46 -7.37 41.81
CA SER F 438 -2.00 -8.25 42.84
C SER F 438 -1.00 -8.49 43.96
N ASN F 439 -0.12 -7.52 44.19
CA ASN F 439 0.91 -7.63 45.21
C ASN F 439 0.30 -7.95 46.58
N ASN F 440 -0.90 -7.42 46.81
CA ASN F 440 -1.57 -7.58 48.10
C ASN F 440 -2.12 -9.00 48.30
N LEU F 441 -2.20 -9.77 47.22
CA LEU F 441 -2.77 -11.11 47.31
C LEU F 441 -1.74 -12.20 47.06
N ASP F 442 -0.83 -11.96 46.11
CA ASP F 442 0.01 -13.02 45.59
C ASP F 442 1.43 -13.03 46.17
N SER F 443 1.84 -11.95 46.83
CA SER F 443 3.16 -11.91 47.43
C SER F 443 3.12 -12.29 48.90
N LYS F 444 4.22 -12.83 49.39
CA LYS F 444 4.35 -13.09 50.83
C LYS F 444 5.80 -12.89 51.27
N VAL F 445 5.99 -12.70 52.56
CA VAL F 445 7.34 -12.52 53.10
C VAL F 445 8.12 -13.82 52.97
N GLY F 446 9.31 -13.72 52.38
CA GLY F 446 10.15 -14.89 52.13
C GLY F 446 9.95 -15.43 50.71
N GLY F 447 8.85 -15.04 50.09
CA GLY F 447 8.59 -15.39 48.71
C GLY F 447 7.48 -16.42 48.52
N ASN F 448 6.60 -16.13 47.57
CA ASN F 448 5.58 -17.07 47.12
C ASN F 448 6.08 -17.81 45.91
N TYR F 449 6.32 -19.11 46.06
CA TYR F 449 6.94 -19.90 45.01
C TYR F 449 5.93 -20.79 44.28
N ASN F 450 4.66 -20.49 44.46
CA ASN F 450 3.61 -21.25 43.79
C ASN F 450 3.46 -20.88 42.32
N TYR F 451 3.77 -19.63 41.98
CA TYR F 451 3.61 -19.17 40.61
C TYR F 451 4.86 -19.45 39.79
N ARG F 452 4.67 -20.15 38.68
CA ARG F 452 5.79 -20.59 37.87
C ARG F 452 5.62 -20.30 36.37
N TYR F 453 6.72 -20.33 35.65
CA TYR F 453 6.71 -20.12 34.21
C TYR F 453 7.73 -21.03 33.52
N ARG F 454 7.54 -21.25 32.23
CA ARG F 454 8.47 -22.06 31.45
C ARG F 454 9.63 -21.23 30.96
N LEU F 455 10.85 -21.72 31.22
CA LEU F 455 12.06 -21.01 30.90
C LEU F 455 12.73 -21.56 29.65
N PHE F 456 12.62 -22.86 29.43
CA PHE F 456 13.23 -23.49 28.25
C PHE F 456 12.22 -24.31 27.46
N ARG F 457 12.37 -24.27 26.14
CA ARG F 457 11.54 -25.12 25.28
C ARG F 457 12.21 -25.33 23.93
N LYS F 458 11.99 -26.49 23.34
CA LYS F 458 12.58 -26.84 22.04
C LYS F 458 12.15 -25.89 20.93
N SER F 459 10.90 -25.46 20.99
CA SER F 459 10.35 -24.58 19.97
C SER F 459 9.31 -23.66 20.58
N ASN F 460 8.97 -22.60 19.85
CA ASN F 460 7.94 -21.66 20.29
C ASN F 460 6.56 -22.30 20.22
N LEU F 461 5.68 -21.89 21.13
CA LEU F 461 4.30 -22.38 21.13
C LEU F 461 3.51 -21.76 19.97
N LYS F 462 2.55 -22.53 19.46
CA LYS F 462 1.57 -21.96 18.55
C LYS F 462 0.56 -21.17 19.38
N PRO F 463 -0.17 -20.23 18.77
CA PRO F 463 -1.17 -19.41 19.41
C PRO F 463 -2.19 -20.26 20.17
N PHE F 464 -2.42 -19.88 21.43
CA PHE F 464 -3.34 -20.56 22.32
C PHE F 464 -2.96 -22.02 22.60
N GLU F 465 -1.68 -22.35 22.42
CA GLU F 465 -1.19 -23.66 22.81
C GLU F 465 -0.81 -23.69 24.29
N ARG F 466 -1.04 -24.81 24.95
CA ARG F 466 -0.75 -24.98 26.36
C ARG F 466 0.23 -26.13 26.55
N ASP F 467 1.26 -25.91 27.36
CA ASP F 467 2.30 -26.91 27.64
C ASP F 467 2.57 -27.04 29.13
N ILE F 468 2.21 -28.18 29.72
CA ILE F 468 2.37 -28.37 31.16
C ILE F 468 3.28 -29.54 31.52
N SER F 469 4.08 -29.99 30.56
CA SER F 469 5.03 -31.08 30.82
C SER F 469 6.23 -30.58 31.60
N THR F 470 6.88 -31.48 32.33
CA THR F 470 8.04 -31.13 33.15
C THR F 470 9.28 -31.91 32.79
N GLU F 471 9.34 -32.42 31.56
CA GLU F 471 10.51 -33.19 31.11
C GLU F 471 11.77 -32.36 31.08
N ILE F 472 12.91 -33.02 31.26
CA ILE F 472 14.19 -32.34 31.27
C ILE F 472 14.57 -31.81 29.90
N TYR F 473 15.02 -30.56 29.87
CA TYR F 473 15.41 -29.89 28.63
C TYR F 473 16.85 -30.21 28.26
N GLN F 474 17.04 -30.65 27.02
CA GLN F 474 18.37 -30.98 26.54
C GLN F 474 18.98 -29.81 25.82
N ALA F 475 19.96 -29.18 26.46
CA ALA F 475 20.62 -28.00 25.89
C ALA F 475 21.80 -28.41 25.04
N GLY F 476 22.41 -29.54 25.40
CA GLY F 476 23.61 -30.01 24.69
C GLY F 476 23.27 -31.06 23.64
N SER F 477 24.30 -31.73 23.14
CA SER F 477 24.13 -32.76 22.12
C SER F 477 23.90 -34.14 22.73
N THR F 478 24.14 -34.24 24.03
CA THR F 478 24.04 -35.51 24.73
C THR F 478 22.70 -35.62 25.47
N PRO F 479 21.94 -36.71 25.26
CA PRO F 479 20.68 -37.05 25.90
C PRO F 479 20.78 -37.02 27.42
N CYS F 480 19.70 -36.61 28.08
CA CYS F 480 19.65 -36.44 29.53
C CYS F 480 19.10 -37.67 30.22
N ASN F 481 18.24 -38.40 29.52
CA ASN F 481 17.59 -39.58 30.08
C ASN F 481 16.81 -39.25 31.35
N GLY F 482 16.28 -38.03 31.41
CA GLY F 482 15.41 -37.65 32.51
C GLY F 482 16.19 -37.20 33.74
N VAL F 483 17.48 -36.99 33.60
CA VAL F 483 18.30 -36.57 34.73
C VAL F 483 18.77 -35.13 34.59
N GLU F 484 18.54 -34.34 35.63
CA GLU F 484 18.98 -32.97 35.65
C GLU F 484 20.47 -32.86 35.97
N GLY F 485 21.16 -31.99 35.24
CA GLY F 485 22.60 -31.79 35.44
C GLY F 485 23.17 -30.87 34.38
N PHE F 486 24.44 -31.07 34.04
CA PHE F 486 25.12 -30.22 33.08
C PHE F 486 24.46 -30.36 31.70
N ASN F 487 24.08 -29.23 31.10
CA ASN F 487 23.39 -29.18 29.82
C ASN F 487 22.02 -29.89 29.84
N CYS F 488 21.48 -30.13 31.05
CA CYS F 488 20.19 -30.79 31.24
C CYS F 488 19.39 -30.07 32.31
N TYR F 489 18.42 -29.27 31.89
CA TYR F 489 17.78 -28.33 32.81
C TYR F 489 16.35 -28.70 33.12
N PHE F 490 15.91 -28.37 34.31
CA PHE F 490 14.49 -28.40 34.64
C PHE F 490 13.82 -27.18 34.00
N PRO F 491 12.81 -27.37 33.15
CA PRO F 491 12.21 -26.41 32.24
C PRO F 491 11.48 -25.26 32.91
N LEU F 492 11.09 -25.42 34.17
CA LEU F 492 10.29 -24.40 34.84
C LEU F 492 11.07 -23.63 35.90
N GLN F 493 10.59 -22.43 36.22
CA GLN F 493 11.17 -21.62 37.28
C GLN F 493 10.08 -20.81 37.99
N SER F 494 10.33 -20.44 39.25
CA SER F 494 9.36 -19.68 40.03
C SER F 494 9.68 -18.20 40.05
N TYR F 495 8.64 -17.39 40.26
CA TYR F 495 8.81 -15.94 40.40
C TYR F 495 9.31 -15.58 41.80
N GLY F 496 8.78 -16.27 42.81
CA GLY F 496 9.18 -16.01 44.19
C GLY F 496 8.75 -14.61 44.63
N PHE F 497 7.47 -14.32 44.48
CA PHE F 497 6.97 -12.97 44.70
C PHE F 497 7.07 -12.55 46.16
N GLN F 498 7.65 -11.37 46.38
CA GLN F 498 7.77 -10.78 47.71
C GLN F 498 7.30 -9.33 47.67
N PRO F 499 6.63 -8.87 48.73
CA PRO F 499 5.92 -7.61 48.83
C PRO F 499 6.86 -6.40 48.69
N THR F 500 8.15 -6.62 48.90
CA THR F 500 9.13 -5.54 48.84
C THR F 500 9.78 -5.43 47.47
N ASN F 501 9.34 -6.26 46.54
CA ASN F 501 9.88 -6.22 45.18
C ASN F 501 9.55 -4.91 44.51
N GLY F 502 10.37 -4.52 43.55
CA GLY F 502 10.04 -3.37 42.68
C GLY F 502 8.83 -3.75 41.84
N VAL F 503 8.16 -2.74 41.29
CA VAL F 503 6.89 -2.98 40.62
C VAL F 503 7.00 -3.95 39.45
N GLY F 504 8.13 -3.92 38.77
CA GLY F 504 8.35 -4.79 37.62
C GLY F 504 8.45 -6.25 38.03
N TYR F 505 8.67 -6.48 39.32
CA TYR F 505 8.84 -7.81 39.84
C TYR F 505 7.67 -8.21 40.74
N GLN F 506 6.65 -7.37 40.81
CA GLN F 506 5.44 -7.69 41.55
C GLN F 506 4.51 -8.48 40.64
N PRO F 507 3.65 -9.33 41.22
CA PRO F 507 2.68 -10.15 40.54
C PRO F 507 1.55 -9.33 39.93
N TYR F 508 1.17 -9.68 38.71
CA TYR F 508 0.00 -9.12 38.06
C TYR F 508 -0.94 -10.21 37.61
N ARG F 509 -2.22 -10.03 37.91
CA ARG F 509 -3.24 -10.95 37.44
C ARG F 509 -3.74 -10.51 36.07
N VAL F 510 -3.77 -11.45 35.14
CA VAL F 510 -4.12 -11.13 33.78
C VAL F 510 -5.32 -11.94 33.30
N VAL F 511 -6.25 -11.26 32.66
CA VAL F 511 -7.37 -11.90 32.00
C VAL F 511 -7.39 -11.53 30.52
N VAL F 512 -7.39 -12.53 29.66
CA VAL F 512 -7.46 -12.30 28.22
C VAL F 512 -8.80 -12.74 27.67
N LEU F 513 -9.54 -11.82 27.06
CA LEU F 513 -10.83 -12.12 26.47
C LEU F 513 -10.72 -12.21 24.97
N SER F 514 -10.94 -13.39 24.41
CA SER F 514 -10.86 -13.58 22.97
C SER F 514 -12.25 -13.77 22.39
N PHE F 515 -12.56 -13.04 21.33
CA PHE F 515 -13.90 -13.01 20.77
C PHE F 515 -13.98 -13.84 19.51
N GLU F 516 -14.81 -14.88 19.54
CA GLU F 516 -14.96 -15.76 18.39
C GLU F 516 -16.14 -15.33 17.55
N LEU F 517 -15.87 -14.98 16.30
CA LEU F 517 -16.90 -14.46 15.40
C LEU F 517 -17.00 -15.29 14.12
N LEU F 518 -17.69 -16.43 14.22
CA LEU F 518 -17.85 -17.33 13.08
C LEU F 518 -19.20 -17.12 12.42
N HIS F 519 -19.37 -17.66 11.22
CA HIS F 519 -20.66 -17.61 10.53
C HIS F 519 -21.62 -18.58 11.18
N ALA F 520 -22.07 -18.23 12.38
CA ALA F 520 -22.89 -19.09 13.22
C ALA F 520 -23.72 -18.23 14.14
N PRO F 521 -24.79 -18.75 14.76
CA PRO F 521 -25.66 -18.05 15.66
C PRO F 521 -24.86 -17.46 16.80
N ALA F 522 -24.99 -16.16 17.00
CA ALA F 522 -24.28 -15.50 18.09
C ALA F 522 -24.97 -15.84 19.40
N THR F 523 -24.19 -16.17 20.42
CA THR F 523 -24.75 -16.58 21.70
C THR F 523 -24.42 -15.60 22.81
N VAL F 524 -23.43 -14.73 22.57
CA VAL F 524 -23.07 -13.72 23.54
C VAL F 524 -23.22 -12.33 22.93
N CYS F 525 -24.11 -11.52 23.50
CA CYS F 525 -24.40 -10.19 22.97
C CYS F 525 -24.34 -9.13 24.06
N GLY F 526 -24.03 -7.91 23.66
CA GLY F 526 -24.09 -6.79 24.58
C GLY F 526 -25.53 -6.52 24.99
N PRO F 527 -25.72 -5.63 25.97
CA PRO F 527 -26.97 -5.30 26.64
C PRO F 527 -27.81 -4.27 25.89
N LYS F 528 -27.70 -4.23 24.57
CA LYS F 528 -28.50 -3.30 23.79
C LYS F 528 -29.95 -3.75 23.74
N LYS F 529 -30.87 -2.84 24.04
CA LYS F 529 -32.29 -3.18 24.06
C LYS F 529 -32.88 -3.20 22.66
N SER F 530 -33.83 -4.09 22.45
CA SER F 530 -34.46 -4.23 21.16
C SER F 530 -35.63 -3.27 20.98
N THR F 531 -35.86 -2.88 19.75
CA THR F 531 -36.98 -2.03 19.36
C THR F 531 -38.02 -2.85 18.63
N ASN F 532 -39.15 -2.25 18.32
CA ASN F 532 -40.16 -2.91 17.50
C ASN F 532 -39.67 -3.03 16.05
N LEU F 533 -40.17 -4.03 15.35
CA LEU F 533 -39.81 -4.23 13.94
C LEU F 533 -40.62 -3.32 13.03
N VAL F 534 -39.95 -2.65 12.09
CA VAL F 534 -40.56 -1.74 11.13
C VAL F 534 -40.34 -2.19 9.68
N LYS F 535 -41.44 -2.38 8.96
CA LYS F 535 -41.38 -2.91 7.61
C LYS F 535 -41.93 -1.97 6.54
N ASN F 536 -41.49 -2.19 5.29
CA ASN F 536 -41.95 -1.46 4.11
C ASN F 536 -41.49 0.00 4.10
N LYS F 537 -40.48 0.29 4.90
CA LYS F 537 -39.88 1.61 4.99
C LYS F 537 -38.37 1.51 5.06
N CYS F 538 -37.72 2.62 4.67
CA CYS F 538 -36.25 2.70 4.71
C CYS F 538 -35.77 2.91 6.11
N VAL F 539 -35.08 1.92 6.67
CA VAL F 539 -34.61 2.00 8.06
C VAL F 539 -33.19 1.49 8.23
N ASN F 540 -32.56 1.90 9.29
CA ASN F 540 -31.32 1.28 9.73
C ASN F 540 -31.71 0.07 10.56
N PHE F 541 -30.92 -1.00 10.45
CA PHE F 541 -31.23 -2.19 11.22
C PHE F 541 -30.01 -2.80 11.86
N ASN F 542 -30.25 -3.55 12.93
CA ASN F 542 -29.21 -4.32 13.61
C ASN F 542 -29.78 -5.65 14.09
N PHE F 543 -29.53 -6.71 13.31
CA PHE F 543 -30.09 -8.02 13.63
C PHE F 543 -29.05 -8.94 14.24
N ASN F 544 -29.10 -9.07 15.55
CA ASN F 544 -28.16 -9.93 16.27
C ASN F 544 -26.72 -9.63 15.86
N GLY F 545 -26.41 -8.34 15.72
CA GLY F 545 -25.06 -7.92 15.40
C GLY F 545 -24.88 -7.51 13.94
N LEU F 546 -25.82 -7.90 13.08
CA LEU F 546 -25.72 -7.56 11.66
C LEU F 546 -26.34 -6.20 11.36
N THR F 547 -25.50 -5.25 10.99
CA THR F 547 -25.97 -3.89 10.77
C THR F 547 -26.07 -3.55 9.30
N GLY F 548 -26.98 -2.66 8.96
CA GLY F 548 -27.11 -2.18 7.58
C GLY F 548 -28.30 -1.24 7.41
N THR F 549 -28.53 -0.82 6.17
CA THR F 549 -29.62 0.08 5.84
C THR F 549 -30.44 -0.47 4.68
N GLY F 550 -31.76 -0.40 4.79
CA GLY F 550 -32.61 -0.86 3.70
C GLY F 550 -34.07 -1.01 4.12
N VAL F 551 -34.87 -1.53 3.19
CA VAL F 551 -36.29 -1.78 3.42
C VAL F 551 -36.54 -3.24 3.73
N LEU F 552 -37.29 -3.49 4.80
CA LEU F 552 -37.57 -4.86 5.22
C LEU F 552 -38.98 -5.27 4.84
N THR F 553 -39.11 -6.48 4.30
CA THR F 553 -40.42 -7.01 3.94
C THR F 553 -40.55 -8.48 4.30
N GLU F 554 -41.78 -8.97 4.39
CA GLU F 554 -42.01 -10.41 4.55
C GLU F 554 -41.46 -11.17 3.36
N SER F 555 -40.82 -12.30 3.64
CA SER F 555 -40.16 -13.07 2.59
C SER F 555 -40.87 -14.37 2.27
N ASN F 556 -40.78 -14.79 1.00
CA ASN F 556 -41.27 -16.09 0.59
C ASN F 556 -40.16 -17.14 0.58
N LYS F 557 -38.97 -16.76 1.03
CA LYS F 557 -37.82 -17.66 1.04
C LYS F 557 -37.99 -18.75 2.09
N LYS F 558 -37.88 -19.99 1.66
CA LYS F 558 -38.12 -21.13 2.55
C LYS F 558 -36.87 -21.53 3.30
N PHE F 559 -36.57 -20.81 4.37
CA PHE F 559 -35.41 -21.13 5.19
C PHE F 559 -35.66 -22.40 5.97
N LEU F 560 -34.61 -23.20 6.13
CA LEU F 560 -34.66 -24.33 7.04
C LEU F 560 -34.29 -23.84 8.44
N PRO F 561 -34.78 -24.49 9.49
CA PRO F 561 -34.71 -24.08 10.89
C PRO F 561 -33.30 -23.65 11.32
N PHE F 562 -32.28 -24.25 10.73
CA PHE F 562 -30.91 -23.93 11.10
C PHE F 562 -30.43 -22.62 10.47
N GLN F 563 -31.05 -22.23 9.35
CA GLN F 563 -30.60 -21.09 8.58
C GLN F 563 -31.02 -19.77 9.23
N GLN F 564 -30.07 -18.84 9.32
CA GLN F 564 -30.30 -17.59 10.01
C GLN F 564 -30.36 -16.39 9.06
N PHE F 565 -29.73 -16.51 7.90
CA PHE F 565 -29.68 -15.43 6.94
C PHE F 565 -29.32 -15.95 5.56
N GLY F 566 -29.59 -15.14 4.53
CA GLY F 566 -29.16 -15.46 3.18
C GLY F 566 -28.17 -14.42 2.65
N ARG F 567 -27.43 -14.79 1.61
CA ARG F 567 -26.44 -13.88 1.02
C ARG F 567 -26.52 -13.85 -0.50
N ASP F 568 -26.12 -12.72 -1.08
CA ASP F 568 -25.98 -12.58 -2.53
C ASP F 568 -24.53 -12.81 -2.96
N ILE F 569 -24.24 -12.61 -4.24
CA ILE F 569 -22.94 -12.90 -4.80
C ILE F 569 -21.87 -11.87 -4.38
N ALA F 570 -22.32 -10.75 -3.83
CA ALA F 570 -21.42 -9.70 -3.37
C ALA F 570 -21.10 -9.88 -1.89
N ASP F 571 -21.50 -11.03 -1.34
CA ASP F 571 -21.31 -11.33 0.07
C ASP F 571 -22.10 -10.37 0.96
N THR F 572 -23.24 -9.93 0.47
CA THR F 572 -24.13 -9.07 1.23
C THR F 572 -25.36 -9.84 1.66
N THR F 573 -25.76 -9.67 2.91
CA THR F 573 -26.96 -10.33 3.41
C THR F 573 -28.19 -9.74 2.75
N ASP F 574 -29.02 -10.60 2.17
CA ASP F 574 -30.22 -10.14 1.48
C ASP F 574 -31.49 -10.68 2.13
N ALA F 575 -31.31 -11.37 3.24
CA ALA F 575 -32.42 -11.89 4.02
C ALA F 575 -31.95 -12.28 5.41
N VAL F 576 -32.78 -12.05 6.40
CA VAL F 576 -32.45 -12.43 7.77
C VAL F 576 -33.61 -13.11 8.47
N ARG F 577 -33.30 -13.94 9.46
CA ARG F 577 -34.29 -14.42 10.39
C ARG F 577 -34.32 -13.53 11.62
N ASP F 578 -35.48 -13.03 11.97
CA ASP F 578 -35.64 -12.22 13.15
C ASP F 578 -35.48 -13.07 14.42
N PRO F 579 -34.53 -12.74 15.30
CA PRO F 579 -34.08 -13.52 16.43
C PRO F 579 -35.16 -13.73 17.50
N GLN F 580 -36.24 -12.94 17.44
CA GLN F 580 -37.28 -13.05 18.45
C GLN F 580 -38.55 -13.72 17.90
N THR F 581 -38.91 -13.38 16.67
CA THR F 581 -40.15 -13.90 16.09
C THR F 581 -39.88 -15.06 15.13
N LEU F 582 -38.62 -15.20 14.74
CA LEU F 582 -38.19 -16.24 13.81
C LEU F 582 -38.80 -16.08 12.42
N GLU F 583 -39.34 -14.89 12.16
CA GLU F 583 -39.86 -14.53 10.84
C GLU F 583 -38.72 -14.27 9.87
N ILE F 584 -38.91 -14.66 8.61
CA ILE F 584 -37.91 -14.40 7.58
C ILE F 584 -38.22 -13.11 6.84
N LEU F 585 -37.23 -12.22 6.79
CA LEU F 585 -37.38 -10.93 6.15
C LEU F 585 -36.43 -10.76 4.98
N ASP F 586 -36.92 -10.14 3.92
CA ASP F 586 -36.07 -9.74 2.80
C ASP F 586 -35.46 -8.38 3.06
N ILE F 587 -34.23 -8.19 2.61
CA ILE F 587 -33.60 -6.88 2.69
C ILE F 587 -33.29 -6.33 1.31
N THR F 588 -33.87 -5.18 0.99
CA THR F 588 -33.59 -4.50 -0.27
C THR F 588 -33.15 -3.08 0.03
N PRO F 589 -32.28 -2.49 -0.78
CA PRO F 589 -31.76 -1.16 -0.64
C PRO F 589 -32.85 -0.11 -0.84
N CYS F 590 -32.69 1.02 -0.16
CA CYS F 590 -33.59 2.16 -0.29
C CYS F 590 -33.38 2.81 -1.65
N SER F 591 -34.42 3.40 -2.21
CA SER F 591 -34.35 3.89 -3.59
C SER F 591 -33.17 4.83 -3.82
N PHE F 592 -32.49 4.63 -4.93
CA PHE F 592 -31.38 5.47 -5.35
C PHE F 592 -31.27 5.46 -6.86
N GLY F 593 -30.57 6.44 -7.40
CA GLY F 593 -30.36 6.50 -8.85
C GLY F 593 -29.78 7.83 -9.26
N GLY F 594 -29.50 7.97 -10.54
CA GLY F 594 -28.90 9.19 -11.06
C GLY F 594 -29.92 10.29 -11.29
N VAL F 595 -29.46 11.53 -11.19
CA VAL F 595 -30.25 12.68 -11.55
C VAL F 595 -29.61 13.37 -12.74
N SER F 596 -30.38 13.48 -13.82
CA SER F 596 -29.88 14.15 -15.01
C SER F 596 -30.70 15.37 -15.37
N VAL F 597 -30.04 16.42 -15.81
CA VAL F 597 -30.69 17.65 -16.15
C VAL F 597 -30.73 17.86 -17.66
N ILE F 598 -31.93 18.05 -18.18
CA ILE F 598 -32.14 18.28 -19.60
C ILE F 598 -32.25 19.76 -19.86
N THR F 599 -31.42 20.25 -20.75
CA THR F 599 -31.41 21.69 -20.97
C THR F 599 -31.15 22.02 -22.44
N PRO F 600 -31.78 23.08 -22.96
CA PRO F 600 -31.37 23.81 -24.14
C PRO F 600 -30.16 24.62 -23.73
N GLY F 601 -29.42 25.11 -24.69
CA GLY F 601 -28.21 25.85 -24.30
C GLY F 601 -28.59 27.04 -23.42
N THR F 602 -27.68 27.43 -22.54
CA THR F 602 -27.89 28.63 -21.71
C THR F 602 -27.90 29.89 -22.58
N ASN F 603 -27.41 29.75 -23.82
CA ASN F 603 -27.47 30.78 -24.83
C ASN F 603 -28.88 30.99 -25.37
N THR F 604 -29.79 30.02 -25.07
CA THR F 604 -31.16 30.03 -25.55
C THR F 604 -32.17 30.24 -24.41
N SER F 605 -31.95 29.55 -23.29
CA SER F 605 -32.91 29.60 -22.19
C SER F 605 -32.31 29.12 -20.87
N ASN F 606 -32.96 29.51 -19.78
CA ASN F 606 -32.57 29.03 -18.45
C ASN F 606 -33.51 27.94 -17.92
N GLN F 607 -34.44 27.50 -18.76
CA GLN F 607 -35.39 26.46 -18.35
C GLN F 607 -34.76 25.08 -18.45
N VAL F 608 -35.03 24.24 -17.47
CA VAL F 608 -34.54 22.87 -17.49
C VAL F 608 -35.62 21.87 -17.09
N ALA F 609 -35.42 20.62 -17.50
CA ALA F 609 -36.23 19.51 -17.02
C ALA F 609 -35.32 18.51 -16.32
N VAL F 610 -35.86 17.78 -15.35
CA VAL F 610 -35.04 16.84 -14.61
C VAL F 610 -35.53 15.41 -14.73
N LEU F 611 -34.62 14.51 -15.06
CA LEU F 611 -34.93 13.09 -15.12
C LEU F 611 -34.39 12.36 -13.91
N TYR F 612 -35.28 11.74 -13.15
CA TYR F 612 -34.89 10.92 -12.01
C TYR F 612 -34.85 9.48 -12.45
N GLN F 613 -33.65 8.96 -12.62
CA GLN F 613 -33.48 7.70 -13.32
C GLN F 613 -33.99 6.51 -12.52
N ASP F 614 -34.71 5.63 -13.21
CA ASP F 614 -35.14 4.36 -12.67
C ASP F 614 -36.19 4.43 -11.57
N VAL F 615 -36.73 5.60 -11.28
CA VAL F 615 -37.73 5.69 -10.21
C VAL F 615 -39.11 6.02 -10.73
N ASN F 616 -40.12 5.68 -9.99
CA ASN F 616 -41.49 6.12 -10.15
C ASN F 616 -41.63 7.62 -9.69
N CYS F 617 -42.55 8.30 -10.39
CA CYS F 617 -42.70 9.71 -10.05
C CYS F 617 -43.25 9.96 -8.66
N THR F 618 -43.73 8.90 -8.04
CA THR F 618 -44.34 9.00 -6.73
C THR F 618 -43.31 9.20 -5.61
N GLU F 619 -42.08 8.79 -5.85
CA GLU F 619 -41.06 8.77 -4.81
C GLU F 619 -40.08 9.93 -4.91
N VAL F 620 -40.33 10.81 -5.87
CA VAL F 620 -39.37 11.85 -6.20
C VAL F 620 -39.04 12.82 -5.04
N PRO F 621 -40.04 13.49 -4.39
CA PRO F 621 -39.84 14.52 -3.39
C PRO F 621 -39.32 13.92 -2.08
N ASN F 641 -46.43 18.87 -15.25
CA ASN F 641 -45.38 18.36 -16.14
C ASN F 641 -44.60 17.22 -15.49
N VAL F 642 -45.31 16.13 -15.17
CA VAL F 642 -44.70 14.92 -14.63
C VAL F 642 -45.04 13.71 -15.50
N PHE F 643 -44.02 13.05 -16.03
CA PHE F 643 -44.20 12.03 -17.04
C PHE F 643 -43.29 10.82 -16.80
N GLN F 644 -43.88 9.63 -16.73
CA GLN F 644 -43.11 8.42 -16.48
C GLN F 644 -42.61 7.80 -17.78
N THR F 645 -41.29 7.58 -17.86
CA THR F 645 -40.68 6.95 -19.02
C THR F 645 -39.90 5.72 -18.59
N ARG F 646 -39.47 4.92 -19.57
CA ARG F 646 -38.69 3.73 -19.28
C ARG F 646 -37.34 4.09 -18.65
N ALA F 647 -36.88 5.31 -18.91
CA ALA F 647 -35.61 5.79 -18.38
C ALA F 647 -35.74 6.28 -16.94
N GLY F 648 -36.97 6.48 -16.48
CA GLY F 648 -37.21 7.06 -15.16
C GLY F 648 -38.30 8.12 -15.21
N CYS F 649 -38.37 8.94 -14.17
CA CYS F 649 -39.41 9.96 -14.05
C CYS F 649 -38.92 11.31 -14.57
N LEU F 650 -39.63 11.86 -15.54
CA LEU F 650 -39.26 13.12 -16.12
C LEU F 650 -40.15 14.25 -15.61
N ILE F 651 -39.54 15.26 -15.02
CA ILE F 651 -40.28 16.38 -14.46
C ILE F 651 -39.83 17.71 -15.06
N GLY F 652 -40.80 18.51 -15.50
CA GLY F 652 -40.49 19.83 -16.02
C GLY F 652 -40.64 19.91 -17.54
N ALA F 653 -41.02 18.80 -18.15
CA ALA F 653 -41.23 18.76 -19.59
C ALA F 653 -42.68 18.40 -19.89
N GLU F 654 -43.25 19.09 -20.87
CA GLU F 654 -44.62 18.84 -21.28
C GLU F 654 -44.69 17.69 -22.27
N HIS F 655 -45.40 16.64 -21.91
CA HIS F 655 -45.51 15.48 -22.78
C HIS F 655 -46.57 15.70 -23.84
N VAL F 656 -46.21 15.52 -25.09
CA VAL F 656 -47.14 15.72 -26.19
C VAL F 656 -47.26 14.47 -27.04
N ASN F 657 -48.36 14.35 -27.80
CA ASN F 657 -48.61 13.21 -28.67
C ASN F 657 -48.06 13.42 -30.07
N ASN F 658 -47.61 14.65 -30.37
CA ASN F 658 -46.97 14.97 -31.64
C ASN F 658 -45.58 14.36 -31.68
N SER F 659 -45.10 14.08 -32.88
CA SER F 659 -43.80 13.44 -33.04
C SER F 659 -42.85 14.27 -33.88
N TYR F 660 -41.61 14.36 -33.44
CA TYR F 660 -40.60 15.17 -34.11
C TYR F 660 -39.30 14.43 -34.25
N GLU F 661 -38.38 14.98 -35.02
CA GLU F 661 -37.01 14.50 -35.06
C GLU F 661 -36.40 14.61 -33.66
N CYS F 662 -35.57 13.64 -33.29
CA CYS F 662 -34.96 13.61 -31.95
C CYS F 662 -33.98 14.76 -31.78
N ASP F 663 -34.17 15.52 -30.70
CA ASP F 663 -33.27 16.61 -30.37
C ASP F 663 -32.34 16.19 -29.24
N ILE F 664 -32.88 16.16 -28.02
CA ILE F 664 -32.13 15.62 -26.88
C ILE F 664 -32.70 14.27 -26.48
N PRO F 665 -31.93 13.19 -26.63
CA PRO F 665 -32.34 11.83 -26.37
C PRO F 665 -32.54 11.59 -24.89
N ILE F 666 -33.64 10.93 -24.54
CA ILE F 666 -33.89 10.52 -23.17
C ILE F 666 -33.70 9.03 -23.03
N GLY F 667 -34.31 8.27 -23.94
CA GLY F 667 -34.16 6.82 -23.98
C GLY F 667 -35.48 6.14 -24.30
N ALA F 668 -35.39 4.94 -24.87
CA ALA F 668 -36.57 4.15 -25.19
C ALA F 668 -37.55 4.90 -26.08
N GLY F 669 -37.01 5.67 -27.03
CA GLY F 669 -37.82 6.32 -28.02
C GLY F 669 -38.23 7.74 -27.65
N ILE F 670 -38.01 8.10 -26.39
CA ILE F 670 -38.41 9.42 -25.92
C ILE F 670 -37.28 10.43 -26.07
N CYS F 671 -37.60 11.58 -26.65
CA CYS F 671 -36.67 12.70 -26.80
C CYS F 671 -37.32 13.98 -26.27
N ALA F 672 -36.50 14.98 -25.99
CA ALA F 672 -37.00 16.27 -25.53
C ALA F 672 -36.44 17.40 -26.38
N SER F 673 -37.21 18.48 -26.48
CA SER F 673 -36.78 19.67 -27.22
C SER F 673 -37.41 20.93 -26.65
N TYR F 674 -36.83 22.08 -26.98
CA TYR F 674 -37.40 23.36 -26.56
C TYR F 674 -38.20 23.96 -27.72
N GLN F 675 -39.49 24.20 -27.48
CA GLN F 675 -40.42 24.66 -28.52
C GLN F 675 -41.28 25.82 -28.02
N GLN F 690 -42.32 29.78 -24.57
CA GLN F 690 -41.78 28.49 -24.98
C GLN F 690 -41.48 27.60 -23.77
N SER F 691 -41.47 26.29 -24.00
CA SER F 691 -41.27 25.31 -22.94
C SER F 691 -40.55 24.07 -23.46
N ILE F 692 -40.03 23.27 -22.54
CA ILE F 692 -39.45 21.98 -22.90
C ILE F 692 -40.55 20.94 -23.05
N ILE F 693 -40.52 20.22 -24.17
CA ILE F 693 -41.51 19.18 -24.42
C ILE F 693 -40.85 17.82 -24.54
N ALA F 694 -41.60 16.78 -24.22
CA ALA F 694 -41.14 15.41 -24.40
C ALA F 694 -42.06 14.69 -25.37
N TYR F 695 -41.50 13.86 -26.21
CA TYR F 695 -42.26 13.19 -27.26
C TYR F 695 -41.60 11.91 -27.72
N THR F 696 -42.38 11.05 -28.37
CA THR F 696 -41.81 9.91 -29.08
C THR F 696 -41.25 10.38 -30.41
N MET F 697 -39.99 10.02 -30.67
CA MET F 697 -39.29 10.50 -31.84
C MET F 697 -39.83 9.89 -33.13
N SER F 698 -39.78 10.68 -34.19
CA SER F 698 -40.14 10.21 -35.53
C SER F 698 -38.93 9.61 -36.21
N LEU F 699 -39.15 8.59 -37.03
CA LEU F 699 -38.06 7.98 -37.77
C LEU F 699 -37.96 8.54 -39.18
N GLY F 700 -38.88 9.44 -39.52
CA GLY F 700 -38.90 10.04 -40.86
C GLY F 700 -40.31 10.06 -41.43
N ALA F 701 -40.46 10.74 -42.56
CA ALA F 701 -41.75 10.85 -43.24
C ALA F 701 -42.12 9.53 -43.90
N GLU F 702 -43.39 9.18 -43.83
CA GLU F 702 -43.90 7.99 -44.50
C GLU F 702 -44.01 8.21 -46.00
N ASN F 703 -43.65 7.20 -46.77
CA ASN F 703 -43.64 7.31 -48.23
C ASN F 703 -44.05 6.01 -48.90
N SER F 704 -45.14 6.06 -49.65
CA SER F 704 -45.56 4.90 -50.42
C SER F 704 -45.06 4.99 -51.85
N VAL F 705 -44.27 4.02 -52.26
CA VAL F 705 -43.79 3.96 -53.64
C VAL F 705 -44.89 3.37 -54.50
N ALA F 706 -45.18 4.03 -55.61
CA ALA F 706 -46.27 3.60 -56.49
C ALA F 706 -45.87 2.41 -57.33
N TYR F 707 -45.69 1.28 -56.67
CA TYR F 707 -45.26 0.07 -57.34
C TYR F 707 -46.38 -0.56 -58.15
N SER F 708 -46.04 -1.02 -59.33
CA SER F 708 -46.89 -1.89 -60.12
C SER F 708 -45.99 -2.75 -60.98
N ASN F 709 -46.58 -3.72 -61.68
CA ASN F 709 -45.80 -4.67 -62.47
C ASN F 709 -45.47 -4.16 -63.87
N ASN F 710 -45.90 -2.93 -64.20
CA ASN F 710 -45.65 -2.34 -65.51
C ASN F 710 -45.37 -0.85 -65.44
N SER F 711 -45.00 -0.35 -64.27
CA SER F 711 -44.75 1.07 -64.09
C SER F 711 -43.31 1.34 -63.70
N ILE F 712 -42.67 2.25 -64.43
CA ILE F 712 -41.31 2.66 -64.11
C ILE F 712 -41.21 4.18 -64.02
N ALA F 713 -40.43 4.66 -63.07
CA ALA F 713 -40.17 6.10 -62.97
C ALA F 713 -38.77 6.42 -63.45
N ILE F 714 -38.66 7.41 -64.33
CA ILE F 714 -37.38 7.80 -64.89
C ILE F 714 -37.16 9.31 -64.71
N PRO F 715 -35.99 9.74 -64.21
CA PRO F 715 -35.57 11.12 -64.05
C PRO F 715 -35.55 11.83 -65.39
N THR F 716 -36.04 13.07 -65.41
CA THR F 716 -35.95 13.89 -66.61
C THR F 716 -34.93 15.02 -66.44
N ASN F 717 -34.40 15.15 -65.22
CA ASN F 717 -33.44 16.18 -64.86
C ASN F 717 -32.48 15.65 -63.80
N PHE F 718 -31.53 16.48 -63.39
CA PHE F 718 -30.58 16.11 -62.33
C PHE F 718 -30.05 17.35 -61.66
N THR F 719 -29.47 17.15 -60.48
CA THR F 719 -28.76 18.23 -59.81
C THR F 719 -27.36 17.78 -59.41
N ILE F 720 -26.40 18.68 -59.56
CA ILE F 720 -25.04 18.42 -59.08
C ILE F 720 -24.93 18.84 -57.62
N SER F 721 -24.61 17.85 -56.79
CA SER F 721 -24.57 18.07 -55.35
C SER F 721 -23.15 18.03 -54.81
N VAL F 722 -22.85 18.94 -53.90
CA VAL F 722 -21.58 18.92 -53.20
C VAL F 722 -21.78 18.82 -51.70
N THR F 723 -21.16 17.81 -51.09
CA THR F 723 -21.29 17.60 -49.66
C THR F 723 -19.92 17.48 -48.99
N THR F 724 -19.88 17.75 -47.69
CA THR F 724 -18.64 17.68 -46.94
C THR F 724 -18.54 16.42 -46.12
N GLU F 725 -17.34 15.88 -46.03
CA GLU F 725 -17.04 14.80 -45.09
C GLU F 725 -15.79 15.14 -44.30
N ILE F 726 -15.90 15.09 -42.97
CA ILE F 726 -14.81 15.51 -42.11
C ILE F 726 -14.26 14.36 -41.28
N LEU F 727 -12.96 14.12 -41.39
CA LEU F 727 -12.32 13.04 -40.65
C LEU F 727 -11.07 13.54 -39.91
N PRO F 728 -10.88 13.11 -38.66
CA PRO F 728 -9.66 13.20 -37.88
C PRO F 728 -8.53 12.43 -38.53
N VAL F 729 -7.33 12.98 -38.49
CA VAL F 729 -6.17 12.29 -39.02
C VAL F 729 -5.10 12.08 -37.95
N SER F 730 -4.89 13.09 -37.13
CA SER F 730 -3.80 13.04 -36.14
C SER F 730 -4.16 13.72 -34.83
N MET F 731 -3.42 13.39 -33.78
CA MET F 731 -3.52 14.08 -32.50
C MET F 731 -2.31 14.92 -32.23
N THR F 732 -2.42 15.78 -31.22
CA THR F 732 -1.26 16.48 -30.70
C THR F 732 -0.27 15.49 -30.10
N LYS F 733 1.00 15.63 -30.45
CA LYS F 733 2.03 14.71 -29.99
C LYS F 733 2.55 15.09 -28.62
N THR F 734 1.89 14.59 -27.59
CA THR F 734 2.30 14.92 -26.23
C THR F 734 3.41 14.00 -25.77
N SER F 735 4.18 14.47 -24.80
CA SER F 735 5.23 13.67 -24.20
C SER F 735 5.35 13.98 -22.73
N VAL F 736 5.27 12.96 -21.89
CA VAL F 736 5.38 13.15 -20.46
C VAL F 736 6.60 12.42 -19.92
N ASP F 737 7.50 13.16 -19.29
CA ASP F 737 8.65 12.52 -18.66
C ASP F 737 8.20 11.96 -17.33
N CYS F 738 8.13 10.62 -17.22
CA CYS F 738 7.57 9.97 -16.07
C CYS F 738 8.28 10.38 -14.77
N THR F 739 9.61 10.41 -14.78
CA THR F 739 10.34 10.78 -13.58
C THR F 739 10.06 12.20 -13.11
N MET F 740 10.06 13.15 -14.03
CA MET F 740 9.80 14.54 -13.64
C MET F 740 8.37 14.75 -13.16
N TYR F 741 7.42 14.06 -13.79
CA TYR F 741 6.04 14.15 -13.37
C TYR F 741 5.86 13.67 -11.94
N ILE F 742 6.45 12.52 -11.64
CA ILE F 742 6.28 11.88 -10.34
C ILE F 742 7.09 12.55 -9.22
N CYS F 743 8.35 12.89 -9.50
CA CYS F 743 9.31 13.28 -8.47
C CYS F 743 9.77 14.72 -8.59
N GLY F 744 9.43 15.38 -9.68
CA GLY F 744 10.03 16.68 -9.95
C GLY F 744 11.54 16.50 -10.07
N ASP F 745 12.29 17.31 -9.34
CA ASP F 745 13.74 17.20 -9.35
C ASP F 745 14.28 16.71 -8.00
N SER F 746 13.42 16.06 -7.23
CA SER F 746 13.84 15.50 -5.95
C SER F 746 14.59 14.19 -6.15
N THR F 747 15.80 14.13 -5.63
CA THR F 747 16.61 12.92 -5.73
C THR F 747 16.17 11.88 -4.72
N GLU F 748 15.54 12.33 -3.64
CA GLU F 748 15.01 11.42 -2.64
C GLU F 748 13.87 10.57 -3.21
N CYS F 749 12.95 11.22 -3.93
CA CYS F 749 11.86 10.54 -4.62
C CYS F 749 12.39 9.69 -5.76
N SER F 750 13.30 10.26 -6.54
CA SER F 750 13.84 9.56 -7.70
C SER F 750 14.48 8.24 -7.32
N ASN F 751 15.21 8.23 -6.20
CA ASN F 751 15.86 7.02 -5.73
C ASN F 751 14.85 5.97 -5.28
N LEU F 752 13.72 6.41 -4.72
CA LEU F 752 12.67 5.48 -4.32
C LEU F 752 11.95 4.91 -5.53
N LEU F 753 11.79 5.73 -6.55
CA LEU F 753 11.09 5.32 -7.76
C LEU F 753 11.79 4.14 -8.43
N LEU F 754 13.11 4.06 -8.25
CA LEU F 754 13.90 2.98 -8.82
C LEU F 754 13.46 1.62 -8.34
N GLN F 755 12.81 1.58 -7.18
CA GLN F 755 12.38 0.33 -6.58
C GLN F 755 11.28 -0.34 -7.38
N TYR F 756 10.66 0.43 -8.27
CA TYR F 756 9.51 -0.04 -9.03
C TYR F 756 9.92 -0.60 -10.38
N GLY F 757 11.21 -0.60 -10.67
CA GLY F 757 11.70 -1.20 -11.89
C GLY F 757 11.55 -0.28 -13.10
N SER F 758 11.03 -0.83 -14.19
CA SER F 758 11.08 -0.18 -15.49
C SER F 758 9.77 0.47 -15.89
N PHE F 759 8.86 0.65 -14.94
CA PHE F 759 7.55 1.20 -15.27
C PHE F 759 7.63 2.50 -16.06
N CYS F 760 8.50 3.41 -15.64
CA CYS F 760 8.61 4.72 -16.30
C CYS F 760 9.24 4.59 -17.72
N THR F 761 10.17 3.68 -17.90
CA THR F 761 10.69 3.44 -19.23
C THR F 761 9.59 2.94 -20.15
N GLN F 762 8.74 2.07 -19.62
CA GLN F 762 7.60 1.55 -20.39
C GLN F 762 6.63 2.64 -20.79
N LEU F 763 6.36 3.56 -19.88
CA LEU F 763 5.41 4.62 -20.12
C LEU F 763 5.95 5.61 -21.14
N ASN F 764 7.23 5.90 -21.04
CA ASN F 764 7.85 6.82 -21.99
C ASN F 764 7.86 6.22 -23.38
N ARG F 765 8.10 4.91 -23.45
CA ARG F 765 8.11 4.21 -24.72
C ARG F 765 6.73 4.22 -25.37
N ALA F 766 5.70 3.99 -24.58
CA ALA F 766 4.34 3.94 -25.08
C ALA F 766 3.92 5.28 -25.67
N LEU F 767 4.26 6.37 -25.01
CA LEU F 767 3.89 7.69 -25.50
C LEU F 767 4.69 8.07 -26.73
N THR F 768 5.93 7.62 -26.79
CA THR F 768 6.76 7.86 -27.97
C THR F 768 6.18 7.17 -29.19
N GLY F 769 5.70 5.93 -29.00
CA GLY F 769 5.10 5.17 -30.08
C GLY F 769 3.88 5.89 -30.65
N ILE F 770 3.09 6.49 -29.77
CA ILE F 770 1.93 7.23 -30.21
C ILE F 770 2.34 8.44 -31.04
N ALA F 771 3.33 9.18 -30.56
CA ALA F 771 3.80 10.37 -31.25
C ALA F 771 4.30 10.07 -32.66
N VAL F 772 5.00 8.95 -32.81
CA VAL F 772 5.51 8.56 -34.12
C VAL F 772 4.36 8.22 -35.06
N GLU F 773 3.36 7.53 -34.54
CA GLU F 773 2.19 7.14 -35.30
C GLU F 773 1.48 8.35 -35.90
N GLN F 774 1.46 9.47 -35.18
CA GLN F 774 0.72 10.63 -35.64
C GLN F 774 1.29 11.21 -36.93
N ASP F 775 2.60 11.09 -37.09
CA ASP F 775 3.23 11.56 -38.32
C ASP F 775 3.00 10.58 -39.44
N LYS F 776 2.98 9.30 -39.09
CA LYS F 776 2.68 8.25 -40.06
C LYS F 776 1.25 8.41 -40.60
N ASN F 777 0.32 8.74 -39.70
CA ASN F 777 -1.07 8.93 -40.10
C ASN F 777 -1.21 10.04 -41.12
N THR F 778 -0.52 11.15 -40.86
CA THR F 778 -0.58 12.29 -41.75
C THR F 778 0.03 11.96 -43.11
N GLN F 779 1.15 11.27 -43.10
CA GLN F 779 1.81 10.90 -44.34
C GLN F 779 0.95 10.00 -45.21
N GLU F 780 0.30 9.01 -44.60
CA GLU F 780 -0.48 8.05 -45.36
C GLU F 780 -1.71 8.66 -46.00
N VAL F 781 -2.21 9.76 -45.42
CA VAL F 781 -3.34 10.46 -45.99
C VAL F 781 -2.93 11.43 -47.10
N PHE F 782 -1.91 12.24 -46.87
CA PHE F 782 -1.65 13.37 -47.76
C PHE F 782 -0.53 13.12 -48.77
N ALA F 783 0.47 12.33 -48.41
CA ALA F 783 1.59 12.09 -49.30
C ALA F 783 1.30 10.92 -50.23
N GLN F 784 0.23 11.04 -51.00
CA GLN F 784 -0.15 10.02 -51.97
C GLN F 784 0.17 10.43 -53.39
N VAL F 785 0.80 11.58 -53.53
CA VAL F 785 1.09 12.13 -54.84
C VAL F 785 2.60 12.08 -55.09
N LYS F 786 2.98 11.54 -56.24
CA LYS F 786 4.43 11.38 -56.54
C LYS F 786 5.08 12.74 -56.84
N GLN F 787 4.35 13.65 -57.49
CA GLN F 787 4.92 14.92 -57.92
C GLN F 787 4.07 16.08 -57.43
N ILE F 788 4.69 17.24 -57.33
CA ILE F 788 3.95 18.43 -56.93
C ILE F 788 3.38 19.13 -58.15
N TYR F 789 2.11 18.85 -58.44
CA TYR F 789 1.47 19.35 -59.65
C TYR F 789 0.96 20.77 -59.44
N LYS F 790 1.00 21.55 -60.51
CA LYS F 790 0.45 22.90 -60.47
C LYS F 790 -0.56 23.12 -61.59
N THR F 791 -1.55 23.96 -61.32
CA THR F 791 -2.54 24.35 -62.32
C THR F 791 -1.92 25.35 -63.29
N PRO F 792 -2.52 25.52 -64.48
CA PRO F 792 -2.16 26.50 -65.49
C PRO F 792 -2.42 27.92 -64.98
N PRO F 793 -1.66 28.92 -65.45
CA PRO F 793 -1.81 30.34 -65.20
C PRO F 793 -3.22 30.83 -65.50
N ILE F 794 -3.84 30.27 -66.54
CA ILE F 794 -5.18 30.66 -66.92
C ILE F 794 -6.19 29.61 -66.55
N LYS F 795 -7.12 29.96 -65.68
CA LYS F 795 -8.08 29.00 -65.16
C LYS F 795 -9.29 28.87 -66.06
N ASP F 796 -9.07 28.36 -67.26
CA ASP F 796 -10.17 28.12 -68.19
C ASP F 796 -10.54 26.64 -68.22
N PHE F 797 -11.61 26.30 -67.54
CA PHE F 797 -12.00 24.89 -67.40
C PHE F 797 -13.39 24.64 -67.95
N GLY F 798 -13.82 25.46 -68.90
CA GLY F 798 -15.08 25.23 -69.58
C GLY F 798 -16.29 25.73 -68.79
N GLY F 799 -16.05 26.71 -67.91
CA GLY F 799 -17.14 27.28 -67.13
C GLY F 799 -17.08 26.85 -65.67
N PHE F 800 -16.27 25.84 -65.39
CA PHE F 800 -16.11 25.36 -64.03
C PHE F 800 -15.13 26.24 -63.26
N ASN F 801 -15.51 26.61 -62.03
CA ASN F 801 -14.78 27.57 -61.22
C ASN F 801 -14.32 26.92 -59.91
N PHE F 802 -13.00 26.81 -59.74
CA PHE F 802 -12.40 26.11 -58.60
C PHE F 802 -11.71 27.06 -57.64
N SER F 803 -12.01 28.35 -57.76
CA SER F 803 -11.28 29.37 -57.02
C SER F 803 -11.38 29.23 -55.50
N GLN F 804 -12.43 28.59 -55.03
CA GLN F 804 -12.66 28.49 -53.60
C GLN F 804 -11.91 27.31 -52.99
N ILE F 805 -11.42 26.40 -53.83
CA ILE F 805 -10.68 25.24 -53.35
C ILE F 805 -9.20 25.33 -53.72
N LEU F 806 -8.88 26.14 -54.72
CA LEU F 806 -7.50 26.35 -55.10
C LEU F 806 -6.82 27.35 -54.18
N PRO F 807 -5.50 27.29 -54.03
CA PRO F 807 -4.68 28.18 -53.21
C PRO F 807 -4.91 29.62 -53.58
N ASP F 808 -5.05 30.47 -52.57
CA ASP F 808 -5.18 31.91 -52.80
C ASP F 808 -3.82 32.58 -52.66
N PRO F 809 -3.21 33.01 -53.77
CA PRO F 809 -1.84 33.47 -53.88
C PRO F 809 -1.59 34.73 -53.07
N SER F 810 -2.67 35.44 -52.69
CA SER F 810 -2.53 36.69 -51.97
C SER F 810 -2.33 36.47 -50.47
N LYS F 811 -2.59 35.26 -50.00
CA LYS F 811 -2.47 34.97 -48.58
C LYS F 811 -1.16 34.24 -48.29
N PRO F 812 -0.44 34.62 -47.24
CA PRO F 812 0.90 34.18 -46.88
C PRO F 812 0.99 32.68 -46.67
N SER F 813 -0.12 32.05 -46.27
CA SER F 813 -0.13 30.62 -46.02
C SER F 813 -0.36 29.83 -47.29
N LYS F 814 -0.82 30.53 -48.34
CA LYS F 814 -1.16 29.92 -49.60
C LYS F 814 -2.26 28.87 -49.47
N ARG F 815 -3.12 29.03 -48.47
CA ARG F 815 -4.29 28.17 -48.31
C ARG F 815 -5.40 28.63 -49.24
N SER F 816 -6.32 27.72 -49.56
CA SER F 816 -7.52 28.10 -50.30
C SER F 816 -8.46 28.88 -49.37
N PRO F 817 -9.43 29.62 -49.93
CA PRO F 817 -10.50 30.30 -49.22
C PRO F 817 -11.24 29.39 -48.25
N ILE F 818 -11.52 28.15 -48.66
CA ILE F 818 -12.18 27.20 -47.79
C ILE F 818 -11.25 26.71 -46.67
N GLU F 819 -10.00 26.40 -47.04
CA GLU F 819 -9.04 25.95 -46.05
C GLU F 819 -8.78 27.02 -44.98
N ASP F 820 -8.76 28.27 -45.41
CA ASP F 820 -8.54 29.37 -44.47
C ASP F 820 -9.68 29.44 -43.47
N LEU F 821 -10.90 29.23 -43.95
CA LEU F 821 -12.05 29.21 -43.09
C LEU F 821 -12.00 28.04 -42.12
N LEU F 822 -11.58 26.88 -42.61
CA LEU F 822 -11.50 25.70 -41.75
C LEU F 822 -10.49 25.89 -40.63
N PHE F 823 -9.37 26.52 -40.95
CA PHE F 823 -8.32 26.74 -39.97
C PHE F 823 -8.71 27.78 -38.93
N ASN F 824 -9.63 28.66 -39.28
CA ASN F 824 -10.12 29.65 -38.33
C ASN F 824 -11.21 29.10 -37.40
N LYS F 825 -11.67 27.88 -37.69
CA LYS F 825 -12.82 27.33 -36.97
C LYS F 825 -12.46 26.30 -35.89
N VAL F 826 -11.19 25.86 -35.84
CA VAL F 826 -10.73 24.92 -34.82
C VAL F 826 -9.39 25.39 -34.27
N CYS F 851 1.87 26.11 -20.92
CA CYS F 851 3.02 26.66 -20.20
C CYS F 851 3.27 25.90 -18.90
N ALA F 852 2.24 25.86 -18.03
CA ALA F 852 2.35 25.20 -16.72
C ALA F 852 2.44 23.69 -16.88
N GLN F 853 1.99 23.18 -18.02
CA GLN F 853 2.14 21.76 -18.29
C GLN F 853 3.62 21.44 -18.49
N LYS F 854 4.31 22.27 -19.26
CA LYS F 854 5.74 22.11 -19.45
C LYS F 854 6.42 22.03 -18.11
N PHE F 855 5.99 22.90 -17.19
CA PHE F 855 6.60 23.03 -15.89
C PHE F 855 6.55 21.76 -15.06
N ASN F 856 5.73 20.81 -15.49
CA ASN F 856 5.58 19.55 -14.78
C ASN F 856 6.04 18.35 -15.61
N GLY F 857 6.81 18.61 -16.66
CA GLY F 857 7.40 17.53 -17.46
C GLY F 857 6.52 17.15 -18.66
N LEU F 858 5.51 17.97 -18.94
CA LEU F 858 4.60 17.72 -20.06
C LEU F 858 4.92 18.62 -21.24
N THR F 859 5.34 18.04 -22.35
CA THR F 859 5.68 18.86 -23.51
C THR F 859 4.92 18.44 -24.77
N VAL F 860 4.94 19.30 -25.76
CA VAL F 860 4.34 19.00 -27.05
C VAL F 860 5.37 19.01 -28.15
N LEU F 861 5.46 17.91 -28.87
CA LEU F 861 6.36 17.80 -29.99
C LEU F 861 5.64 18.29 -31.25
N PRO F 862 6.31 19.05 -32.10
CA PRO F 862 5.80 19.59 -33.35
C PRO F 862 5.63 18.45 -34.36
N PRO F 863 4.61 18.52 -35.22
CA PRO F 863 4.39 17.65 -36.36
C PRO F 863 5.56 17.71 -37.31
N LEU F 864 5.88 16.59 -37.94
CA LEU F 864 6.94 16.57 -38.93
C LEU F 864 6.59 17.42 -40.15
N LEU F 865 5.37 17.27 -40.61
CA LEU F 865 4.87 18.09 -41.71
C LEU F 865 4.15 19.31 -41.17
N THR F 866 4.57 20.47 -41.61
CA THR F 866 3.93 21.73 -41.20
C THR F 866 2.62 21.89 -41.94
N ASP F 867 1.80 22.82 -41.49
CA ASP F 867 0.52 23.07 -42.14
C ASP F 867 0.71 23.56 -43.56
N GLU F 868 1.77 24.35 -43.77
CA GLU F 868 2.09 24.81 -45.11
C GLU F 868 2.36 23.63 -46.03
N MET F 869 3.10 22.65 -45.53
CA MET F 869 3.44 21.47 -46.32
C MET F 869 2.22 20.62 -46.64
N ILE F 870 1.31 20.51 -45.69
CA ILE F 870 0.09 19.75 -45.91
C ILE F 870 -0.76 20.43 -46.97
N ALA F 871 -0.85 21.76 -46.91
CA ALA F 871 -1.55 22.53 -47.91
C ALA F 871 -0.93 22.33 -49.32
N GLN F 872 0.41 22.21 -49.32
CA GLN F 872 1.10 21.97 -50.61
C GLN F 872 0.74 20.62 -51.16
N TYR F 873 0.65 19.59 -50.35
CA TYR F 873 0.22 18.28 -50.80
C TYR F 873 -1.21 18.33 -51.35
N THR F 874 -2.05 19.05 -50.62
CA THR F 874 -3.46 19.13 -50.99
C THR F 874 -3.64 19.82 -52.33
N SER F 875 -2.93 20.91 -52.55
CA SER F 875 -3.05 21.65 -53.80
C SER F 875 -2.47 20.86 -54.97
N ALA F 876 -1.47 20.03 -54.69
CA ALA F 876 -0.91 19.16 -55.72
C ALA F 876 -1.92 18.12 -56.15
N LEU F 877 -2.67 17.59 -55.17
CA LEU F 877 -3.71 16.62 -55.46
C LEU F 877 -4.83 17.26 -56.27
N LEU F 878 -5.17 18.49 -55.94
CA LEU F 878 -6.21 19.21 -56.67
C LEU F 878 -5.79 19.54 -58.08
N ALA F 879 -4.55 19.96 -58.26
CA ALA F 879 -4.03 20.28 -59.58
C ALA F 879 -4.00 19.03 -60.44
N GLY F 880 -3.60 17.92 -59.86
CA GLY F 880 -3.56 16.66 -60.57
C GLY F 880 -4.94 16.27 -61.05
N THR F 881 -5.92 16.34 -60.15
CA THR F 881 -7.28 15.95 -60.46
C THR F 881 -7.89 16.83 -61.54
N ILE F 882 -7.69 18.14 -61.41
CA ILE F 882 -8.29 19.10 -62.31
C ILE F 882 -7.72 19.00 -63.74
N THR F 883 -6.42 18.74 -63.85
CA THR F 883 -5.78 18.77 -65.15
C THR F 883 -5.64 17.39 -65.80
N SER F 884 -5.68 16.31 -65.02
CA SER F 884 -5.42 14.98 -65.57
C SER F 884 -6.39 13.90 -65.08
N GLY F 885 -7.42 14.29 -64.36
CA GLY F 885 -8.42 13.32 -63.91
C GLY F 885 -7.83 12.26 -63.00
N TRP F 886 -8.08 11.00 -63.32
CA TRP F 886 -7.64 9.90 -62.49
C TRP F 886 -6.35 9.24 -62.98
N THR F 887 -5.74 9.82 -64.01
CA THR F 887 -4.57 9.19 -64.62
C THR F 887 -3.32 9.33 -63.78
N PHE F 888 -3.22 10.42 -63.02
CA PHE F 888 -2.01 10.69 -62.24
C PHE F 888 -1.90 9.75 -61.04
N GLY F 889 -3.01 9.11 -60.70
CA GLY F 889 -3.03 8.15 -59.60
C GLY F 889 -2.44 6.80 -60.02
N ALA F 890 -2.59 6.45 -61.29
CA ALA F 890 -2.21 5.11 -61.77
C ALA F 890 -0.87 5.11 -62.49
N GLY F 891 -0.32 6.28 -62.72
CA GLY F 891 0.89 6.40 -63.53
C GLY F 891 1.17 7.87 -63.81
N PRO F 892 1.77 8.18 -64.97
CA PRO F 892 2.11 9.53 -65.39
C PRO F 892 0.84 10.33 -65.64
N ALA F 893 0.86 11.59 -65.26
CA ALA F 893 -0.31 12.44 -65.48
C ALA F 893 -0.52 12.70 -66.95
N LEU F 894 -1.75 12.46 -67.40
CA LEU F 894 -2.12 12.69 -68.79
C LEU F 894 -3.18 13.76 -68.88
N GLN F 895 -2.86 14.86 -69.56
CA GLN F 895 -3.78 15.97 -69.62
C GLN F 895 -5.02 15.64 -70.44
N ILE F 896 -6.15 16.18 -70.00
CA ILE F 896 -7.41 16.09 -70.73
C ILE F 896 -8.22 17.34 -70.38
N PRO F 897 -8.97 17.93 -71.33
CA PRO F 897 -9.88 19.04 -71.09
C PRO F 897 -10.87 18.67 -70.01
N PHE F 898 -11.16 19.61 -69.12
CA PHE F 898 -11.97 19.30 -67.96
C PHE F 898 -13.39 18.79 -68.33
N PRO F 899 -14.10 19.44 -69.27
CA PRO F 899 -15.40 19.04 -69.75
C PRO F 899 -15.39 17.60 -70.26
N MET F 900 -14.28 17.19 -70.87
CA MET F 900 -14.15 15.82 -71.35
C MET F 900 -13.95 14.86 -70.21
N GLN F 901 -13.21 15.30 -69.20
CA GLN F 901 -13.04 14.52 -67.98
C GLN F 901 -14.38 14.29 -67.31
N MET F 902 -15.19 15.33 -67.25
CA MET F 902 -16.51 15.23 -66.63
C MET F 902 -17.43 14.32 -67.44
N ALA F 903 -17.28 14.35 -68.76
CA ALA F 903 -18.04 13.47 -69.63
C ALA F 903 -17.69 12.01 -69.38
N TYR F 904 -16.42 11.74 -69.09
CA TYR F 904 -16.00 10.38 -68.77
C TYR F 904 -16.61 9.93 -67.45
N ARG F 905 -16.70 10.85 -66.51
CA ARG F 905 -17.25 10.55 -65.20
C ARG F 905 -18.77 10.35 -65.26
N PHE F 906 -19.41 10.99 -66.24
CA PHE F 906 -20.83 10.74 -66.49
C PHE F 906 -21.04 9.33 -67.02
N ASN F 907 -20.17 8.88 -67.92
CA ASN F 907 -20.24 7.51 -68.41
C ASN F 907 -20.07 6.52 -67.28
N GLY F 908 -19.25 6.89 -66.30
CA GLY F 908 -18.96 6.05 -65.16
C GLY F 908 -20.17 5.82 -64.26
N ILE F 909 -21.20 6.63 -64.41
CA ILE F 909 -22.40 6.49 -63.60
C ILE F 909 -23.59 6.08 -64.47
N GLY F 910 -23.31 5.65 -65.69
CA GLY F 910 -24.34 5.10 -66.56
C GLY F 910 -25.15 6.18 -67.29
N VAL F 911 -24.57 7.35 -67.47
CA VAL F 911 -25.22 8.43 -68.21
C VAL F 911 -24.41 8.76 -69.45
N THR F 912 -25.07 8.87 -70.57
CA THR F 912 -24.37 9.09 -71.84
C THR F 912 -23.67 10.44 -71.85
N GLN F 913 -22.55 10.52 -72.56
CA GLN F 913 -21.68 11.67 -72.52
C GLN F 913 -22.30 12.92 -73.15
N ASN F 914 -23.27 12.72 -74.03
CA ASN F 914 -23.91 13.85 -74.67
C ASN F 914 -24.77 14.63 -73.68
N VAL F 915 -25.14 13.97 -72.58
CA VAL F 915 -25.92 14.62 -71.55
C VAL F 915 -25.08 15.70 -70.87
N LEU F 916 -23.81 15.41 -70.67
CA LEU F 916 -22.88 16.37 -70.09
C LEU F 916 -22.69 17.54 -71.03
N TYR F 917 -22.39 17.25 -72.29
CA TYR F 917 -22.03 18.29 -73.25
C TYR F 917 -23.21 19.21 -73.56
N GLU F 918 -24.39 18.63 -73.68
CA GLU F 918 -25.57 19.38 -74.05
C GLU F 918 -26.04 20.29 -72.92
N ASN F 919 -25.61 19.98 -71.70
CA ASN F 919 -26.03 20.75 -70.54
C ASN F 919 -24.82 21.35 -69.84
N GLN F 920 -23.76 21.62 -70.58
CA GLN F 920 -22.51 22.01 -69.98
C GLN F 920 -22.63 23.27 -69.05
N LYS F 921 -23.30 24.28 -69.59
CA LYS F 921 -23.43 25.55 -68.83
C LYS F 921 -24.29 25.34 -67.63
N LEU F 922 -25.32 24.52 -67.71
CA LEU F 922 -26.20 24.23 -66.60
C LEU F 922 -25.43 23.49 -65.50
N ILE F 923 -24.63 22.52 -65.93
CA ILE F 923 -23.86 21.70 -65.01
C ILE F 923 -22.78 22.49 -64.32
N ALA F 924 -22.07 23.32 -65.08
CA ALA F 924 -21.04 24.18 -64.51
C ALA F 924 -21.64 25.16 -63.52
N ASN F 925 -22.85 25.63 -63.80
CA ASN F 925 -23.52 26.58 -62.92
C ASN F 925 -23.97 25.91 -61.63
N GLN F 926 -24.52 24.71 -61.73
CA GLN F 926 -24.93 23.97 -60.53
C GLN F 926 -23.73 23.66 -59.67
N PHE F 927 -22.63 23.30 -60.32
CA PHE F 927 -21.40 23.00 -59.61
C PHE F 927 -20.87 24.22 -58.88
N ASN F 928 -20.78 25.34 -59.58
CA ASN F 928 -20.22 26.55 -59.00
C ASN F 928 -21.06 27.03 -57.83
N SER F 929 -22.37 26.88 -57.97
CA SER F 929 -23.30 27.26 -56.91
C SER F 929 -23.15 26.37 -55.69
N ALA F 930 -23.04 25.06 -55.93
CA ALA F 930 -22.90 24.10 -54.84
C ALA F 930 -21.63 24.35 -54.04
N ILE F 931 -20.55 24.69 -54.72
CA ILE F 931 -19.31 25.00 -54.02
C ILE F 931 -19.48 26.27 -53.18
N GLY F 932 -20.16 27.25 -53.75
CA GLY F 932 -20.41 28.50 -53.04
C GLY F 932 -21.18 28.26 -51.73
N LYS F 933 -22.11 27.33 -51.76
CA LYS F 933 -22.89 27.00 -50.57
C LYS F 933 -22.03 26.40 -49.48
N ILE F 934 -21.00 25.67 -49.87
CA ILE F 934 -20.06 25.13 -48.88
C ILE F 934 -19.40 26.26 -48.17
N GLN F 935 -19.00 27.27 -48.92
CA GLN F 935 -18.36 28.45 -48.36
C GLN F 935 -19.27 29.13 -47.35
N ASP F 936 -20.55 29.29 -47.73
CA ASP F 936 -21.54 29.97 -46.90
C ASP F 936 -21.95 29.18 -45.67
N SER F 937 -22.06 27.86 -45.81
CA SER F 937 -22.49 27.01 -44.70
C SER F 937 -21.47 27.00 -43.58
N LEU F 938 -20.20 26.85 -43.95
CA LEU F 938 -19.13 26.80 -42.96
C LEU F 938 -19.02 28.14 -42.21
N SER F 939 -19.35 29.23 -42.90
CA SER F 939 -19.26 30.56 -42.34
C SER F 939 -20.41 30.89 -41.36
N SER F 940 -21.41 29.99 -41.26
CA SER F 940 -22.58 30.27 -40.44
C SER F 940 -23.00 29.11 -39.55
N THR F 941 -22.10 28.14 -39.35
CA THR F 941 -22.44 26.96 -38.55
C THR F 941 -21.31 26.64 -37.53
N PRO F 942 -21.47 27.06 -36.27
CA PRO F 942 -20.53 26.94 -35.19
C PRO F 942 -20.12 25.50 -34.87
N SER F 943 -20.98 24.53 -35.23
CA SER F 943 -20.75 23.14 -34.87
C SER F 943 -20.24 22.29 -36.04
N ALA F 944 -19.91 22.95 -37.13
CA ALA F 944 -19.58 22.24 -38.37
C ALA F 944 -18.39 21.29 -38.23
N LEU F 945 -17.40 21.68 -37.44
CA LEU F 945 -16.18 20.90 -37.32
C LEU F 945 -16.10 20.20 -35.98
N GLY F 946 -17.25 19.74 -35.50
CA GLY F 946 -17.35 19.09 -34.20
C GLY F 946 -16.45 17.85 -34.08
N LYS F 947 -16.33 17.10 -35.16
CA LYS F 947 -15.54 15.87 -35.11
C LYS F 947 -14.07 16.15 -34.80
N LEU F 948 -13.55 17.25 -35.31
CA LEU F 948 -12.16 17.60 -35.07
C LEU F 948 -12.01 18.30 -33.72
N GLN F 949 -13.00 19.11 -33.35
CA GLN F 949 -12.96 19.81 -32.10
C GLN F 949 -13.04 18.84 -30.93
N ASP F 950 -13.80 17.76 -31.11
CA ASP F 950 -13.96 16.76 -30.07
C ASP F 950 -12.63 16.08 -29.74
N VAL F 951 -11.80 15.89 -30.75
CA VAL F 951 -10.49 15.29 -30.53
C VAL F 951 -9.62 16.22 -29.71
N VAL F 952 -9.66 17.50 -30.05
CA VAL F 952 -8.91 18.51 -29.31
C VAL F 952 -9.38 18.58 -27.86
N ASN F 953 -10.69 18.54 -27.67
CA ASN F 953 -11.26 18.66 -26.34
C ASN F 953 -10.95 17.45 -25.47
N GLN F 954 -10.99 16.26 -26.06
CA GLN F 954 -10.73 15.03 -25.31
C GLN F 954 -9.29 14.97 -24.83
N ASN F 955 -8.38 15.42 -25.67
CA ASN F 955 -6.97 15.39 -25.32
C ASN F 955 -6.65 16.43 -24.27
N ALA F 956 -7.26 17.60 -24.38
CA ALA F 956 -7.06 18.65 -23.39
C ALA F 956 -7.58 18.22 -22.04
N GLN F 957 -8.72 17.56 -22.03
CA GLN F 957 -9.33 17.12 -20.79
C GLN F 957 -8.46 16.09 -20.09
N ALA F 958 -7.89 15.17 -20.86
CA ALA F 958 -7.04 14.13 -20.29
C ALA F 958 -5.78 14.73 -19.67
N LEU F 959 -5.19 15.72 -20.33
CA LEU F 959 -4.00 16.36 -19.79
C LEU F 959 -4.31 17.18 -18.55
N ASN F 960 -5.43 17.87 -18.57
CA ASN F 960 -5.80 18.69 -17.43
C ASN F 960 -6.07 17.83 -16.22
N THR F 961 -6.67 16.67 -16.45
CA THR F 961 -6.92 15.72 -15.38
C THR F 961 -5.61 15.20 -14.80
N LEU F 962 -4.65 14.89 -15.68
CA LEU F 962 -3.37 14.39 -15.24
C LEU F 962 -2.64 15.39 -14.37
N VAL F 963 -2.65 16.65 -14.78
CA VAL F 963 -1.97 17.68 -14.01
C VAL F 963 -2.65 17.91 -12.66
N LYS F 964 -3.97 17.91 -12.68
CA LYS F 964 -4.74 18.12 -11.46
C LYS F 964 -4.48 17.03 -10.41
N GLN F 965 -4.12 15.83 -10.86
CA GLN F 965 -3.84 14.73 -9.94
C GLN F 965 -2.60 15.00 -9.08
N LEU F 966 -1.78 15.96 -9.49
CA LEU F 966 -0.60 16.32 -8.70
C LEU F 966 -1.00 17.05 -7.43
N SER F 967 -2.28 17.46 -7.35
CA SER F 967 -2.79 18.14 -6.18
C SER F 967 -3.34 17.17 -5.14
N SER F 968 -3.38 15.90 -5.48
CA SER F 968 -3.94 14.90 -4.58
C SER F 968 -2.91 14.45 -3.55
N ASN F 969 -3.38 14.15 -2.33
CA ASN F 969 -2.51 13.71 -1.26
C ASN F 969 -2.24 12.21 -1.32
N PHE F 970 -3.24 11.45 -1.77
CA PHE F 970 -3.14 10.01 -1.83
C PHE F 970 -2.83 9.40 -0.46
N GLY F 971 -3.23 10.09 0.59
CA GLY F 971 -3.05 9.60 1.95
C GLY F 971 -1.84 10.21 2.65
N ALA F 972 -1.01 10.93 1.89
CA ALA F 972 0.16 11.59 2.46
C ALA F 972 -0.23 12.85 3.21
N ILE F 973 0.68 13.34 4.04
CA ILE F 973 0.46 14.56 4.80
C ILE F 973 0.32 15.79 3.90
N SER F 974 0.91 15.72 2.72
CA SER F 974 0.84 16.81 1.77
C SER F 974 1.02 16.31 0.34
N SER F 975 0.38 17.00 -0.60
CA SER F 975 0.57 16.69 -2.01
C SER F 975 1.86 17.29 -2.53
N VAL F 976 2.47 18.15 -1.74
CA VAL F 976 3.69 18.84 -2.15
C VAL F 976 4.92 18.14 -1.61
N LEU F 977 5.77 17.68 -2.51
CA LEU F 977 6.92 16.90 -2.14
C LEU F 977 7.92 17.71 -1.32
N ASN F 978 8.01 19.00 -1.62
CA ASN F 978 8.91 19.89 -0.91
C ASN F 978 8.46 20.13 0.53
N ASP F 979 7.15 20.06 0.79
CA ASP F 979 6.65 20.21 2.15
C ASP F 979 7.08 19.04 2.99
N ILE F 980 7.02 17.84 2.39
CA ILE F 980 7.39 16.63 3.09
C ILE F 980 8.87 16.62 3.45
N LEU F 981 9.70 17.02 2.49
CA LEU F 981 11.14 16.99 2.66
C LEU F 981 11.62 18.06 3.63
N SER F 982 10.91 19.18 3.71
CA SER F 982 11.28 20.25 4.63
C SER F 982 10.84 19.96 6.06
N ARG F 983 9.90 19.03 6.23
CA ARG F 983 9.35 18.72 7.55
C ARG F 983 9.95 17.47 8.20
N LEU F 984 10.16 16.42 7.42
CA LEU F 984 10.53 15.11 8.00
C LEU F 984 11.94 14.62 7.64
N ASP F 985 12.51 13.79 8.52
CA ASP F 985 13.83 13.17 8.25
C ASP F 985 13.61 12.00 7.30
N PRO F 986 14.64 11.39 6.69
CA PRO F 986 14.44 10.38 5.65
C PRO F 986 13.58 9.14 5.93
N PRO F 987 13.64 8.43 7.09
CA PRO F 987 12.73 7.32 7.36
C PRO F 987 11.23 7.63 7.31
N GLU F 988 10.77 8.66 8.02
CA GLU F 988 9.37 9.08 8.05
C GLU F 988 8.98 9.67 6.70
N ALA F 989 9.90 10.36 6.09
CA ALA F 989 9.66 11.00 4.78
C ALA F 989 9.45 9.96 3.68
N GLU F 990 10.20 8.86 3.74
CA GLU F 990 10.06 7.81 2.74
C GLU F 990 8.66 7.19 2.71
N VAL F 991 8.02 7.17 3.87
CA VAL F 991 6.65 6.64 3.94
C VAL F 991 5.68 7.56 3.21
N GLN F 992 5.83 8.86 3.43
CA GLN F 992 4.94 9.83 2.82
C GLN F 992 5.18 9.93 1.32
N ILE F 993 6.44 9.83 0.92
CA ILE F 993 6.80 9.93 -0.47
C ILE F 993 6.30 8.72 -1.25
N ASP F 994 6.40 7.55 -0.65
CA ASP F 994 5.94 6.33 -1.28
C ASP F 994 4.45 6.41 -1.59
N ARG F 995 3.69 7.08 -0.72
CA ARG F 995 2.25 7.24 -0.97
C ARG F 995 2.00 8.10 -2.20
N LEU F 996 2.79 9.15 -2.36
CA LEU F 996 2.66 10.02 -3.52
C LEU F 996 3.11 9.33 -4.79
N ILE F 997 4.16 8.53 -4.70
CA ILE F 997 4.65 7.80 -5.85
C ILE F 997 3.60 6.82 -6.35
N THR F 998 2.98 6.11 -5.43
CA THR F 998 1.95 5.13 -5.79
C THR F 998 0.80 5.80 -6.52
N GLY F 999 0.32 6.91 -5.98
CA GLY F 999 -0.82 7.62 -6.57
C GLY F 999 -0.48 8.24 -7.92
N ARG F 1000 0.71 8.82 -8.02
CA ARG F 1000 1.10 9.52 -9.22
C ARG F 1000 1.44 8.56 -10.35
N LEU F 1001 1.98 7.40 -10.00
CA LEU F 1001 2.25 6.37 -10.98
C LEU F 1001 0.96 5.81 -11.54
N GLN F 1002 -0.02 5.60 -10.65
CA GLN F 1002 -1.33 5.13 -11.07
C GLN F 1002 -2.02 6.14 -12.00
N SER F 1003 -1.86 7.42 -11.70
CA SER F 1003 -2.46 8.47 -12.51
C SER F 1003 -1.83 8.51 -13.89
N LEU F 1004 -0.53 8.33 -13.96
CA LEU F 1004 0.17 8.36 -15.23
C LEU F 1004 -0.15 7.13 -16.06
N GLN F 1005 -0.26 5.97 -15.42
CA GLN F 1005 -0.63 4.76 -16.13
C GLN F 1005 -2.02 4.86 -16.71
N THR F 1006 -2.93 5.47 -15.95
CA THR F 1006 -4.29 5.67 -16.44
C THR F 1006 -4.29 6.55 -17.69
N TYR F 1007 -3.52 7.63 -17.65
CA TYR F 1007 -3.41 8.53 -18.77
C TYR F 1007 -2.89 7.82 -20.02
N VAL F 1008 -1.80 7.08 -19.87
CA VAL F 1008 -1.16 6.45 -21.01
C VAL F 1008 -2.05 5.39 -21.64
N THR F 1009 -2.72 4.60 -20.82
CA THR F 1009 -3.63 3.58 -21.34
C THR F 1009 -4.74 4.23 -22.15
N GLN F 1010 -5.29 5.33 -21.66
CA GLN F 1010 -6.35 6.02 -22.37
C GLN F 1010 -5.85 6.61 -23.67
N GLN F 1011 -4.61 7.07 -23.69
CA GLN F 1011 -4.04 7.64 -24.90
C GLN F 1011 -3.80 6.57 -25.96
N LEU F 1012 -3.43 5.36 -25.53
CA LEU F 1012 -3.21 4.27 -26.46
C LEU F 1012 -4.50 3.83 -27.12
N ILE F 1013 -5.58 3.80 -26.34
CA ILE F 1013 -6.88 3.44 -26.86
C ILE F 1013 -7.40 4.51 -27.80
N ARG F 1014 -7.26 5.77 -27.41
CA ARG F 1014 -7.65 6.89 -28.26
C ARG F 1014 -6.82 6.92 -29.54
N ALA F 1015 -5.54 6.62 -29.43
CA ALA F 1015 -4.65 6.62 -30.58
C ALA F 1015 -5.08 5.59 -31.60
N ALA F 1016 -5.51 4.44 -31.13
CA ALA F 1016 -5.98 3.41 -32.04
C ALA F 1016 -7.20 3.89 -32.81
N GLU F 1017 -8.10 4.56 -32.12
CA GLU F 1017 -9.30 5.08 -32.77
C GLU F 1017 -8.96 6.10 -33.85
N ILE F 1018 -8.01 6.97 -33.56
CA ILE F 1018 -7.56 7.96 -34.53
C ILE F 1018 -6.89 7.30 -35.73
N ARG F 1019 -6.10 6.27 -35.47
CA ARG F 1019 -5.44 5.54 -36.54
C ARG F 1019 -6.46 4.92 -37.50
N ALA F 1020 -7.53 4.38 -36.94
CA ALA F 1020 -8.60 3.82 -37.78
C ALA F 1020 -9.22 4.89 -38.63
N SER F 1021 -9.42 6.08 -38.09
CA SER F 1021 -9.96 7.19 -38.83
C SER F 1021 -9.01 7.62 -39.94
N ALA F 1022 -7.72 7.67 -39.63
CA ALA F 1022 -6.71 8.04 -40.61
C ALA F 1022 -6.61 7.02 -41.73
N ASN F 1023 -6.79 5.75 -41.39
CA ASN F 1023 -6.77 4.69 -42.41
C ASN F 1023 -7.94 4.84 -43.36
N LEU F 1024 -9.09 5.23 -42.81
CA LEU F 1024 -10.28 5.47 -43.62
C LEU F 1024 -10.09 6.70 -44.51
N ALA F 1025 -9.51 7.75 -43.95
CA ALA F 1025 -9.23 8.97 -44.71
C ALA F 1025 -8.27 8.70 -45.85
N ALA F 1026 -7.28 7.84 -45.61
CA ALA F 1026 -6.32 7.49 -46.65
C ALA F 1026 -7.00 6.69 -47.75
N THR F 1027 -7.94 5.82 -47.37
CA THR F 1027 -8.69 5.04 -48.34
C THR F 1027 -9.57 5.93 -49.21
N LYS F 1028 -10.21 6.91 -48.59
CA LYS F 1028 -11.05 7.86 -49.31
C LYS F 1028 -10.23 8.72 -50.25
N MET F 1029 -9.03 9.09 -49.83
CA MET F 1029 -8.16 9.86 -50.68
C MET F 1029 -7.87 9.08 -51.97
N SER F 1030 -7.59 7.79 -51.81
CA SER F 1030 -7.27 6.96 -52.97
C SER F 1030 -8.49 6.69 -53.86
N GLU F 1031 -9.62 6.41 -53.23
CA GLU F 1031 -10.78 5.91 -53.97
C GLU F 1031 -11.77 7.01 -54.41
N CYS F 1032 -11.79 8.15 -53.71
CA CYS F 1032 -12.70 9.23 -54.02
C CYS F 1032 -11.99 10.36 -54.76
N VAL F 1033 -10.74 10.62 -54.39
CA VAL F 1033 -10.00 11.73 -54.99
C VAL F 1033 -9.16 11.28 -56.19
N LEU F 1034 -8.47 10.16 -56.05
CA LEU F 1034 -7.62 9.67 -57.13
C LEU F 1034 -8.36 8.74 -58.08
N GLY F 1035 -9.67 8.67 -57.93
CA GLY F 1035 -10.49 7.84 -58.81
C GLY F 1035 -11.98 8.09 -58.59
N GLN F 1036 -12.79 7.40 -59.37
CA GLN F 1036 -14.24 7.46 -59.26
C GLN F 1036 -14.76 6.18 -58.64
N SER F 1037 -15.55 6.29 -57.58
CA SER F 1037 -15.93 5.11 -56.81
C SER F 1037 -17.35 4.64 -57.08
N LYS F 1038 -17.51 3.33 -57.23
CA LYS F 1038 -18.81 2.71 -57.38
C LYS F 1038 -19.44 2.33 -56.06
N ARG F 1039 -18.66 2.39 -54.99
CA ARG F 1039 -19.12 1.95 -53.67
C ARG F 1039 -20.20 2.89 -53.15
N VAL F 1040 -21.34 2.34 -52.80
CA VAL F 1040 -22.48 3.16 -52.42
C VAL F 1040 -22.24 3.86 -51.08
N ASP F 1041 -22.47 5.17 -51.08
CA ASP F 1041 -22.34 6.01 -49.90
C ASP F 1041 -20.91 6.11 -49.38
N PHE F 1042 -19.95 5.62 -50.13
CA PHE F 1042 -18.55 5.72 -49.71
C PHE F 1042 -18.00 7.13 -49.93
N CYS F 1043 -18.41 7.78 -51.02
CA CYS F 1043 -17.92 9.10 -51.40
C CYS F 1043 -19.08 10.08 -51.52
N GLY F 1044 -19.88 10.17 -50.46
CA GLY F 1044 -21.02 11.07 -50.44
C GLY F 1044 -22.30 10.38 -50.90
N LYS F 1045 -23.42 11.07 -50.72
CA LYS F 1045 -24.75 10.55 -51.14
C LYS F 1045 -25.01 10.88 -52.60
N GLY F 1046 -25.49 9.91 -53.37
CA GLY F 1046 -25.73 10.06 -54.80
C GLY F 1046 -24.69 9.31 -55.59
N TYR F 1047 -24.68 9.48 -56.89
CA TYR F 1047 -23.71 8.78 -57.72
C TYR F 1047 -22.43 9.57 -57.80
N HIS F 1048 -21.34 8.98 -57.35
CA HIS F 1048 -20.09 9.70 -57.22
C HIS F 1048 -19.51 10.09 -58.57
N LEU F 1049 -19.15 11.36 -58.70
CA LEU F 1049 -18.44 11.85 -59.86
C LEU F 1049 -16.98 12.07 -59.55
N MET F 1050 -16.70 12.90 -58.55
CA MET F 1050 -15.33 13.21 -58.16
C MET F 1050 -15.29 13.84 -56.78
N SER F 1051 -14.09 13.90 -56.20
CA SER F 1051 -13.94 14.53 -54.90
C SER F 1051 -12.70 15.42 -54.83
N PHE F 1052 -12.75 16.40 -53.95
CA PHE F 1052 -11.63 17.31 -53.74
C PHE F 1052 -11.30 17.38 -52.26
N PRO F 1053 -10.04 17.13 -51.88
CA PRO F 1053 -9.54 17.25 -50.54
C PRO F 1053 -9.28 18.70 -50.17
N GLN F 1054 -9.51 19.01 -48.91
CA GLN F 1054 -9.09 20.27 -48.27
C GLN F 1054 -8.48 19.93 -46.93
N SER F 1055 -7.34 20.52 -46.64
CA SER F 1055 -6.70 20.22 -45.36
C SER F 1055 -7.38 21.00 -44.24
N ALA F 1056 -7.31 20.46 -43.03
CA ALA F 1056 -7.89 21.09 -41.83
C ALA F 1056 -6.98 20.79 -40.65
N PRO F 1057 -7.11 21.51 -39.54
CA PRO F 1057 -6.35 21.30 -38.32
C PRO F 1057 -6.48 19.86 -37.83
N HIS F 1058 -5.37 19.13 -37.88
CA HIS F 1058 -5.31 17.74 -37.43
C HIS F 1058 -6.29 16.83 -38.17
N GLY F 1059 -6.68 17.22 -39.37
CA GLY F 1059 -7.68 16.43 -40.08
C GLY F 1059 -7.73 16.73 -41.57
N VAL F 1060 -8.73 16.16 -42.23
CA VAL F 1060 -8.95 16.35 -43.65
C VAL F 1060 -10.43 16.54 -43.93
N VAL F 1061 -10.74 17.40 -44.87
CA VAL F 1061 -12.12 17.57 -45.32
C VAL F 1061 -12.25 17.20 -46.78
N PHE F 1062 -13.19 16.32 -47.07
CA PHE F 1062 -13.44 15.95 -48.46
C PHE F 1062 -14.70 16.62 -48.97
N LEU F 1063 -14.61 17.22 -50.15
CA LEU F 1063 -15.78 17.75 -50.83
C LEU F 1063 -16.19 16.79 -51.94
N HIS F 1064 -17.30 16.11 -51.72
CA HIS F 1064 -17.75 15.06 -52.64
C HIS F 1064 -18.76 15.60 -53.63
N VAL F 1065 -18.48 15.39 -54.90
CA VAL F 1065 -19.39 15.84 -55.96
C VAL F 1065 -20.15 14.65 -56.52
N THR F 1066 -21.48 14.72 -56.40
CA THR F 1066 -22.31 13.60 -56.83
C THR F 1066 -23.41 14.02 -57.78
N TYR F 1067 -23.87 13.07 -58.57
CA TYR F 1067 -25.00 13.25 -59.47
C TYR F 1067 -26.26 12.72 -58.82
N VAL F 1068 -27.24 13.60 -58.62
CA VAL F 1068 -28.49 13.21 -57.99
C VAL F 1068 -29.66 13.40 -58.95
N PRO F 1069 -30.34 12.33 -59.37
CA PRO F 1069 -31.48 12.32 -60.26
C PRO F 1069 -32.59 13.21 -59.74
N ALA F 1070 -33.31 13.86 -60.64
CA ALA F 1070 -34.37 14.79 -60.25
C ALA F 1070 -35.52 14.80 -61.24
N GLN F 1071 -36.67 15.26 -60.77
CA GLN F 1071 -37.84 15.45 -61.63
C GLN F 1071 -38.21 14.19 -62.37
N GLU F 1072 -38.51 13.14 -61.62
CA GLU F 1072 -38.94 11.88 -62.24
C GLU F 1072 -40.39 11.95 -62.68
N LYS F 1073 -40.66 11.15 -63.70
CA LYS F 1073 -42.04 11.04 -64.21
C LYS F 1073 -42.37 9.56 -64.45
N ASN F 1074 -43.65 9.19 -64.34
CA ASN F 1074 -44.13 7.81 -64.55
C ASN F 1074 -44.25 7.42 -66.02
N PHE F 1075 -43.80 6.22 -66.37
CA PHE F 1075 -43.99 5.64 -67.71
C PHE F 1075 -44.46 4.19 -67.63
N THR F 1076 -45.11 3.71 -68.69
CA THR F 1076 -45.43 2.29 -68.81
C THR F 1076 -44.24 1.55 -69.40
N THR F 1077 -43.97 0.34 -68.90
CA THR F 1077 -42.81 -0.40 -69.35
C THR F 1077 -43.12 -1.85 -69.68
N ALA F 1078 -42.18 -2.48 -70.39
CA ALA F 1078 -42.25 -3.90 -70.71
C ALA F 1078 -40.84 -4.46 -70.79
N PRO F 1079 -40.66 -5.74 -70.44
CA PRO F 1079 -39.41 -6.47 -70.44
C PRO F 1079 -38.89 -6.74 -71.86
N ALA F 1080 -39.80 -6.77 -72.83
CA ALA F 1080 -39.42 -7.11 -74.19
C ALA F 1080 -40.46 -6.63 -75.18
N ILE F 1081 -40.02 -6.45 -76.42
CA ILE F 1081 -40.92 -6.11 -77.52
C ILE F 1081 -41.01 -7.26 -78.52
N CYS F 1082 -42.20 -7.64 -78.94
CA CYS F 1082 -42.43 -8.70 -79.88
C CYS F 1082 -42.59 -8.11 -81.32
N HIS F 1083 -41.78 -8.59 -82.24
CA HIS F 1083 -41.85 -8.12 -83.61
C HIS F 1083 -41.35 -9.19 -84.58
N ASP F 1084 -42.10 -9.40 -85.66
CA ASP F 1084 -41.76 -10.42 -86.64
C ASP F 1084 -41.62 -11.79 -85.98
N GLY F 1085 -42.36 -11.99 -84.90
CA GLY F 1085 -42.37 -13.28 -84.20
C GLY F 1085 -41.18 -13.46 -83.26
N LYS F 1086 -40.35 -12.44 -83.16
CA LYS F 1086 -39.14 -12.55 -82.34
C LYS F 1086 -39.21 -11.63 -81.12
N ALA F 1087 -38.57 -12.03 -80.04
CA ALA F 1087 -38.53 -11.22 -78.82
C ALA F 1087 -37.28 -10.34 -78.78
N HIS F 1088 -37.49 -9.04 -78.64
CA HIS F 1088 -36.40 -8.08 -78.62
C HIS F 1088 -36.20 -7.47 -77.24
N PHE F 1089 -34.94 -7.32 -76.85
CA PHE F 1089 -34.58 -6.72 -75.59
C PHE F 1089 -33.68 -5.50 -75.84
N PRO F 1090 -33.66 -4.49 -74.96
CA PRO F 1090 -32.81 -3.32 -75.03
C PRO F 1090 -31.36 -3.72 -74.88
N ARG F 1091 -30.49 -3.10 -75.66
CA ARG F 1091 -29.05 -3.37 -75.51
C ARG F 1091 -28.48 -2.66 -74.28
N GLU F 1092 -28.93 -1.44 -74.04
CA GLU F 1092 -28.38 -0.63 -72.96
C GLU F 1092 -29.45 -0.05 -72.05
N GLY F 1093 -30.63 0.24 -72.60
CA GLY F 1093 -31.61 1.00 -71.87
C GLY F 1093 -32.83 0.19 -71.44
N VAL F 1094 -33.97 0.88 -71.37
CA VAL F 1094 -35.23 0.28 -70.94
C VAL F 1094 -36.35 0.70 -71.90
N PHE F 1095 -37.30 -0.21 -72.14
CA PHE F 1095 -38.45 0.13 -72.98
C PHE F 1095 -39.50 0.88 -72.18
N VAL F 1096 -39.92 2.03 -72.71
CA VAL F 1096 -40.94 2.84 -72.06
C VAL F 1096 -42.01 3.29 -73.04
N SER F 1097 -43.17 3.63 -72.53
CA SER F 1097 -44.22 4.20 -73.34
C SER F 1097 -44.76 5.48 -72.74
N ASN F 1098 -44.99 6.48 -73.58
CA ASN F 1098 -45.54 7.77 -73.16
C ASN F 1098 -47.09 7.72 -73.10
N GLY F 1099 -47.66 6.53 -73.37
CA GLY F 1099 -49.09 6.31 -73.33
C GLY F 1099 -49.60 5.84 -74.68
N THR F 1100 -48.89 6.22 -75.75
CA THR F 1100 -49.31 5.85 -77.09
C THR F 1100 -48.18 5.25 -77.93
N HIS F 1101 -46.94 5.62 -77.63
CA HIS F 1101 -45.80 5.18 -78.42
C HIS F 1101 -44.70 4.57 -77.56
N TRP F 1102 -44.04 3.54 -78.10
CA TRP F 1102 -42.95 2.87 -77.39
C TRP F 1102 -41.58 3.38 -77.82
N PHE F 1103 -40.71 3.58 -76.83
CA PHE F 1103 -39.35 4.05 -77.04
C PHE F 1103 -38.37 3.28 -76.17
N VAL F 1104 -37.10 3.38 -76.50
CA VAL F 1104 -36.06 2.90 -75.59
C VAL F 1104 -35.25 4.08 -75.07
N THR F 1105 -34.98 4.08 -73.77
CA THR F 1105 -34.23 5.16 -73.15
C THR F 1105 -33.14 4.65 -72.22
N GLN F 1106 -32.08 5.43 -72.07
CA GLN F 1106 -31.08 5.17 -71.03
C GLN F 1106 -31.76 5.27 -69.66
N ARG F 1107 -31.21 4.56 -68.69
CA ARG F 1107 -31.93 4.27 -67.45
C ARG F 1107 -32.01 5.45 -66.46
N ASN F 1108 -30.98 6.29 -66.43
CA ASN F 1108 -30.87 7.30 -65.39
C ASN F 1108 -31.22 8.70 -65.89
N PHE F 1109 -31.69 8.79 -67.12
CA PHE F 1109 -32.02 10.09 -67.70
C PHE F 1109 -32.93 9.91 -68.91
N TYR F 1110 -34.11 10.49 -68.84
CA TYR F 1110 -35.09 10.27 -69.88
C TYR F 1110 -34.63 10.87 -71.20
N GLU F 1111 -34.45 10.01 -72.18
CA GLU F 1111 -34.00 10.39 -73.51
C GLU F 1111 -34.48 9.39 -74.54
N PRO F 1112 -35.76 9.45 -74.90
CA PRO F 1112 -36.49 8.46 -75.66
C PRO F 1112 -35.98 8.39 -77.09
N GLN F 1113 -35.76 7.17 -77.57
CA GLN F 1113 -35.35 6.95 -78.94
C GLN F 1113 -36.19 5.89 -79.61
N ILE F 1114 -36.29 5.96 -80.92
CA ILE F 1114 -37.05 4.97 -81.68
C ILE F 1114 -36.42 3.60 -81.55
N ILE F 1115 -37.26 2.59 -81.35
CA ILE F 1115 -36.77 1.22 -81.18
C ILE F 1115 -36.36 0.64 -82.52
N THR F 1116 -35.08 0.28 -82.62
CA THR F 1116 -34.50 -0.21 -83.86
C THR F 1116 -33.64 -1.43 -83.61
N THR F 1117 -33.14 -2.02 -84.68
CA THR F 1117 -32.24 -3.16 -84.59
C THR F 1117 -30.84 -2.76 -84.14
N ASP F 1118 -30.62 -1.45 -84.00
CA ASP F 1118 -29.33 -0.93 -83.54
C ASP F 1118 -29.27 -0.79 -82.02
N ASN F 1119 -30.42 -0.73 -81.36
CA ASN F 1119 -30.45 -0.48 -79.93
C ASN F 1119 -31.16 -1.60 -79.17
N THR F 1120 -31.44 -2.70 -79.88
CA THR F 1120 -32.01 -3.89 -79.28
C THR F 1120 -31.29 -5.14 -79.75
N PHE F 1121 -31.55 -6.25 -79.10
CA PHE F 1121 -31.05 -7.54 -79.54
C PHE F 1121 -32.14 -8.60 -79.46
N VAL F 1122 -32.01 -9.66 -80.22
CA VAL F 1122 -33.04 -10.69 -80.30
C VAL F 1122 -32.67 -11.94 -79.55
N SER F 1123 -33.63 -12.47 -78.80
CA SER F 1123 -33.44 -13.76 -78.16
C SER F 1123 -34.73 -14.59 -78.12
N GLY F 1124 -34.79 -15.60 -78.99
CA GLY F 1124 -35.91 -16.53 -79.00
C GLY F 1124 -37.19 -15.90 -79.53
N ASN F 1125 -38.31 -16.58 -79.29
CA ASN F 1125 -39.61 -16.15 -79.76
C ASN F 1125 -40.41 -15.49 -78.63
N CYS F 1126 -41.66 -15.14 -78.91
CA CYS F 1126 -42.48 -14.31 -78.03
C CYS F 1126 -43.32 -15.13 -77.05
N ASP F 1127 -43.06 -16.43 -76.99
CA ASP F 1127 -43.86 -17.32 -76.15
C ASP F 1127 -43.38 -17.39 -74.71
N VAL F 1128 -42.13 -17.02 -74.47
CA VAL F 1128 -41.51 -17.27 -73.19
C VAL F 1128 -41.62 -16.09 -72.22
N VAL F 1129 -41.44 -14.88 -72.72
CA VAL F 1129 -41.34 -13.72 -71.87
C VAL F 1129 -42.71 -13.23 -71.37
N ILE F 1130 -42.86 -13.17 -70.06
CA ILE F 1130 -44.09 -12.70 -69.44
C ILE F 1130 -44.18 -11.19 -69.50
N GLY F 1131 -45.25 -10.69 -70.10
CA GLY F 1131 -45.46 -9.25 -70.16
C GLY F 1131 -44.92 -8.63 -71.44
N ILE F 1132 -44.53 -9.47 -72.40
CA ILE F 1132 -44.04 -8.97 -73.69
C ILE F 1132 -45.15 -8.24 -74.43
N VAL F 1133 -44.81 -7.13 -75.08
CA VAL F 1133 -45.80 -6.34 -75.81
C VAL F 1133 -45.47 -6.26 -77.29
N ASN F 1134 -46.49 -6.09 -78.12
CA ASN F 1134 -46.36 -6.01 -79.58
C ASN F 1134 -46.08 -4.58 -80.04
N ASN F 1135 -44.97 -4.40 -80.76
CA ASN F 1135 -44.60 -3.10 -81.32
C ASN F 1135 -43.64 -3.26 -82.48
N THR F 1136 -43.61 -2.29 -83.38
CA THR F 1136 -42.67 -2.31 -84.48
C THR F 1136 -41.23 -2.10 -84.03
N VAL F 1137 -40.32 -2.88 -84.60
CA VAL F 1137 -38.89 -2.66 -84.43
C VAL F 1137 -38.28 -2.25 -85.77
N TYR F 1138 -37.67 -1.09 -85.82
CA TYR F 1138 -37.23 -0.50 -87.08
C TYR F 1138 -35.83 -0.95 -87.51
N ASP F 1139 -35.68 -1.21 -88.80
CA ASP F 1139 -34.41 -1.55 -89.39
C ASP F 1139 -33.96 -0.45 -90.38
N PRO F 1140 -32.94 0.35 -90.02
CA PRO F 1140 -32.43 1.51 -90.72
C PRO F 1140 -32.11 1.31 -92.19
N LEU F 1141 -31.83 0.09 -92.60
CA LEU F 1141 -31.51 -0.15 -93.99
C LEU F 1141 -32.74 -0.42 -94.82
N GLN F 1142 -33.88 -0.54 -94.15
CA GLN F 1142 -35.14 -0.83 -94.78
C GLN F 1142 -35.50 0.19 -95.91
N PRO F 1143 -35.52 1.51 -95.63
CA PRO F 1143 -35.84 2.55 -96.57
C PRO F 1143 -34.77 2.71 -97.64
N GLU F 1144 -33.55 2.26 -97.33
CA GLU F 1144 -32.46 2.31 -98.29
C GLU F 1144 -32.55 1.15 -99.28
N LEU F 1145 -32.84 -0.06 -98.78
CA LEU F 1145 -32.86 -1.27 -99.65
C LEU F 1145 -34.24 -1.93 -99.53
N ILE G 1 40.65 -35.98 39.41
CA ILE G 1 41.60 -34.87 39.42
C ILE G 1 42.18 -34.64 40.82
N VAL G 2 43.39 -34.08 40.87
CA VAL G 2 44.02 -33.65 42.11
C VAL G 2 44.43 -32.19 42.04
N MET G 3 44.07 -31.42 43.06
CA MET G 3 44.47 -30.02 43.16
C MET G 3 45.54 -29.85 44.24
N MET G 4 46.71 -29.35 43.84
CA MET G 4 47.86 -29.27 44.74
C MET G 4 48.30 -27.83 45.02
N GLN G 5 48.23 -27.43 46.27
CA GLN G 5 48.62 -26.08 46.64
C GLN G 5 50.03 -26.03 47.26
N SER G 6 50.68 -24.87 47.17
CA SER G 6 52.02 -24.69 47.69
C SER G 6 52.35 -23.22 47.97
N PRO G 7 53.12 -22.93 49.03
CA PRO G 7 53.63 -23.87 50.04
C PRO G 7 52.56 -24.15 51.10
N GLY G 8 52.69 -25.28 51.75
CA GLY G 8 51.73 -25.65 52.75
C GLY G 8 51.52 -24.56 53.80
N THR G 9 52.60 -23.89 54.16
CA THR G 9 52.54 -22.77 55.08
C THR G 9 53.46 -21.64 54.63
N LEU G 10 52.98 -20.41 54.74
CA LEU G 10 53.75 -19.23 54.39
C LEU G 10 53.80 -18.24 55.54
N SER G 11 54.95 -17.62 55.76
CA SER G 11 55.11 -16.63 56.81
C SER G 11 55.86 -15.41 56.33
N LEU G 12 55.28 -14.24 56.59
CA LEU G 12 55.87 -12.96 56.21
C LEU G 12 55.26 -11.84 57.04
N SER G 13 55.91 -10.69 57.05
CA SER G 13 55.43 -9.55 57.82
C SER G 13 54.23 -8.88 57.14
N PRO G 14 53.36 -8.23 57.92
CA PRO G 14 52.31 -7.34 57.46
C PRO G 14 52.87 -6.23 56.60
N GLY G 15 52.14 -5.86 55.56
CA GLY G 15 52.57 -4.79 54.66
C GLY G 15 53.35 -5.33 53.48
N GLU G 16 53.72 -6.60 53.52
CA GLU G 16 54.46 -7.21 52.43
C GLU G 16 53.55 -7.96 51.48
N ARG G 17 54.09 -8.38 50.35
CA ARG G 17 53.32 -9.09 49.33
C ARG G 17 53.48 -10.61 49.46
N ALA G 18 52.39 -11.33 49.25
CA ALA G 18 52.41 -12.80 49.29
C ALA G 18 51.84 -13.40 48.02
N THR G 19 52.38 -14.54 47.62
CA THR G 19 51.83 -15.30 46.50
C THR G 19 51.64 -16.76 46.86
N LEU G 20 50.47 -17.30 46.50
CA LEU G 20 50.15 -18.71 46.74
C LEU G 20 49.90 -19.43 45.41
N SER G 21 50.25 -20.71 45.35
CA SER G 21 50.14 -21.45 44.10
C SER G 21 49.12 -22.59 44.18
N CYS G 22 48.64 -23.01 43.01
CA CYS G 22 47.74 -24.16 42.87
C CYS G 22 47.98 -24.85 41.53
N ARG G 23 48.33 -26.14 41.59
CA ARG G 23 48.63 -26.93 40.41
C ARG G 23 47.62 -28.05 40.24
N ALA G 24 47.17 -28.27 39.01
CA ALA G 24 46.21 -29.31 38.73
C ALA G 24 46.85 -30.49 38.01
N SER G 25 46.34 -31.68 38.27
CA SER G 25 46.80 -32.89 37.61
C SER G 25 46.43 -32.92 36.14
N GLN G 26 45.53 -32.03 35.74
CA GLN G 26 45.10 -31.91 34.35
C GLN G 26 44.64 -30.50 34.07
N SER G 27 44.45 -30.17 32.80
CA SER G 27 44.05 -28.82 32.42
C SER G 27 42.71 -28.45 33.04
N VAL G 28 42.64 -27.24 33.57
CA VAL G 28 41.40 -26.69 34.10
C VAL G 28 41.08 -25.37 33.42
N SER G 29 39.87 -25.25 32.89
CA SER G 29 39.45 -24.01 32.27
C SER G 29 39.50 -22.89 33.28
N SER G 30 39.90 -21.70 32.85
CA SER G 30 40.07 -20.59 33.77
C SER G 30 38.75 -20.24 34.46
N SER G 31 37.65 -20.51 33.78
CA SER G 31 36.32 -20.20 34.29
C SER G 31 35.94 -21.12 35.45
N TYR G 32 36.65 -22.24 35.57
CA TYR G 32 36.31 -23.26 36.55
C TYR G 32 37.28 -23.29 37.72
N LEU G 33 38.09 -22.23 37.86
CA LEU G 33 39.01 -22.13 38.99
C LEU G 33 38.61 -20.99 39.93
N ALA G 34 38.50 -21.29 41.23
CA ALA G 34 38.12 -20.29 42.24
C ALA G 34 39.01 -20.37 43.48
N TRP G 35 39.06 -19.28 44.24
CA TRP G 35 39.82 -19.22 45.49
C TRP G 35 38.96 -18.83 46.68
N TYR G 36 39.19 -19.47 47.83
CA TYR G 36 38.48 -19.18 49.07
C TYR G 36 39.43 -18.79 50.19
N GLN G 37 38.94 -17.96 51.11
CA GLN G 37 39.66 -17.58 52.33
C GLN G 37 38.91 -18.08 53.55
N GLN G 38 39.61 -18.69 54.48
CA GLN G 38 38.99 -19.16 55.71
C GLN G 38 39.73 -18.69 56.95
N LYS G 39 39.13 -17.74 57.68
CA LYS G 39 39.68 -17.30 58.94
C LYS G 39 39.35 -18.32 60.01
N PRO G 40 40.12 -18.38 61.11
CA PRO G 40 39.92 -19.27 62.23
C PRO G 40 38.52 -19.12 62.81
N GLY G 41 37.82 -20.25 62.96
CA GLY G 41 36.50 -20.26 63.57
C GLY G 41 35.40 -19.78 62.63
N GLN G 42 35.70 -19.72 61.34
CA GLN G 42 34.73 -19.20 60.38
C GLN G 42 34.59 -20.08 59.14
N ALA G 43 33.43 -19.99 58.49
CA ALA G 43 33.23 -20.62 57.19
C ALA G 43 34.07 -19.94 56.12
N PRO G 44 34.45 -20.64 55.05
CA PRO G 44 35.15 -20.12 53.89
C PRO G 44 34.34 -19.03 53.21
N ARG G 45 35.02 -18.06 52.63
CA ARG G 45 34.36 -17.05 51.81
C ARG G 45 35.04 -16.94 50.46
N LEU G 46 34.28 -16.62 49.42
CA LEU G 46 34.83 -16.51 48.08
C LEU G 46 35.63 -15.23 47.91
N LEU G 47 36.83 -15.37 47.36
CA LEU G 47 37.66 -14.21 47.04
C LEU G 47 37.74 -14.01 45.55
N ILE G 48 38.10 -15.07 44.84
CA ILE G 48 38.26 -15.01 43.39
C ILE G 48 37.46 -16.11 42.72
N TYR G 49 36.75 -15.76 41.66
CA TYR G 49 36.09 -16.75 40.83
C TYR G 49 36.51 -16.55 39.39
N GLY G 50 36.46 -17.62 38.61
CA GLY G 50 36.80 -17.52 37.20
C GLY G 50 38.27 -17.19 37.02
N ALA G 51 39.10 -17.63 37.97
CA ALA G 51 40.54 -17.42 37.98
C ALA G 51 40.95 -15.98 38.32
N SER G 52 40.33 -15.00 37.68
CA SER G 52 40.85 -13.62 37.77
C SER G 52 39.83 -12.57 38.24
N SER G 53 38.62 -13.00 38.61
CA SER G 53 37.59 -12.04 38.99
C SER G 53 37.33 -12.04 40.48
N ARG G 54 37.33 -10.86 41.09
CA ARG G 54 37.06 -10.74 42.51
C ARG G 54 35.58 -10.86 42.82
N ALA G 55 35.27 -11.48 43.96
CA ALA G 55 33.91 -11.57 44.46
C ALA G 55 33.48 -10.22 45.04
N THR G 56 32.18 -10.03 45.16
CA THR G 56 31.64 -8.78 45.67
C THR G 56 32.12 -8.51 47.09
N GLY G 57 32.61 -7.30 47.32
CA GLY G 57 33.00 -6.86 48.65
C GLY G 57 34.45 -7.18 48.97
N ILE G 58 35.18 -7.72 47.99
CA ILE G 58 36.58 -8.08 48.20
C ILE G 58 37.51 -6.96 47.70
N PRO G 59 38.42 -6.46 48.56
CA PRO G 59 39.39 -5.43 48.29
C PRO G 59 40.26 -5.76 47.09
N ASP G 60 40.69 -4.73 46.37
CA ASP G 60 41.51 -4.90 45.18
C ASP G 60 42.95 -5.24 45.54
N ARG G 61 43.19 -5.44 46.83
CA ARG G 61 44.46 -5.93 47.32
C ARG G 61 44.67 -7.37 46.88
N PHE G 62 43.57 -8.03 46.51
CA PHE G 62 43.62 -9.42 46.05
C PHE G 62 43.51 -9.52 44.54
N SER G 63 44.28 -10.41 43.94
CA SER G 63 44.17 -10.69 42.51
C SER G 63 44.56 -12.12 42.21
N GLY G 64 44.12 -12.63 41.06
CA GLY G 64 44.44 -14.01 40.67
C GLY G 64 44.80 -14.11 39.20
N SER G 65 45.42 -15.23 38.84
CA SER G 65 45.82 -15.43 37.44
C SER G 65 46.18 -16.90 37.22
N GLY G 66 46.32 -17.29 35.96
CA GLY G 66 46.75 -18.64 35.62
C GLY G 66 45.92 -19.25 34.50
N SER G 67 46.37 -20.41 34.04
CA SER G 67 45.68 -21.14 32.99
C SER G 67 46.17 -22.57 32.97
N GLY G 68 45.42 -23.44 32.31
CA GLY G 68 45.87 -24.82 32.13
C GLY G 68 46.01 -25.52 33.47
N THR G 69 47.25 -25.84 33.84
CA THR G 69 47.52 -26.60 35.04
C THR G 69 48.02 -25.76 36.22
N ASP G 70 48.29 -24.48 36.00
CA ASP G 70 48.94 -23.68 37.04
C ASP G 70 48.28 -22.33 37.28
N PHE G 71 47.87 -22.10 38.54
CA PHE G 71 47.20 -20.88 38.95
C PHE G 71 47.82 -20.29 40.20
N THR G 72 47.63 -18.98 40.40
CA THR G 72 48.27 -18.27 41.54
C THR G 72 47.38 -17.17 42.13
N LEU G 73 47.33 -17.06 43.46
CA LEU G 73 46.63 -15.98 44.16
C LEU G 73 47.63 -15.02 44.76
N THR G 74 47.43 -13.73 44.51
CA THR G 74 48.35 -12.71 45.01
C THR G 74 47.69 -11.77 46.01
N ILE G 75 48.36 -11.56 47.13
CA ILE G 75 47.95 -10.57 48.12
C ILE G 75 48.99 -9.46 48.18
N SER G 76 48.62 -8.27 47.71
CA SER G 76 49.61 -7.22 47.47
C SER G 76 50.24 -6.67 48.74
N ARG G 77 49.42 -6.38 49.73
CA ARG G 77 49.88 -5.86 51.01
C ARG G 77 49.07 -6.44 52.15
N LEU G 78 49.70 -7.28 52.96
CA LEU G 78 48.96 -8.04 53.95
C LEU G 78 48.55 -7.22 55.15
N GLU G 79 47.29 -7.36 55.55
CA GLU G 79 46.81 -6.83 56.82
C GLU G 79 46.81 -7.96 57.84
N PRO G 80 46.67 -7.67 59.13
CA PRO G 80 46.57 -8.61 60.22
C PRO G 80 45.43 -9.61 60.00
N GLU G 81 44.46 -9.23 59.16
CA GLU G 81 43.30 -10.07 58.89
C GLU G 81 43.55 -11.10 57.81
N ASP G 82 44.64 -10.94 57.06
CA ASP G 82 44.88 -11.76 55.89
C ASP G 82 45.66 -13.03 56.19
N PHE G 83 46.03 -13.20 57.44
CA PHE G 83 46.81 -14.37 57.83
C PHE G 83 45.87 -15.54 58.11
N ALA G 84 45.26 -16.04 57.04
CA ALA G 84 44.24 -17.08 57.11
C ALA G 84 44.63 -18.25 56.23
N VAL G 85 43.76 -19.26 56.19
CA VAL G 85 43.97 -20.38 55.29
C VAL G 85 43.28 -20.13 53.95
N TYR G 86 43.97 -20.43 52.87
CA TYR G 86 43.43 -20.23 51.54
C TYR G 86 43.30 -21.54 50.80
N TYR G 87 42.24 -21.65 50.01
CA TYR G 87 42.01 -22.85 49.19
C TYR G 87 41.77 -22.48 47.75
N CYS G 88 42.21 -23.36 46.83
CA CYS G 88 41.79 -23.28 45.43
C CYS G 88 40.71 -24.33 45.18
N GLN G 89 39.78 -24.02 44.29
CA GLN G 89 38.68 -24.93 44.00
C GLN G 89 38.47 -25.06 42.51
N GLN G 90 38.21 -26.28 42.06
CA GLN G 90 38.03 -26.58 40.66
C GLN G 90 36.69 -27.25 40.40
N TYR G 91 36.13 -26.98 39.24
CA TYR G 91 34.95 -27.71 38.79
C TYR G 91 35.23 -28.50 37.50
N GLY G 92 34.67 -29.69 37.42
CA GLY G 92 34.69 -30.44 36.17
C GLY G 92 34.03 -31.80 36.32
N SER G 93 33.55 -32.34 35.22
CA SER G 93 32.94 -33.67 35.21
C SER G 93 31.90 -33.84 36.31
N SER G 94 31.05 -32.84 36.48
CA SER G 94 29.94 -32.89 37.42
C SER G 94 30.39 -33.03 38.88
N ALA G 95 31.55 -32.50 39.20
CA ALA G 95 32.04 -32.55 40.58
C ALA G 95 32.85 -31.31 40.93
N TRP G 96 32.86 -30.98 42.22
CA TRP G 96 33.60 -29.85 42.73
C TRP G 96 34.72 -30.34 43.64
N THR G 97 35.94 -29.89 43.39
CA THR G 97 37.12 -30.35 44.12
C THR G 97 37.90 -29.21 44.74
N PHE G 98 38.33 -29.40 45.98
CA PHE G 98 39.13 -28.39 46.67
C PHE G 98 40.58 -28.83 46.82
N GLY G 99 41.49 -27.86 46.86
CA GLY G 99 42.89 -28.14 47.19
C GLY G 99 43.01 -28.41 48.68
N GLN G 100 44.21 -28.79 49.12
CA GLN G 100 44.40 -29.19 50.51
C GLN G 100 44.48 -27.97 51.42
N GLY G 101 44.74 -26.82 50.83
CA GLY G 101 44.78 -25.57 51.57
C GLY G 101 46.18 -25.17 52.00
N THR G 102 46.42 -23.88 52.13
CA THR G 102 47.69 -23.35 52.62
C THR G 102 47.43 -22.30 53.69
N LYS G 103 48.29 -22.28 54.70
CA LYS G 103 48.14 -21.33 55.80
C LYS G 103 49.13 -20.17 55.69
N VAL G 104 48.61 -18.94 55.69
CA VAL G 104 49.44 -17.74 55.66
C VAL G 104 49.73 -17.25 57.08
N VAL H 1 21.97 -11.37 51.23
CA VAL H 1 21.93 -12.83 51.29
C VAL H 1 22.40 -13.32 52.66
N GLN H 2 21.61 -14.21 53.27
CA GLN H 2 21.99 -14.89 54.51
C GLN H 2 21.69 -16.37 54.43
N LEU H 3 22.59 -17.18 54.98
CA LEU H 3 22.36 -18.60 55.15
C LEU H 3 22.54 -18.99 56.60
N VAL H 4 21.48 -19.49 57.21
CA VAL H 4 21.49 -19.78 58.65
C VAL H 4 21.28 -21.26 58.92
N GLN H 5 22.22 -21.86 59.63
CA GLN H 5 22.18 -23.30 59.86
C GLN H 5 21.79 -23.65 61.29
N SER H 6 21.33 -24.89 61.46
CA SER H 6 20.96 -25.40 62.76
C SER H 6 22.17 -25.56 63.69
N GLY H 7 21.93 -25.81 64.97
CA GLY H 7 23.01 -25.88 65.94
C GLY H 7 23.72 -27.23 65.92
N ALA H 8 24.76 -27.35 66.73
CA ALA H 8 25.62 -28.53 66.75
C ALA H 8 24.89 -29.76 67.27
N GLU H 9 25.33 -30.92 66.80
CA GLU H 9 24.71 -32.20 67.17
C GLU H 9 25.75 -33.23 67.61
N VAL H 10 25.35 -34.11 68.53
CA VAL H 10 26.20 -35.21 68.99
C VAL H 10 25.49 -36.55 68.82
N LYS H 11 26.13 -37.49 68.14
CA LYS H 11 25.49 -38.76 67.78
C LYS H 11 26.39 -39.97 68.03
N LYS H 12 25.78 -41.16 68.03
CA LYS H 12 26.51 -42.41 68.11
C LYS H 12 26.52 -43.11 66.75
N PRO H 13 27.45 -44.06 66.53
CA PRO H 13 27.62 -44.81 65.30
C PRO H 13 26.35 -45.54 64.89
N GLY H 14 26.10 -45.58 63.58
CA GLY H 14 24.96 -46.30 63.03
C GLY H 14 23.71 -45.43 62.95
N ALA H 15 23.78 -44.26 63.57
CA ALA H 15 22.65 -43.33 63.62
C ALA H 15 22.58 -42.45 62.39
N SER H 16 21.59 -41.55 62.37
CA SER H 16 21.46 -40.57 61.30
C SER H 16 21.38 -39.15 61.88
N VAL H 17 21.89 -38.18 61.12
CA VAL H 17 21.83 -36.77 61.52
C VAL H 17 21.24 -35.91 60.42
N LYS H 18 20.45 -34.90 60.81
CA LYS H 18 19.88 -33.98 59.85
C LYS H 18 20.25 -32.54 60.16
N VAL H 19 20.82 -31.85 59.16
CA VAL H 19 21.21 -30.46 59.30
C VAL H 19 20.37 -29.56 58.40
N SER H 20 19.86 -28.47 58.95
CA SER H 20 19.02 -27.56 58.17
C SER H 20 19.77 -26.27 57.81
N CYS H 21 19.37 -25.66 56.69
CA CYS H 21 19.92 -24.37 56.25
C CYS H 21 18.82 -23.47 55.72
N LYS H 22 18.50 -22.42 56.45
CA LYS H 22 17.46 -21.48 56.05
C LYS H 22 18.05 -20.33 55.25
N ALA H 23 17.47 -20.09 54.09
CA ALA H 23 17.98 -19.06 53.19
C ALA H 23 17.07 -17.84 53.18
N SER H 24 17.66 -16.67 53.02
CA SER H 24 16.88 -15.45 52.86
C SER H 24 17.65 -14.40 52.07
N GLY H 25 16.93 -13.45 51.51
CA GLY H 25 17.56 -12.33 50.81
C GLY H 25 17.69 -12.57 49.32
N TYR H 26 17.17 -13.69 48.84
CA TYR H 26 17.23 -14.01 47.42
C TYR H 26 16.13 -14.98 47.02
N THR H 27 15.93 -15.12 45.71
CA THR H 27 14.96 -16.08 45.19
C THR H 27 15.47 -17.49 45.40
N PHE H 28 14.82 -18.21 46.31
CA PHE H 28 15.30 -19.51 46.77
C PHE H 28 15.47 -20.51 45.64
N THR H 29 14.51 -20.54 44.74
CA THR H 29 14.46 -21.54 43.69
C THR H 29 15.37 -21.20 42.51
N GLY H 30 16.04 -20.06 42.59
CA GLY H 30 16.89 -19.61 41.50
C GLY H 30 18.33 -20.12 41.64
N TYR H 31 18.62 -20.82 42.73
CA TYR H 31 19.98 -21.28 43.00
C TYR H 31 20.00 -22.72 43.49
N TYR H 32 21.14 -23.39 43.28
CA TYR H 32 21.35 -24.72 43.86
C TYR H 32 21.91 -24.58 45.26
N MET H 33 21.53 -25.50 46.14
CA MET H 33 22.13 -25.56 47.46
C MET H 33 23.09 -26.73 47.56
N HIS H 34 24.34 -26.44 47.89
CA HIS H 34 25.37 -27.46 48.02
C HIS H 34 25.74 -27.67 49.48
N TRP H 35 26.20 -28.87 49.79
CA TRP H 35 26.74 -29.14 51.13
C TRP H 35 28.22 -29.50 51.06
N VAL H 36 28.99 -28.91 51.97
CA VAL H 36 30.44 -29.11 52.04
C VAL H 36 30.86 -29.49 53.46
N ARG H 37 31.72 -30.49 53.58
CA ARG H 37 32.13 -31.01 54.88
C ARG H 37 33.59 -30.68 55.20
N GLN H 38 33.88 -30.45 56.49
CA GLN H 38 35.24 -30.18 56.93
C GLN H 38 35.59 -30.88 58.24
N ALA H 39 36.34 -31.98 58.15
CA ALA H 39 36.80 -32.69 59.35
C ALA H 39 37.84 -31.84 60.08
N PRO H 40 38.04 -32.04 61.38
CA PRO H 40 38.98 -31.31 62.20
C PRO H 40 40.39 -31.32 61.61
N GLY H 41 40.92 -30.12 61.36
CA GLY H 41 42.29 -29.96 60.87
C GLY H 41 42.41 -30.25 59.37
N GLN H 42 41.30 -30.60 58.74
CA GLN H 42 41.30 -30.97 57.33
C GLN H 42 40.74 -29.87 56.46
N GLY H 43 40.71 -30.12 55.15
CA GLY H 43 40.22 -29.15 54.18
C GLY H 43 38.74 -29.35 53.90
N LEU H 44 38.33 -29.06 52.67
CA LEU H 44 36.92 -29.05 52.32
C LEU H 44 36.56 -30.16 51.34
N GLU H 45 35.44 -30.83 51.59
CA GLU H 45 34.94 -31.87 50.71
C GLU H 45 33.50 -31.60 50.26
N TRP H 46 33.26 -31.68 48.96
CA TRP H 46 31.92 -31.49 48.43
C TRP H 46 31.10 -32.78 48.51
N MET H 47 29.86 -32.66 49.00
CA MET H 47 29.02 -33.83 49.22
C MET H 47 27.96 -34.02 48.14
N GLY H 48 27.39 -32.93 47.65
CA GLY H 48 26.27 -33.00 46.71
C GLY H 48 25.49 -31.69 46.64
N TRP H 49 24.48 -31.64 45.77
CA TRP H 49 23.62 -30.47 45.64
C TRP H 49 22.16 -30.85 45.49
N ILE H 50 21.28 -29.91 45.87
CA ILE H 50 19.86 -30.03 45.61
C ILE H 50 19.32 -28.79 44.90
N ASN H 51 18.43 -29.01 43.93
CA ASN H 51 17.76 -27.94 43.20
C ASN H 51 16.29 -27.84 43.62
N PRO H 52 15.95 -26.89 44.50
CA PRO H 52 14.66 -26.72 45.16
C PRO H 52 13.46 -26.67 44.21
N ILE H 53 13.67 -26.17 42.99
CA ILE H 53 12.55 -26.03 42.05
C ILE H 53 12.09 -27.39 41.54
N SER H 54 13.04 -28.29 41.37
CA SER H 54 12.75 -29.59 40.79
C SER H 54 12.84 -30.69 41.83
N SER H 55 13.45 -30.36 42.97
CA SER H 55 13.79 -31.32 44.01
C SER H 55 14.77 -32.37 43.48
N GLY H 56 15.46 -32.04 42.39
CA GLY H 56 16.50 -32.91 41.84
C GLY H 56 17.78 -32.78 42.65
N THR H 57 18.56 -33.85 42.70
CA THR H 57 19.79 -33.85 43.46
C THR H 57 20.92 -34.56 42.72
N SER H 58 22.14 -34.33 43.18
CA SER H 58 23.29 -35.11 42.75
C SER H 58 24.27 -35.22 43.90
N TYR H 59 24.89 -36.39 44.05
CA TYR H 59 25.81 -36.62 45.16
C TYR H 59 27.16 -37.08 44.70
N ALA H 60 28.17 -36.80 45.52
CA ALA H 60 29.52 -37.32 45.31
C ALA H 60 29.53 -38.82 45.50
N GLN H 61 30.44 -39.50 44.81
CA GLN H 61 30.52 -40.95 44.83
C GLN H 61 30.72 -41.51 46.24
N THR H 62 31.40 -40.74 47.08
CA THR H 62 31.69 -41.17 48.43
C THR H 62 30.43 -41.35 49.29
N PHE H 63 29.43 -40.53 49.03
CA PHE H 63 28.24 -40.52 49.86
C PHE H 63 27.04 -41.14 49.18
N GLN H 64 27.24 -41.71 48.00
CA GLN H 64 26.11 -42.26 47.27
C GLN H 64 25.47 -43.39 48.04
N GLY H 65 24.20 -43.23 48.39
CA GLY H 65 23.47 -44.22 49.16
C GLY H 65 23.48 -43.91 50.66
N ARG H 66 24.38 -43.03 51.08
CA ARG H 66 24.50 -42.67 52.49
C ARG H 66 23.75 -41.38 52.84
N VAL H 67 23.70 -40.48 51.87
CA VAL H 67 23.16 -39.15 52.14
C VAL H 67 21.90 -38.86 51.34
N THR H 68 20.97 -38.13 51.98
CA THR H 68 19.78 -37.65 51.33
C THR H 68 19.63 -36.15 51.53
N MET H 69 19.29 -35.43 50.46
CA MET H 69 19.05 -34.00 50.54
C MET H 69 17.61 -33.67 50.16
N THR H 70 17.01 -32.75 50.90
CA THR H 70 15.64 -32.32 50.64
C THR H 70 15.52 -30.80 50.80
N SER H 71 14.41 -30.26 50.36
CA SER H 71 14.15 -28.83 50.55
C SER H 71 12.67 -28.54 50.68
N ASP H 72 12.36 -27.42 51.32
CA ASP H 72 10.98 -26.97 51.49
C ASP H 72 10.88 -25.50 51.14
N THR H 73 10.26 -25.20 50.01
CA THR H 73 10.25 -23.85 49.49
C THR H 73 9.37 -22.92 50.32
N SER H 74 8.43 -23.50 51.07
CA SER H 74 7.48 -22.70 51.84
C SER H 74 8.16 -22.01 53.00
N ILE H 75 9.34 -22.51 53.37
CA ILE H 75 10.13 -21.91 54.43
C ILE H 75 11.54 -21.63 53.94
N THR H 76 11.72 -21.66 52.63
CA THR H 76 13.03 -21.47 52.01
C THR H 76 14.15 -22.13 52.80
N THR H 77 14.01 -23.43 53.05
CA THR H 77 15.00 -24.17 53.83
C THR H 77 15.42 -25.46 53.15
N ALA H 78 16.72 -25.75 53.19
CA ALA H 78 17.26 -27.00 52.68
C ALA H 78 17.76 -27.88 53.83
N TYR H 79 17.69 -29.20 53.64
CA TYR H 79 18.13 -30.15 54.65
C TYR H 79 19.08 -31.19 54.08
N MET H 80 20.08 -31.56 54.88
CA MET H 80 20.96 -32.67 54.53
C MET H 80 20.92 -33.73 55.62
N GLU H 81 20.67 -34.97 55.22
CA GLU H 81 20.59 -36.07 56.16
C GLU H 81 21.60 -37.16 55.84
N LEU H 82 22.47 -37.46 56.81
CA LEU H 82 23.51 -38.46 56.61
C LEU H 82 23.28 -39.67 57.53
N SER H 83 23.17 -40.86 56.92
CA SER H 83 22.84 -42.07 57.67
C SER H 83 24.05 -42.96 57.92
N ARG H 84 23.86 -43.99 58.76
CA ARG H 84 24.90 -44.96 59.06
C ARG H 84 26.18 -44.26 59.49
N LEU H 85 26.07 -43.39 60.48
CA LEU H 85 27.17 -42.54 60.88
C LEU H 85 28.34 -43.29 61.45
N ARG H 86 29.54 -42.79 61.19
CA ARG H 86 30.77 -43.33 61.72
C ARG H 86 31.58 -42.22 62.38
N SER H 87 32.59 -42.60 63.15
CA SER H 87 33.38 -41.63 63.90
C SER H 87 34.09 -40.63 62.99
N ASP H 88 34.38 -41.04 61.75
CA ASP H 88 35.08 -40.18 60.84
C ASP H 88 34.13 -39.26 60.08
N ASP H 89 32.85 -39.28 60.47
CA ASP H 89 31.88 -38.33 59.97
C ASP H 89 31.85 -37.09 60.85
N THR H 90 32.69 -37.08 61.88
CA THR H 90 32.81 -35.89 62.70
C THR H 90 33.42 -34.76 61.89
N ALA H 91 32.70 -33.66 61.79
CA ALA H 91 33.10 -32.54 60.94
C ALA H 91 32.18 -31.37 61.11
N VAL H 92 32.61 -30.21 60.64
CA VAL H 92 31.71 -29.09 60.44
C VAL H 92 31.07 -29.16 59.08
N TYR H 93 29.75 -29.08 59.03
CA TYR H 93 29.02 -29.16 57.78
C TYR H 93 28.51 -27.79 57.37
N TYR H 94 28.72 -27.43 56.11
CA TYR H 94 28.29 -26.14 55.61
C TYR H 94 27.27 -26.29 54.50
N CYS H 95 26.32 -25.35 54.43
CA CYS H 95 25.52 -25.15 53.23
C CYS H 95 26.13 -24.00 52.43
N ALA H 96 26.09 -24.12 51.11
CA ALA H 96 26.65 -23.08 50.25
C ALA H 96 25.81 -22.92 49.00
N ARG H 97 25.77 -21.69 48.50
CA ARG H 97 24.94 -21.39 47.34
C ARG H 97 25.76 -21.29 46.07
N ALA H 98 25.21 -21.79 44.98
CA ALA H 98 25.80 -21.65 43.66
C ALA H 98 24.71 -21.53 42.60
N ALA H 99 25.05 -20.97 41.45
CA ALA H 99 24.10 -20.83 40.35
C ALA H 99 23.78 -22.21 39.79
N PRO H 100 22.64 -22.36 39.12
CA PRO H 100 22.19 -23.52 38.38
C PRO H 100 23.04 -23.70 37.12
N PHE H 101 22.95 -24.88 36.53
CA PHE H 101 23.79 -25.24 35.41
C PHE H 101 23.53 -24.43 34.14
N TYR H 102 22.38 -23.79 34.07
CA TYR H 102 22.05 -23.02 32.88
C TYR H 102 22.60 -21.61 32.94
N ASP H 103 23.35 -21.30 34.00
CA ASP H 103 23.96 -19.99 34.13
C ASP H 103 24.98 -19.76 33.03
N PHE H 104 24.78 -18.69 32.26
CA PHE H 104 25.58 -18.41 31.09
C PHE H 104 27.06 -18.19 31.42
N TRP H 105 27.32 -17.54 32.55
CA TRP H 105 28.68 -17.18 32.91
C TRP H 105 29.29 -18.16 33.91
N SER H 106 28.83 -19.40 33.88
CA SER H 106 29.42 -20.47 34.67
C SER H 106 29.42 -20.20 36.17
N GLY H 107 28.35 -19.62 36.67
CA GLY H 107 28.23 -19.34 38.09
C GLY H 107 28.00 -20.61 38.90
N TYR H 108 27.80 -21.72 38.19
CA TYR H 108 27.57 -23.00 38.84
C TYR H 108 28.86 -23.63 39.33
N SER H 109 29.98 -23.12 38.85
CA SER H 109 31.27 -23.74 39.10
C SER H 109 31.85 -23.38 40.47
N TYR H 110 31.26 -22.40 41.13
CA TYR H 110 31.79 -21.93 42.40
C TYR H 110 30.70 -21.58 43.39
N PHE H 111 31.05 -21.54 44.66
CA PHE H 111 30.12 -21.25 45.74
C PHE H 111 30.27 -19.82 46.22
N ASP H 112 29.21 -19.03 46.08
CA ASP H 112 29.34 -17.59 46.32
C ASP H 112 28.93 -17.18 47.73
N TYR H 113 28.08 -17.97 48.36
CA TYR H 113 27.66 -17.68 49.74
C TYR H 113 27.71 -18.91 50.61
N TRP H 114 28.13 -18.73 51.85
CA TRP H 114 28.23 -19.83 52.79
C TRP H 114 27.45 -19.53 54.04
N GLY H 115 26.85 -20.56 54.60
CA GLY H 115 26.31 -20.44 55.96
C GLY H 115 27.43 -20.74 56.91
N GLN H 116 27.29 -20.26 58.13
CA GLN H 116 28.24 -20.65 59.17
C GLN H 116 27.93 -22.11 59.55
N GLY H 117 28.96 -22.91 59.70
CA GLY H 117 28.79 -24.35 59.69
C GLY H 117 28.13 -24.93 60.94
N THR H 118 27.66 -26.17 60.82
CA THR H 118 27.10 -26.94 61.92
C THR H 118 28.04 -28.05 62.32
N LEU H 119 28.44 -28.06 63.58
CA LEU H 119 29.36 -29.08 64.05
C LEU H 119 28.64 -30.36 64.44
N VAL H 120 29.04 -31.46 63.81
CA VAL H 120 28.49 -32.76 64.14
C VAL H 120 29.57 -33.69 64.68
N THR H 121 29.36 -34.20 65.88
CA THR H 121 30.30 -35.13 66.48
C THR H 121 29.67 -36.51 66.61
N VAL H 122 30.40 -37.54 66.15
CA VAL H 122 29.89 -38.92 66.15
C VAL H 122 30.76 -39.78 67.08
N VAL I 1 -25.39 16.85 32.40
CA VAL I 1 -26.64 17.44 32.85
C VAL I 1 -26.45 18.15 34.20
N ILE I 2 -26.91 19.40 34.28
CA ILE I 2 -26.84 20.19 35.51
C ILE I 2 -28.16 20.11 36.26
N TRP I 3 -28.09 19.70 37.52
CA TRP I 3 -29.28 19.56 38.34
C TRP I 3 -29.63 20.89 39.00
N MET I 4 -30.89 21.30 38.87
CA MET I 4 -31.33 22.57 39.45
C MET I 4 -32.26 22.33 40.63
N THR I 5 -31.99 23.02 41.73
CA THR I 5 -32.80 22.91 42.95
C THR I 5 -33.31 24.28 43.38
N GLN I 6 -34.52 24.31 43.90
CA GLN I 6 -35.09 25.54 44.44
C GLN I 6 -35.60 25.37 45.86
N SER I 7 -35.60 26.47 46.63
CA SER I 7 -36.06 26.46 47.99
C SER I 7 -36.55 27.83 48.39
N PRO I 8 -37.75 27.95 49.01
CA PRO I 8 -38.67 26.86 49.42
C PRO I 8 -39.43 26.36 48.19
N SER I 9 -40.00 25.18 48.30
CA SER I 9 -40.87 24.72 47.23
C SER I 9 -42.17 25.52 47.19
N SER I 10 -42.52 26.11 48.32
CA SER I 10 -43.73 26.92 48.45
C SER I 10 -43.59 27.88 49.62
N LEU I 11 -44.06 29.11 49.43
CA LEU I 11 -44.05 30.08 50.52
C LEU I 11 -45.30 30.93 50.51
N SER I 12 -45.77 31.30 51.70
CA SER I 12 -46.88 32.21 51.82
C SER I 12 -46.40 33.60 52.21
N ALA I 13 -46.96 34.62 51.59
CA ALA I 13 -46.58 36.00 51.89
C ALA I 13 -47.75 36.95 51.67
N SER I 14 -47.76 38.03 52.43
CA SER I 14 -48.80 39.04 52.31
C SER I 14 -48.36 40.16 51.39
N VAL I 15 -49.27 41.06 51.10
CA VAL I 15 -48.92 42.22 50.27
C VAL I 15 -48.02 43.16 51.06
N GLY I 16 -46.89 43.50 50.47
CA GLY I 16 -45.92 44.37 51.12
C GLY I 16 -44.74 43.58 51.70
N ASP I 17 -44.90 42.26 51.80
CA ASP I 17 -43.84 41.42 52.34
C ASP I 17 -42.69 41.25 51.35
N ARG I 18 -41.50 41.01 51.88
CA ARG I 18 -40.34 40.70 51.06
C ARG I 18 -40.26 39.21 50.80
N VAL I 19 -40.17 38.83 49.53
CA VAL I 19 -40.14 37.42 49.17
C VAL I 19 -38.82 37.03 48.52
N THR I 20 -38.15 36.06 49.11
CA THR I 20 -36.89 35.59 48.56
C THR I 20 -36.97 34.11 48.16
N ILE I 21 -36.51 33.82 46.95
CA ILE I 21 -36.48 32.46 46.43
C ILE I 21 -35.07 32.05 46.05
N THR I 22 -34.61 30.92 46.56
CA THR I 22 -33.26 30.45 46.29
C THR I 22 -33.24 29.42 45.16
N CYS I 23 -32.24 29.54 44.28
CA CYS I 23 -31.99 28.55 43.23
C CYS I 23 -30.53 28.14 43.24
N GLN I 24 -30.29 26.83 43.23
CA GLN I 24 -28.94 26.31 43.33
C GLN I 24 -28.63 25.34 42.19
N ALA I 25 -27.46 25.51 41.59
CA ALA I 25 -27.00 24.61 40.54
C ALA I 25 -25.97 23.63 41.07
N SER I 26 -26.04 22.38 40.60
CA SER I 26 -25.07 21.37 40.98
C SER I 26 -23.70 21.63 40.38
N GLN I 27 -23.66 22.50 39.37
CA GLN I 27 -22.43 22.89 38.72
C GLN I 27 -22.30 24.39 38.64
N ASP I 28 -21.08 24.89 38.52
CA ASP I 28 -20.86 26.31 38.35
C ASP I 28 -21.32 26.75 36.97
N ILE I 29 -22.38 27.57 36.92
CA ILE I 29 -22.97 28.02 35.63
C ILE I 29 -22.65 29.49 35.40
N ARG I 30 -21.67 30.00 36.12
CA ARG I 30 -21.33 31.41 36.04
C ARG I 30 -22.55 32.30 36.34
N PHE I 31 -22.98 33.11 35.36
CA PHE I 31 -24.16 34.00 35.57
C PHE I 31 -25.20 33.73 34.49
N TYR I 32 -25.24 32.51 33.99
CA TYR I 32 -26.14 32.18 32.90
C TYR I 32 -27.44 31.56 33.39
N LEU I 33 -28.19 32.35 34.16
CA LEU I 33 -29.45 31.89 34.73
C LEU I 33 -30.61 32.81 34.34
N ASN I 34 -31.71 32.21 33.93
CA ASN I 34 -32.96 32.95 33.67
C ASN I 34 -33.97 32.71 34.78
N TRP I 35 -34.78 33.72 35.07
CA TRP I 35 -35.92 33.55 35.98
C TRP I 35 -37.25 33.78 35.27
N TYR I 36 -38.17 32.84 35.44
CA TYR I 36 -39.49 32.91 34.82
C TYR I 36 -40.61 32.99 35.84
N GLN I 37 -41.71 33.64 35.45
CA GLN I 37 -42.92 33.69 36.26
C GLN I 37 -44.10 33.12 35.50
N GLN I 38 -44.71 32.08 36.05
CA GLN I 38 -45.83 31.44 35.36
C GLN I 38 -47.12 31.46 36.18
N LYS I 39 -48.19 31.89 35.53
CA LYS I 39 -49.52 31.84 36.12
C LYS I 39 -50.34 30.75 35.44
N PRO I 40 -51.31 30.14 36.13
CA PRO I 40 -52.09 29.01 35.68
C PRO I 40 -52.71 29.27 34.31
N GLY I 41 -52.52 28.34 33.39
CA GLY I 41 -53.12 28.40 32.07
C GLY I 41 -52.32 29.24 31.07
N LYS I 42 -51.22 29.82 31.52
CA LYS I 42 -50.42 30.69 30.66
C LYS I 42 -48.99 30.19 30.49
N ALA I 43 -48.37 30.58 29.38
CA ALA I 43 -46.95 30.33 29.17
C ALA I 43 -46.14 31.18 30.15
N PRO I 44 -44.94 30.72 30.56
CA PRO I 44 -43.99 31.41 31.40
C PRO I 44 -43.54 32.74 30.82
N LYS I 45 -43.39 33.74 31.68
CA LYS I 45 -42.83 35.03 31.28
C LYS I 45 -41.44 35.22 31.86
N LEU I 46 -40.51 35.67 31.04
CA LEU I 46 -39.16 35.93 31.52
C LEU I 46 -39.10 37.25 32.29
N LEU I 47 -38.53 37.22 33.49
CA LEU I 47 -38.36 38.43 34.28
C LEU I 47 -36.91 38.88 34.34
N ILE I 48 -36.01 37.92 34.54
CA ILE I 48 -34.59 38.23 34.71
C ILE I 48 -33.71 37.33 33.85
N SER I 49 -32.70 37.92 33.23
CA SER I 49 -31.73 37.17 32.44
C SER I 49 -30.33 37.45 32.93
N ASP I 50 -29.40 36.59 32.55
CA ASP I 50 -28.01 36.76 32.94
C ASP I 50 -27.91 36.97 34.44
N ALA I 51 -28.68 36.19 35.21
CA ALA I 51 -28.67 36.25 36.67
C ALA I 51 -29.33 37.53 37.24
N SER I 52 -28.93 38.70 36.75
CA SER I 52 -29.34 39.95 37.39
C SER I 52 -29.85 41.05 36.44
N ASN I 53 -29.90 40.77 35.15
CA ASN I 53 -30.38 41.77 34.20
C ASN I 53 -31.89 41.74 34.08
N MET I 54 -32.53 42.87 34.33
CA MET I 54 -33.98 42.95 34.30
C MET I 54 -34.49 43.07 32.87
N GLU I 55 -35.60 42.40 32.58
CA GLU I 55 -36.24 42.54 31.28
C GLU I 55 -37.02 43.84 31.18
N THR I 56 -37.22 44.31 29.95
CA THR I 56 -37.99 45.52 29.73
C THR I 56 -39.45 45.29 30.08
N GLY I 57 -40.00 46.22 30.87
CA GLY I 57 -41.41 46.14 31.25
C GLY I 57 -41.59 45.50 32.63
N VAL I 58 -40.52 44.94 33.18
CA VAL I 58 -40.59 44.30 34.48
C VAL I 58 -40.48 45.35 35.61
N PRO I 59 -41.43 45.37 36.55
CA PRO I 59 -41.50 46.28 37.68
C PRO I 59 -40.21 46.27 38.49
N SER I 60 -39.86 47.45 39.01
CA SER I 60 -38.61 47.65 39.73
C SER I 60 -38.57 46.90 41.06
N ARG I 61 -39.71 46.40 41.50
CA ARG I 61 -39.77 45.65 42.75
C ARG I 61 -39.12 44.27 42.59
N PHE I 62 -38.93 43.84 41.35
CA PHE I 62 -38.27 42.57 41.08
C PHE I 62 -36.76 42.77 40.97
N SER I 63 -36.01 41.84 41.51
CA SER I 63 -34.56 41.88 41.40
C SER I 63 -33.97 40.48 41.51
N GLY I 64 -32.68 40.36 41.27
CA GLY I 64 -32.00 39.08 41.42
C GLY I 64 -30.49 39.25 41.36
N SER I 65 -29.78 38.27 41.91
CA SER I 65 -28.33 38.31 41.94
C SER I 65 -27.76 36.92 42.20
N GLY I 66 -26.45 36.81 42.09
CA GLY I 66 -25.78 35.55 42.41
C GLY I 66 -24.79 35.17 41.32
N SER I 67 -23.90 34.26 41.65
CA SER I 67 -22.89 33.80 40.71
C SER I 67 -22.40 32.41 41.10
N GLY I 68 -22.11 31.58 40.10
CA GLY I 68 -21.57 30.26 40.34
C GLY I 68 -22.68 29.25 40.53
N THR I 69 -22.91 28.88 41.78
CA THR I 69 -23.91 27.86 42.07
C THR I 69 -25.12 28.40 42.84
N ASP I 70 -24.95 29.53 43.52
CA ASP I 70 -26.00 30.03 44.41
C ASP I 70 -26.60 31.34 43.93
N PHE I 71 -27.88 31.29 43.56
CA PHE I 71 -28.59 32.46 43.03
C PHE I 71 -29.83 32.78 43.84
N THR I 72 -30.19 34.07 43.90
CA THR I 72 -31.37 34.50 44.63
C THR I 72 -32.28 35.39 43.79
N PHE I 73 -33.58 35.13 43.87
CA PHE I 73 -34.62 35.95 43.27
C PHE I 73 -35.40 36.66 44.37
N THR I 74 -35.61 37.96 44.23
CA THR I 74 -36.28 38.72 45.29
C THR I 74 -37.40 39.63 44.77
N ILE I 75 -38.49 39.65 45.52
CA ILE I 75 -39.54 40.66 45.34
C ILE I 75 -39.56 41.56 46.56
N SER I 76 -39.16 42.81 46.38
CA SER I 76 -38.95 43.70 47.53
C SER I 76 -40.25 44.03 48.26
N SER I 77 -41.36 44.02 47.53
CA SER I 77 -42.66 44.32 48.08
C SER I 77 -43.75 43.62 47.29
N LEU I 78 -44.18 42.47 47.76
CA LEU I 78 -45.11 41.63 47.02
C LEU I 78 -46.42 42.34 46.74
N GLN I 79 -46.88 42.28 45.49
CA GLN I 79 -48.17 42.83 45.11
C GLN I 79 -49.14 41.68 44.81
N PRO I 80 -50.45 41.95 44.82
CA PRO I 80 -51.50 40.99 44.53
C PRO I 80 -51.32 40.27 43.19
N GLU I 81 -50.70 40.95 42.23
CA GLU I 81 -50.51 40.39 40.90
C GLU I 81 -49.26 39.52 40.79
N ASP I 82 -48.51 39.39 41.90
CA ASP I 82 -47.27 38.63 41.89
C ASP I 82 -47.46 37.21 42.37
N ILE I 83 -48.70 36.77 42.45
CA ILE I 83 -48.98 35.40 42.87
C ILE I 83 -48.84 34.45 41.69
N ALA I 84 -47.75 33.69 41.70
CA ALA I 84 -47.35 32.86 40.56
C ALA I 84 -46.32 31.83 40.98
N THR I 85 -46.03 30.88 40.10
CA THR I 85 -44.95 29.93 40.33
C THR I 85 -43.69 30.39 39.61
N TYR I 86 -42.60 30.49 40.35
CA TYR I 86 -41.34 30.98 39.79
C TYR I 86 -40.38 29.86 39.47
N TYR I 87 -39.75 29.94 38.31
CA TYR I 87 -38.78 28.94 37.88
C TYR I 87 -37.45 29.57 37.59
N CYS I 88 -36.36 28.84 37.88
CA CYS I 88 -35.02 29.22 37.43
C CYS I 88 -34.57 28.27 36.33
N GLN I 89 -33.80 28.77 35.37
CA GLN I 89 -33.37 27.97 34.24
C GLN I 89 -31.93 28.29 33.84
N GLN I 90 -31.13 27.25 33.67
CA GLN I 90 -29.74 27.45 33.27
C GLN I 90 -29.57 27.21 31.79
N TYR I 91 -28.74 28.05 31.17
CA TYR I 91 -28.41 27.87 29.77
C TYR I 91 -26.90 27.93 29.57
N ASP I 92 -26.15 27.47 30.58
CA ASP I 92 -24.71 27.40 30.48
C ASP I 92 -24.31 26.33 29.48
N ASN I 93 -25.02 25.20 29.53
CA ASN I 93 -24.77 24.14 28.56
C ASN I 93 -26.03 23.32 28.27
N LEU I 94 -26.01 22.65 27.14
CA LEU I 94 -27.10 21.79 26.73
C LEU I 94 -26.91 20.38 27.29
N PRO I 95 -28.00 19.74 27.71
CA PRO I 95 -29.39 20.18 27.67
C PRO I 95 -29.66 21.28 28.70
N PHE I 96 -30.60 22.14 28.37
CA PHE I 96 -31.04 23.19 29.30
C PHE I 96 -31.98 22.60 30.33
N THR I 97 -31.95 23.17 31.53
CA THR I 97 -32.78 22.62 32.60
C THR I 97 -33.52 23.71 33.38
N PHE I 98 -34.71 23.36 33.87
CA PHE I 98 -35.49 24.22 34.75
C PHE I 98 -35.49 23.65 36.17
N GLY I 99 -35.63 24.53 37.16
CA GLY I 99 -35.76 24.08 38.54
C GLY I 99 -37.19 23.59 38.80
N PRO I 100 -37.44 23.00 39.97
CA PRO I 100 -38.70 22.43 40.42
C PRO I 100 -39.87 23.41 40.33
N GLY I 101 -39.61 24.69 40.59
CA GLY I 101 -40.66 25.69 40.60
C GLY I 101 -41.08 26.01 42.04
N THR I 102 -41.12 27.30 42.37
CA THR I 102 -41.53 27.76 43.70
C THR I 102 -42.87 28.46 43.65
N LYS I 103 -43.83 27.94 44.40
CA LYS I 103 -45.16 28.52 44.40
C LYS I 103 -45.34 29.57 45.48
N VAL I 104 -45.70 30.78 45.07
CA VAL I 104 -45.98 31.86 46.01
C VAL I 104 -47.47 32.08 46.12
N ASP I 105 -47.98 32.09 47.34
CA ASP I 105 -49.40 32.36 47.57
C ASP I 105 -49.60 33.27 48.77
N PHE I 106 -50.87 33.56 49.10
CA PHE I 106 -51.21 34.49 50.20
C PHE I 106 -51.22 33.77 51.53
N GLU J 1 -46.75 42.62 16.01
CA GLU J 1 -47.14 41.60 16.98
C GLU J 1 -46.47 40.26 16.67
N VAL J 2 -45.75 39.72 17.66
CA VAL J 2 -45.07 38.42 17.54
C VAL J 2 -45.97 37.30 18.02
N GLN J 3 -46.11 36.27 17.19
CA GLN J 3 -46.94 35.13 17.54
C GLN J 3 -46.25 33.80 17.29
N LEU J 4 -46.55 32.84 18.14
CA LEU J 4 -46.18 31.44 17.94
C LEU J 4 -47.39 30.57 18.20
N VAL J 5 -47.80 29.80 17.19
CA VAL J 5 -49.04 29.05 17.29
C VAL J 5 -48.82 27.54 17.13
N GLU J 6 -48.96 26.81 18.23
CA GLU J 6 -48.82 25.36 18.20
C GLU J 6 -50.10 24.70 17.69
N SER J 7 -49.94 23.60 16.96
CA SER J 7 -51.07 22.81 16.51
C SER J 7 -50.65 21.36 16.29
N GLY J 8 -51.63 20.47 16.17
CA GLY J 8 -51.35 19.07 15.89
C GLY J 8 -51.44 18.20 17.15
N GLY J 9 -51.96 18.76 18.24
CA GLY J 9 -52.11 18.00 19.47
C GLY J 9 -53.29 17.04 19.34
N GLY J 10 -53.63 16.38 20.44
CA GLY J 10 -54.71 15.39 20.39
C GLY J 10 -54.42 14.18 21.27
N VAL J 11 -55.16 13.10 21.04
CA VAL J 11 -55.04 11.89 21.85
C VAL J 11 -54.55 10.72 21.03
N VAL J 12 -53.48 10.07 21.49
CA VAL J 12 -52.92 8.92 20.81
C VAL J 12 -52.74 7.74 21.75
N GLN J 13 -52.51 6.57 21.18
CA GLN J 13 -52.26 5.37 21.97
C GLN J 13 -50.77 5.23 22.26
N PRO J 14 -50.40 4.57 23.37
CA PRO J 14 -49.04 4.22 23.74
C PRO J 14 -48.35 3.46 22.62
N GLY J 15 -47.13 3.86 22.31
CA GLY J 15 -46.36 3.22 21.25
C GLY J 15 -46.62 3.88 19.90
N GLY J 16 -47.58 4.81 19.87
CA GLY J 16 -47.95 5.49 18.65
C GLY J 16 -47.06 6.70 18.38
N SER J 17 -47.49 7.55 17.46
CA SER J 17 -46.70 8.72 17.10
C SER J 17 -47.58 9.92 16.83
N LEU J 18 -47.02 11.10 17.04
CA LEU J 18 -47.73 12.35 16.80
C LEU J 18 -46.76 13.44 16.37
N ARG J 19 -47.15 14.22 15.37
CA ARG J 19 -46.30 15.30 14.88
C ARG J 19 -46.91 16.67 15.19
N LEU J 20 -46.15 17.49 15.90
CA LEU J 20 -46.57 18.84 16.23
C LEU J 20 -45.95 19.84 15.28
N SER J 21 -46.63 20.97 15.11
CA SER J 21 -46.07 22.07 14.35
C SER J 21 -46.34 23.39 15.05
N CYS J 22 -45.49 24.39 14.79
CA CYS J 22 -45.62 25.72 15.35
C CYS J 22 -45.43 26.78 14.27
N ALA J 23 -46.49 27.53 14.00
CA ALA J 23 -46.45 28.59 13.00
C ALA J 23 -45.93 29.88 13.60
N ALA J 24 -44.85 30.40 13.01
CA ALA J 24 -44.22 31.60 13.54
C ALA J 24 -44.49 32.80 12.65
N SER J 25 -44.73 33.95 13.28
CA SER J 25 -44.90 35.19 12.54
C SER J 25 -44.56 36.39 13.42
N GLY J 26 -44.27 37.52 12.77
CA GLY J 26 -44.05 38.78 13.49
C GLY J 26 -42.58 39.00 13.83
N PHE J 27 -41.74 38.02 13.53
CA PHE J 27 -40.32 38.13 13.80
C PHE J 27 -39.51 37.34 12.78
N THR J 28 -38.21 37.60 12.74
CA THR J 28 -37.36 36.96 11.74
C THR J 28 -37.04 35.53 12.12
N PHE J 29 -38.00 34.65 11.90
CA PHE J 29 -37.93 33.25 12.31
C PHE J 29 -36.62 32.58 11.89
N ASN J 30 -36.19 32.84 10.67
CA ASN J 30 -35.07 32.12 10.10
C ASN J 30 -33.73 32.64 10.60
N SER J 31 -33.77 33.55 11.56
CA SER J 31 -32.54 34.05 12.16
C SER J 31 -32.33 33.51 13.57
N TYR J 32 -33.36 32.90 14.14
CA TYR J 32 -33.28 32.44 15.53
C TYR J 32 -33.33 30.94 15.61
N GLY J 33 -32.63 30.39 16.60
CA GLY J 33 -32.82 28.98 16.96
C GLY J 33 -34.13 28.85 17.73
N MET J 34 -34.68 27.65 17.76
CA MET J 34 -35.97 27.43 18.42
C MET J 34 -35.94 26.26 19.38
N HIS J 35 -36.76 26.35 20.44
CA HIS J 35 -36.84 25.30 21.43
C HIS J 35 -38.24 24.72 21.54
N TRP J 36 -38.30 23.47 21.97
CA TRP J 36 -39.55 22.91 22.47
C TRP J 36 -39.45 22.69 23.98
N VAL J 37 -40.50 23.07 24.70
CA VAL J 37 -40.60 22.89 26.14
C VAL J 37 -41.95 22.26 26.47
N ARG J 38 -41.96 21.32 27.40
CA ARG J 38 -43.24 20.68 27.75
C ARG J 38 -43.53 20.77 29.24
N GLN J 39 -44.80 20.78 29.57
CA GLN J 39 -45.21 20.82 30.98
C GLN J 39 -46.34 19.84 31.25
N ALA J 40 -46.02 18.77 31.99
CA ALA J 40 -47.02 17.79 32.36
C ALA J 40 -47.99 18.41 33.36
N PRO J 41 -49.24 17.93 33.42
CA PRO J 41 -50.26 18.37 34.34
C PRO J 41 -49.75 18.33 35.78
N GLY J 42 -49.78 19.48 36.45
CA GLY J 42 -49.40 19.57 37.85
C GLY J 42 -47.88 19.58 38.06
N LYS J 43 -47.13 19.58 36.96
CA LYS J 43 -45.67 19.52 37.04
C LYS J 43 -45.02 20.82 36.56
N GLY J 44 -43.71 20.90 36.74
CA GLY J 44 -42.96 22.08 36.32
C GLY J 44 -42.55 21.98 34.85
N LEU J 45 -41.72 22.92 34.42
CA LEU J 45 -41.30 22.99 33.02
C LEU J 45 -40.16 22.04 32.72
N GLU J 46 -40.21 21.39 31.56
CA GLU J 46 -39.11 20.54 31.13
C GLU J 46 -38.70 20.84 29.70
N TRP J 47 -37.41 21.07 29.50
CA TRP J 47 -36.86 21.35 28.17
C TRP J 47 -36.80 20.07 27.34
N VAL J 48 -37.20 20.17 26.06
CA VAL J 48 -37.27 19.00 25.21
C VAL J 48 -36.21 18.96 24.12
N ALA J 49 -36.13 20.03 23.33
CA ALA J 49 -35.24 20.03 22.17
C ALA J 49 -34.89 21.43 21.69
N PHE J 50 -33.78 21.54 20.95
CA PHE J 50 -33.33 22.80 20.36
C PHE J 50 -32.77 22.59 18.97
N ILE J 51 -33.12 23.49 18.05
CA ILE J 51 -32.59 23.47 16.69
C ILE J 51 -32.01 24.83 16.31
N ARG J 52 -30.88 24.82 15.63
CA ARG J 52 -30.21 26.06 15.20
C ARG J 52 -30.94 26.75 14.03
N TYR J 53 -30.46 27.93 13.64
CA TYR J 53 -31.19 28.80 12.70
C TYR J 53 -31.26 28.26 11.29
N ASP J 54 -30.29 27.46 10.91
CA ASP J 54 -30.26 26.89 9.56
C ASP J 54 -30.89 25.51 9.58
N GLY J 55 -31.24 25.04 10.76
CA GLY J 55 -31.82 23.72 10.92
C GLY J 55 -30.74 22.64 10.92
N GLY J 56 -29.49 23.07 10.89
CA GLY J 56 -28.38 22.14 10.76
C GLY J 56 -28.12 21.28 12.02
N ASN J 57 -27.96 21.92 13.17
CA ASN J 57 -27.56 21.21 14.38
C ASN J 57 -28.76 21.04 15.34
N LYS J 58 -28.88 19.85 15.89
CA LYS J 58 -30.05 19.54 16.72
C LYS J 58 -29.65 18.95 18.06
N TYR J 59 -30.37 19.34 19.10
CA TYR J 59 -30.08 18.87 20.44
C TYR J 59 -31.35 18.38 21.14
N TYR J 60 -31.21 17.36 21.97
CA TYR J 60 -32.36 16.78 22.65
C TYR J 60 -32.09 16.54 24.12
N ALA J 61 -33.16 16.56 24.92
CA ALA J 61 -33.08 16.10 26.30
C ALA J 61 -32.90 14.59 26.34
N ASP J 62 -32.19 14.11 27.36
CA ASP J 62 -31.91 12.69 27.48
C ASP J 62 -33.18 11.85 27.59
N SER J 63 -34.24 12.45 28.10
CA SER J 63 -35.50 11.74 28.32
C SER J 63 -36.27 11.49 27.01
N VAL J 64 -35.91 12.20 25.95
CA VAL J 64 -36.61 12.06 24.67
C VAL J 64 -35.66 11.68 23.54
N LYS J 65 -34.36 11.76 23.82
CA LYS J 65 -33.34 11.50 22.81
C LYS J 65 -33.53 10.12 22.20
N GLY J 66 -33.60 10.08 20.87
CA GLY J 66 -33.76 8.83 20.15
C GLY J 66 -35.22 8.54 19.81
N ARG J 67 -36.14 9.29 20.43
CA ARG J 67 -37.57 9.10 20.18
C ARG J 67 -38.17 10.33 19.51
N PHE J 68 -37.69 11.50 19.89
CA PHE J 68 -38.20 12.74 19.31
C PHE J 68 -37.23 13.31 18.29
N THR J 69 -37.77 13.88 17.21
CA THR J 69 -36.96 14.56 16.20
C THR J 69 -37.42 15.99 15.99
N ILE J 70 -36.49 16.92 15.98
CA ILE J 70 -36.81 18.33 15.77
C ILE J 70 -36.38 18.77 14.38
N SER J 71 -37.21 19.58 13.74
CA SER J 71 -36.89 20.08 12.40
C SER J 71 -37.57 21.41 12.16
N ARG J 72 -37.15 22.12 11.12
CA ARG J 72 -37.78 23.38 10.77
C ARG J 72 -37.77 23.62 9.28
N ASP J 73 -38.80 24.29 8.79
CA ASP J 73 -38.86 24.73 7.40
C ASP J 73 -38.88 26.25 7.33
N ASN J 74 -37.75 26.84 6.94
CA ASN J 74 -37.60 28.29 7.01
C ASN J 74 -38.34 29.01 5.89
N SER J 75 -38.87 28.24 4.93
CA SER J 75 -39.64 28.85 3.84
C SER J 75 -41.11 28.96 4.23
N LYS J 76 -41.48 28.29 5.31
CA LYS J 76 -42.87 28.29 5.78
C LYS J 76 -42.96 28.89 7.18
N ASN J 77 -41.81 29.32 7.71
CA ASN J 77 -41.72 29.82 9.08
C ASN J 77 -42.36 28.87 10.06
N THR J 78 -42.11 27.58 9.87
CA THR J 78 -42.77 26.58 10.73
C THR J 78 -41.77 25.63 11.39
N LEU J 79 -41.93 25.46 12.69
CA LEU J 79 -41.13 24.54 13.49
C LEU J 79 -41.90 23.25 13.70
N TYR J 80 -41.21 22.10 13.62
CA TYR J 80 -41.86 20.81 13.78
C TYR J 80 -41.23 19.97 14.89
N LEU J 81 -42.06 19.13 15.51
CA LEU J 81 -41.56 18.10 16.42
C LEU J 81 -42.22 16.76 16.12
N GLN J 82 -41.43 15.77 15.73
CA GLN J 82 -41.93 14.44 15.43
C GLN J 82 -41.68 13.51 16.59
N MET J 83 -42.76 13.03 17.21
CA MET J 83 -42.63 12.19 18.39
C MET J 83 -43.03 10.75 18.09
N LYS J 84 -42.09 9.83 18.27
CA LYS J 84 -42.36 8.42 18.04
C LYS J 84 -42.28 7.63 19.34
N SER J 85 -42.90 6.45 19.35
CA SER J 85 -42.90 5.58 20.53
C SER J 85 -43.33 6.34 21.77
N LEU J 86 -44.42 7.08 21.64
CA LEU J 86 -44.95 7.89 22.74
C LEU J 86 -45.34 7.04 23.94
N ARG J 87 -44.97 7.52 25.13
CA ARG J 87 -45.27 6.83 26.38
C ARG J 87 -46.27 7.61 27.20
N ALA J 88 -46.86 6.96 28.20
CA ALA J 88 -47.81 7.64 29.08
C ALA J 88 -47.13 8.85 29.74
N GLU J 89 -45.84 8.74 30.01
CA GLU J 89 -45.07 9.78 30.66
C GLU J 89 -44.90 11.02 29.78
N ASP J 90 -45.22 10.90 28.50
CA ASP J 90 -45.06 12.00 27.56
C ASP J 90 -46.29 12.90 27.52
N THR J 91 -47.30 12.58 28.32
CA THR J 91 -48.48 13.46 28.38
C THR J 91 -48.07 14.81 28.95
N ALA J 92 -48.30 15.86 28.18
CA ALA J 92 -47.89 17.20 28.57
C ALA J 92 -48.43 18.25 27.62
N VAL J 93 -48.41 19.50 28.06
CA VAL J 93 -48.64 20.61 27.14
C VAL J 93 -47.33 21.03 26.51
N TYR J 94 -47.28 20.98 25.19
CA TYR J 94 -46.07 21.30 24.47
C TYR J 94 -46.06 22.73 23.97
N TYR J 95 -44.97 23.43 24.23
CA TYR J 95 -44.79 24.80 23.78
C TYR J 95 -43.64 24.88 22.80
N CYS J 96 -43.78 25.77 21.82
CA CYS J 96 -42.63 26.24 21.03
C CYS J 96 -42.21 27.59 21.58
N ALA J 97 -40.91 27.83 21.62
CA ALA J 97 -40.43 29.06 22.23
C ALA J 97 -39.09 29.50 21.69
N ASN J 98 -38.87 30.79 21.77
CA ASN J 98 -37.57 31.39 21.50
C ASN J 98 -37.00 31.89 22.81
N LEU J 99 -36.15 31.08 23.44
CA LEU J 99 -35.70 31.38 24.79
C LEU J 99 -34.50 32.31 24.79
N LYS J 100 -34.55 33.34 25.63
CA LYS J 100 -33.42 34.28 25.69
C LYS J 100 -32.17 33.57 26.16
N ASP J 101 -31.11 33.66 25.37
CA ASP J 101 -29.92 32.83 25.56
C ASP J 101 -28.67 33.49 24.97
N SER J 102 -27.80 33.96 25.84
CA SER J 102 -26.62 34.71 25.43
C SER J 102 -25.46 33.80 25.05
N ARG J 103 -25.64 32.50 25.14
CA ARG J 103 -24.53 31.60 24.85
C ARG J 103 -24.69 30.81 23.55
N TYR J 104 -25.92 30.40 23.25
CA TYR J 104 -26.09 29.49 22.12
C TYR J 104 -26.92 30.06 20.98
N SER J 105 -28.17 30.44 21.26
CA SER J 105 -29.03 30.89 20.17
C SER J 105 -28.77 32.34 19.80
N GLY J 106 -28.36 33.11 20.78
CA GLY J 106 -28.08 34.51 20.56
C GLY J 106 -29.35 35.36 20.51
N SER J 107 -30.43 34.81 21.00
CA SER J 107 -31.70 35.51 21.02
C SER J 107 -31.74 36.51 22.16
N TYR J 108 -32.21 37.73 21.90
CA TYR J 108 -32.23 38.75 22.98
C TYR J 108 -33.67 38.98 23.40
N TYR J 109 -34.58 38.21 22.81
CA TYR J 109 -35.99 38.33 23.13
C TYR J 109 -36.57 36.98 23.49
N ASP J 110 -37.59 36.98 24.34
CA ASP J 110 -38.18 35.73 24.82
C ASP J 110 -39.63 35.59 24.36
N TYR J 111 -39.90 34.60 23.52
CA TYR J 111 -41.24 34.39 22.95
C TYR J 111 -41.76 33.00 23.26
N TRP J 112 -43.05 32.90 23.57
CA TRP J 112 -43.71 31.61 23.80
C TRP J 112 -45.03 31.53 23.05
N GLY J 113 -45.40 30.31 22.63
CA GLY J 113 -46.75 30.07 22.10
C GLY J 113 -47.71 29.77 23.24
N GLN J 114 -48.97 29.49 22.89
CA GLN J 114 -49.98 29.21 23.92
C GLN J 114 -49.89 27.77 24.43
N GLY J 115 -49.30 26.90 23.62
CA GLY J 115 -49.11 25.50 23.99
C GLY J 115 -50.24 24.61 23.47
N THR J 116 -49.92 23.35 23.20
CA THR J 116 -50.90 22.37 22.74
C THR J 116 -50.79 21.08 23.53
N LEU J 117 -51.94 20.51 23.92
CA LEU J 117 -51.94 19.34 24.77
C LEU J 117 -51.85 18.03 23.98
N VAL J 118 -50.87 17.21 24.37
CA VAL J 118 -50.71 15.88 23.82
C VAL J 118 -50.97 14.83 24.88
N THR J 119 -51.95 13.96 24.65
CA THR J 119 -52.31 12.93 25.61
C THR J 119 -52.04 11.55 25.09
N VAL J 120 -51.37 10.74 25.89
CA VAL J 120 -51.09 9.36 25.53
C VAL J 120 -51.91 8.41 26.43
N SER J 121 -52.81 7.65 25.81
CA SER J 121 -53.74 6.81 26.55
C SER J 121 -54.35 5.72 25.65
N ALA K 27 -16.92 -56.97 3.39
CA ALA K 27 -17.98 -56.54 2.47
C ALA K 27 -17.95 -55.02 2.28
N TYR K 28 -18.05 -54.59 1.02
CA TYR K 28 -18.05 -53.17 0.67
C TYR K 28 -19.18 -52.84 -0.28
N THR K 29 -19.64 -51.62 -0.21
CA THR K 29 -20.61 -51.14 -1.17
C THR K 29 -20.09 -49.87 -1.81
N ASN K 30 -20.69 -49.50 -2.91
CA ASN K 30 -20.36 -48.21 -3.51
C ASN K 30 -21.39 -47.20 -3.11
N SER K 31 -20.95 -46.21 -2.36
CA SER K 31 -21.85 -45.06 -2.10
C SER K 31 -21.68 -44.12 -3.25
N PHE K 32 -22.67 -44.06 -4.09
CA PHE K 32 -22.42 -43.36 -5.36
C PHE K 32 -22.14 -41.87 -5.12
N THR K 33 -23.14 -41.15 -4.66
CA THR K 33 -22.99 -39.72 -4.38
C THR K 33 -23.63 -39.36 -3.01
N ARG K 34 -23.76 -40.36 -2.14
CA ARG K 34 -24.37 -40.20 -0.83
C ARG K 34 -23.44 -39.48 0.13
N GLY K 35 -24.04 -38.85 1.14
CA GLY K 35 -23.28 -38.33 2.27
C GLY K 35 -23.06 -36.83 2.17
N VAL K 36 -23.79 -36.19 1.29
CA VAL K 36 -23.70 -34.76 1.13
C VAL K 36 -24.59 -34.04 2.11
N TYR K 37 -24.05 -33.05 2.80
CA TYR K 37 -24.78 -32.29 3.80
C TYR K 37 -24.61 -30.79 3.61
N TYR K 38 -25.52 -30.01 4.16
CA TYR K 38 -25.45 -28.57 4.10
C TYR K 38 -24.29 -28.06 4.97
N PRO K 39 -23.25 -27.50 4.35
CA PRO K 39 -21.96 -27.17 4.93
C PRO K 39 -22.05 -26.04 5.98
N ASP K 40 -23.09 -25.19 5.88
CA ASP K 40 -23.24 -24.10 6.82
C ASP K 40 -24.69 -23.65 6.93
N LYS K 41 -24.91 -22.55 7.65
CA LYS K 41 -26.25 -22.07 7.95
C LYS K 41 -26.65 -20.89 7.09
N VAL K 42 -25.92 -20.67 6.00
CA VAL K 42 -26.22 -19.56 5.11
C VAL K 42 -27.20 -20.00 4.03
N PHE K 43 -28.28 -19.24 3.88
CA PHE K 43 -29.25 -19.53 2.85
C PHE K 43 -28.77 -19.07 1.49
N ARG K 44 -28.82 -19.98 0.53
CA ARG K 44 -28.45 -19.68 -0.84
C ARG K 44 -29.49 -20.24 -1.76
N SER K 45 -29.70 -19.62 -2.90
CA SER K 45 -30.65 -20.14 -3.88
C SER K 45 -30.23 -19.80 -5.31
N SER K 46 -30.63 -20.65 -6.24
CA SER K 46 -30.34 -20.45 -7.66
C SER K 46 -28.87 -20.11 -7.89
N VAL K 47 -27.99 -20.90 -7.31
CA VAL K 47 -26.56 -20.61 -7.38
C VAL K 47 -25.72 -21.88 -7.25
N LEU K 48 -24.57 -21.89 -7.93
CA LEU K 48 -23.59 -22.95 -7.74
C LEU K 48 -22.48 -22.46 -6.81
N HIS K 49 -22.35 -23.12 -5.67
CA HIS K 49 -21.41 -22.67 -4.65
C HIS K 49 -20.29 -23.67 -4.41
N SER K 50 -19.06 -23.20 -4.49
CA SER K 50 -17.89 -24.06 -4.27
C SER K 50 -17.40 -23.97 -2.83
N THR K 51 -17.32 -25.09 -2.14
CA THR K 51 -16.95 -25.08 -0.73
C THR K 51 -15.92 -26.14 -0.34
N GLN K 52 -15.09 -25.81 0.63
CA GLN K 52 -14.11 -26.75 1.20
C GLN K 52 -14.57 -27.32 2.54
N ASP K 53 -14.71 -28.62 2.64
CA ASP K 53 -15.15 -29.24 3.87
C ASP K 53 -14.91 -30.75 3.88
N LEU K 54 -15.28 -31.42 4.97
CA LEU K 54 -15.15 -32.87 5.09
C LEU K 54 -16.38 -33.56 4.54
N PHE K 55 -16.19 -34.23 3.41
CA PHE K 55 -17.28 -34.89 2.70
C PHE K 55 -16.92 -36.32 2.40
N LEU K 56 -17.91 -37.16 2.22
CA LEU K 56 -17.68 -38.53 1.74
C LEU K 56 -17.39 -38.47 0.24
N PRO K 57 -16.19 -38.89 -0.21
CA PRO K 57 -15.77 -38.89 -1.60
C PRO K 57 -16.76 -39.69 -2.45
N PHE K 58 -17.07 -39.21 -3.65
CA PHE K 58 -18.02 -39.95 -4.48
C PHE K 58 -17.43 -41.27 -4.95
N PHE K 59 -18.30 -42.29 -5.05
CA PHE K 59 -17.96 -43.61 -5.48
C PHE K 59 -16.87 -44.27 -4.61
N SER K 60 -16.76 -43.82 -3.35
CA SER K 60 -15.86 -44.43 -2.38
C SER K 60 -16.37 -45.81 -1.95
N ASN K 61 -15.45 -46.61 -1.38
CA ASN K 61 -15.81 -47.92 -0.81
C ASN K 61 -16.27 -47.79 0.61
N VAL K 62 -17.56 -48.03 0.84
CA VAL K 62 -18.18 -47.96 2.15
C VAL K 62 -18.32 -49.35 2.75
N THR K 63 -17.86 -49.51 3.99
CA THR K 63 -17.87 -50.84 4.59
C THR K 63 -19.27 -51.26 4.98
N TRP K 64 -19.64 -52.47 4.60
CA TRP K 64 -20.95 -53.02 4.92
C TRP K 64 -20.86 -54.01 6.08
N PHE K 65 -21.44 -53.64 7.22
CA PHE K 65 -21.36 -54.47 8.41
C PHE K 65 -22.63 -55.25 8.64
N HIS K 66 -22.48 -56.47 9.13
CA HIS K 66 -23.62 -57.28 9.54
C HIS K 66 -23.50 -57.65 11.01
N ALA K 67 -24.64 -57.62 11.71
CA ALA K 67 -24.69 -57.93 13.15
C ALA K 67 -26.12 -58.19 13.57
N ASN K 81 -20.36 -56.77 15.60
CA ASN K 81 -20.63 -55.38 15.96
C ASN K 81 -19.39 -54.74 16.60
N PRO K 82 -18.28 -54.57 15.83
CA PRO K 82 -16.96 -54.18 16.28
C PRO K 82 -16.88 -52.71 16.64
N VAL K 83 -15.87 -52.36 17.42
CA VAL K 83 -15.53 -50.96 17.66
C VAL K 83 -14.72 -50.42 16.49
N LEU K 84 -15.17 -49.29 15.94
CA LEU K 84 -14.55 -48.71 14.76
C LEU K 84 -13.87 -47.39 15.12
N PRO K 85 -12.86 -46.99 14.35
CA PRO K 85 -12.21 -45.69 14.42
C PRO K 85 -13.19 -44.62 13.94
N PHE K 86 -13.07 -43.43 14.53
CA PHE K 86 -13.90 -42.29 14.16
C PHE K 86 -13.20 -41.42 13.13
N ASN K 87 -11.88 -41.39 13.20
CA ASN K 87 -11.09 -40.63 12.26
C ASN K 87 -11.49 -39.14 12.25
N ASP K 88 -11.82 -38.60 11.08
CA ASP K 88 -12.14 -37.18 10.97
C ASP K 88 -13.62 -36.94 10.83
N GLY K 89 -14.41 -37.98 11.02
CA GLY K 89 -15.85 -37.88 10.86
C GLY K 89 -16.38 -39.14 10.20
N VAL K 90 -17.63 -39.46 10.50
CA VAL K 90 -18.19 -40.72 10.04
C VAL K 90 -19.51 -40.55 9.30
N TYR K 91 -19.60 -41.23 8.16
CA TYR K 91 -20.87 -41.38 7.46
C TYR K 91 -21.50 -42.72 7.84
N PHE K 92 -22.71 -42.67 8.37
CA PHE K 92 -23.40 -43.87 8.82
C PHE K 92 -24.75 -43.99 8.14
N ALA K 93 -25.06 -45.19 7.66
CA ALA K 93 -26.36 -45.41 7.02
C ALA K 93 -26.91 -46.78 7.36
N SER K 94 -28.22 -46.87 7.49
CA SER K 94 -28.86 -48.16 7.77
C SER K 94 -30.29 -48.21 7.27
N THR K 95 -30.77 -49.41 7.01
CA THR K 95 -32.15 -49.64 6.60
C THR K 95 -32.92 -50.40 7.66
N GLU K 96 -32.30 -50.55 8.83
CA GLU K 96 -32.91 -51.28 9.93
C GLU K 96 -33.92 -50.43 10.69
N LYS K 97 -34.83 -51.09 11.38
CA LYS K 97 -35.87 -50.42 12.14
C LYS K 97 -35.30 -49.71 13.37
N SER K 98 -36.07 -48.75 13.89
CA SER K 98 -35.65 -47.94 15.02
C SER K 98 -35.53 -48.74 16.31
N ASN K 99 -36.12 -49.93 16.32
CA ASN K 99 -36.04 -50.80 17.49
C ASN K 99 -34.92 -51.82 17.35
N ILE K 100 -34.11 -51.66 16.28
CA ILE K 100 -32.96 -52.52 16.08
C ILE K 100 -31.66 -51.75 16.33
N ILE K 101 -31.54 -50.59 15.70
CA ILE K 101 -30.40 -49.71 15.97
C ILE K 101 -30.81 -48.65 16.98
N ARG K 102 -30.22 -48.72 18.15
CA ARG K 102 -30.65 -47.91 19.28
C ARG K 102 -29.91 -46.59 19.35
N GLY K 103 -28.68 -46.58 18.89
CA GLY K 103 -27.87 -45.38 18.98
C GLY K 103 -26.39 -45.68 18.86
N TRP K 104 -25.56 -44.77 19.38
CA TRP K 104 -24.12 -44.88 19.22
C TRP K 104 -23.38 -44.46 20.48
N ILE K 105 -22.19 -45.00 20.65
CA ILE K 105 -21.25 -44.51 21.66
C ILE K 105 -20.01 -43.94 21.00
N PHE K 106 -19.65 -42.73 21.39
CA PHE K 106 -18.44 -42.09 20.87
C PHE K 106 -17.50 -41.77 22.00
N GLY K 107 -16.21 -41.98 21.78
CA GLY K 107 -15.23 -41.64 22.81
C GLY K 107 -13.84 -42.12 22.45
N THR K 108 -13.05 -42.37 23.47
CA THR K 108 -11.68 -42.80 23.32
C THR K 108 -11.49 -44.21 23.85
N THR K 109 -11.35 -44.33 25.16
CA THR K 109 -11.17 -45.64 25.79
C THR K 109 -12.49 -46.38 25.95
N LEU K 110 -13.58 -45.63 25.85
CA LEU K 110 -14.92 -46.20 25.93
C LEU K 110 -15.11 -46.97 27.24
N ASP K 111 -14.53 -46.46 28.33
CA ASP K 111 -14.66 -47.05 29.64
C ASP K 111 -14.75 -45.95 30.70
N SER K 112 -14.58 -46.35 31.96
CA SER K 112 -14.80 -45.46 33.09
C SER K 112 -13.65 -44.48 33.32
N LYS K 113 -12.62 -44.57 32.49
CA LYS K 113 -11.44 -43.73 32.65
C LYS K 113 -11.58 -42.34 32.03
N THR K 114 -12.46 -42.22 31.04
CA THR K 114 -12.59 -40.93 30.35
C THR K 114 -14.05 -40.61 30.09
N GLN K 115 -14.31 -39.37 29.73
CA GLN K 115 -15.66 -38.95 29.31
C GLN K 115 -16.04 -39.59 27.99
N SER K 116 -17.26 -40.11 27.90
CA SER K 116 -17.78 -40.66 26.64
C SER K 116 -19.14 -40.09 26.30
N LEU K 117 -19.44 -40.02 25.01
CA LEU K 117 -20.71 -39.51 24.53
C LEU K 117 -21.66 -40.64 24.20
N LEU K 118 -22.81 -40.66 24.86
CA LEU K 118 -23.78 -41.71 24.68
C LEU K 118 -25.07 -41.17 24.07
N ILE K 119 -25.41 -41.65 22.88
CA ILE K 119 -26.64 -41.25 22.21
C ILE K 119 -27.60 -42.43 22.12
N VAL K 120 -28.70 -42.37 22.87
CA VAL K 120 -29.64 -43.48 22.88
C VAL K 120 -31.07 -43.04 22.59
N ASN K 121 -31.69 -43.72 21.63
CA ASN K 121 -33.07 -43.46 21.28
C ASN K 121 -34.01 -44.45 21.95
N ASN K 122 -35.23 -44.01 22.24
CA ASN K 122 -36.31 -44.89 22.68
C ASN K 122 -37.63 -44.48 22.02
N ALA K 123 -38.74 -45.07 22.47
CA ALA K 123 -40.04 -44.91 21.82
C ALA K 123 -40.55 -43.47 21.79
N THR K 124 -40.11 -42.65 22.73
CA THR K 124 -40.67 -41.30 22.84
C THR K 124 -39.65 -40.17 22.70
N ASN K 125 -38.38 -40.45 22.98
CA ASN K 125 -37.37 -39.39 22.98
C ASN K 125 -35.99 -39.88 22.60
N VAL K 126 -35.05 -38.93 22.55
CA VAL K 126 -33.63 -39.25 22.43
C VAL K 126 -32.87 -38.63 23.59
N VAL K 127 -32.02 -39.42 24.23
CA VAL K 127 -31.23 -38.92 25.35
C VAL K 127 -29.75 -38.92 25.04
N ILE K 128 -29.14 -37.75 25.15
CA ILE K 128 -27.72 -37.62 24.89
C ILE K 128 -26.98 -37.15 26.12
N LYS K 129 -26.00 -37.94 26.56
CA LYS K 129 -25.26 -37.60 27.76
C LYS K 129 -23.77 -37.78 27.60
N VAL K 130 -23.00 -36.98 28.33
CA VAL K 130 -21.55 -37.17 28.42
C VAL K 130 -21.15 -37.41 29.88
N CYS K 131 -20.62 -38.60 30.17
CA CYS K 131 -20.27 -39.03 31.53
C CYS K 131 -19.10 -40.01 31.50
N GLU K 132 -18.61 -40.31 32.71
CA GLU K 132 -17.65 -41.39 32.89
C GLU K 132 -18.36 -42.73 32.92
N PHE K 133 -18.82 -43.17 31.76
CA PHE K 133 -19.64 -44.35 31.63
C PHE K 133 -18.83 -45.63 31.77
N GLN K 134 -19.41 -46.60 32.45
CA GLN K 134 -18.93 -47.97 32.40
C GLN K 134 -19.96 -48.81 31.66
N PHE K 135 -19.61 -49.22 30.45
CA PHE K 135 -20.55 -49.87 29.57
C PHE K 135 -20.67 -51.36 29.85
N CYS K 136 -21.87 -51.89 29.67
CA CYS K 136 -22.13 -53.31 29.92
C CYS K 136 -21.74 -54.14 28.71
N ASN K 137 -21.26 -55.36 28.97
CA ASN K 137 -20.85 -56.30 27.90
C ASN K 137 -19.99 -55.60 26.84
N ARG K 158 -30.01 -49.79 30.28
CA ARG K 158 -29.62 -51.12 29.81
C ARG K 158 -28.29 -51.12 29.05
N VAL K 159 -27.74 -49.93 28.79
CA VAL K 159 -26.49 -49.77 28.07
C VAL K 159 -25.28 -49.77 29.00
N TYR K 160 -25.42 -49.09 30.14
CA TYR K 160 -24.31 -48.91 31.07
C TYR K 160 -24.69 -49.33 32.48
N SER K 161 -23.67 -49.67 33.28
CA SER K 161 -23.89 -49.98 34.69
C SER K 161 -23.70 -48.76 35.57
N SER K 162 -22.93 -47.77 35.07
CA SER K 162 -22.70 -46.55 35.85
C SER K 162 -22.41 -45.36 34.94
N ALA K 163 -22.58 -44.16 35.51
CA ALA K 163 -22.34 -42.91 34.77
C ALA K 163 -21.90 -41.81 35.72
N ASN K 164 -20.61 -41.77 36.03
CA ASN K 164 -20.07 -40.81 37.01
C ASN K 164 -19.60 -39.54 36.32
N ASN K 165 -19.51 -38.44 37.06
CA ASN K 165 -18.98 -37.18 36.53
C ASN K 165 -19.69 -36.75 35.24
N CYS K 166 -21.01 -36.68 35.27
CA CYS K 166 -21.77 -36.24 34.11
C CYS K 166 -21.64 -34.73 33.90
N THR K 167 -21.28 -34.33 32.68
CA THR K 167 -21.04 -32.93 32.38
C THR K 167 -22.02 -32.36 31.36
N PHE K 168 -22.69 -33.24 30.62
CA PHE K 168 -23.61 -32.78 29.58
C PHE K 168 -24.85 -33.65 29.50
N GLU K 169 -26.00 -33.01 29.36
CA GLU K 169 -27.25 -33.73 29.14
C GLU K 169 -28.16 -32.98 28.18
N TYR K 170 -28.71 -33.69 27.20
CA TYR K 170 -29.62 -33.11 26.22
C TYR K 170 -30.73 -34.09 25.89
N VAL K 171 -31.96 -33.60 25.87
CA VAL K 171 -33.11 -34.44 25.52
C VAL K 171 -33.98 -33.78 24.45
N SER K 172 -34.32 -34.56 23.43
CA SER K 172 -35.17 -34.07 22.35
C SER K 172 -36.02 -35.18 21.75
N GLN K 173 -36.49 -34.97 20.52
CA GLN K 173 -37.30 -35.97 19.83
C GLN K 173 -36.39 -37.01 19.17
N PRO K 174 -36.90 -38.23 18.92
CA PRO K 174 -36.18 -39.36 18.40
C PRO K 174 -35.44 -39.04 17.10
N PHE K 175 -34.23 -39.56 16.97
CA PHE K 175 -33.42 -39.40 15.76
C PHE K 175 -33.83 -40.42 14.68
N LEU K 176 -34.28 -41.61 15.10
CA LEU K 176 -34.68 -42.68 14.20
C LEU K 176 -36.18 -42.92 14.28
N PHE K 186 -41.18 -51.95 0.80
CA PHE K 186 -40.46 -50.66 0.75
C PHE K 186 -40.03 -50.25 2.17
N LYS K 187 -38.74 -50.04 2.38
CA LYS K 187 -38.24 -49.60 3.68
C LYS K 187 -37.83 -48.14 3.64
N ASN K 188 -37.20 -47.68 4.72
CA ASN K 188 -36.76 -46.29 4.80
C ASN K 188 -35.30 -46.21 5.22
N LEU K 189 -34.48 -45.66 4.33
CA LEU K 189 -33.03 -45.53 4.60
C LEU K 189 -32.76 -44.33 5.48
N ARG K 190 -31.98 -44.55 6.54
CA ARG K 190 -31.62 -43.47 7.44
C ARG K 190 -30.13 -43.17 7.33
N GLU K 191 -29.80 -41.92 7.04
CA GLU K 191 -28.40 -41.52 6.88
C GLU K 191 -28.02 -40.47 7.91
N PHE K 192 -26.83 -40.65 8.50
CA PHE K 192 -26.30 -39.71 9.49
C PHE K 192 -24.85 -39.35 9.17
N VAL K 193 -24.49 -38.12 9.51
CA VAL K 193 -23.09 -37.71 9.45
C VAL K 193 -22.64 -37.18 10.81
N PHE K 194 -21.54 -37.73 11.33
CA PHE K 194 -21.03 -37.34 12.63
C PHE K 194 -19.69 -36.65 12.52
N LYS K 195 -19.63 -35.41 12.99
CA LYS K 195 -18.38 -34.63 13.00
C LYS K 195 -18.08 -34.13 14.40
N ASN K 196 -16.80 -33.94 14.71
CA ASN K 196 -16.41 -33.42 16.02
C ASN K 196 -15.34 -32.35 15.89
N ILE K 197 -15.77 -31.09 15.79
CA ILE K 197 -14.87 -30.00 15.49
C ILE K 197 -14.92 -28.90 16.56
N ASP K 198 -13.77 -28.59 17.13
CA ASP K 198 -13.65 -27.51 18.10
C ASP K 198 -14.60 -27.69 19.28
N GLY K 199 -14.79 -28.93 19.70
CA GLY K 199 -15.59 -29.22 20.88
C GLY K 199 -17.07 -29.40 20.55
N TYR K 200 -17.45 -29.14 19.30
CA TYR K 200 -18.87 -29.26 18.88
C TYR K 200 -19.10 -30.57 18.13
N PHE K 201 -20.00 -31.41 18.63
CA PHE K 201 -20.38 -32.64 17.95
C PHE K 201 -21.57 -32.38 17.07
N LYS K 202 -21.33 -32.40 15.76
CA LYS K 202 -22.36 -32.00 14.79
C LYS K 202 -22.98 -33.22 14.15
N ILE K 203 -24.30 -33.27 14.17
CA ILE K 203 -25.02 -34.38 13.55
C ILE K 203 -25.92 -33.89 12.44
N TYR K 204 -25.79 -34.51 11.27
CA TYR K 204 -26.67 -34.24 10.12
C TYR K 204 -27.46 -35.50 9.82
N SER K 205 -28.66 -35.36 9.28
CA SER K 205 -29.45 -36.56 8.96
C SER K 205 -30.44 -36.38 7.83
N LYS K 206 -30.85 -37.50 7.25
CA LYS K 206 -31.91 -37.54 6.26
C LYS K 206 -32.64 -38.87 6.32
N HIS K 207 -33.96 -38.84 6.10
CA HIS K 207 -34.78 -40.05 6.08
C HIS K 207 -35.54 -40.17 4.77
N THR K 208 -35.20 -41.18 3.96
CA THR K 208 -35.80 -41.35 2.64
C THR K 208 -36.25 -42.79 2.43
N PRO K 209 -37.25 -43.03 1.59
CA PRO K 209 -37.74 -44.33 1.16
C PRO K 209 -36.69 -45.05 0.30
N ILE K 210 -36.60 -46.37 0.48
CA ILE K 210 -35.64 -47.16 -0.27
C ILE K 210 -36.26 -48.48 -0.78
N ASN K 211 -35.93 -48.85 -2.01
CA ASN K 211 -36.42 -50.10 -2.59
C ASN K 211 -35.27 -51.04 -2.97
N LEU K 212 -34.17 -50.96 -2.24
CA LEU K 212 -33.01 -51.79 -2.48
C LEU K 212 -32.75 -52.73 -1.32
N VAL K 213 -32.09 -53.86 -1.59
CA VAL K 213 -31.81 -54.85 -0.56
C VAL K 213 -30.31 -54.97 -0.24
N ARG K 214 -29.49 -55.04 -1.30
CA ARG K 214 -28.09 -55.37 -1.12
C ARG K 214 -27.13 -54.18 -1.27
N ASP K 215 -27.63 -52.99 -1.65
CA ASP K 215 -26.75 -51.86 -1.92
C ASP K 215 -27.30 -50.52 -1.42
N LEU K 216 -26.52 -49.44 -1.61
CA LEU K 216 -26.97 -48.08 -1.29
C LEU K 216 -27.72 -47.44 -2.47
N PRO K 217 -28.65 -46.52 -2.15
CA PRO K 217 -29.54 -45.91 -3.10
C PRO K 217 -28.81 -44.94 -4.00
N GLN K 218 -29.32 -44.77 -5.20
CA GLN K 218 -28.76 -43.84 -6.16
C GLN K 218 -29.55 -42.56 -6.14
N GLY K 219 -28.95 -41.50 -6.67
CA GLY K 219 -29.62 -40.20 -6.68
C GLY K 219 -29.03 -39.30 -5.61
N PHE K 220 -29.42 -38.04 -5.66
CA PHE K 220 -28.78 -37.07 -4.72
C PHE K 220 -29.78 -36.59 -3.68
N SER K 221 -29.37 -36.63 -2.42
CA SER K 221 -30.17 -36.11 -1.31
C SER K 221 -29.25 -35.54 -0.23
N ALA K 222 -29.41 -34.25 0.05
CA ALA K 222 -28.55 -33.58 1.03
C ALA K 222 -29.08 -33.78 2.45
N LEU K 223 -28.16 -33.91 3.39
CA LEU K 223 -28.49 -34.12 4.80
C LEU K 223 -28.52 -32.80 5.56
N GLU K 224 -29.57 -32.61 6.35
CA GLU K 224 -29.75 -31.36 7.08
C GLU K 224 -29.20 -31.50 8.50
N PRO K 225 -28.75 -30.39 9.11
CA PRO K 225 -28.37 -30.29 10.50
C PRO K 225 -29.48 -30.79 11.40
N LEU K 226 -29.12 -31.62 12.37
CA LEU K 226 -30.08 -32.20 13.30
C LEU K 226 -29.89 -31.61 14.68
N VAL K 227 -28.64 -31.58 15.13
CA VAL K 227 -28.29 -31.03 16.43
C VAL K 227 -26.81 -30.65 16.46
N ASP K 228 -26.47 -29.66 17.28
CA ASP K 228 -25.07 -29.25 17.44
C ASP K 228 -24.74 -29.16 18.93
N LEU K 229 -23.97 -30.13 19.42
CA LEU K 229 -23.76 -30.32 20.85
C LEU K 229 -22.39 -29.82 21.33
N PRO K 230 -22.34 -28.88 22.27
CA PRO K 230 -21.15 -28.32 22.88
C PRO K 230 -20.61 -29.24 23.98
N ILE K 231 -20.16 -30.43 23.57
CA ILE K 231 -19.75 -31.47 24.52
C ILE K 231 -18.31 -31.25 25.04
N GLY K 232 -17.42 -30.78 24.17
CA GLY K 232 -16.08 -30.43 24.56
C GLY K 232 -15.15 -31.62 24.84
N ILE K 233 -15.38 -32.74 24.18
CA ILE K 233 -14.55 -33.93 24.41
C ILE K 233 -13.95 -34.44 23.09
N ASN K 234 -12.88 -35.24 23.22
CA ASN K 234 -12.21 -35.86 22.07
C ASN K 234 -12.83 -37.22 21.75
N ILE K 235 -13.08 -37.47 20.46
CA ILE K 235 -13.61 -38.75 19.98
C ILE K 235 -12.65 -39.37 18.96
N THR K 236 -12.25 -40.61 19.22
CA THR K 236 -11.35 -41.33 18.33
C THR K 236 -11.93 -42.68 17.88
N ARG K 237 -12.86 -43.21 18.65
CA ARG K 237 -13.49 -44.50 18.35
C ARG K 237 -14.98 -44.43 18.59
N PHE K 238 -15.73 -45.28 17.94
CA PHE K 238 -17.17 -45.35 18.21
C PHE K 238 -17.72 -46.74 18.00
N GLN K 239 -18.89 -47.01 18.56
CA GLN K 239 -19.56 -48.29 18.39
C GLN K 239 -21.06 -48.10 18.26
N THR K 240 -21.69 -48.90 17.41
CA THR K 240 -23.13 -48.85 17.23
C THR K 240 -23.85 -49.70 18.25
N LEU K 241 -24.89 -49.14 18.86
CA LEU K 241 -25.69 -49.87 19.83
C LEU K 241 -26.86 -50.58 19.15
N LEU K 242 -26.92 -51.90 19.28
CA LEU K 242 -27.95 -52.72 18.67
C LEU K 242 -28.83 -53.37 19.73
N ALA K 264 -27.86 -54.71 10.13
CA ALA K 264 -26.86 -54.32 9.13
C ALA K 264 -26.77 -52.80 8.97
N TYR K 265 -25.57 -52.31 8.68
CA TYR K 265 -25.33 -50.88 8.49
C TYR K 265 -24.08 -50.62 7.68
N TYR K 266 -23.95 -49.40 7.18
CA TYR K 266 -22.83 -49.01 6.34
C TYR K 266 -22.02 -47.91 7.01
N VAL K 267 -20.70 -48.01 6.93
CA VAL K 267 -19.83 -46.97 7.50
C VAL K 267 -18.79 -46.47 6.51
N GLY K 268 -18.77 -45.16 6.30
CA GLY K 268 -17.76 -44.52 5.46
C GLY K 268 -17.04 -43.44 6.24
N TYR K 269 -16.02 -42.85 5.66
CA TYR K 269 -15.27 -41.80 6.34
C TYR K 269 -15.13 -40.54 5.51
N LEU K 270 -15.16 -39.40 6.18
CA LEU K 270 -15.10 -38.11 5.51
C LEU K 270 -13.67 -37.70 5.22
N GLN K 271 -13.47 -36.97 4.14
CA GLN K 271 -12.16 -36.44 3.78
C GLN K 271 -12.28 -34.98 3.38
N PRO K 272 -11.21 -34.21 3.51
CA PRO K 272 -11.09 -32.84 3.06
C PRO K 272 -11.09 -32.77 1.55
N ARG K 273 -12.25 -32.43 0.99
CA ARG K 273 -12.43 -32.37 -0.45
C ARG K 273 -12.96 -31.01 -0.86
N THR K 274 -13.07 -30.80 -2.17
CA THR K 274 -13.75 -29.62 -2.67
C THR K 274 -14.97 -30.03 -3.48
N PHE K 275 -16.12 -29.48 -3.10
CA PHE K 275 -17.38 -29.78 -3.78
C PHE K 275 -18.01 -28.55 -4.41
N LEU K 276 -18.62 -28.73 -5.57
CA LEU K 276 -19.48 -27.71 -6.16
C LEU K 276 -20.93 -28.08 -5.91
N LEU K 277 -21.63 -27.26 -5.13
CA LEU K 277 -23.00 -27.59 -4.73
C LEU K 277 -24.02 -26.75 -5.48
N LYS K 278 -25.05 -27.42 -6.00
CA LYS K 278 -26.09 -26.74 -6.76
C LYS K 278 -27.34 -26.49 -5.92
N TYR K 279 -27.62 -25.22 -5.67
CA TYR K 279 -28.82 -24.82 -4.92
C TYR K 279 -29.93 -24.41 -5.86
N ASN K 280 -31.11 -24.99 -5.67
CA ASN K 280 -32.25 -24.66 -6.54
C ASN K 280 -32.95 -23.39 -6.03
N GLU K 281 -34.08 -23.06 -6.64
CA GLU K 281 -34.77 -21.81 -6.33
C GLU K 281 -35.35 -21.75 -4.92
N ASN K 282 -35.48 -22.91 -4.24
CA ASN K 282 -35.96 -22.99 -2.87
C ASN K 282 -34.83 -23.10 -1.86
N GLY K 283 -33.58 -23.06 -2.34
CA GLY K 283 -32.42 -23.14 -1.49
C GLY K 283 -32.08 -24.57 -1.09
N THR K 284 -32.56 -25.53 -1.86
CA THR K 284 -32.28 -26.94 -1.59
C THR K 284 -31.15 -27.42 -2.50
N ILE K 285 -30.20 -28.14 -1.92
CA ILE K 285 -29.12 -28.71 -2.74
C ILE K 285 -29.67 -29.90 -3.51
N THR K 286 -29.57 -29.84 -4.83
CA THR K 286 -30.16 -30.88 -5.68
C THR K 286 -29.11 -31.69 -6.42
N ASP K 287 -27.87 -31.20 -6.41
CA ASP K 287 -26.78 -31.89 -7.07
C ASP K 287 -25.44 -31.47 -6.48
N ALA K 288 -24.37 -32.14 -6.89
CA ALA K 288 -23.03 -31.81 -6.44
C ALA K 288 -21.96 -32.43 -7.33
N VAL K 289 -20.82 -31.76 -7.41
CA VAL K 289 -19.66 -32.32 -8.11
C VAL K 289 -18.47 -32.48 -7.18
N ASP K 290 -17.93 -33.68 -7.12
CA ASP K 290 -16.69 -33.94 -6.41
C ASP K 290 -15.52 -33.60 -7.33
N CYS K 291 -14.82 -32.50 -7.03
CA CYS K 291 -13.88 -31.89 -7.96
C CYS K 291 -12.64 -32.71 -8.16
N ALA K 292 -12.47 -33.75 -7.36
CA ALA K 292 -11.30 -34.61 -7.46
C ALA K 292 -11.67 -36.01 -7.94
N LEU K 293 -12.91 -36.18 -8.37
CA LEU K 293 -13.40 -37.48 -8.81
C LEU K 293 -12.75 -37.93 -10.11
N ASP K 294 -12.59 -37.01 -11.04
CA ASP K 294 -12.09 -37.32 -12.39
C ASP K 294 -11.93 -36.02 -13.19
N PRO K 295 -11.21 -36.06 -14.32
CA PRO K 295 -10.97 -34.95 -15.23
C PRO K 295 -12.26 -34.22 -15.65
N LEU K 296 -13.35 -34.96 -15.80
CA LEU K 296 -14.60 -34.31 -16.18
C LEU K 296 -15.14 -33.44 -15.05
N SER K 297 -15.06 -33.93 -13.82
CA SER K 297 -15.53 -33.20 -12.66
C SER K 297 -14.71 -31.93 -12.41
N GLU K 298 -13.39 -32.02 -12.63
CA GLU K 298 -12.55 -30.84 -12.48
C GLU K 298 -12.92 -29.79 -13.52
N THR K 299 -13.25 -30.22 -14.72
CA THR K 299 -13.67 -29.29 -15.76
C THR K 299 -14.96 -28.59 -15.32
N LYS K 300 -15.89 -29.36 -14.79
CA LYS K 300 -17.14 -28.81 -14.31
C LYS K 300 -16.94 -27.79 -13.17
N CYS K 301 -16.01 -28.11 -12.24
CA CYS K 301 -15.69 -27.24 -11.11
C CYS K 301 -14.94 -26.01 -11.55
N THR K 302 -14.07 -26.17 -12.52
CA THR K 302 -13.35 -25.02 -13.07
C THR K 302 -14.34 -24.04 -13.70
N LEU K 303 -15.43 -24.57 -14.24
CA LEU K 303 -16.41 -23.75 -14.94
C LEU K 303 -17.59 -23.21 -14.09
N LYS K 304 -17.76 -23.68 -12.87
CA LYS K 304 -18.96 -23.25 -12.14
C LYS K 304 -20.17 -23.55 -13.01
N SER K 305 -20.16 -24.74 -13.61
CA SER K 305 -21.26 -25.20 -14.47
C SER K 305 -21.37 -26.75 -14.40
N PHE K 306 -22.59 -27.27 -14.40
CA PHE K 306 -22.82 -28.70 -14.33
C PHE K 306 -22.92 -29.34 -15.73
N THR K 307 -22.88 -28.50 -16.76
CA THR K 307 -22.84 -28.95 -18.15
C THR K 307 -21.59 -28.39 -18.82
N VAL K 308 -20.93 -29.21 -19.64
CA VAL K 308 -19.76 -28.73 -20.39
C VAL K 308 -19.98 -28.88 -21.90
N GLU K 309 -19.75 -27.78 -22.63
CA GLU K 309 -19.86 -27.81 -24.10
C GLU K 309 -18.63 -28.43 -24.73
N LYS K 310 -18.77 -28.88 -25.96
CA LYS K 310 -17.63 -29.46 -26.68
C LYS K 310 -16.47 -28.47 -26.78
N GLY K 311 -15.27 -28.95 -26.49
CA GLY K 311 -14.08 -28.11 -26.60
C GLY K 311 -12.92 -28.61 -25.76
N ILE K 312 -11.87 -27.80 -25.69
CA ILE K 312 -10.70 -28.10 -24.87
C ILE K 312 -10.58 -27.04 -23.78
N TYR K 313 -10.38 -27.47 -22.54
CA TYR K 313 -10.37 -26.54 -21.41
C TYR K 313 -9.17 -26.73 -20.52
N GLN K 314 -8.53 -25.63 -20.14
CA GLN K 314 -7.44 -25.72 -19.15
C GLN K 314 -8.04 -25.72 -17.76
N THR K 315 -7.72 -26.75 -16.99
CA THR K 315 -8.37 -26.95 -15.70
C THR K 315 -7.42 -26.81 -14.52
N SER K 316 -6.16 -27.11 -14.75
CA SER K 316 -5.17 -27.12 -13.67
C SER K 316 -3.77 -27.12 -14.20
N ASN K 317 -2.81 -27.07 -13.30
CA ASN K 317 -1.42 -27.24 -13.66
C ASN K 317 -0.83 -28.45 -12.96
N PHE K 318 0.03 -29.16 -13.65
CA PHE K 318 0.84 -30.20 -13.01
C PHE K 318 2.20 -29.62 -12.66
N ARG K 319 2.82 -30.20 -11.64
CA ARG K 319 4.17 -29.80 -11.22
C ARG K 319 4.81 -30.92 -10.42
N VAL K 320 6.01 -31.28 -10.81
CA VAL K 320 6.74 -32.32 -10.08
C VAL K 320 7.26 -31.82 -8.75
N GLN K 321 7.03 -32.60 -7.69
CA GLN K 321 7.47 -32.20 -6.34
C GLN K 321 8.87 -32.78 -6.03
N PRO K 322 9.67 -32.08 -5.24
CA PRO K 322 10.99 -32.48 -4.78
C PRO K 322 10.95 -33.80 -3.99
N THR K 323 11.83 -34.71 -4.39
CA THR K 323 11.99 -35.99 -3.72
C THR K 323 12.74 -35.83 -2.38
N GLU K 324 13.73 -34.97 -2.34
CA GLU K 324 14.49 -34.80 -1.11
C GLU K 324 15.12 -33.40 -0.95
N SER K 325 15.67 -33.14 0.22
CA SER K 325 16.37 -31.91 0.54
C SER K 325 17.86 -32.17 0.67
N ILE K 326 18.67 -31.34 0.02
CA ILE K 326 20.12 -31.51 0.15
C ILE K 326 20.76 -30.22 0.66
N VAL K 327 21.58 -30.35 1.70
CA VAL K 327 22.27 -29.21 2.28
C VAL K 327 23.76 -29.25 2.01
N ARG K 328 24.29 -28.15 1.48
CA ARG K 328 25.71 -28.08 1.16
C ARG K 328 26.34 -26.81 1.72
N PHE K 329 26.90 -26.92 2.92
CA PHE K 329 27.63 -25.83 3.56
C PHE K 329 29.13 -26.05 3.43
N PRO K 330 29.97 -25.04 3.69
CA PRO K 330 31.41 -25.13 3.82
C PRO K 330 31.76 -26.11 4.92
N ASN K 331 32.92 -26.76 4.80
CA ASN K 331 33.30 -27.82 5.74
C ASN K 331 34.28 -27.33 6.82
N ILE K 332 34.23 -26.04 7.12
CA ILE K 332 35.01 -25.46 8.25
C ILE K 332 34.40 -25.92 9.58
N THR K 333 35.21 -25.98 10.61
CA THR K 333 34.72 -26.52 11.88
C THR K 333 34.96 -25.60 13.08
N ASN K 334 35.75 -24.55 12.90
CA ASN K 334 36.08 -23.66 14.01
C ASN K 334 34.88 -22.81 14.41
N LEU K 335 34.61 -22.72 15.70
CA LEU K 335 33.45 -21.97 16.19
C LEU K 335 33.75 -20.48 16.32
N CYS K 336 32.73 -19.65 16.04
CA CYS K 336 32.84 -18.20 16.18
C CYS K 336 33.01 -17.79 17.61
N PRO K 337 33.94 -16.87 17.91
CA PRO K 337 34.33 -16.38 19.21
C PRO K 337 33.33 -15.37 19.78
N PHE K 338 32.09 -15.79 19.93
CA PHE K 338 31.08 -14.90 20.52
C PHE K 338 31.26 -14.81 22.03
N GLY K 339 31.63 -15.92 22.64
CA GLY K 339 31.78 -15.96 24.08
C GLY K 339 32.77 -14.92 24.57
N GLU K 340 33.79 -14.65 23.75
CA GLU K 340 34.82 -13.68 24.09
C GLU K 340 34.26 -12.27 24.18
N VAL K 341 33.24 -11.98 23.37
CA VAL K 341 32.60 -10.67 23.40
C VAL K 341 31.72 -10.55 24.63
N PHE K 342 30.99 -11.61 24.93
CA PHE K 342 30.03 -11.61 26.02
C PHE K 342 30.65 -11.65 27.42
N ASN K 343 31.80 -12.37 27.57
CA ASN K 343 32.39 -12.54 28.88
C ASN K 343 33.68 -11.77 29.07
N ALA K 344 33.81 -10.64 28.34
CA ALA K 344 34.90 -9.70 28.57
C ALA K 344 34.77 -9.08 29.95
N THR K 345 35.91 -8.90 30.61
CA THR K 345 35.92 -8.31 31.94
C THR K 345 35.53 -6.83 31.90
N ARG K 346 36.02 -6.13 30.90
CA ARG K 346 35.77 -4.70 30.78
C ARG K 346 34.98 -4.37 29.53
N PHE K 347 33.89 -3.63 29.72
CA PHE K 347 33.09 -3.14 28.61
C PHE K 347 33.37 -1.66 28.35
N ALA K 348 33.17 -1.25 27.11
CA ALA K 348 33.39 0.13 26.70
C ALA K 348 32.24 1.04 27.13
N SER K 349 32.56 2.32 27.27
CA SER K 349 31.54 3.36 27.33
C SER K 349 30.82 3.44 25.99
N VAL K 350 29.56 3.86 26.03
CA VAL K 350 28.74 3.87 24.84
C VAL K 350 29.22 4.88 23.79
N TYR K 351 29.78 5.99 24.23
CA TYR K 351 30.27 6.99 23.28
C TYR K 351 31.49 6.46 22.55
N ALA K 352 32.21 5.56 23.20
CA ALA K 352 33.42 4.95 22.65
C ALA K 352 33.23 3.45 22.49
N TRP K 353 32.15 3.07 21.82
CA TRP K 353 31.73 1.68 21.75
C TRP K 353 32.75 0.81 21.01
N ASN K 354 32.92 -0.43 21.48
CA ASN K 354 33.84 -1.35 20.84
C ASN K 354 33.19 -2.08 19.69
N ARG K 355 33.98 -2.42 18.68
CA ARG K 355 33.52 -3.26 17.59
C ARG K 355 34.49 -4.40 17.32
N LYS K 356 33.95 -5.60 17.21
CA LYS K 356 34.73 -6.77 16.83
C LYS K 356 34.19 -7.37 15.54
N ARG K 357 35.10 -7.64 14.61
CA ARG K 357 34.71 -8.28 13.34
C ARG K 357 34.84 -9.79 13.44
N ILE K 358 33.79 -10.50 13.05
CA ILE K 358 33.75 -11.94 13.11
C ILE K 358 33.60 -12.54 11.71
N SER K 359 34.50 -13.47 11.37
CA SER K 359 34.48 -14.09 10.05
C SER K 359 35.13 -15.46 10.05
N ASN K 360 34.87 -16.23 8.98
CA ASN K 360 35.50 -17.52 8.76
C ASN K 360 35.32 -18.48 9.93
N CYS K 361 34.07 -18.73 10.31
CA CYS K 361 33.76 -19.55 11.48
C CYS K 361 32.32 -20.05 11.47
N VAL K 362 32.01 -20.97 12.38
CA VAL K 362 30.67 -21.50 12.54
C VAL K 362 29.96 -20.83 13.70
N ALA K 363 28.78 -20.28 13.42
CA ALA K 363 28.05 -19.48 14.39
C ALA K 363 26.80 -20.18 14.88
N ASP K 364 26.80 -20.58 16.15
CA ASP K 364 25.62 -21.17 16.75
C ASP K 364 24.91 -20.12 17.60
N TYR K 365 23.76 -19.67 17.13
CA TYR K 365 23.07 -18.55 17.76
C TYR K 365 22.04 -19.03 18.77
N SER K 366 21.80 -20.33 18.81
CA SER K 366 20.74 -20.87 19.68
C SER K 366 21.21 -20.91 21.11
N VAL K 367 22.52 -21.01 21.30
CA VAL K 367 23.09 -21.03 22.63
C VAL K 367 22.88 -19.69 23.31
N LEU K 368 22.81 -18.63 22.52
CA LEU K 368 22.55 -17.30 23.05
C LEU K 368 21.05 -17.09 23.24
N TYR K 369 20.28 -17.45 22.23
CA TYR K 369 18.85 -17.17 22.27
C TYR K 369 18.13 -17.99 23.34
N ASN K 370 18.59 -19.21 23.55
CA ASN K 370 17.94 -20.12 24.49
C ASN K 370 18.47 -19.95 25.89
N SER K 371 19.36 -18.97 26.07
CA SER K 371 19.89 -18.66 27.39
C SER K 371 18.83 -18.05 28.28
N ALA K 372 18.97 -18.24 29.58
CA ALA K 372 18.08 -17.63 30.56
C ALA K 372 18.66 -16.33 31.11
N SER K 373 19.82 -15.92 30.61
CA SER K 373 20.60 -14.86 31.22
C SER K 373 20.40 -13.46 30.64
N PHE K 374 19.71 -13.37 29.51
CA PHE K 374 19.58 -12.08 28.82
C PHE K 374 18.17 -11.51 28.98
N SER K 375 18.12 -10.25 29.43
CA SER K 375 16.83 -9.55 29.61
C SER K 375 16.29 -9.07 28.30
N THR K 376 17.12 -8.79 27.31
CA THR K 376 16.68 -8.36 26.01
C THR K 376 17.33 -9.18 24.91
N PHE K 377 16.56 -9.63 23.96
CA PHE K 377 17.07 -10.28 22.76
C PHE K 377 16.14 -10.00 21.59
N LYS K 378 16.44 -8.96 20.85
CA LYS K 378 15.53 -8.49 19.80
C LYS K 378 16.22 -8.46 18.43
N CYS K 379 15.62 -9.14 17.47
CA CYS K 379 16.17 -9.24 16.12
C CYS K 379 15.37 -8.41 15.12
N TYR K 380 16.07 -7.85 14.15
CA TYR K 380 15.49 -7.05 13.10
C TYR K 380 15.96 -7.55 11.75
N GLY K 381 15.04 -7.65 10.80
CA GLY K 381 15.39 -8.07 9.45
C GLY K 381 15.61 -9.57 9.38
N VAL K 382 15.45 -10.22 10.52
CA VAL K 382 15.67 -11.66 10.63
C VAL K 382 15.00 -12.19 11.89
N SER K 383 14.51 -13.42 11.82
CA SER K 383 13.96 -14.08 13.00
C SER K 383 15.02 -14.97 13.65
N PRO K 384 15.14 -14.94 14.99
CA PRO K 384 16.15 -15.61 15.79
C PRO K 384 16.13 -17.13 15.60
N THR K 385 14.97 -17.68 15.26
CA THR K 385 14.83 -19.12 15.12
C THR K 385 15.36 -19.61 13.78
N LYS K 386 15.67 -18.67 12.90
CA LYS K 386 16.16 -19.00 11.57
C LYS K 386 17.64 -18.70 11.42
N LEU K 387 18.25 -18.14 12.46
CA LEU K 387 19.64 -17.69 12.35
C LEU K 387 20.59 -18.84 12.06
N ASN K 388 20.30 -20.01 12.60
CA ASN K 388 21.17 -21.16 12.45
C ASN K 388 21.11 -21.76 11.06
N ASP K 389 20.17 -21.30 10.25
CA ASP K 389 20.01 -21.80 8.90
C ASP K 389 20.71 -20.89 7.90
N LEU K 390 21.17 -19.74 8.36
CA LEU K 390 21.64 -18.69 7.46
C LEU K 390 23.15 -18.61 7.36
N CYS K 391 23.63 -18.05 6.26
CA CYS K 391 25.06 -17.74 6.05
C CYS K 391 25.22 -16.24 5.76
N PHE K 392 26.27 -15.66 6.34
CA PHE K 392 26.56 -14.25 6.16
C PHE K 392 28.00 -14.04 5.72
N THR K 393 28.27 -12.92 5.07
CA THR K 393 29.62 -12.63 4.62
C THR K 393 30.47 -12.13 5.78
N ASN K 394 29.86 -11.36 6.67
CA ASN K 394 30.55 -10.89 7.87
C ASN K 394 29.57 -10.67 9.01
N VAL K 395 30.06 -10.75 10.24
CA VAL K 395 29.27 -10.36 11.39
C VAL K 395 30.03 -9.39 12.27
N TYR K 396 29.39 -8.31 12.65
CA TYR K 396 30.00 -7.37 13.60
C TYR K 396 29.36 -7.48 14.96
N ALA K 397 30.18 -7.46 15.99
CA ALA K 397 29.69 -7.47 17.37
C ALA K 397 30.11 -6.21 18.09
N ASP K 398 29.15 -5.32 18.33
CA ASP K 398 29.41 -4.06 19.02
C ASP K 398 29.01 -4.19 20.48
N SER K 399 29.78 -3.59 21.37
CA SER K 399 29.44 -3.72 22.79
C SER K 399 29.73 -2.47 23.60
N PHE K 400 28.89 -2.24 24.60
CA PHE K 400 28.96 -1.05 25.43
C PHE K 400 28.05 -1.13 26.66
N VAL K 401 28.16 -0.15 27.55
CA VAL K 401 27.30 -0.06 28.72
C VAL K 401 26.41 1.19 28.71
N ILE K 402 25.12 0.99 28.96
CA ILE K 402 24.15 2.07 29.14
C ILE K 402 23.30 1.79 30.36
N ARG K 403 22.45 2.73 30.75
CA ARG K 403 21.55 2.47 31.86
C ARG K 403 20.24 1.83 31.34
N GLY K 404 19.53 1.13 32.24
CA GLY K 404 18.40 0.31 31.86
C GLY K 404 17.34 1.02 31.03
N ASP K 405 17.06 2.27 31.36
CA ASP K 405 16.01 3.01 30.68
C ASP K 405 16.35 3.30 29.22
N GLU K 406 17.61 3.12 28.86
CA GLU K 406 18.09 3.49 27.54
C GLU K 406 18.14 2.34 26.58
N VAL K 407 17.85 1.13 27.03
CA VAL K 407 17.97 -0.03 26.17
C VAL K 407 17.00 0.07 24.98
N ARG K 408 15.82 0.65 25.22
CA ARG K 408 14.85 0.87 24.14
C ARG K 408 15.40 1.75 23.02
N GLN K 409 16.42 2.55 23.29
CA GLN K 409 16.98 3.39 22.26
C GLN K 409 17.87 2.61 21.29
N ILE K 410 18.27 1.41 21.68
CA ILE K 410 19.10 0.60 20.81
C ILE K 410 18.21 -0.22 19.89
N ALA K 411 17.64 0.49 18.93
CA ALA K 411 16.72 -0.07 17.94
C ALA K 411 16.62 0.91 16.79
N PRO K 412 16.23 0.46 15.60
CA PRO K 412 15.96 1.29 14.44
C PRO K 412 14.85 2.30 14.70
N GLY K 413 15.04 3.53 14.23
CA GLY K 413 14.01 4.54 14.27
C GLY K 413 13.86 5.22 15.64
N GLN K 414 14.88 5.11 16.47
CA GLN K 414 14.80 5.69 17.81
C GLN K 414 15.45 7.07 17.89
N THR K 415 15.01 7.85 18.87
CA THR K 415 15.60 9.15 19.17
C THR K 415 15.94 9.22 20.65
N GLY K 416 16.72 10.23 21.02
CA GLY K 416 17.20 10.36 22.40
C GLY K 416 18.71 10.48 22.41
N LYS K 417 19.27 10.75 23.57
CA LYS K 417 20.68 11.07 23.65
C LYS K 417 21.58 9.94 23.14
N ILE K 418 21.16 8.70 23.37
CA ILE K 418 22.00 7.58 22.97
C ILE K 418 21.88 7.33 21.48
N ALA K 419 20.66 7.25 20.99
CA ALA K 419 20.44 7.03 19.57
C ALA K 419 21.00 8.20 18.74
N ASP K 420 20.93 9.40 19.30
CA ASP K 420 21.33 10.59 18.56
C ASP K 420 22.83 10.87 18.60
N TYR K 421 23.45 10.70 19.76
CA TYR K 421 24.83 11.19 19.93
C TYR K 421 25.86 10.10 20.24
N ASN K 422 25.41 8.87 20.49
CA ASN K 422 26.33 7.84 20.96
C ASN K 422 26.39 6.64 20.03
N TYR K 423 25.27 5.97 19.84
CA TYR K 423 25.23 4.77 19.02
C TYR K 423 23.94 4.69 18.22
N LYS K 424 24.06 4.83 16.91
CA LYS K 424 22.92 4.89 16.02
C LYS K 424 22.84 3.69 15.10
N LEU K 425 21.69 3.04 15.07
CA LEU K 425 21.43 1.97 14.11
C LEU K 425 20.79 2.55 12.86
N PRO K 426 20.97 1.91 11.71
CA PRO K 426 20.32 2.20 10.45
C PRO K 426 18.87 1.77 10.48
N ASP K 427 18.06 2.32 9.57
CA ASP K 427 16.64 2.02 9.52
C ASP K 427 16.37 0.67 8.86
N ASP K 428 17.29 0.25 7.98
CA ASP K 428 17.20 -1.04 7.33
C ASP K 428 18.12 -2.05 8.00
N PHE K 429 18.26 -1.92 9.32
CA PHE K 429 19.16 -2.75 10.10
C PHE K 429 18.77 -4.22 10.07
N THR K 430 19.77 -5.07 9.87
CA THR K 430 19.61 -6.50 10.02
C THR K 430 20.58 -7.02 11.08
N GLY K 431 20.03 -7.59 12.14
CA GLY K 431 20.86 -8.01 13.27
C GLY K 431 20.04 -8.18 14.54
N CYS K 432 20.73 -8.41 15.67
CA CYS K 432 20.08 -8.65 16.95
C CYS K 432 20.69 -7.81 18.06
N VAL K 433 19.84 -7.30 18.95
CA VAL K 433 20.27 -6.54 20.11
C VAL K 433 20.10 -7.35 21.38
N ILE K 434 21.19 -7.55 22.10
CA ILE K 434 21.21 -8.39 23.30
C ILE K 434 21.67 -7.60 24.51
N ALA K 435 20.92 -7.66 25.59
CA ALA K 435 21.29 -6.89 26.78
C ALA K 435 21.00 -7.64 28.07
N TRP K 436 21.80 -7.37 29.10
CA TRP K 436 21.56 -7.95 30.41
C TRP K 436 22.02 -7.02 31.53
N ASN K 437 21.40 -7.16 32.69
CA ASN K 437 21.71 -6.35 33.86
C ASN K 437 23.08 -6.71 34.42
N SER K 438 23.92 -5.71 34.64
CA SER K 438 25.28 -5.92 35.12
C SER K 438 25.54 -5.18 36.42
N ASN K 439 24.50 -4.97 37.20
CA ASN K 439 24.61 -4.23 38.46
C ASN K 439 25.67 -4.86 39.37
N ASN K 440 25.80 -6.18 39.28
CA ASN K 440 26.73 -6.91 40.14
C ASN K 440 28.20 -6.72 39.73
N LEU K 441 28.42 -6.19 38.53
CA LEU K 441 29.77 -6.02 38.03
C LEU K 441 30.17 -4.55 37.89
N ASP K 442 29.23 -3.73 37.44
CA ASP K 442 29.55 -2.38 37.01
C ASP K 442 29.25 -1.30 38.03
N SER K 443 28.46 -1.62 39.06
CA SER K 443 28.17 -0.63 40.10
C SER K 443 29.11 -0.76 41.28
N LYS K 444 29.33 0.34 41.98
CA LYS K 444 30.07 0.30 43.24
C LYS K 444 29.53 1.34 44.21
N VAL K 445 29.83 1.15 45.48
CA VAL K 445 29.40 2.09 46.50
C VAL K 445 30.09 3.43 46.32
N GLY K 446 29.30 4.50 46.25
CA GLY K 446 29.84 5.83 46.02
C GLY K 446 29.77 6.22 44.55
N GLY K 447 29.61 5.21 43.69
CA GLY K 447 29.43 5.44 42.27
C GLY K 447 30.63 5.05 41.42
N ASN K 448 30.35 4.34 40.33
CA ASN K 448 31.34 4.05 39.30
C ASN K 448 31.25 5.08 38.20
N TYR K 449 32.30 5.89 38.07
CA TYR K 449 32.26 7.01 37.14
C TYR K 449 33.08 6.76 35.89
N ASN K 450 33.41 5.49 35.66
CA ASN K 450 34.17 5.11 34.47
C ASN K 450 33.31 5.08 33.21
N TYR K 451 32.03 4.79 33.36
CA TYR K 451 31.14 4.70 32.21
C TYR K 451 30.54 6.05 31.87
N ARG K 452 30.73 6.46 30.62
CA ARG K 452 30.32 7.79 30.18
C ARG K 452 29.54 7.79 28.87
N TYR K 453 28.84 8.87 28.62
CA TYR K 453 28.07 9.04 27.39
C TYR K 453 28.13 10.48 26.91
N ARG K 454 27.86 10.69 25.63
CA ARG K 454 27.84 12.03 25.06
C ARG K 454 26.50 12.69 25.27
N LEU K 455 26.53 13.91 25.82
CA LEU K 455 25.35 14.65 26.17
C LEU K 455 25.02 15.73 25.15
N PHE K 456 26.04 16.33 24.56
CA PHE K 456 25.84 17.39 23.57
C PHE K 456 26.58 17.10 22.27
N ARG K 457 25.94 17.46 21.16
CA ARG K 457 26.60 17.35 19.86
C ARG K 457 25.95 18.28 18.85
N LYS K 458 26.76 18.80 17.92
CA LYS K 458 26.27 19.72 16.89
C LYS K 458 25.21 19.09 16.00
N SER K 459 25.36 17.81 15.72
CA SER K 459 24.43 17.10 14.85
C SER K 459 24.33 15.64 15.26
N ASN K 460 23.30 14.98 14.77
CA ASN K 460 23.11 13.56 15.05
C ASN K 460 24.14 12.73 14.30
N LEU K 461 24.52 11.60 14.90
CA LEU K 461 25.46 10.68 14.26
C LEU K 461 24.78 9.93 13.11
N LYS K 462 25.58 9.60 12.10
CA LYS K 462 25.13 8.67 11.08
C LYS K 462 25.21 7.25 11.66
N PRO K 463 24.47 6.29 11.11
CA PRO K 463 24.44 4.91 11.54
C PRO K 463 25.86 4.33 11.61
N PHE K 464 26.15 3.70 12.75
CA PHE K 464 27.45 3.09 13.01
C PHE K 464 28.60 4.08 13.00
N GLU K 465 28.32 5.36 13.23
CA GLU K 465 29.36 6.36 13.39
C GLU K 465 29.84 6.40 14.85
N ARG K 466 31.13 6.64 15.04
CA ARG K 466 31.73 6.69 16.35
C ARG K 466 32.39 8.05 16.57
N ASP K 467 32.13 8.66 17.72
CA ASP K 467 32.67 9.98 18.08
C ASP K 467 33.28 9.99 19.47
N ILE K 468 34.61 10.14 19.55
CA ILE K 468 35.29 10.08 20.84
C ILE K 468 36.05 11.37 21.17
N SER K 469 35.71 12.45 20.49
CA SER K 469 36.34 13.74 20.77
C SER K 469 35.77 14.37 22.05
N THR K 470 36.57 15.21 22.69
CA THR K 470 36.17 15.87 23.93
C THR K 470 36.18 17.37 23.86
N GLU K 471 36.06 17.91 22.65
CA GLU K 471 36.06 19.37 22.46
C GLU K 471 34.86 20.02 23.13
N ILE K 472 35.04 21.28 23.53
CA ILE K 472 33.98 22.02 24.19
C ILE K 472 32.83 22.34 23.25
N TYR K 473 31.61 22.12 23.74
CA TYR K 473 30.41 22.34 22.96
C TYR K 473 29.95 23.79 23.06
N GLN K 474 29.73 24.41 21.92
CA GLN K 474 29.28 25.79 21.88
C GLN K 474 27.78 25.87 21.79
N ALA K 475 27.14 26.26 22.89
CA ALA K 475 25.69 26.34 22.94
C ALA K 475 25.21 27.71 22.51
N GLY K 476 26.04 28.72 22.75
CA GLY K 476 25.67 30.09 22.43
C GLY K 476 26.23 30.54 21.08
N SER K 477 26.18 31.84 20.83
CA SER K 477 26.66 32.42 19.58
C SER K 477 28.13 32.78 19.66
N THR K 478 28.67 32.80 20.87
CA THR K 478 30.05 33.20 21.11
C THR K 478 30.97 31.97 21.25
N PRO K 479 32.07 31.92 20.49
CA PRO K 479 33.10 30.90 20.51
C PRO K 479 33.66 30.68 21.90
N CYS K 480 34.03 29.42 22.20
CA CYS K 480 34.50 29.02 23.52
C CYS K 480 36.02 29.03 23.59
N ASN K 481 36.67 28.81 22.46
CA ASN K 481 38.12 28.74 22.40
C ASN K 481 38.68 27.67 23.33
N GLY K 482 37.91 26.60 23.53
CA GLY K 482 38.38 25.46 24.29
C GLY K 482 38.23 25.65 25.79
N VAL K 483 37.49 26.67 26.20
CA VAL K 483 37.30 26.93 27.62
C VAL K 483 35.87 26.65 28.06
N GLU K 484 35.74 25.85 29.11
CA GLU K 484 34.44 25.52 29.67
C GLU K 484 33.90 26.67 30.53
N GLY K 485 32.61 26.96 30.38
CA GLY K 485 31.98 28.04 31.12
C GLY K 485 30.55 28.27 30.65
N PHE K 486 30.09 29.50 30.75
CA PHE K 486 28.72 29.84 30.38
C PHE K 486 28.52 29.63 28.87
N ASN K 487 27.50 28.87 28.51
CA ASN K 487 27.20 28.49 27.13
C ASN K 487 28.32 27.69 26.46
N CYS K 488 29.23 27.12 27.27
CA CYS K 488 30.36 26.32 26.79
C CYS K 488 30.52 25.08 27.64
N TYR K 489 30.06 23.94 27.12
CA TYR K 489 29.93 22.76 27.96
C TYR K 489 30.92 21.68 27.61
N PHE K 490 31.31 20.90 28.60
CA PHE K 490 32.03 19.66 28.37
C PHE K 490 31.01 18.61 27.89
N PRO K 491 31.22 18.01 26.71
CA PRO K 491 30.28 17.22 25.94
C PRO K 491 29.89 15.88 26.59
N LEU K 492 30.70 15.39 27.52
CA LEU K 492 30.45 14.07 28.10
C LEU K 492 29.95 14.15 29.54
N GLN K 493 29.28 13.08 29.97
CA GLN K 493 28.83 12.95 31.35
C GLN K 493 28.88 11.49 31.80
N SER K 494 29.00 11.26 33.12
CA SER K 494 29.09 9.92 33.66
C SER K 494 27.75 9.44 34.21
N TYR K 495 27.56 8.12 34.23
CA TYR K 495 26.38 7.53 34.81
C TYR K 495 26.46 7.48 36.34
N GLY K 496 27.65 7.19 36.85
CA GLY K 496 27.85 7.13 38.30
C GLY K 496 27.05 5.98 38.92
N PHE K 497 27.26 4.78 38.39
CA PHE K 497 26.42 3.65 38.77
C PHE K 497 26.64 3.24 40.23
N GLN K 498 25.53 3.09 40.96
CA GLN K 498 25.55 2.64 42.34
C GLN K 498 24.53 1.53 42.53
N PRO K 499 24.85 0.53 43.35
CA PRO K 499 24.13 -0.72 43.53
C PRO K 499 22.72 -0.50 44.07
N THR K 500 22.47 0.66 44.67
CA THR K 500 21.18 0.96 45.27
C THR K 500 20.27 1.72 44.33
N ASN K 501 20.74 1.94 43.11
CA ASN K 501 19.93 2.63 42.11
C ASN K 501 18.70 1.84 41.75
N GLY K 502 17.66 2.53 41.31
CA GLY K 502 16.49 1.84 40.73
C GLY K 502 16.93 1.17 39.43
N VAL K 503 16.14 0.22 38.97
CA VAL K 503 16.55 -0.62 37.84
C VAL K 503 16.82 0.20 36.58
N GLY K 504 16.08 1.27 36.39
CA GLY K 504 16.23 2.11 35.21
C GLY K 504 17.56 2.84 35.21
N TYR K 505 18.19 2.89 36.39
CA TYR K 505 19.45 3.60 36.54
C TYR K 505 20.61 2.63 36.81
N GLN K 506 20.33 1.34 36.72
CA GLN K 506 21.39 0.34 36.85
C GLN K 506 22.02 0.11 35.48
N PRO K 507 23.28 -0.30 35.45
CA PRO K 507 24.06 -0.57 34.27
C PRO K 507 23.57 -1.81 33.54
N TYR K 508 23.51 -1.73 32.22
CA TYR K 508 23.23 -2.86 31.36
C TYR K 508 24.32 -3.03 30.32
N ARG K 509 24.78 -4.25 30.17
CA ARG K 509 25.75 -4.56 29.12
C ARG K 509 25.02 -4.94 27.84
N VAL K 510 25.41 -4.32 26.75
CA VAL K 510 24.73 -4.51 25.49
C VAL K 510 25.66 -5.02 24.41
N VAL K 511 25.21 -6.03 23.69
CA VAL K 511 25.90 -6.52 22.51
C VAL K 511 24.98 -6.44 21.29
N VAL K 512 25.46 -5.77 20.25
CA VAL K 512 24.70 -5.67 19.01
C VAL K 512 25.36 -6.47 17.91
N LEU K 513 24.63 -7.42 17.35
CA LEU K 513 25.14 -8.25 16.26
C LEU K 513 24.56 -7.83 14.94
N SER K 514 25.38 -7.31 14.05
CA SER K 514 24.90 -6.87 12.74
C SER K 514 25.37 -7.84 11.67
N PHE K 515 24.44 -8.25 10.81
CA PHE K 515 24.72 -9.29 9.83
C PHE K 515 24.91 -8.70 8.45
N GLU K 516 26.10 -8.88 7.89
CA GLU K 516 26.41 -8.36 6.57
C GLU K 516 26.17 -9.41 5.51
N LEU K 517 25.26 -9.10 4.59
CA LEU K 517 24.85 -10.06 3.55
C LEU K 517 25.05 -9.48 2.15
N LEU K 518 26.30 -9.51 1.68
CA LEU K 518 26.63 -8.99 0.36
C LEU K 518 26.72 -10.09 -0.67
N HIS K 519 26.73 -9.72 -1.94
CA HIS K 519 26.90 -10.71 -3.01
C HIS K 519 28.35 -11.17 -3.05
N ALA K 520 28.73 -11.95 -2.05
CA ALA K 520 30.11 -12.39 -1.84
C ALA K 520 30.10 -13.70 -1.09
N PRO K 521 31.20 -14.45 -1.08
CA PRO K 521 31.34 -15.72 -0.40
C PRO K 521 31.02 -15.55 1.06
N ALA K 522 30.08 -16.35 1.55
CA ALA K 522 29.72 -16.30 2.96
C ALA K 522 30.80 -16.97 3.78
N THR K 523 31.18 -16.33 4.88
CA THR K 523 32.28 -16.86 5.70
C THR K 523 31.79 -17.28 7.08
N VAL K 524 30.60 -16.84 7.46
CA VAL K 524 30.02 -17.22 8.74
C VAL K 524 28.69 -17.92 8.52
N CYS K 525 28.61 -19.19 8.92
CA CYS K 525 27.40 -20.00 8.71
C CYS K 525 26.96 -20.68 9.98
N GLY K 526 25.67 -20.96 10.07
CA GLY K 526 25.15 -21.75 11.18
C GLY K 526 25.67 -23.18 11.09
N PRO K 527 25.41 -23.97 12.13
CA PRO K 527 25.91 -25.32 12.36
C PRO K 527 25.08 -26.40 11.67
N LYS K 528 24.45 -26.07 10.55
CA LYS K 528 23.68 -27.06 9.82
C LYS K 528 24.60 -28.05 9.11
N LYS K 529 24.34 -29.33 9.29
CA LYS K 529 25.17 -30.38 8.70
C LYS K 529 24.84 -30.58 7.23
N SER K 530 25.86 -30.90 6.45
CA SER K 530 25.69 -31.12 5.03
C SER K 530 25.28 -32.55 4.71
N THR K 531 24.53 -32.70 3.64
CA THR K 531 24.12 -33.99 3.11
C THR K 531 24.89 -34.31 1.86
N ASN K 532 24.71 -35.51 1.33
CA ASN K 532 25.31 -35.87 0.05
C ASN K 532 24.62 -35.12 -1.09
N LEU K 533 25.35 -34.91 -2.17
CA LEU K 533 24.79 -34.23 -3.35
C LEU K 533 23.99 -35.19 -4.20
N VAL K 534 22.78 -34.76 -4.62
CA VAL K 534 21.87 -35.55 -5.44
C VAL K 534 21.56 -34.86 -6.77
N LYS K 535 21.84 -35.55 -7.87
CA LYS K 535 21.71 -34.97 -9.19
C LYS K 535 20.70 -35.70 -10.09
N ASN K 536 20.19 -34.98 -11.10
CA ASN K 536 19.29 -35.51 -12.12
C ASN K 536 17.90 -35.83 -11.56
N LYS K 537 17.60 -35.28 -10.40
CA LYS K 537 16.31 -35.46 -9.74
C LYS K 537 15.83 -34.14 -9.15
N CYS K 538 14.51 -34.07 -8.96
CA CYS K 538 13.89 -32.88 -8.36
C CYS K 538 14.10 -32.85 -6.88
N VAL K 539 14.88 -31.88 -6.41
CA VAL K 539 15.21 -31.80 -4.97
C VAL K 539 15.14 -30.37 -4.44
N ASN K 540 14.99 -30.26 -3.16
CA ASN K 540 15.21 -28.99 -2.48
C ASN K 540 16.69 -28.87 -2.21
N PHE K 541 17.21 -27.65 -2.31
CA PHE K 541 18.63 -27.47 -2.07
C PHE K 541 18.93 -26.25 -1.22
N ASN K 542 20.08 -26.29 -0.55
CA ASN K 542 20.59 -25.17 0.22
C ASN K 542 22.10 -25.08 0.07
N PHE K 543 22.55 -24.19 -0.82
CA PHE K 543 23.98 -24.06 -1.10
C PHE K 543 24.58 -22.85 -0.43
N ASN K 544 25.27 -23.07 0.69
CA ASN K 544 25.89 -22.00 1.44
C ASN K 544 24.92 -20.86 1.68
N GLY K 545 23.68 -21.21 2.03
CA GLY K 545 22.66 -20.21 2.35
C GLY K 545 21.65 -19.98 1.23
N LEU K 546 21.98 -20.41 0.02
CA LEU K 546 21.08 -20.23 -1.12
C LEU K 546 20.08 -21.36 -1.24
N THR K 547 18.82 -21.06 -1.01
CA THR K 547 17.79 -22.09 -1.01
C THR K 547 16.94 -22.05 -2.25
N GLY K 548 16.42 -23.21 -2.64
CA GLY K 548 15.52 -23.29 -3.79
C GLY K 548 15.14 -24.72 -4.12
N THR K 549 14.37 -24.89 -5.19
CA THR K 549 13.92 -26.20 -5.64
C THR K 549 14.21 -26.38 -7.12
N GLY K 550 14.71 -27.56 -7.49
CA GLY K 550 14.97 -27.83 -8.89
C GLY K 550 15.84 -29.06 -9.10
N VAL K 551 16.20 -29.31 -10.36
CA VAL K 551 17.04 -30.43 -10.74
C VAL K 551 18.48 -29.97 -10.96
N LEU K 552 19.42 -30.68 -10.35
CA LEU K 552 20.82 -30.33 -10.46
C LEU K 552 21.56 -31.23 -11.42
N THR K 553 22.38 -30.63 -12.28
CA THR K 553 23.19 -31.41 -13.23
C THR K 553 24.59 -30.85 -13.36
N GLU K 554 25.51 -31.66 -13.86
CA GLU K 554 26.85 -31.17 -14.19
C GLU K 554 26.77 -30.10 -15.26
N SER K 555 27.57 -29.04 -15.09
CA SER K 555 27.51 -27.90 -15.98
C SER K 555 28.72 -27.78 -16.89
N ASN K 556 28.50 -27.25 -18.09
CA ASN K 556 29.60 -26.94 -19.00
C ASN K 556 30.02 -25.48 -18.89
N LYS K 557 29.43 -24.75 -17.94
CA LYS K 557 29.73 -23.34 -17.76
C LYS K 557 31.12 -23.14 -17.18
N LYS K 558 31.93 -22.34 -17.87
CA LYS K 558 33.32 -22.15 -17.48
C LYS K 558 33.46 -21.03 -16.46
N PHE K 559 33.20 -21.35 -15.20
CA PHE K 559 33.35 -20.38 -14.13
C PHE K 559 34.82 -20.09 -13.87
N LEU K 560 35.14 -18.84 -13.57
CA LEU K 560 36.45 -18.49 -13.09
C LEU K 560 36.49 -18.71 -11.57
N PRO K 561 37.66 -19.00 -10.99
CA PRO K 561 37.85 -19.41 -9.61
C PRO K 561 37.13 -18.54 -8.59
N PHE K 562 36.99 -17.25 -8.91
CA PHE K 562 36.34 -16.33 -7.99
C PHE K 562 34.82 -16.46 -8.02
N GLN K 563 34.29 -16.95 -9.13
CA GLN K 563 32.84 -16.99 -9.34
C GLN K 563 32.20 -18.12 -8.56
N GLN K 564 31.10 -17.81 -7.87
CA GLN K 564 30.43 -18.77 -7.00
C GLN K 564 29.08 -19.23 -7.55
N PHE K 565 28.46 -18.41 -8.37
CA PHE K 565 27.15 -18.73 -8.92
C PHE K 565 26.87 -17.89 -10.15
N GLY K 566 25.87 -18.31 -10.94
CA GLY K 566 25.41 -17.54 -12.08
C GLY K 566 23.96 -17.11 -11.91
N ARG K 567 23.54 -16.09 -12.66
CA ARG K 567 22.17 -15.60 -12.58
C ARG K 567 21.55 -15.39 -13.95
N ASP K 568 20.21 -15.51 -14.00
CA ASP K 568 19.45 -15.16 -15.20
C ASP K 568 18.90 -13.74 -15.12
N ILE K 569 18.08 -13.36 -16.10
CA ILE K 569 17.57 -11.99 -16.20
C ILE K 569 16.50 -11.70 -15.16
N ALA K 570 15.98 -12.74 -14.52
CA ALA K 570 14.95 -12.60 -13.49
C ALA K 570 15.58 -12.52 -12.11
N ASP K 571 16.91 -12.40 -12.09
CA ASP K 571 17.67 -12.36 -10.84
C ASP K 571 17.56 -13.68 -10.08
N THR K 572 17.44 -14.76 -10.82
CA THR K 572 17.39 -16.09 -10.23
C THR K 572 18.69 -16.83 -10.51
N THR K 573 19.21 -17.49 -9.49
CA THR K 573 20.43 -18.28 -9.67
C THR K 573 20.16 -19.49 -10.54
N ASP K 574 20.95 -19.65 -11.60
CA ASP K 574 20.76 -20.75 -12.53
C ASP K 574 21.96 -21.68 -12.56
N ALA K 575 22.92 -21.40 -11.70
CA ALA K 575 24.10 -22.23 -11.55
C ALA K 575 24.82 -21.90 -10.25
N VAL K 576 25.36 -22.92 -9.61
CA VAL K 576 26.11 -22.71 -8.38
C VAL K 576 27.42 -23.49 -8.36
N ARG K 577 28.37 -23.01 -7.60
CA ARG K 577 29.55 -23.79 -7.26
C ARG K 577 29.34 -24.49 -5.93
N ASP K 578 29.52 -25.80 -5.92
CA ASP K 578 29.40 -26.57 -4.70
C ASP K 578 30.57 -26.25 -3.75
N PRO K 579 30.29 -25.78 -2.53
CA PRO K 579 31.23 -25.24 -1.57
C PRO K 579 32.26 -26.25 -1.07
N GLN K 580 32.00 -27.54 -1.31
CA GLN K 580 32.93 -28.57 -0.82
C GLN K 580 33.73 -29.20 -1.95
N THR K 581 33.09 -29.44 -3.09
CA THR K 581 33.76 -30.11 -4.20
C THR K 581 34.21 -29.12 -5.27
N LEU K 582 33.68 -27.90 -5.20
CA LEU K 582 33.99 -26.84 -6.14
C LEU K 582 33.51 -27.16 -7.56
N GLU K 583 32.64 -28.16 -7.67
CA GLU K 583 31.99 -28.52 -8.93
C GLU K 583 30.93 -27.50 -9.31
N ILE K 584 30.81 -27.23 -10.60
CA ILE K 584 29.78 -26.31 -11.09
C ILE K 584 28.53 -27.06 -11.51
N LEU K 585 27.40 -26.67 -10.94
CA LEU K 585 26.13 -27.31 -11.21
C LEU K 585 25.14 -26.36 -11.86
N ASP K 586 24.38 -26.88 -12.82
CA ASP K 586 23.26 -26.14 -13.39
C ASP K 586 22.01 -26.36 -12.56
N ILE K 587 21.18 -25.33 -12.46
CA ILE K 587 19.89 -25.47 -11.80
C ILE K 587 18.75 -25.21 -12.76
N THR K 588 17.90 -26.21 -12.95
CA THR K 588 16.71 -26.06 -13.78
C THR K 588 15.49 -26.47 -12.96
N PRO K 589 14.33 -25.86 -13.21
CA PRO K 589 13.10 -26.12 -12.53
C PRO K 589 12.58 -27.52 -12.82
N CYS K 590 11.86 -28.08 -11.85
CA CYS K 590 11.22 -29.39 -11.99
C CYS K 590 10.05 -29.26 -12.94
N SER K 591 9.73 -30.33 -13.65
CA SER K 591 8.73 -30.26 -14.72
C SER K 591 7.41 -29.69 -14.24
N PHE K 592 6.85 -28.78 -15.03
CA PHE K 592 5.55 -28.18 -14.77
C PHE K 592 4.89 -27.78 -16.07
N GLY K 593 3.58 -27.59 -16.03
CA GLY K 593 2.86 -27.15 -17.22
C GLY K 593 1.36 -27.25 -17.02
N GLY K 594 0.61 -26.82 -18.02
CA GLY K 594 -0.84 -26.83 -17.92
C GLY K 594 -1.44 -28.20 -18.20
N VAL K 595 -2.60 -28.44 -17.61
CA VAL K 595 -3.40 -29.62 -17.90
C VAL K 595 -4.70 -29.21 -18.53
N SER K 596 -4.94 -29.68 -19.74
CA SER K 596 -6.18 -29.35 -20.44
C SER K 596 -7.00 -30.60 -20.73
N VAL K 597 -8.30 -30.47 -20.59
CA VAL K 597 -9.21 -31.58 -20.80
C VAL K 597 -9.99 -31.41 -22.10
N ILE K 598 -9.89 -32.42 -22.95
CA ILE K 598 -10.58 -32.44 -24.22
C ILE K 598 -11.87 -33.22 -24.09
N THR K 599 -12.97 -32.60 -24.44
CA THR K 599 -14.24 -33.25 -24.24
C THR K 599 -15.23 -32.92 -25.37
N PRO K 600 -16.06 -33.88 -25.77
CA PRO K 600 -17.32 -33.67 -26.46
C PRO K 600 -18.28 -33.13 -25.44
N GLY K 601 -19.37 -32.55 -25.89
CA GLY K 601 -20.29 -31.99 -24.90
C GLY K 601 -20.75 -33.07 -23.94
N THR K 602 -21.06 -32.67 -22.71
CA THR K 602 -21.63 -33.60 -21.72
C THR K 602 -23.02 -34.08 -22.15
N ASN K 603 -23.61 -33.35 -23.12
CA ASN K 603 -24.87 -33.71 -23.75
C ASN K 603 -24.69 -34.91 -24.69
N THR K 604 -23.42 -35.23 -25.03
CA THR K 604 -23.10 -36.31 -25.95
C THR K 604 -22.40 -37.50 -25.25
N SER K 605 -21.45 -37.18 -24.36
CA SER K 605 -20.66 -38.24 -23.72
C SER K 605 -19.96 -37.74 -22.46
N ASN K 606 -19.57 -38.70 -21.62
CA ASN K 606 -18.78 -38.39 -20.42
C ASN K 606 -17.31 -38.75 -20.60
N GLN K 607 -16.93 -39.15 -21.81
CA GLN K 607 -15.53 -39.50 -22.07
C GLN K 607 -14.68 -38.27 -22.31
N VAL K 608 -13.47 -38.27 -21.76
CA VAL K 608 -12.55 -37.16 -21.98
C VAL K 608 -11.14 -37.65 -22.29
N ALA K 609 -10.36 -36.79 -22.92
CA ALA K 609 -8.94 -37.01 -23.09
C ALA K 609 -8.18 -35.88 -22.41
N VAL K 610 -6.97 -36.16 -21.94
CA VAL K 610 -6.20 -35.14 -21.24
C VAL K 610 -4.89 -34.83 -21.92
N LEU K 611 -4.65 -33.54 -22.13
CA LEU K 611 -3.38 -33.09 -22.68
C LEU K 611 -2.49 -32.50 -21.60
N TYR K 612 -1.32 -33.09 -21.42
CA TYR K 612 -0.32 -32.57 -20.49
C TYR K 612 0.68 -31.73 -21.26
N GLN K 613 0.56 -30.43 -21.11
CA GLN K 613 1.23 -29.52 -22.02
C GLN K 613 2.74 -29.51 -21.82
N ASP K 614 3.46 -29.55 -22.93
CA ASP K 614 4.90 -29.38 -22.96
C ASP K 614 5.72 -30.52 -22.35
N VAL K 615 5.07 -31.61 -21.97
CA VAL K 615 5.84 -32.71 -21.36
C VAL K 615 5.89 -33.94 -22.24
N ASN K 616 6.87 -34.78 -22.04
CA ASN K 616 6.97 -36.11 -22.56
C ASN K 616 5.99 -37.07 -21.80
N CYS K 617 5.49 -38.05 -22.57
CA CYS K 617 4.53 -38.95 -21.94
C CYS K 617 5.11 -39.81 -20.83
N THR K 618 6.44 -39.80 -20.75
CA THR K 618 7.13 -40.62 -19.78
C THR K 618 7.03 -40.07 -18.35
N GLU K 619 6.78 -38.77 -18.23
CA GLU K 619 6.83 -38.10 -16.94
C GLU K 619 5.45 -37.84 -16.35
N VAL K 620 4.43 -38.30 -17.05
CA VAL K 620 3.07 -37.94 -16.71
C VAL K 620 2.61 -38.38 -15.29
N PRO K 621 2.72 -39.68 -14.90
CA PRO K 621 2.22 -40.23 -13.65
C PRO K 621 3.05 -39.75 -12.47
N ASN K 641 -3.68 -45.64 -25.43
CA ASN K 641 -4.05 -44.35 -25.98
C ASN K 641 -3.14 -43.24 -25.42
N VAL K 642 -1.84 -43.35 -25.70
CA VAL K 642 -0.86 -42.33 -25.32
C VAL K 642 -0.10 -41.86 -26.56
N PHE K 643 -0.18 -40.56 -26.83
CA PHE K 643 0.32 -39.99 -28.08
C PHE K 643 1.05 -38.68 -27.85
N GLN K 644 2.29 -38.60 -28.34
CA GLN K 644 3.10 -37.40 -28.16
C GLN K 644 2.87 -36.41 -29.30
N THR K 645 2.50 -35.18 -28.95
CA THR K 645 2.30 -34.11 -29.93
C THR K 645 3.19 -32.92 -29.60
N ARG K 646 3.27 -31.98 -30.53
CA ARG K 646 4.07 -30.77 -30.31
C ARG K 646 3.51 -29.95 -29.16
N ALA K 647 2.22 -30.10 -28.89
CA ALA K 647 1.54 -29.37 -27.82
C ALA K 647 1.79 -30.01 -26.45
N GLY K 648 2.30 -31.23 -26.44
CA GLY K 648 2.46 -31.98 -25.19
C GLY K 648 1.99 -33.42 -25.35
N CYS K 649 1.78 -34.10 -24.23
CA CYS K 649 1.39 -35.51 -24.22
C CYS K 649 -0.13 -35.66 -24.14
N LEU K 650 -0.69 -36.35 -25.11
CA LEU K 650 -2.13 -36.56 -25.15
C LEU K 650 -2.49 -37.97 -24.72
N ILE K 651 -3.32 -38.08 -23.69
CA ILE K 651 -3.72 -39.37 -23.16
C ILE K 651 -5.24 -39.54 -23.16
N GLY K 652 -5.70 -40.67 -23.69
CA GLY K 652 -7.12 -40.97 -23.68
C GLY K 652 -7.75 -40.84 -25.06
N ALA K 653 -6.94 -40.48 -26.05
CA ALA K 653 -7.42 -40.36 -27.42
C ALA K 653 -6.69 -41.34 -28.32
N GLU K 654 -7.44 -41.98 -29.20
CA GLU K 654 -6.87 -42.94 -30.14
C GLU K 654 -6.31 -42.21 -31.36
N HIS K 655 -5.02 -42.36 -31.58
CA HIS K 655 -4.38 -41.72 -32.72
C HIS K 655 -4.57 -42.53 -33.99
N VAL K 656 -5.09 -41.86 -35.02
CA VAL K 656 -5.35 -42.54 -36.29
C VAL K 656 -4.62 -41.86 -37.43
N ASN K 657 -4.41 -42.59 -38.53
CA ASN K 657 -3.74 -42.05 -39.71
C ASN K 657 -4.71 -41.41 -40.70
N ASN K 658 -6.01 -41.60 -40.47
CA ASN K 658 -7.05 -40.97 -41.28
C ASN K 658 -7.11 -39.48 -40.97
N SER K 659 -7.56 -38.70 -41.94
CA SER K 659 -7.60 -37.25 -41.78
C SER K 659 -9.00 -36.70 -41.95
N TYR K 660 -9.38 -35.78 -41.08
CA TYR K 660 -10.72 -35.21 -41.08
C TYR K 660 -10.67 -33.70 -40.93
N GLU K 661 -11.81 -33.07 -41.13
CA GLU K 661 -11.96 -31.65 -40.79
C GLU K 661 -11.72 -31.47 -39.30
N CYS K 662 -11.08 -30.35 -38.93
CA CYS K 662 -10.75 -30.09 -37.52
C CYS K 662 -12.01 -29.87 -36.69
N ASP K 663 -12.13 -30.61 -35.59
CA ASP K 663 -13.23 -30.46 -34.67
C ASP K 663 -12.77 -29.69 -33.44
N ILE K 664 -12.03 -30.36 -32.56
CA ILE K 664 -11.41 -29.69 -31.42
C ILE K 664 -9.91 -29.57 -31.64
N PRO K 665 -9.39 -28.36 -31.79
CA PRO K 665 -8.00 -28.06 -32.08
C PRO K 665 -7.11 -28.41 -30.90
N ILE K 666 -5.99 -29.08 -31.17
CA ILE K 666 -4.99 -29.35 -30.16
C ILE K 666 -3.78 -28.47 -30.38
N GLY K 667 -3.31 -28.43 -31.61
CA GLY K 667 -2.19 -27.58 -31.98
C GLY K 667 -1.25 -28.28 -32.94
N ALA K 668 -0.53 -27.50 -33.74
CA ALA K 668 0.45 -28.04 -34.67
C ALA K 668 -0.15 -29.06 -35.62
N GLY K 669 -1.38 -28.81 -36.06
CA GLY K 669 -2.01 -29.64 -37.07
C GLY K 669 -2.86 -30.75 -36.49
N ILE K 670 -2.72 -31.00 -35.20
CA ILE K 670 -3.46 -32.08 -34.56
C ILE K 670 -4.80 -31.60 -34.00
N CYS K 671 -5.86 -32.33 -34.32
CA CYS K 671 -7.20 -32.08 -33.82
C CYS K 671 -7.78 -33.37 -33.23
N ALA K 672 -8.81 -33.23 -32.41
CA ALA K 672 -9.49 -34.38 -31.83
C ALA K 672 -10.98 -34.32 -32.08
N SER K 673 -11.62 -35.48 -32.15
CA SER K 673 -13.06 -35.57 -32.32
C SER K 673 -13.62 -36.83 -31.70
N TYR K 674 -14.92 -36.86 -31.47
CA TYR K 674 -15.59 -38.06 -30.96
C TYR K 674 -16.25 -38.81 -32.11
N GLN K 675 -15.85 -40.07 -32.31
CA GLN K 675 -16.29 -40.88 -33.45
C GLN K 675 -16.69 -42.27 -33.01
N GLN K 690 -18.12 -45.80 -29.24
CA GLN K 690 -17.45 -44.62 -29.76
C GLN K 690 -16.33 -44.16 -28.82
N SER K 691 -15.35 -43.46 -29.37
CA SER K 691 -14.18 -43.01 -28.62
C SER K 691 -13.66 -41.68 -29.16
N ILE K 692 -12.82 -41.02 -28.37
CA ILE K 692 -12.13 -39.81 -28.83
C ILE K 692 -10.92 -40.19 -29.65
N ILE K 693 -10.79 -39.60 -30.83
CA ILE K 693 -9.66 -39.86 -31.70
C ILE K 693 -8.85 -38.60 -31.93
N ALA K 694 -7.57 -38.78 -32.20
CA ALA K 694 -6.69 -37.67 -32.58
C ALA K 694 -6.14 -37.91 -33.97
N TYR K 695 -6.03 -36.84 -34.74
CA TYR K 695 -5.61 -36.96 -36.14
C TYR K 695 -5.01 -35.67 -36.66
N THR K 696 -4.27 -35.77 -37.76
CA THR K 696 -3.85 -34.59 -38.49
C THR K 696 -5.00 -34.07 -39.33
N MET K 697 -5.29 -32.80 -39.20
CA MET K 697 -6.45 -32.21 -39.86
C MET K 697 -6.29 -32.11 -41.37
N SER K 698 -7.39 -32.27 -42.08
CA SER K 698 -7.41 -32.06 -43.53
C SER K 698 -7.67 -30.61 -43.86
N LEU K 699 -7.08 -30.14 -44.94
CA LEU K 699 -7.31 -28.76 -45.37
C LEU K 699 -8.40 -28.68 -46.43
N GLY K 700 -8.92 -29.84 -46.83
CA GLY K 700 -9.95 -29.89 -47.86
C GLY K 700 -9.66 -30.98 -48.88
N ALA K 701 -10.63 -31.23 -49.75
CA ALA K 701 -10.49 -32.24 -50.80
C ALA K 701 -9.54 -31.77 -51.88
N GLU K 702 -8.73 -32.69 -52.38
CA GLU K 702 -7.82 -32.38 -53.49
C GLU K 702 -8.57 -32.31 -54.81
N ASN K 703 -8.21 -31.33 -55.63
CA ASN K 703 -8.90 -31.10 -56.90
C ASN K 703 -7.95 -30.66 -58.00
N SER K 704 -7.88 -31.46 -59.06
CA SER K 704 -7.08 -31.09 -60.21
C SER K 704 -7.94 -30.44 -61.27
N VAL K 705 -7.63 -29.19 -61.61
CA VAL K 705 -8.33 -28.50 -62.68
C VAL K 705 -7.76 -28.95 -64.01
N ALA K 706 -8.66 -29.32 -64.92
CA ALA K 706 -8.24 -29.86 -66.22
C ALA K 706 -7.77 -28.76 -67.14
N TYR K 707 -6.63 -28.17 -66.80
CA TYR K 707 -6.08 -27.08 -67.57
C TYR K 707 -5.46 -27.55 -68.88
N SER K 708 -5.70 -26.80 -69.93
CA SER K 708 -4.99 -26.94 -71.18
C SER K 708 -4.98 -25.58 -71.85
N ASN K 709 -4.25 -25.45 -72.95
CA ASN K 709 -4.10 -24.16 -73.62
C ASN K 709 -5.23 -23.87 -74.61
N ASN K 710 -6.20 -24.79 -74.73
CA ASN K 710 -7.32 -24.61 -75.65
C ASN K 710 -8.64 -25.13 -75.06
N SER K 711 -8.69 -25.30 -73.76
CA SER K 711 -9.90 -25.83 -73.11
C SER K 711 -10.52 -24.83 -72.17
N ILE K 712 -11.82 -24.60 -72.34
CA ILE K 712 -12.55 -23.73 -71.44
C ILE K 712 -13.81 -24.41 -70.91
N ALA K 713 -14.12 -24.18 -69.65
CA ALA K 713 -15.35 -24.70 -69.07
C ALA K 713 -16.37 -23.57 -68.90
N ILE K 714 -17.59 -23.81 -69.37
CA ILE K 714 -18.65 -22.81 -69.29
C ILE K 714 -19.90 -23.41 -68.64
N PRO K 715 -20.50 -22.73 -67.65
CA PRO K 715 -21.74 -23.10 -66.98
C PRO K 715 -22.88 -23.17 -67.96
N THR K 716 -23.71 -24.20 -67.83
CA THR K 716 -24.92 -24.30 -68.64
C THR K 716 -26.18 -24.04 -67.80
N ASN K 717 -25.99 -23.89 -66.48
CA ASN K 717 -27.07 -23.67 -65.53
C ASN K 717 -26.56 -22.79 -64.39
N PHE K 718 -27.44 -22.50 -63.44
CA PHE K 718 -27.08 -21.71 -62.26
C PHE K 718 -28.02 -22.01 -61.12
N THR K 719 -27.60 -21.65 -59.92
CA THR K 719 -28.48 -21.72 -58.76
C THR K 719 -28.50 -20.39 -58.02
N ILE K 720 -29.68 -20.01 -57.55
CA ILE K 720 -29.80 -18.83 -56.70
C ILE K 720 -29.58 -19.22 -55.24
N SER K 721 -28.55 -18.62 -54.65
CA SER K 721 -28.15 -18.98 -53.30
C SER K 721 -28.45 -17.87 -52.31
N VAL K 722 -28.93 -18.24 -51.15
CA VAL K 722 -29.12 -17.29 -50.06
C VAL K 722 -28.35 -17.70 -48.82
N THR K 723 -27.51 -16.80 -48.34
CA THR K 723 -26.69 -17.07 -47.17
C THR K 723 -26.85 -16.00 -46.10
N THR K 724 -26.55 -16.36 -44.86
CA THR K 724 -26.68 -15.41 -43.76
C THR K 724 -25.32 -14.86 -43.33
N GLU K 725 -25.31 -13.59 -42.97
CA GLU K 725 -24.16 -12.99 -42.31
C GLU K 725 -24.60 -12.25 -41.05
N ILE K 726 -23.97 -12.58 -39.93
CA ILE K 726 -24.38 -12.03 -38.65
C ILE K 726 -23.30 -11.16 -38.03
N LEU K 727 -23.67 -9.92 -37.71
CA LEU K 727 -22.73 -8.98 -37.11
C LEU K 727 -23.31 -8.33 -35.86
N PRO K 728 -22.51 -8.19 -34.79
CA PRO K 728 -22.75 -7.35 -33.63
C PRO K 728 -22.82 -5.89 -34.00
N VAL K 729 -23.72 -5.17 -33.38
CA VAL K 729 -23.83 -3.73 -33.61
C VAL K 729 -23.64 -2.94 -32.33
N SER K 730 -24.21 -3.43 -31.24
CA SER K 730 -24.17 -2.67 -29.98
C SER K 730 -24.06 -3.58 -28.76
N MET K 731 -23.65 -2.99 -27.65
CA MET K 731 -23.64 -3.67 -26.35
C MET K 731 -24.69 -3.12 -25.44
N THR K 732 -24.95 -3.83 -24.35
CA THR K 732 -25.76 -3.30 -23.26
C THR K 732 -25.08 -2.08 -22.65
N LYS K 733 -25.84 -1.02 -22.45
CA LYS K 733 -25.29 0.23 -21.92
C LYS K 733 -25.24 0.20 -20.40
N THR K 734 -24.15 -0.30 -19.86
CA THR K 734 -24.01 -0.39 -18.41
C THR K 734 -23.49 0.92 -17.85
N SER K 735 -23.78 1.15 -16.58
CA SER K 735 -23.29 2.32 -15.88
C SER K 735 -22.99 1.97 -14.43
N VAL K 736 -21.77 2.25 -14.00
CA VAL K 736 -21.37 1.98 -12.63
C VAL K 736 -21.03 3.25 -11.91
N ASP K 737 -21.72 3.52 -10.82
CA ASP K 737 -21.39 4.69 -10.01
C ASP K 737 -20.20 4.34 -9.14
N CYS K 738 -19.03 4.92 -9.43
CA CYS K 738 -17.79 4.55 -8.80
C CYS K 738 -17.88 4.69 -7.27
N THR K 739 -18.42 5.80 -6.78
CA THR K 739 -18.52 6.01 -5.35
C THR K 739 -19.37 4.97 -4.64
N MET K 740 -20.54 4.66 -5.20
CA MET K 740 -21.43 3.69 -4.57
C MET K 740 -20.83 2.28 -4.62
N TYR K 741 -20.17 1.94 -5.71
CA TYR K 741 -19.53 0.64 -5.82
C TYR K 741 -18.46 0.46 -4.74
N ILE K 742 -17.63 1.47 -4.57
CA ILE K 742 -16.50 1.40 -3.65
C ILE K 742 -16.90 1.52 -2.18
N CYS K 743 -17.79 2.47 -1.87
CA CYS K 743 -18.06 2.88 -0.50
C CYS K 743 -19.48 2.59 -0.04
N GLY K 744 -20.34 2.17 -0.96
CA GLY K 744 -21.75 2.09 -0.62
C GLY K 744 -22.24 3.48 -0.22
N ASP K 745 -22.90 3.56 0.93
CA ASP K 745 -23.37 4.84 1.42
C ASP K 745 -22.64 5.28 2.68
N SER K 746 -21.44 4.74 2.87
CA SER K 746 -20.61 5.11 4.01
C SER K 746 -19.91 6.44 3.75
N THR K 747 -20.12 7.39 4.64
CA THR K 747 -19.49 8.70 4.52
C THR K 747 -18.03 8.64 4.97
N GLU K 748 -17.72 7.67 5.82
CA GLU K 748 -16.35 7.49 6.27
C GLU K 748 -15.44 7.07 5.11
N CYS K 749 -15.91 6.10 4.32
CA CYS K 749 -15.21 5.66 3.11
C CYS K 749 -15.19 6.76 2.06
N SER K 750 -16.34 7.39 1.85
CA SER K 750 -16.46 8.42 0.83
C SER K 750 -15.46 9.54 1.05
N ASN K 751 -15.28 9.94 2.31
CA ASN K 751 -14.34 11.00 2.64
C ASN K 751 -12.89 10.59 2.38
N LEU K 752 -12.58 9.32 2.59
CA LEU K 752 -11.25 8.80 2.30
C LEU K 752 -10.99 8.72 0.81
N LEU K 753 -12.03 8.38 0.06
CA LEU K 753 -11.92 8.22 -1.38
C LEU K 753 -11.50 9.53 -2.05
N LEU K 754 -11.87 10.65 -1.42
CA LEU K 754 -11.53 11.96 -1.94
C LEU K 754 -10.03 12.18 -2.04
N GLN K 755 -9.27 11.43 -1.26
CA GLN K 755 -7.82 11.58 -1.22
C GLN K 755 -7.17 11.14 -2.53
N TYR K 756 -7.94 10.40 -3.33
CA TYR K 756 -7.41 9.82 -4.55
C TYR K 756 -7.66 10.69 -5.76
N GLY K 757 -8.29 11.85 -5.55
CA GLY K 757 -8.50 12.79 -6.62
C GLY K 757 -9.70 12.46 -7.50
N SER K 758 -9.49 12.51 -8.80
CA SER K 758 -10.57 12.47 -9.77
C SER K 758 -10.77 11.11 -10.42
N PHE K 759 -10.17 10.08 -9.86
CA PHE K 759 -10.26 8.75 -10.49
C PHE K 759 -11.68 8.33 -10.80
N CYS K 760 -12.60 8.53 -9.87
CA CYS K 760 -13.98 8.10 -10.06
C CYS K 760 -14.72 8.97 -11.12
N THR K 761 -14.41 10.23 -11.18
CA THR K 761 -14.96 11.05 -12.24
C THR K 761 -14.50 10.56 -13.61
N GLN K 762 -13.23 10.17 -13.68
CA GLN K 762 -12.68 9.62 -14.92
C GLN K 762 -13.36 8.34 -15.34
N LEU K 763 -13.63 7.47 -14.38
CA LEU K 763 -14.23 6.18 -14.65
C LEU K 763 -15.67 6.34 -15.09
N ASN K 764 -16.38 7.27 -14.45
CA ASN K 764 -17.76 7.51 -14.82
C ASN K 764 -17.84 8.09 -16.22
N ARG K 765 -16.90 8.96 -16.55
CA ARG K 765 -16.85 9.57 -17.87
C ARG K 765 -16.59 8.53 -18.95
N ALA K 766 -15.67 7.62 -18.68
CA ALA K 766 -15.30 6.58 -19.64
C ALA K 766 -16.49 5.67 -19.96
N LEU K 767 -17.24 5.29 -18.95
CA LEU K 767 -18.38 4.42 -19.16
C LEU K 767 -19.52 5.15 -19.85
N THR K 768 -19.66 6.43 -19.58
CA THR K 768 -20.67 7.24 -20.25
C THR K 768 -20.37 7.33 -21.74
N GLY K 769 -19.10 7.51 -22.08
CA GLY K 769 -18.68 7.59 -23.47
C GLY K 769 -19.02 6.31 -24.23
N ILE K 770 -18.85 5.18 -23.57
CA ILE K 770 -19.19 3.90 -24.19
C ILE K 770 -20.68 3.81 -24.45
N ALA K 771 -21.48 4.19 -23.46
CA ALA K 771 -22.94 4.12 -23.57
C ALA K 771 -23.46 4.96 -24.72
N VAL K 772 -22.89 6.14 -24.91
CA VAL K 772 -23.29 7.03 -25.99
C VAL K 772 -22.96 6.42 -27.35
N GLU K 773 -21.78 5.82 -27.43
CA GLU K 773 -21.33 5.16 -28.64
C GLU K 773 -22.29 4.08 -29.11
N GLN K 774 -22.91 3.37 -28.17
CA GLN K 774 -23.76 2.25 -28.53
C GLN K 774 -24.99 2.70 -29.31
N ASP K 775 -25.47 3.89 -29.01
CA ASP K 775 -26.62 4.43 -29.74
C ASP K 775 -26.17 4.95 -31.10
N LYS K 776 -24.97 5.50 -31.14
CA LYS K 776 -24.39 5.95 -32.40
C LYS K 776 -24.18 4.77 -33.36
N ASN K 777 -23.73 3.64 -32.81
CA ASN K 777 -23.50 2.45 -33.62
C ASN K 777 -24.78 1.99 -34.27
N THR K 778 -25.86 1.96 -33.49
CA THR K 778 -27.14 1.52 -33.99
C THR K 778 -27.66 2.46 -35.07
N GLN K 779 -27.53 3.75 -34.84
CA GLN K 779 -28.00 4.74 -35.80
C GLN K 779 -27.28 4.64 -37.14
N GLU K 780 -25.97 4.45 -37.10
CA GLU K 780 -25.18 4.43 -38.33
C GLU K 780 -25.48 3.19 -39.17
N VAL K 781 -25.94 2.12 -38.55
CA VAL K 781 -26.31 0.93 -39.27
C VAL K 781 -27.72 1.00 -39.85
N PHE K 782 -28.69 1.41 -39.05
CA PHE K 782 -30.09 1.25 -39.44
C PHE K 782 -30.75 2.52 -39.99
N ALA K 783 -30.33 3.68 -39.52
CA ALA K 783 -30.94 4.92 -39.97
C ALA K 783 -30.25 5.44 -41.22
N GLN K 784 -30.25 4.62 -42.27
CA GLN K 784 -29.66 5.00 -43.55
C GLN K 784 -30.72 5.34 -44.58
N VAL K 785 -31.97 5.33 -44.15
CA VAL K 785 -33.08 5.57 -45.07
C VAL K 785 -33.73 6.91 -44.74
N LYS K 786 -33.90 7.72 -45.78
CA LYS K 786 -34.46 9.09 -45.57
C LYS K 786 -35.96 9.01 -45.22
N GLN K 787 -36.69 8.07 -45.81
CA GLN K 787 -38.14 8.00 -45.65
C GLN K 787 -38.56 6.62 -45.20
N ILE K 788 -39.71 6.53 -44.57
CA ILE K 788 -40.23 5.23 -44.16
C ILE K 788 -41.10 4.64 -45.26
N TYR K 789 -40.49 3.77 -46.06
CA TYR K 789 -41.15 3.20 -47.23
C TYR K 789 -42.03 2.03 -46.85
N LYS K 790 -43.13 1.89 -47.58
CA LYS K 790 -44.01 0.74 -47.37
C LYS K 790 -44.26 0.00 -48.68
N THR K 791 -44.45 -1.31 -48.57
CA THR K 791 -44.80 -2.15 -49.71
C THR K 791 -46.27 -1.93 -50.08
N PRO K 792 -46.67 -2.29 -51.31
CA PRO K 792 -48.03 -2.27 -51.81
C PRO K 792 -48.89 -3.31 -51.06
N PRO K 793 -50.20 -3.06 -50.93
CA PRO K 793 -51.20 -3.95 -50.37
C PRO K 793 -51.18 -5.33 -51.02
N ILE K 794 -50.90 -5.37 -52.33
CA ILE K 794 -50.87 -6.63 -53.05
C ILE K 794 -49.44 -7.03 -53.39
N LYS K 795 -49.02 -8.16 -52.85
CA LYS K 795 -47.63 -8.59 -53.00
C LYS K 795 -47.42 -9.38 -54.28
N ASP K 796 -47.59 -8.70 -55.41
CA ASP K 796 -47.34 -9.32 -56.71
C ASP K 796 -46.01 -8.90 -57.27
N PHE K 797 -45.01 -9.76 -57.15
CA PHE K 797 -43.66 -9.42 -57.55
C PHE K 797 -43.12 -10.35 -58.62
N GLY K 798 -44.03 -10.93 -59.40
CA GLY K 798 -43.63 -11.76 -60.53
C GLY K 798 -43.24 -13.17 -60.13
N GLY K 799 -43.77 -13.65 -59.00
CA GLY K 799 -43.50 -14.99 -58.54
C GLY K 799 -42.55 -15.02 -57.34
N PHE K 800 -41.93 -13.89 -57.07
CA PHE K 800 -41.03 -13.78 -55.93
C PHE K 800 -41.83 -13.54 -54.65
N ASN K 801 -41.48 -14.29 -53.59
CA ASN K 801 -42.21 -14.30 -52.35
C ASN K 801 -41.32 -13.85 -51.18
N PHE K 802 -41.67 -12.70 -50.59
CA PHE K 802 -40.86 -12.08 -49.55
C PHE K 802 -41.51 -12.16 -48.18
N SER K 803 -42.50 -13.04 -48.04
CA SER K 803 -43.32 -13.06 -46.83
C SER K 803 -42.54 -13.38 -45.56
N GLN K 804 -41.40 -14.04 -45.70
CA GLN K 804 -40.64 -14.46 -44.54
C GLN K 804 -39.71 -13.35 -44.04
N ILE K 805 -39.51 -12.32 -44.86
CA ILE K 805 -38.65 -11.22 -44.47
C ILE K 805 -39.44 -9.93 -44.24
N LEU K 806 -40.66 -9.87 -44.79
CA LEU K 806 -41.53 -8.73 -44.57
C LEU K 806 -42.23 -8.85 -43.23
N PRO K 807 -42.64 -7.72 -42.62
CA PRO K 807 -43.35 -7.65 -41.35
C PRO K 807 -44.60 -8.48 -41.37
N ASP K 808 -44.83 -9.22 -40.29
CA ASP K 808 -46.04 -10.00 -40.16
C ASP K 808 -47.07 -9.21 -39.34
N PRO K 809 -48.12 -8.70 -40.00
CA PRO K 809 -49.08 -7.75 -39.46
C PRO K 809 -49.89 -8.33 -38.30
N SER K 810 -49.89 -9.66 -38.17
CA SER K 810 -50.67 -10.32 -37.14
C SER K 810 -49.95 -10.33 -35.79
N LYS K 811 -48.66 -10.03 -35.80
CA LYS K 811 -47.88 -10.07 -34.57
C LYS K 811 -47.66 -8.65 -34.04
N PRO K 812 -47.83 -8.44 -32.73
CA PRO K 812 -47.84 -7.16 -32.03
C PRO K 812 -46.56 -6.37 -32.23
N SER K 813 -45.45 -7.06 -32.45
CA SER K 813 -44.16 -6.42 -32.62
C SER K 813 -43.95 -5.96 -34.05
N LYS K 814 -44.77 -6.51 -34.96
CA LYS K 814 -44.65 -6.25 -36.38
C LYS K 814 -43.31 -6.67 -36.95
N ARG K 815 -42.70 -7.68 -36.33
CA ARG K 815 -41.47 -8.27 -36.86
C ARG K 815 -41.80 -9.25 -37.96
N SER K 816 -40.82 -9.51 -38.83
CA SER K 816 -40.97 -10.56 -39.83
C SER K 816 -40.86 -11.92 -39.13
N PRO K 817 -41.32 -13.01 -39.78
CA PRO K 817 -41.17 -14.39 -39.35
C PRO K 817 -39.73 -14.76 -39.01
N ILE K 818 -38.77 -14.29 -39.82
CA ILE K 818 -37.37 -14.54 -39.55
C ILE K 818 -36.87 -13.72 -38.35
N GLU K 819 -37.26 -12.45 -38.30
CA GLU K 819 -36.85 -11.60 -37.19
C GLU K 819 -37.39 -12.13 -35.86
N ASP K 820 -38.61 -12.65 -35.88
CA ASP K 820 -39.20 -13.20 -34.67
C ASP K 820 -38.40 -14.39 -34.18
N LEU K 821 -37.96 -15.23 -35.11
CA LEU K 821 -37.13 -16.36 -34.77
C LEU K 821 -35.79 -15.91 -34.20
N LEU K 822 -35.20 -14.88 -34.80
CA LEU K 822 -33.90 -14.39 -34.34
C LEU K 822 -34.00 -13.86 -32.92
N PHE K 823 -35.08 -13.16 -32.62
CA PHE K 823 -35.27 -12.58 -31.31
C PHE K 823 -35.54 -13.63 -30.23
N ASN K 824 -36.05 -14.78 -30.64
CA ASN K 824 -36.28 -15.87 -29.71
C ASN K 824 -35.02 -16.69 -29.43
N LYS K 825 -33.96 -16.42 -30.20
CA LYS K 825 -32.75 -17.25 -30.13
C LYS K 825 -31.60 -16.64 -29.31
N VAL K 826 -31.71 -15.37 -28.92
CA VAL K 826 -30.70 -14.70 -28.10
C VAL K 826 -31.38 -13.91 -26.99
N CYS K 851 -30.86 -7.36 -10.79
CA CYS K 851 -31.46 -6.82 -9.58
C CYS K 851 -30.39 -6.48 -8.54
N ALA K 852 -29.60 -7.49 -8.16
CA ALA K 852 -28.56 -7.32 -7.13
C ALA K 852 -27.42 -6.46 -7.65
N GLN K 853 -27.30 -6.37 -8.97
CA GLN K 853 -26.30 -5.48 -9.54
C GLN K 853 -26.68 -4.04 -9.27
N LYS K 854 -27.96 -3.72 -9.47
CA LYS K 854 -28.47 -2.38 -9.16
C LYS K 854 -28.12 -2.04 -7.74
N PHE K 855 -28.27 -3.01 -6.85
CA PHE K 855 -28.10 -2.81 -5.42
C PHE K 855 -26.69 -2.38 -5.05
N ASN K 856 -25.75 -2.52 -6.00
CA ASN K 856 -24.37 -2.16 -5.76
C ASN K 856 -23.91 -1.01 -6.66
N GLY K 857 -24.85 -0.28 -7.24
CA GLY K 857 -24.52 0.90 -8.03
C GLY K 857 -24.37 0.58 -9.53
N LEU K 858 -24.76 -0.62 -9.93
CA LEU K 858 -24.66 -1.05 -11.32
C LEU K 858 -26.01 -1.00 -12.00
N THR K 859 -26.16 -0.13 -13.00
CA THR K 859 -27.45 -0.03 -13.69
C THR K 859 -27.32 -0.22 -15.19
N VAL K 860 -28.46 -0.43 -15.83
CA VAL K 860 -28.50 -0.55 -17.28
C VAL K 860 -29.36 0.54 -17.88
N LEU K 861 -28.79 1.30 -18.79
CA LEU K 861 -29.53 2.33 -19.49
C LEU K 861 -30.16 1.73 -20.74
N PRO K 862 -31.42 2.08 -21.04
CA PRO K 862 -32.16 1.63 -22.19
C PRO K 862 -31.58 2.25 -23.46
N PRO K 863 -31.59 1.52 -24.58
CA PRO K 863 -31.26 1.99 -25.91
C PRO K 863 -32.17 3.14 -26.31
N LEU K 864 -31.63 4.08 -27.06
CA LEU K 864 -32.43 5.18 -27.56
C LEU K 864 -33.49 4.71 -28.54
N LEU K 865 -33.08 3.83 -29.44
CA LEU K 865 -34.03 3.21 -30.37
C LEU K 865 -34.51 1.89 -29.83
N THR K 866 -35.83 1.76 -29.74
CA THR K 866 -36.44 0.52 -29.28
C THR K 866 -36.37 -0.53 -30.37
N ASP K 867 -36.63 -1.78 -30.01
CA ASP K 867 -36.60 -2.85 -31.00
C ASP K 867 -37.67 -2.66 -32.05
N GLU K 868 -38.81 -2.13 -31.64
CA GLU K 868 -39.88 -1.82 -32.58
C GLU K 868 -39.40 -0.82 -33.63
N MET K 869 -38.66 0.19 -33.18
CA MET K 869 -38.16 1.23 -34.07
C MET K 869 -37.11 0.68 -35.04
N ILE K 870 -36.28 -0.23 -34.56
CA ILE K 870 -35.26 -0.83 -35.41
C ILE K 870 -35.93 -1.68 -36.48
N ALA K 871 -36.95 -2.43 -36.10
CA ALA K 871 -37.73 -3.21 -37.03
C ALA K 871 -38.40 -2.32 -38.11
N GLN K 872 -38.81 -1.12 -37.66
CA GLN K 872 -39.42 -0.16 -38.62
C GLN K 872 -38.40 0.31 -39.60
N TYR K 873 -37.18 0.60 -39.20
CA TYR K 873 -36.12 0.97 -40.11
C TYR K 873 -35.83 -0.15 -41.11
N THR K 874 -35.80 -1.37 -40.57
CA THR K 874 -35.46 -2.53 -41.40
C THR K 874 -36.51 -2.76 -42.47
N SER K 875 -37.79 -2.67 -42.10
CA SER K 875 -38.86 -2.89 -43.06
C SER K 875 -38.91 -1.79 -44.10
N ALA K 876 -38.52 -0.58 -43.71
CA ALA K 876 -38.44 0.53 -44.67
C ALA K 876 -37.35 0.28 -45.70
N LEU K 877 -36.24 -0.28 -45.25
CA LEU K 877 -35.14 -0.61 -46.15
C LEU K 877 -35.56 -1.72 -47.11
N LEU K 878 -36.32 -2.69 -46.60
CA LEU K 878 -36.80 -3.79 -47.44
C LEU K 878 -37.82 -3.31 -48.45
N ALA K 879 -38.73 -2.45 -48.03
CA ALA K 879 -39.73 -1.92 -48.93
C ALA K 879 -39.08 -1.10 -50.03
N GLY K 880 -38.08 -0.32 -49.67
CA GLY K 880 -37.35 0.49 -50.63
C GLY K 880 -36.69 -0.39 -51.68
N THR K 881 -35.99 -1.42 -51.21
CA THR K 881 -35.27 -2.31 -52.09
C THR K 881 -36.20 -3.07 -53.04
N ILE K 882 -37.29 -3.57 -52.49
CA ILE K 882 -38.23 -4.38 -53.25
C ILE K 882 -38.96 -3.58 -54.34
N THR K 883 -39.31 -2.33 -54.02
CA THR K 883 -40.11 -1.53 -54.95
C THR K 883 -39.30 -0.61 -55.85
N SER K 884 -38.07 -0.26 -55.46
CA SER K 884 -37.31 0.73 -56.22
C SER K 884 -35.84 0.36 -56.44
N GLY K 885 -35.45 -0.85 -56.06
CA GLY K 885 -34.09 -1.29 -56.30
C GLY K 885 -33.07 -0.44 -55.56
N TRP K 886 -32.07 0.04 -56.28
CA TRP K 886 -30.99 0.79 -55.68
C TRP K 886 -31.16 2.30 -55.82
N THR K 887 -32.30 2.73 -56.35
CA THR K 887 -32.48 4.15 -56.64
C THR K 887 -32.75 4.98 -55.40
N PHE K 888 -33.36 4.37 -54.39
CA PHE K 888 -33.73 5.09 -53.18
C PHE K 888 -32.51 5.42 -52.33
N GLY K 889 -31.41 4.74 -52.61
CA GLY K 889 -30.16 4.99 -51.90
C GLY K 889 -29.45 6.25 -52.42
N ALA K 890 -29.62 6.54 -53.71
CA ALA K 890 -28.87 7.62 -54.36
C ALA K 890 -29.69 8.89 -54.50
N GLY K 891 -30.97 8.82 -54.19
CA GLY K 891 -31.87 9.94 -54.43
C GLY K 891 -33.31 9.50 -54.18
N PRO K 892 -34.29 10.08 -54.90
CA PRO K 892 -35.69 9.78 -54.79
C PRO K 892 -35.96 8.36 -55.26
N ALA K 893 -36.85 7.66 -54.57
CA ALA K 893 -37.18 6.29 -54.96
C ALA K 893 -37.92 6.27 -56.28
N LEU K 894 -37.42 5.44 -57.19
CA LEU K 894 -38.05 5.29 -58.50
C LEU K 894 -38.56 3.88 -58.67
N GLN K 895 -39.85 3.73 -58.87
CA GLN K 895 -40.44 2.41 -58.95
C GLN K 895 -40.02 1.69 -60.23
N ILE K 896 -39.84 0.38 -60.10
CA ILE K 896 -39.58 -0.50 -61.23
C ILE K 896 -40.14 -1.88 -60.88
N PRO K 897 -40.73 -2.61 -61.84
CA PRO K 897 -41.19 -3.98 -61.66
C PRO K 897 -40.05 -4.85 -61.16
N PHE K 898 -40.35 -5.73 -60.22
CA PHE K 898 -39.30 -6.49 -59.56
C PHE K 898 -38.48 -7.36 -60.55
N PRO K 899 -39.12 -8.10 -61.47
CA PRO K 899 -38.48 -8.90 -62.49
C PRO K 899 -37.51 -8.08 -63.33
N MET K 900 -37.85 -6.82 -63.58
CA MET K 900 -36.98 -5.94 -64.33
C MET K 900 -35.79 -5.52 -63.51
N GLN K 901 -36.02 -5.31 -62.22
CA GLN K 901 -34.95 -5.00 -61.28
C GLN K 901 -33.96 -6.15 -61.24
N MET K 902 -34.47 -7.37 -61.21
CA MET K 902 -33.62 -8.55 -61.16
C MET K 902 -32.85 -8.71 -62.46
N ALA K 903 -33.48 -8.35 -63.58
CA ALA K 903 -32.82 -8.38 -64.87
C ALA K 903 -31.65 -7.42 -64.92
N TYR K 904 -31.81 -6.25 -64.27
CA TYR K 904 -30.71 -5.28 -64.20
C TYR K 904 -29.56 -5.84 -63.37
N ARG K 905 -29.90 -6.55 -62.32
CA ARG K 905 -28.89 -7.13 -61.44
C ARG K 905 -28.17 -8.29 -62.10
N PHE K 906 -28.84 -8.96 -63.03
CA PHE K 906 -28.19 -9.98 -63.84
C PHE K 906 -27.16 -9.35 -64.78
N ASN K 907 -27.51 -8.22 -65.38
CA ASN K 907 -26.56 -7.50 -66.22
C ASN K 907 -25.33 -7.09 -65.42
N GLY K 908 -25.55 -6.77 -64.15
CA GLY K 908 -24.50 -6.33 -63.25
C GLY K 908 -23.47 -7.41 -62.96
N ILE K 909 -23.81 -8.66 -63.25
CA ILE K 909 -22.88 -9.76 -63.01
C ILE K 909 -22.43 -10.39 -64.33
N GLY K 910 -22.69 -9.70 -65.43
CA GLY K 910 -22.20 -10.13 -66.73
C GLY K 910 -23.07 -11.21 -67.38
N VAL K 911 -24.34 -11.26 -67.01
CA VAL K 911 -25.28 -12.21 -67.61
C VAL K 911 -26.37 -11.44 -68.33
N THR K 912 -26.68 -11.85 -69.54
CA THR K 912 -27.66 -11.11 -70.35
C THR K 912 -29.05 -11.19 -69.73
N GLN K 913 -29.84 -10.15 -69.94
CA GLN K 913 -31.11 -10.00 -69.26
C GLN K 913 -32.15 -11.02 -69.71
N ASN K 914 -31.97 -11.56 -70.90
CA ASN K 914 -32.92 -12.55 -71.40
C ASN K 914 -32.81 -13.84 -70.62
N VAL K 915 -31.68 -14.05 -69.96
CA VAL K 915 -31.48 -15.24 -69.15
C VAL K 915 -32.41 -15.21 -67.94
N LEU K 916 -32.59 -14.02 -67.38
CA LEU K 916 -33.50 -13.83 -66.26
C LEU K 916 -34.94 -14.07 -66.70
N TYR K 917 -35.33 -13.42 -67.80
CA TYR K 917 -36.72 -13.46 -68.24
C TYR K 917 -37.14 -14.84 -68.69
N GLU K 918 -36.25 -15.52 -69.39
CA GLU K 918 -36.56 -16.83 -69.94
C GLU K 918 -36.66 -17.90 -68.87
N ASN K 919 -36.07 -17.63 -67.71
CA ASN K 919 -36.06 -18.58 -66.62
C ASN K 919 -36.74 -18.00 -65.39
N GLN K 920 -37.68 -17.09 -65.59
CA GLN K 920 -38.24 -16.35 -64.49
C GLN K 920 -38.84 -17.26 -63.36
N LYS K 921 -39.64 -18.23 -63.81
CA LYS K 921 -40.32 -19.11 -62.84
C LYS K 921 -39.32 -19.97 -62.14
N LEU K 922 -38.28 -20.42 -62.81
CA LEU K 922 -37.23 -21.23 -62.22
C LEU K 922 -36.47 -20.43 -61.17
N ILE K 923 -36.16 -19.18 -61.52
CA ILE K 923 -35.40 -18.31 -60.65
C ILE K 923 -36.20 -17.92 -59.42
N ALA K 924 -37.46 -17.58 -59.61
CA ALA K 924 -38.34 -17.26 -58.49
C ALA K 924 -38.50 -18.45 -57.56
N ASN K 925 -38.53 -19.65 -58.13
CA ASN K 925 -38.68 -20.85 -57.33
C ASN K 925 -37.42 -21.16 -56.53
N GLN K 926 -36.26 -21.00 -57.15
CA GLN K 926 -35.00 -21.21 -56.44
C GLN K 926 -34.85 -20.21 -55.31
N PHE K 927 -35.26 -18.98 -55.59
CA PHE K 927 -35.20 -17.93 -54.58
C PHE K 927 -36.10 -18.23 -53.41
N ASN K 928 -37.35 -18.58 -53.69
CA ASN K 928 -38.33 -18.82 -52.64
C ASN K 928 -37.91 -20.00 -51.78
N SER K 929 -37.34 -21.01 -52.42
CA SER K 929 -36.86 -22.18 -51.71
C SER K 929 -35.67 -21.85 -50.82
N ALA K 930 -34.74 -21.06 -51.35
CA ALA K 930 -33.55 -20.67 -50.60
C ALA K 930 -33.92 -19.89 -49.35
N ILE K 931 -34.90 -19.00 -49.46
CA ILE K 931 -35.36 -18.25 -48.30
C ILE K 931 -35.98 -19.18 -47.28
N GLY K 932 -36.76 -20.14 -47.76
CA GLY K 932 -37.40 -21.12 -46.88
C GLY K 932 -36.37 -21.90 -46.06
N LYS K 933 -35.24 -22.23 -46.68
CA LYS K 933 -34.18 -22.95 -46.00
C LYS K 933 -33.56 -22.13 -44.88
N ILE K 934 -33.53 -20.82 -45.05
CA ILE K 934 -33.04 -19.95 -43.98
C ILE K 934 -33.94 -20.09 -42.78
N GLN K 935 -35.23 -20.11 -43.03
CA GLN K 935 -36.23 -20.27 -41.98
C GLN K 935 -36.00 -21.58 -41.23
N ASP K 936 -35.80 -22.66 -41.99
CA ASP K 936 -35.63 -24.00 -41.43
C ASP K 936 -34.30 -24.19 -40.71
N SER K 937 -33.23 -23.59 -41.23
CA SER K 937 -31.91 -23.75 -40.63
C SER K 937 -31.84 -23.10 -39.27
N LEU K 938 -32.36 -21.88 -39.17
CA LEU K 938 -32.34 -21.15 -37.90
C LEU K 938 -33.17 -21.87 -36.84
N SER K 939 -34.22 -22.56 -37.28
CA SER K 939 -35.11 -23.26 -36.38
C SER K 939 -34.53 -24.59 -35.84
N SER K 940 -33.37 -25.00 -36.35
CA SER K 940 -32.80 -26.29 -35.98
C SER K 940 -31.31 -26.24 -35.66
N THR K 941 -30.78 -25.03 -35.42
CA THR K 941 -29.36 -24.88 -35.16
C THR K 941 -29.10 -23.97 -33.92
N PRO K 942 -28.86 -24.55 -32.75
CA PRO K 942 -28.68 -23.92 -31.48
C PRO K 942 -27.53 -22.91 -31.43
N SER K 943 -26.55 -23.09 -32.33
CA SER K 943 -25.35 -22.27 -32.30
C SER K 943 -25.32 -21.19 -33.39
N ALA K 944 -26.45 -21.03 -34.07
CA ALA K 944 -26.51 -20.15 -35.24
C ALA K 944 -26.13 -18.71 -34.93
N LEU K 945 -26.52 -18.22 -33.76
CA LEU K 945 -26.29 -16.81 -33.43
C LEU K 945 -25.20 -16.66 -32.39
N GLY K 946 -24.17 -17.50 -32.51
CA GLY K 946 -23.07 -17.51 -31.57
C GLY K 946 -22.35 -16.16 -31.47
N LYS K 947 -22.23 -15.47 -32.59
CA LYS K 947 -21.50 -14.19 -32.59
C LYS K 947 -22.17 -13.16 -31.70
N LEU K 948 -23.49 -13.17 -31.67
CA LEU K 948 -24.23 -12.22 -30.84
C LEU K 948 -24.31 -12.70 -29.40
N GLN K 949 -24.43 -14.01 -29.22
CA GLN K 949 -24.50 -14.57 -27.89
C GLN K 949 -23.19 -14.39 -27.14
N ASP K 950 -22.08 -14.46 -27.88
CA ASP K 950 -20.76 -14.28 -27.29
C ASP K 950 -20.58 -12.90 -26.69
N VAL K 951 -21.18 -11.91 -27.34
CA VAL K 951 -21.10 -10.54 -26.83
C VAL K 951 -21.87 -10.43 -25.53
N VAL K 952 -23.05 -11.03 -25.49
CA VAL K 952 -23.86 -11.04 -24.29
C VAL K 952 -23.14 -11.76 -23.15
N ASN K 953 -22.52 -12.88 -23.47
CA ASN K 953 -21.84 -13.68 -22.46
C ASN K 953 -20.61 -12.99 -21.90
N GLN K 954 -19.85 -12.32 -22.77
CA GLN K 954 -18.63 -11.63 -22.34
C GLN K 954 -18.95 -10.47 -21.41
N ASN K 955 -20.02 -9.76 -21.70
CA ASN K 955 -20.40 -8.62 -20.88
C ASN K 955 -20.95 -9.08 -19.54
N ALA K 956 -21.72 -10.16 -19.54
CA ALA K 956 -22.25 -10.71 -18.30
C ALA K 956 -21.14 -11.20 -17.41
N GLN K 957 -20.15 -11.83 -18.00
CA GLN K 957 -19.02 -12.37 -17.24
C GLN K 957 -18.23 -11.26 -16.58
N ALA K 958 -18.02 -10.17 -17.31
CA ALA K 958 -17.26 -9.04 -16.77
C ALA K 958 -17.99 -8.40 -15.60
N LEU K 959 -19.30 -8.27 -15.70
CA LEU K 959 -20.07 -7.69 -14.61
C LEU K 959 -20.12 -8.59 -13.39
N ASN K 960 -20.26 -9.88 -13.63
CA ASN K 960 -20.31 -10.83 -12.53
C ASN K 960 -19.00 -10.86 -11.78
N THR K 961 -17.91 -10.74 -12.53
CA THR K 961 -16.59 -10.68 -11.92
C THR K 961 -16.44 -9.43 -11.07
N LEU K 962 -16.92 -8.30 -11.59
CA LEU K 962 -16.82 -7.05 -10.86
C LEU K 962 -17.58 -7.11 -9.55
N VAL K 963 -18.78 -7.66 -9.57
CA VAL K 963 -19.58 -7.76 -8.35
C VAL K 963 -18.94 -8.71 -7.34
N LYS K 964 -18.41 -9.82 -7.84
CA LYS K 964 -17.79 -10.81 -6.98
C LYS K 964 -16.56 -10.26 -6.25
N GLN K 965 -15.90 -9.26 -6.85
CA GLN K 965 -14.72 -8.65 -6.23
C GLN K 965 -15.07 -7.91 -4.94
N LEU K 966 -16.35 -7.62 -4.73
CA LEU K 966 -16.79 -6.96 -3.51
C LEU K 966 -16.71 -7.91 -2.32
N SER K 967 -16.50 -9.20 -2.61
CA SER K 967 -16.39 -10.20 -1.56
C SER K 967 -14.95 -10.38 -1.11
N SER K 968 -14.02 -9.73 -1.77
CA SER K 968 -12.61 -9.86 -1.45
C SER K 968 -12.21 -8.98 -0.28
N ASN K 969 -11.29 -9.46 0.55
CA ASN K 969 -10.82 -8.71 1.70
C ASN K 969 -9.72 -7.73 1.34
N PHE K 970 -8.89 -8.10 0.37
CA PHE K 970 -7.76 -7.28 -0.05
C PHE K 970 -6.82 -6.99 1.12
N GLY K 971 -6.80 -7.87 2.10
CA GLY K 971 -5.89 -7.75 3.23
C GLY K 971 -6.59 -7.15 4.47
N ALA K 972 -7.82 -6.68 4.30
CA ALA K 972 -8.58 -6.12 5.41
C ALA K 972 -9.15 -7.23 6.28
N ILE K 973 -9.57 -6.86 7.48
CA ILE K 973 -10.18 -7.82 8.42
C ILE K 973 -11.50 -8.36 7.90
N SER K 974 -12.16 -7.60 7.05
CA SER K 974 -13.42 -8.02 6.47
C SER K 974 -13.67 -7.35 5.13
N SER K 975 -14.38 -8.03 4.24
CA SER K 975 -14.78 -7.46 2.98
C SER K 975 -16.00 -6.56 3.15
N VAL K 976 -16.62 -6.63 4.31
CA VAL K 976 -17.83 -5.86 4.58
C VAL K 976 -17.51 -4.58 5.33
N LEU K 977 -17.83 -3.46 4.71
CA LEU K 977 -17.49 -2.16 5.25
C LEU K 977 -18.21 -1.89 6.57
N ASN K 978 -19.43 -2.40 6.69
CA ASN K 978 -20.21 -2.22 7.89
C ASN K 978 -19.64 -3.00 9.07
N ASP K 979 -18.97 -4.12 8.80
CA ASP K 979 -18.33 -4.88 9.87
C ASP K 979 -17.19 -4.10 10.45
N ILE K 980 -16.43 -3.45 9.57
CA ILE K 980 -15.29 -2.65 10.00
C ILE K 980 -15.71 -1.47 10.85
N LEU K 981 -16.76 -0.79 10.41
CA LEU K 981 -17.22 0.41 11.09
C LEU K 981 -17.89 0.10 12.42
N SER K 982 -18.50 -1.09 12.53
CA SER K 982 -19.15 -1.47 13.78
C SER K 982 -18.14 -1.98 14.81
N ARG K 983 -16.94 -2.35 14.36
CA ARG K 983 -15.93 -2.91 15.26
C ARG K 983 -14.87 -1.92 15.71
N LEU K 984 -14.41 -1.05 14.81
CA LEU K 984 -13.24 -0.21 15.10
C LEU K 984 -13.53 1.30 15.16
N ASP K 985 -12.71 2.02 15.93
CA ASP K 985 -12.82 3.49 16.00
C ASP K 985 -12.17 4.08 14.75
N PRO K 986 -12.32 5.38 14.43
CA PRO K 986 -11.84 5.92 13.15
C PRO K 986 -10.36 5.75 12.74
N PRO K 987 -9.33 5.94 13.60
CA PRO K 987 -7.94 5.66 13.21
C PRO K 987 -7.65 4.25 12.70
N GLU K 988 -8.02 3.21 13.45
CA GLU K 988 -7.80 1.81 13.07
C GLU K 988 -8.70 1.45 11.89
N ALA K 989 -9.88 2.00 11.87
CA ALA K 989 -10.85 1.74 10.80
C ALA K 989 -10.35 2.30 9.45
N GLU K 990 -9.72 3.47 9.48
CA GLU K 990 -9.22 4.07 8.25
C GLU K 990 -8.19 3.20 7.55
N VAL K 991 -7.43 2.44 8.34
CA VAL K 991 -6.44 1.54 7.76
C VAL K 991 -7.11 0.40 7.01
N GLN K 992 -8.15 -0.17 7.60
CA GLN K 992 -8.85 -1.29 7.00
C GLN K 992 -9.64 -0.84 5.79
N ILE K 993 -10.21 0.35 5.86
CA ILE K 993 -11.02 0.88 4.79
C ILE K 993 -10.16 1.21 3.58
N ASP K 994 -8.98 1.77 3.83
CA ASP K 994 -8.05 2.11 2.76
C ASP K 994 -7.67 0.87 1.97
N ARG K 995 -7.55 -0.27 2.64
CA ARG K 995 -7.24 -1.51 1.94
C ARG K 995 -8.36 -1.92 0.99
N LEU K 996 -9.60 -1.74 1.43
CA LEU K 996 -10.74 -2.07 0.58
C LEU K 996 -10.88 -1.10 -0.57
N ILE K 997 -10.58 0.17 -0.33
CA ILE K 997 -10.65 1.17 -1.37
C ILE K 997 -9.64 0.88 -2.47
N THR K 998 -8.42 0.53 -2.07
CA THR K 998 -7.38 0.22 -3.04
C THR K 998 -7.78 -0.95 -3.93
N GLY K 999 -8.29 -2.02 -3.32
CA GLY K 999 -8.66 -3.21 -4.07
C GLY K 999 -9.86 -2.97 -4.97
N ARG K 1000 -10.84 -2.24 -4.47
CA ARG K 1000 -12.07 -2.02 -5.20
C ARG K 1000 -11.88 -1.03 -6.34
N LEU K 1001 -10.99 -0.07 -6.15
CA LEU K 1001 -10.67 0.87 -7.20
C LEU K 1001 -9.92 0.15 -8.33
N GLN K 1002 -9.01 -0.74 -7.95
CA GLN K 1002 -8.28 -1.52 -8.94
C GLN K 1002 -9.22 -2.42 -9.74
N SER K 1003 -10.21 -2.99 -9.06
CA SER K 1003 -11.18 -3.86 -9.72
C SER K 1003 -12.03 -3.09 -10.71
N LEU K 1004 -12.41 -1.88 -10.34
CA LEU K 1004 -13.24 -1.06 -11.20
C LEU K 1004 -12.45 -0.55 -12.40
N GLN K 1005 -11.19 -0.20 -12.18
CA GLN K 1005 -10.34 0.25 -13.28
C GLN K 1005 -10.11 -0.88 -14.28
N THR K 1006 -9.95 -2.09 -13.77
CA THR K 1006 -9.79 -3.24 -14.65
C THR K 1006 -11.02 -3.43 -15.52
N TYR K 1007 -12.19 -3.34 -14.90
CA TYR K 1007 -13.45 -3.47 -15.62
C TYR K 1007 -13.58 -2.45 -16.73
N VAL K 1008 -13.34 -1.18 -16.40
CA VAL K 1008 -13.53 -0.10 -17.35
C VAL K 1008 -12.58 -0.21 -18.53
N THR K 1009 -11.32 -0.53 -18.26
CA THR K 1009 -10.35 -0.69 -19.33
C THR K 1009 -10.78 -1.79 -20.29
N GLN K 1010 -11.27 -2.91 -19.75
CA GLN K 1010 -11.72 -4.01 -20.58
C GLN K 1010 -12.94 -3.63 -21.40
N GLN K 1011 -13.81 -2.81 -20.83
CA GLN K 1011 -15.00 -2.36 -21.54
C GLN K 1011 -14.65 -1.42 -22.69
N LEU K 1012 -13.63 -0.60 -22.50
CA LEU K 1012 -13.19 0.32 -23.55
C LEU K 1012 -12.61 -0.43 -24.73
N ILE K 1013 -11.84 -1.47 -24.44
CA ILE K 1013 -11.24 -2.30 -25.48
C ILE K 1013 -12.31 -3.09 -26.21
N ARG K 1014 -13.24 -3.67 -25.47
CA ARG K 1014 -14.35 -4.39 -26.06
C ARG K 1014 -15.24 -3.46 -26.89
N ALA K 1015 -15.45 -2.24 -26.40
CA ALA K 1015 -16.26 -1.27 -27.10
C ALA K 1015 -15.67 -0.92 -28.45
N ALA K 1016 -14.36 -0.79 -28.50
CA ALA K 1016 -13.70 -0.51 -29.76
C ALA K 1016 -13.94 -1.62 -30.76
N GLU K 1017 -13.86 -2.86 -30.29
CA GLU K 1017 -14.10 -4.00 -31.17
C GLU K 1017 -15.51 -4.01 -31.73
N ILE K 1018 -16.47 -3.70 -30.89
CA ILE K 1018 -17.87 -3.62 -31.31
C ILE K 1018 -18.08 -2.50 -32.31
N ARG K 1019 -17.44 -1.36 -32.08
CA ARG K 1019 -17.54 -0.24 -32.98
C ARG K 1019 -17.03 -0.61 -34.38
N ALA K 1020 -15.93 -1.34 -34.42
CA ALA K 1020 -15.40 -1.80 -35.71
C ALA K 1020 -16.40 -2.70 -36.40
N SER K 1021 -17.07 -3.56 -35.67
CA SER K 1021 -18.07 -4.43 -36.23
C SER K 1021 -19.26 -3.64 -36.75
N ALA K 1022 -19.68 -2.63 -35.98
CA ALA K 1022 -20.78 -1.76 -36.38
C ALA K 1022 -20.43 -0.95 -37.63
N ASN K 1023 -19.18 -0.53 -37.74
CA ASN K 1023 -18.75 0.21 -38.92
C ASN K 1023 -18.81 -0.67 -40.16
N LEU K 1024 -18.45 -1.93 -39.98
CA LEU K 1024 -18.52 -2.90 -41.07
C LEU K 1024 -19.96 -3.18 -41.46
N ALA K 1025 -20.83 -3.32 -40.46
CA ALA K 1025 -22.24 -3.55 -40.70
C ALA K 1025 -22.87 -2.39 -41.44
N ALA K 1026 -22.46 -1.18 -41.09
CA ALA K 1026 -22.97 0.02 -41.77
C ALA K 1026 -22.50 0.05 -43.21
N THR K 1027 -21.27 -0.37 -43.45
CA THR K 1027 -20.74 -0.43 -44.81
C THR K 1027 -21.48 -1.44 -45.66
N LYS K 1028 -21.78 -2.60 -45.08
CA LYS K 1028 -22.53 -3.63 -45.76
C LYS K 1028 -23.95 -3.20 -46.06
N MET K 1029 -24.55 -2.45 -45.15
CA MET K 1029 -25.88 -1.93 -45.38
C MET K 1029 -25.88 -1.05 -46.63
N SER K 1030 -24.86 -0.20 -46.74
CA SER K 1030 -24.78 0.70 -47.88
C SER K 1030 -24.45 0.00 -49.19
N GLU K 1031 -23.52 -0.95 -49.12
CA GLU K 1031 -22.97 -1.53 -50.34
C GLU K 1031 -23.65 -2.82 -50.80
N CYS K 1032 -24.30 -3.54 -49.87
CA CYS K 1032 -24.96 -4.80 -50.18
C CYS K 1032 -26.48 -4.61 -50.27
N VAL K 1033 -27.02 -3.77 -49.41
CA VAL K 1033 -28.47 -3.58 -49.37
C VAL K 1033 -28.93 -2.41 -50.26
N LEU K 1034 -28.22 -1.30 -50.19
CA LEU K 1034 -28.60 -0.12 -50.96
C LEU K 1034 -27.93 -0.10 -52.34
N GLY K 1035 -27.29 -1.20 -52.70
CA GLY K 1035 -26.67 -1.32 -54.01
C GLY K 1035 -26.20 -2.73 -54.30
N GLN K 1036 -25.64 -2.92 -55.48
CA GLN K 1036 -25.07 -4.21 -55.89
C GLN K 1036 -23.56 -4.12 -55.88
N SER K 1037 -22.90 -5.05 -55.20
CA SER K 1037 -21.46 -4.93 -54.97
C SER K 1037 -20.64 -5.84 -55.86
N LYS K 1038 -19.56 -5.29 -56.41
CA LYS K 1038 -18.60 -6.06 -57.20
C LYS K 1038 -17.50 -6.65 -56.35
N ARG K 1039 -17.41 -6.23 -55.10
CA ARG K 1039 -16.32 -6.66 -54.22
C ARG K 1039 -16.46 -8.13 -53.89
N VAL K 1040 -15.41 -8.90 -54.15
CA VAL K 1040 -15.49 -10.33 -54.00
C VAL K 1040 -15.61 -10.75 -52.53
N ASP K 1041 -16.59 -11.60 -52.26
CA ASP K 1041 -16.85 -12.13 -50.93
C ASP K 1041 -17.27 -11.08 -49.92
N PHE K 1042 -17.56 -9.88 -50.37
CA PHE K 1042 -18.01 -8.84 -49.45
C PHE K 1042 -19.48 -9.02 -49.06
N CYS K 1043 -20.31 -9.48 -50.00
CA CYS K 1043 -21.73 -9.65 -49.81
C CYS K 1043 -22.14 -11.11 -50.07
N GLY K 1044 -21.47 -12.03 -49.39
CA GLY K 1044 -21.75 -13.44 -49.55
C GLY K 1044 -20.87 -14.08 -50.61
N LYS K 1045 -20.93 -15.41 -50.67
CA LYS K 1045 -20.15 -16.19 -51.68
C LYS K 1045 -20.93 -16.29 -52.98
N GLY K 1046 -20.26 -16.06 -54.10
CA GLY K 1046 -20.88 -16.07 -55.42
C GLY K 1046 -20.99 -14.67 -55.95
N TYR K 1047 -21.68 -14.48 -57.06
CA TYR K 1047 -21.81 -13.16 -57.64
C TYR K 1047 -23.01 -12.44 -57.02
N HIS K 1048 -22.76 -11.32 -56.38
CA HIS K 1048 -23.79 -10.65 -55.61
C HIS K 1048 -24.89 -10.10 -56.49
N LEU K 1049 -26.14 -10.39 -56.12
CA LEU K 1049 -27.30 -9.82 -56.77
C LEU K 1049 -27.91 -8.75 -55.90
N MET K 1050 -28.29 -9.13 -54.68
CA MET K 1050 -28.91 -8.20 -53.74
C MET K 1050 -28.89 -8.74 -52.33
N SER K 1051 -29.16 -7.88 -51.36
CA SER K 1051 -29.20 -8.32 -49.97
C SER K 1051 -30.38 -7.72 -49.22
N PHE K 1052 -30.82 -8.44 -48.19
CA PHE K 1052 -31.91 -7.99 -47.34
C PHE K 1052 -31.48 -8.03 -45.88
N PRO K 1053 -31.62 -6.91 -45.15
CA PRO K 1053 -31.36 -6.81 -43.73
C PRO K 1053 -32.49 -7.39 -42.92
N GLN K 1054 -32.14 -7.98 -41.80
CA GLN K 1054 -33.08 -8.38 -40.74
C GLN K 1054 -32.48 -7.96 -39.41
N SER K 1055 -33.29 -7.34 -38.57
CA SER K 1055 -32.77 -6.91 -37.28
C SER K 1055 -32.67 -8.09 -36.33
N ALA K 1056 -31.76 -8.00 -35.37
CA ALA K 1056 -31.55 -9.03 -34.34
C ALA K 1056 -31.17 -8.34 -33.04
N PRO K 1057 -31.26 -9.03 -31.91
CA PRO K 1057 -30.89 -8.53 -30.59
C PRO K 1057 -29.45 -8.00 -30.61
N HIS K 1058 -29.29 -6.69 -30.44
CA HIS K 1058 -27.99 -6.04 -30.39
C HIS K 1058 -27.16 -6.27 -31.66
N GLY K 1059 -27.83 -6.56 -32.76
CA GLY K 1059 -27.09 -6.87 -33.98
C GLY K 1059 -27.93 -6.78 -35.24
N VAL K 1060 -27.33 -7.20 -36.35
CA VAL K 1060 -28.01 -7.20 -37.64
C VAL K 1060 -27.69 -8.50 -38.38
N VAL K 1061 -28.67 -9.02 -39.10
CA VAL K 1061 -28.46 -10.16 -39.96
C VAL K 1061 -28.70 -9.81 -41.41
N PHE K 1062 -27.73 -10.11 -42.25
CA PHE K 1062 -27.90 -9.86 -43.67
C PHE K 1062 -28.17 -11.17 -44.41
N LEU K 1063 -29.19 -11.15 -45.26
CA LEU K 1063 -29.45 -12.27 -46.15
C LEU K 1063 -28.96 -11.92 -47.55
N HIS K 1064 -27.87 -12.57 -47.95
CA HIS K 1064 -27.22 -12.24 -49.21
C HIS K 1064 -27.68 -13.17 -50.32
N VAL K 1065 -28.14 -12.58 -51.41
CA VAL K 1065 -28.59 -13.36 -52.56
C VAL K 1065 -27.55 -13.32 -53.66
N THR K 1066 -27.03 -14.48 -54.02
CA THR K 1066 -25.96 -14.54 -55.02
C THR K 1066 -26.28 -15.50 -56.15
N TYR K 1067 -25.64 -15.26 -57.28
CA TYR K 1067 -25.72 -16.13 -58.44
C TYR K 1067 -24.53 -17.06 -58.47
N VAL K 1068 -24.78 -18.36 -58.41
CA VAL K 1068 -23.71 -19.34 -58.41
C VAL K 1068 -23.81 -20.25 -59.65
N PRO K 1069 -22.84 -20.20 -60.56
CA PRO K 1069 -22.75 -20.98 -61.78
C PRO K 1069 -22.82 -22.47 -61.47
N ALA K 1070 -23.46 -23.22 -62.37
CA ALA K 1070 -23.65 -24.66 -62.15
C ALA K 1070 -23.63 -25.44 -63.45
N GLN K 1071 -23.34 -26.74 -63.33
CA GLN K 1071 -23.42 -27.65 -64.47
C GLN K 1071 -22.54 -27.20 -65.61
N GLU K 1072 -21.24 -27.06 -65.34
CA GLU K 1072 -20.30 -26.68 -66.39
C GLU K 1072 -19.96 -27.85 -67.29
N LYS K 1073 -19.62 -27.49 -68.52
CA LYS K 1073 -19.19 -28.50 -69.51
C LYS K 1073 -17.96 -27.99 -70.25
N ASN K 1074 -17.11 -28.91 -70.72
CA ASN K 1074 -15.88 -28.58 -71.46
C ASN K 1074 -16.12 -28.20 -72.91
N PHE K 1075 -15.44 -27.15 -73.39
CA PHE K 1075 -15.45 -26.76 -74.81
C PHE K 1075 -14.04 -26.44 -75.31
N THR K 1076 -13.84 -26.55 -76.62
CA THR K 1076 -12.59 -26.09 -77.23
C THR K 1076 -12.68 -24.60 -77.52
N THR K 1077 -11.59 -23.88 -77.30
CA THR K 1077 -11.62 -22.44 -77.48
C THR K 1077 -10.44 -21.90 -78.29
N ALA K 1078 -10.58 -20.66 -78.75
CA ALA K 1078 -9.52 -19.95 -79.45
C ALA K 1078 -9.65 -18.46 -79.16
N PRO K 1079 -8.52 -17.74 -79.12
CA PRO K 1079 -8.42 -16.32 -78.86
C PRO K 1079 -8.97 -15.47 -80.01
N ALA K 1080 -9.00 -16.03 -81.21
CA ALA K 1080 -9.42 -15.28 -82.38
C ALA K 1080 -9.82 -16.20 -83.51
N ILE K 1081 -10.65 -15.69 -84.41
CA ILE K 1081 -11.04 -16.39 -85.62
C ILE K 1081 -10.47 -15.70 -86.86
N CYS K 1082 -9.87 -16.44 -87.76
CA CYS K 1082 -9.30 -15.93 -88.98
C CYS K 1082 -10.31 -16.07 -90.15
N HIS K 1083 -10.61 -14.97 -90.81
CA HIS K 1083 -11.54 -14.99 -91.93
C HIS K 1083 -11.26 -13.85 -92.89
N ASP K 1084 -11.24 -14.16 -94.19
CA ASP K 1084 -10.93 -13.18 -95.21
C ASP K 1084 -9.59 -12.50 -94.96
N GLY K 1085 -8.68 -13.24 -94.32
CA GLY K 1085 -7.34 -12.75 -94.05
C GLY K 1085 -7.26 -11.83 -92.82
N LYS K 1086 -8.39 -11.65 -92.15
CA LYS K 1086 -8.43 -10.73 -91.01
C LYS K 1086 -8.65 -11.49 -89.70
N ALA K 1087 -8.13 -10.97 -88.61
CA ALA K 1087 -8.30 -11.57 -87.29
C ALA K 1087 -9.50 -10.97 -86.56
N HIS K 1088 -10.44 -11.83 -86.15
CA HIS K 1088 -11.65 -11.39 -85.47
C HIS K 1088 -11.64 -11.78 -84.01
N PHE K 1089 -12.10 -10.86 -83.16
CA PHE K 1089 -12.22 -11.11 -81.74
C PHE K 1089 -13.67 -10.91 -81.30
N PRO K 1090 -14.14 -11.58 -80.24
CA PRO K 1090 -15.48 -11.42 -79.67
C PRO K 1090 -15.64 -10.02 -79.11
N ARG K 1091 -16.83 -9.44 -79.32
CA ARG K 1091 -17.11 -8.14 -78.73
C ARG K 1091 -17.40 -8.24 -77.24
N GLU K 1092 -18.13 -9.28 -76.86
CA GLU K 1092 -18.56 -9.43 -75.47
C GLU K 1092 -18.24 -10.80 -74.89
N GLY K 1093 -18.24 -11.82 -75.73
CA GLY K 1093 -18.18 -13.19 -75.24
C GLY K 1093 -16.86 -13.90 -75.52
N VAL K 1094 -16.96 -15.21 -75.69
CA VAL K 1094 -15.80 -16.05 -75.94
C VAL K 1094 -16.10 -17.03 -77.08
N PHE K 1095 -15.09 -17.33 -77.89
CA PHE K 1095 -15.25 -18.32 -78.97
C PHE K 1095 -15.13 -19.73 -78.44
N VAL K 1096 -16.13 -20.55 -78.75
CA VAL K 1096 -16.13 -21.94 -78.33
C VAL K 1096 -16.49 -22.87 -79.47
N SER K 1097 -16.11 -24.14 -79.34
CA SER K 1097 -16.50 -25.15 -80.30
C SER K 1097 -17.09 -26.36 -79.61
N ASN K 1098 -18.18 -26.88 -80.17
CA ASN K 1098 -18.85 -28.08 -79.65
C ASN K 1098 -18.18 -29.38 -80.17
N GLY K 1099 -17.09 -29.20 -80.94
CA GLY K 1099 -16.33 -30.31 -81.50
C GLY K 1099 -16.31 -30.24 -83.01
N THR K 1100 -17.33 -29.62 -83.60
CA THR K 1100 -17.42 -29.54 -85.05
C THR K 1100 -17.72 -28.12 -85.54
N HIS K 1101 -18.38 -27.31 -84.72
CA HIS K 1101 -18.79 -25.98 -85.13
C HIS K 1101 -18.36 -24.92 -84.12
N TRP K 1102 -17.99 -23.74 -84.64
CA TRP K 1102 -17.58 -22.62 -83.80
C TRP K 1102 -18.71 -21.63 -83.54
N PHE K 1103 -18.81 -21.19 -82.29
CA PHE K 1103 -19.81 -20.23 -81.84
C PHE K 1103 -19.20 -19.19 -80.92
N VAL K 1104 -19.92 -18.10 -80.72
CA VAL K 1104 -19.56 -17.16 -79.66
C VAL K 1104 -20.61 -17.17 -78.58
N THR K 1105 -20.18 -17.20 -77.32
CA THR K 1105 -21.11 -17.23 -76.20
C THR K 1105 -20.73 -16.22 -75.12
N GLN K 1106 -21.73 -15.76 -74.38
CA GLN K 1106 -21.48 -14.99 -73.16
C GLN K 1106 -20.72 -15.87 -72.16
N ARG K 1107 -19.95 -15.25 -71.29
CA ARG K 1107 -18.93 -15.95 -70.53
C ARG K 1107 -19.46 -16.79 -69.36
N ASN K 1108 -20.54 -16.35 -68.73
CA ASN K 1108 -20.98 -16.96 -67.49
C ASN K 1108 -22.20 -17.86 -67.67
N PHE K 1109 -22.60 -18.07 -68.91
CA PHE K 1109 -23.78 -18.87 -69.20
C PHE K 1109 -23.78 -19.32 -70.66
N TYR K 1110 -23.75 -20.62 -70.88
CA TYR K 1110 -23.63 -21.14 -72.21
C TYR K 1110 -24.85 -20.79 -73.06
N GLU K 1111 -24.61 -20.01 -74.10
CA GLU K 1111 -25.65 -19.56 -75.01
C GLU K 1111 -25.06 -19.27 -76.37
N PRO K 1112 -24.76 -20.31 -77.15
CA PRO K 1112 -23.99 -20.29 -78.36
C PRO K 1112 -24.71 -19.55 -79.47
N GLN K 1113 -24.00 -18.66 -80.15
CA GLN K 1113 -24.56 -17.93 -81.27
C GLN K 1113 -23.62 -17.98 -82.47
N ILE K 1114 -24.18 -17.85 -83.66
CA ILE K 1114 -23.38 -17.85 -84.88
C ILE K 1114 -22.45 -16.65 -84.90
N ILE K 1115 -21.20 -16.89 -85.31
CA ILE K 1115 -20.20 -15.84 -85.35
C ILE K 1115 -20.44 -14.93 -86.55
N THR K 1116 -20.68 -13.66 -86.27
CA THR K 1116 -21.02 -12.69 -87.30
C THR K 1116 -20.25 -11.40 -87.09
N THR K 1117 -20.40 -10.48 -88.02
CA THR K 1117 -19.77 -9.16 -87.92
C THR K 1117 -20.46 -8.27 -86.90
N ASP K 1118 -21.57 -8.76 -86.34
CA ASP K 1118 -22.31 -8.02 -85.31
C ASP K 1118 -21.83 -8.33 -83.90
N ASN K 1119 -21.15 -9.47 -83.71
CA ASN K 1119 -20.75 -9.89 -82.39
C ASN K 1119 -19.23 -10.09 -82.28
N THR K 1120 -18.52 -9.63 -83.31
CA THR K 1120 -17.07 -9.64 -83.32
C THR K 1120 -16.53 -8.32 -83.81
N PHE K 1121 -15.23 -8.11 -83.63
CA PHE K 1121 -14.55 -6.95 -84.19
C PHE K 1121 -13.21 -7.38 -84.80
N VAL K 1122 -12.71 -6.57 -85.73
CA VAL K 1122 -11.50 -6.92 -86.45
C VAL K 1122 -10.29 -6.13 -85.99
N SER K 1123 -9.18 -6.82 -85.82
CA SER K 1123 -7.93 -6.14 -85.53
C SER K 1123 -6.74 -6.83 -86.20
N GLY K 1124 -6.23 -6.20 -87.26
CA GLY K 1124 -5.03 -6.67 -87.94
C GLY K 1124 -5.27 -7.97 -88.71
N ASN K 1125 -4.18 -8.62 -89.09
CA ASN K 1125 -4.22 -9.85 -89.87
C ASN K 1125 -3.98 -11.07 -88.97
N CYS K 1126 -3.89 -12.25 -89.59
CA CYS K 1126 -3.89 -13.52 -88.88
C CYS K 1126 -2.49 -14.01 -88.54
N ASP K 1127 -1.50 -13.16 -88.75
CA ASP K 1127 -0.11 -13.56 -88.54
C ASP K 1127 0.37 -13.40 -87.10
N VAL K 1128 -0.33 -12.57 -86.33
CA VAL K 1128 0.15 -12.17 -85.02
C VAL K 1128 -0.36 -13.05 -83.89
N VAL K 1129 -1.64 -13.40 -83.93
CA VAL K 1129 -2.28 -14.07 -82.82
C VAL K 1129 -1.94 -15.55 -82.75
N ILE K 1130 -1.39 -15.97 -81.61
CA ILE K 1130 -1.04 -17.36 -81.40
C ILE K 1130 -2.28 -18.18 -81.07
N GLY K 1131 -2.52 -19.22 -81.85
CA GLY K 1131 -3.64 -20.11 -81.59
C GLY K 1131 -4.89 -19.70 -82.37
N ILE K 1132 -4.75 -18.77 -83.31
CA ILE K 1132 -5.88 -18.35 -84.13
C ILE K 1132 -6.35 -19.51 -85.01
N VAL K 1133 -7.67 -19.65 -85.15
CA VAL K 1133 -8.23 -20.74 -85.95
C VAL K 1133 -9.04 -20.20 -87.12
N ASN K 1134 -9.14 -21.00 -88.18
CA ASN K 1134 -9.85 -20.64 -89.42
C ASN K 1134 -11.33 -21.03 -89.33
N ASN K 1135 -12.20 -20.03 -89.51
CA ASN K 1135 -13.65 -20.26 -89.52
C ASN K 1135 -14.36 -19.14 -90.25
N THR K 1136 -15.55 -19.44 -90.77
CA THR K 1136 -16.35 -18.42 -91.42
C THR K 1136 -16.91 -17.40 -90.43
N VAL K 1137 -16.86 -16.12 -90.81
CA VAL K 1137 -17.54 -15.07 -90.08
C VAL K 1137 -18.65 -14.48 -90.93
N TYR K 1138 -19.87 -14.54 -90.43
CA TYR K 1138 -21.04 -14.22 -91.24
C TYR K 1138 -21.40 -12.73 -91.23
N ASP K 1139 -21.78 -12.22 -92.39
CA ASP K 1139 -22.23 -10.86 -92.54
C ASP K 1139 -23.73 -10.84 -92.96
N PRO K 1140 -24.63 -10.44 -92.05
CA PRO K 1140 -26.08 -10.46 -92.17
C PRO K 1140 -26.64 -9.81 -93.41
N LEU K 1141 -25.92 -8.88 -94.01
CA LEU K 1141 -26.44 -8.20 -95.19
C LEU K 1141 -26.07 -8.96 -96.46
N GLN K 1142 -25.25 -9.99 -96.31
CA GLN K 1142 -24.77 -10.79 -97.41
C GLN K 1142 -25.94 -11.37 -98.27
N PRO K 1143 -26.90 -12.11 -97.66
CA PRO K 1143 -28.02 -12.72 -98.34
C PRO K 1143 -29.01 -11.68 -98.85
N GLU K 1144 -28.99 -10.49 -98.25
CA GLU K 1144 -29.85 -9.40 -98.70
C GLU K 1144 -29.27 -8.71 -99.93
N LEU K 1145 -27.96 -8.44 -99.91
CA LEU K 1145 -27.31 -7.70 -101.03
C LEU K 1145 -26.19 -8.56 -101.61
N ILE L 1 30.01 44.60 40.14
CA ILE L 1 28.73 44.84 40.79
C ILE L 1 28.89 44.94 42.31
N VAL L 2 27.99 45.68 42.95
CA VAL L 2 27.90 45.75 44.41
C VAL L 2 26.50 45.38 44.89
N MET L 3 26.43 44.50 45.88
CA MET L 3 25.17 44.11 46.50
C MET L 3 25.05 44.72 47.90
N MET L 4 24.03 45.54 48.11
CA MET L 4 23.87 46.30 49.35
C MET L 4 22.64 45.90 50.15
N GLN L 5 22.86 45.40 51.35
CA GLN L 5 21.74 44.98 52.19
C GLN L 5 21.41 46.03 53.27
N SER L 6 20.16 46.01 53.74
CA SER L 6 19.71 46.96 54.75
C SER L 6 18.49 46.44 55.52
N PRO L 7 18.38 46.74 56.82
CA PRO L 7 19.38 47.44 57.65
C PRO L 7 20.46 46.48 58.12
N GLY L 8 21.60 47.02 58.44
CA GLY L 8 22.70 46.20 58.88
C GLY L 8 22.31 45.28 60.04
N THR L 9 21.50 45.78 60.94
CA THR L 9 20.98 44.99 62.04
C THR L 9 19.50 45.29 62.28
N LEU L 10 18.73 44.25 62.54
CA LEU L 10 17.31 44.38 62.83
C LEU L 10 16.96 43.70 64.14
N SER L 11 16.09 44.33 64.93
CA SER L 11 15.65 43.77 66.19
C SER L 11 14.14 43.88 66.37
N LEU L 12 13.51 42.76 66.71
CA LEU L 12 12.08 42.69 66.94
C LEU L 12 11.74 41.45 67.75
N SER L 13 10.54 41.43 68.32
CA SER L 13 10.11 40.30 69.14
C SER L 13 9.75 39.09 68.28
N PRO L 14 9.87 37.88 68.83
CA PRO L 14 9.37 36.63 68.28
C PRO L 14 7.87 36.71 68.03
N GLY L 15 7.43 36.13 66.93
CA GLY L 15 6.01 36.13 66.58
C GLY L 15 5.65 37.29 65.67
N GLU L 16 6.58 38.23 65.49
CA GLU L 16 6.34 39.37 64.63
C GLU L 16 6.91 39.15 63.24
N ARG L 17 6.58 40.05 62.32
CA ARG L 17 7.05 39.96 60.94
C ARG L 17 8.28 40.82 60.70
N ALA L 18 9.22 40.30 59.91
CA ALA L 18 10.44 41.03 59.56
C ALA L 18 10.63 41.10 58.06
N THR L 19 11.18 42.20 57.58
CA THR L 19 11.56 42.33 56.19
C THR L 19 12.99 42.83 56.03
N LEU L 20 13.74 42.19 55.14
CA LEU L 20 15.12 42.58 54.85
C LEU L 20 15.27 42.98 53.38
N SER L 21 16.15 43.93 53.11
CA SER L 21 16.30 44.45 51.75
C SER L 21 17.66 44.14 51.14
N CYS L 22 17.72 44.17 49.80
CA CYS L 22 18.95 44.02 49.04
C CYS L 22 18.88 44.82 47.74
N ARG L 23 19.82 45.75 47.58
CA ARG L 23 19.86 46.61 46.42
C ARG L 23 21.11 46.36 45.59
N ALA L 24 20.95 46.34 44.27
CA ALA L 24 22.07 46.10 43.38
C ALA L 24 22.48 47.36 42.66
N SER L 25 23.78 47.47 42.38
CA SER L 25 24.33 48.60 41.63
C SER L 25 23.89 48.58 40.17
N GLN L 26 23.34 47.46 39.74
CA GLN L 26 22.84 47.31 38.37
C GLN L 26 21.73 46.26 38.34
N SER L 27 21.01 46.20 37.24
CA SER L 27 19.91 45.25 37.11
C SER L 27 20.37 43.82 37.27
N VAL L 28 19.63 43.05 38.06
CA VAL L 28 19.87 41.62 38.22
C VAL L 28 18.64 40.84 37.85
N SER L 29 18.80 39.85 36.97
CA SER L 29 17.68 39.00 36.61
C SER L 29 17.16 38.29 37.83
N SER L 30 15.85 38.12 37.91
CA SER L 30 15.25 37.51 39.11
C SER L 30 15.76 36.10 39.33
N SER L 31 16.13 35.44 38.24
CA SER L 31 16.61 34.07 38.30
C SER L 31 17.98 33.97 38.94
N TYR L 32 18.68 35.11 39.00
CA TYR L 32 20.06 35.14 39.47
C TYR L 32 20.18 35.75 40.86
N LEU L 33 19.06 35.88 41.56
CA LEU L 33 19.08 36.38 42.94
C LEU L 33 18.69 35.28 43.94
N ALA L 34 19.52 35.10 44.97
CA ALA L 34 19.26 34.09 46.01
C ALA L 34 19.49 34.64 47.41
N TRP L 35 18.88 33.98 48.41
CA TRP L 35 19.07 34.36 49.81
C TRP L 35 19.57 33.19 50.66
N TYR L 36 20.48 33.49 51.59
CA TYR L 36 21.03 32.50 52.52
C TYR L 36 20.81 32.89 53.97
N GLN L 37 20.70 31.88 54.83
CA GLN L 37 20.61 32.07 56.28
C GLN L 37 21.81 31.43 56.96
N GLN L 38 22.42 32.16 57.88
CA GLN L 38 23.56 31.62 58.61
C GLN L 38 23.39 31.78 60.12
N LYS L 39 23.15 30.66 60.80
CA LYS L 39 23.09 30.65 62.25
C LYS L 39 24.50 30.67 62.80
N PRO L 40 24.72 31.14 64.04
CA PRO L 40 25.99 31.19 64.72
C PRO L 40 26.65 29.83 64.77
N GLY L 41 27.91 29.77 64.33
CA GLY L 41 28.70 28.54 64.39
C GLY L 41 28.33 27.55 63.28
N GLN L 42 27.63 28.02 62.26
CA GLN L 42 27.18 27.13 61.19
C GLN L 42 27.46 27.70 59.80
N ALA L 43 27.56 26.80 58.82
CA ALA L 43 27.63 27.20 57.42
C ALA L 43 26.29 27.78 56.97
N PRO L 44 26.29 28.66 55.96
CA PRO L 44 25.10 29.21 55.32
C PRO L 44 24.24 28.12 54.72
N ARG L 45 22.93 28.33 54.72
CA ARG L 45 22.02 27.43 54.02
C ARG L 45 21.10 28.22 53.10
N LEU L 46 20.71 27.61 51.98
CA LEU L 46 19.86 28.27 51.02
C LEU L 46 18.42 28.35 51.52
N LEU L 47 17.83 29.54 51.43
CA LEU L 47 16.43 29.72 51.77
C LEU L 47 15.61 29.97 50.52
N ILE L 48 16.05 30.96 49.74
CA ILE L 48 15.34 31.35 48.52
C ILE L 48 16.28 31.35 47.34
N TYR L 49 15.83 30.78 46.23
CA TYR L 49 16.56 30.87 44.97
C TYR L 49 15.64 31.42 43.90
N GLY L 50 16.22 32.06 42.90
CA GLY L 50 15.42 32.57 41.80
C GLY L 50 14.49 33.68 42.26
N ALA L 51 14.93 34.42 43.29
CA ALA L 51 14.19 35.52 43.89
C ALA L 51 13.00 35.08 44.73
N SER L 52 12.16 34.19 44.20
CA SER L 52 10.87 33.93 44.85
C SER L 52 10.60 32.46 45.18
N SER L 53 11.57 31.58 44.95
CA SER L 53 11.34 30.15 45.17
C SER L 53 12.07 29.63 46.40
N ARG L 54 11.34 28.93 47.26
CA ARG L 54 11.93 28.36 48.46
C ARG L 54 12.74 27.11 48.17
N ALA L 55 13.84 26.95 48.89
CA ALA L 55 14.65 25.74 48.82
C ALA L 55 13.95 24.59 49.54
N THR L 56 14.35 23.38 49.22
CA THR L 56 13.75 22.20 49.82
C THR L 56 13.92 22.19 51.33
N GLY L 57 12.83 21.95 52.05
CA GLY L 57 12.86 21.81 53.50
C GLY L 57 12.70 23.13 54.22
N ILE L 58 12.45 24.21 53.47
CA ILE L 58 12.29 25.52 54.07
C ILE L 58 10.80 25.85 54.27
N PRO L 59 10.38 26.21 55.51
CA PRO L 59 9.05 26.56 55.91
C PRO L 59 8.48 27.70 55.07
N ASP L 60 7.16 27.68 54.87
CA ASP L 60 6.49 28.69 54.06
C ASP L 60 6.36 30.01 54.82
N ARG L 61 6.96 30.06 56.00
CA ARG L 61 7.07 31.29 56.77
C ARG L 61 7.99 32.26 56.06
N PHE L 62 8.81 31.73 55.14
CA PHE L 62 9.74 32.56 54.38
C PHE L 62 9.25 32.80 52.97
N SER L 63 9.44 34.02 52.47
CA SER L 63 9.12 34.35 51.08
C SER L 63 10.02 35.45 50.57
N GLY L 64 10.13 35.57 49.24
CA GLY L 64 10.97 36.59 48.65
C GLY L 64 10.32 37.23 47.44
N SER L 65 10.84 38.39 47.04
CA SER L 65 10.29 39.10 45.88
C SER L 65 11.25 40.17 45.42
N GLY L 66 10.99 40.73 44.24
CA GLY L 66 11.80 41.83 43.74
C GLY L 66 12.16 41.66 42.27
N SER L 67 12.75 42.70 41.70
CA SER L 67 13.19 42.69 40.32
C SER L 67 14.16 43.82 40.09
N GLY L 68 14.90 43.75 38.99
CA GLY L 68 15.78 44.86 38.62
C GLY L 68 16.86 45.06 39.67
N THR L 69 16.78 46.20 40.37
CA THR L 69 17.81 46.56 41.32
C THR L 69 17.40 46.34 42.79
N ASP L 70 16.16 45.98 43.04
CA ASP L 70 15.68 45.93 44.42
C ASP L 70 14.93 44.64 44.76
N PHE L 71 15.42 43.94 45.79
CA PHE L 71 14.84 42.69 46.25
C PHE L 71 14.63 42.67 47.75
N THR L 72 13.71 41.82 48.21
CA THR L 72 13.35 41.78 49.65
C THR L 72 13.04 40.37 50.15
N LEU L 73 13.52 40.00 51.35
CA LEU L 73 13.19 38.74 52.00
C LEU L 73 12.25 38.98 53.18
N THR L 74 11.16 38.23 53.23
CA THR L 74 10.18 38.40 54.28
C THR L 74 10.07 37.18 55.19
N ILE L 75 10.11 37.42 56.49
CA ILE L 75 9.86 36.38 57.49
C ILE L 75 8.56 36.70 58.23
N SER L 76 7.53 35.89 58.01
CA SER L 76 6.18 36.24 58.44
C SER L 76 6.01 36.25 59.95
N ARG L 77 6.51 35.21 60.61
CA ARG L 77 6.42 35.10 62.06
C ARG L 77 7.70 34.48 62.61
N LEU L 78 8.46 35.28 63.34
CA LEU L 78 9.79 34.84 63.74
C LEU L 78 9.77 33.84 64.89
N GLU L 79 10.55 32.78 64.74
CA GLU L 79 10.82 31.85 65.83
C GLU L 79 12.17 32.22 66.43
N PRO L 80 12.52 31.71 67.61
CA PRO L 80 13.80 31.88 68.28
C PRO L 80 14.96 31.46 67.40
N GLU L 81 14.69 30.62 66.40
CA GLU L 81 15.71 30.11 65.51
C GLU L 81 16.02 31.05 64.35
N ASP L 82 15.15 32.04 64.13
CA ASP L 82 15.25 32.88 62.95
C ASP L 82 16.12 34.10 63.16
N PHE L 83 16.63 34.26 64.36
CA PHE L 83 17.45 35.42 64.67
C PHE L 83 18.89 35.16 64.26
N ALA L 84 19.09 35.10 62.95
CA ALA L 84 20.37 34.75 62.35
C ALA L 84 20.82 35.82 61.39
N VAL L 85 21.97 35.60 60.77
CA VAL L 85 22.45 36.52 59.73
C VAL L 85 21.95 36.07 58.36
N TYR L 86 21.48 37.02 57.57
CA TYR L 86 20.98 36.72 56.24
C TYR L 86 21.81 37.40 55.17
N TYR L 87 21.99 36.72 54.05
CA TYR L 87 22.72 37.29 52.91
C TYR L 87 21.91 37.19 51.65
N CYS L 88 22.09 38.17 50.75
CA CYS L 88 21.60 38.05 49.37
C CYS L 88 22.79 37.71 48.47
N GLN L 89 22.53 36.95 47.42
CA GLN L 89 23.59 36.52 46.51
C GLN L 89 23.16 36.71 45.07
N GLN L 90 24.09 37.18 44.24
CA GLN L 90 23.81 37.45 42.85
C GLN L 90 24.78 36.70 41.94
N TYR L 91 24.30 36.31 40.78
CA TYR L 91 25.18 35.79 39.74
C TYR L 91 25.18 36.66 38.50
N GLY L 92 26.35 36.80 37.89
CA GLY L 92 26.44 37.43 36.58
C GLY L 92 27.88 37.52 36.10
N SER L 93 28.06 37.59 34.79
CA SER L 93 29.39 37.76 34.20
C SER L 93 30.39 36.75 34.76
N SER L 94 29.97 35.49 34.87
CA SER L 94 30.83 34.39 35.28
C SER L 94 31.37 34.56 36.70
N ALA L 95 30.62 35.23 37.56
CA ALA L 95 31.03 35.38 38.96
C ALA L 95 29.84 35.38 39.90
N TRP L 96 30.11 34.98 41.14
CA TRP L 96 29.09 34.94 42.17
C TRP L 96 29.44 35.95 43.26
N THR L 97 28.48 36.80 43.61
CA THR L 97 28.71 37.89 44.57
C THR L 97 27.72 37.86 45.72
N PHE L 98 28.22 38.08 46.92
CA PHE L 98 27.36 38.11 48.11
C PHE L 98 27.22 39.53 48.65
N GLY L 99 26.08 39.80 49.28
CA GLY L 99 25.89 41.06 50.02
C GLY L 99 26.69 41.02 51.31
N GLN L 100 26.72 42.13 52.04
CA GLN L 100 27.55 42.21 53.24
C GLN L 100 26.89 41.49 54.41
N GLY L 101 25.59 41.25 54.29
CA GLY L 101 24.86 40.51 55.31
C GLY L 101 24.17 41.43 56.31
N THR L 102 23.06 40.95 56.86
CA THR L 102 22.34 41.66 57.91
C THR L 102 22.01 40.72 59.05
N LYS L 103 22.07 41.23 60.28
CA LYS L 103 21.81 40.41 61.46
C LYS L 103 20.43 40.69 62.03
N VAL L 104 19.60 39.64 62.18
CA VAL L 104 18.28 39.75 62.79
C VAL L 104 18.37 39.47 64.29
N VAL M 1 21.95 14.24 50.51
CA VAL M 1 23.19 14.92 50.16
C VAL M 1 23.98 15.30 51.41
N GLN M 2 25.27 14.96 51.42
CA GLN M 2 26.19 15.36 52.48
C GLN M 2 27.49 15.88 51.90
N LEU M 3 28.03 16.93 52.49
CA LEU M 3 29.37 17.42 52.17
C LEU M 3 30.21 17.47 53.42
N VAL M 4 31.29 16.71 53.44
CA VAL M 4 32.12 16.59 54.65
C VAL M 4 33.53 17.09 54.40
N GLN M 5 33.95 18.05 55.22
CA GLN M 5 35.24 18.69 55.01
C GLN M 5 36.28 18.25 56.04
N SER M 6 37.55 18.44 55.69
CA SER M 6 38.66 18.14 56.57
C SER M 6 38.70 19.06 57.79
N GLY M 7 39.52 18.73 58.78
CA GLY M 7 39.57 19.48 60.02
C GLY M 7 40.39 20.76 59.89
N ALA M 8 40.41 21.55 60.96
CA ALA M 8 41.05 22.86 60.97
C ALA M 8 42.57 22.76 60.83
N GLU M 9 43.16 23.80 60.26
CA GLU M 9 44.60 23.85 60.01
C GLU M 9 45.23 25.14 60.51
N VAL M 10 46.49 25.07 60.94
CA VAL M 10 47.24 26.25 61.35
C VAL M 10 48.56 26.34 60.58
N LYS M 11 48.81 27.48 59.95
CA LYS M 11 49.95 27.65 59.05
C LYS M 11 50.70 28.97 59.27
N LYS M 12 51.91 29.04 58.73
CA LYS M 12 52.69 30.27 58.73
C LYS M 12 52.69 30.89 57.33
N PRO M 13 53.02 32.19 57.21
CA PRO M 13 53.07 32.95 55.98
C PRO M 13 53.99 32.32 54.95
N GLY M 14 53.59 32.39 53.68
CA GLY M 14 54.39 31.89 52.57
C GLY M 14 54.13 30.42 52.28
N ALA M 15 53.39 29.77 53.18
CA ALA M 15 53.10 28.35 53.06
C ALA M 15 51.89 28.09 52.19
N SER M 16 51.53 26.82 52.05
CA SER M 16 50.33 26.41 51.32
C SER M 16 49.43 25.53 52.19
N VAL M 17 48.12 25.62 51.96
CA VAL M 17 47.15 24.80 52.68
C VAL M 17 46.21 24.08 51.73
N LYS M 18 45.86 22.83 52.06
CA LYS M 18 44.93 22.07 51.24
C LYS M 18 43.72 21.61 52.05
N VAL M 19 42.52 21.93 51.56
CA VAL M 19 41.27 21.55 52.21
C VAL M 19 40.50 20.56 51.34
N SER M 20 40.03 19.48 51.94
CA SER M 20 39.29 18.48 51.19
C SER M 20 37.78 18.53 51.50
N CYS M 21 36.97 18.12 50.52
CA CYS M 21 35.52 18.02 50.68
C CYS M 21 34.99 16.73 50.05
N LYS M 22 34.54 15.80 50.88
CA LYS M 22 34.01 14.54 50.39
C LYS M 22 32.52 14.62 50.21
N ALA M 23 32.06 14.24 49.03
CA ALA M 23 30.65 14.32 48.70
C ALA M 23 30.00 12.95 48.69
N SER M 24 28.74 12.90 49.08
CA SER M 24 27.98 11.66 48.99
C SER M 24 26.48 11.94 48.85
N GLY M 25 25.73 10.96 48.35
CA GLY M 25 24.29 11.07 48.26
C GLY M 25 23.82 11.59 46.92
N TYR M 26 24.75 11.80 46.00
CA TYR M 26 24.40 12.29 44.67
C TYR M 26 25.46 11.93 43.64
N THR M 27 25.11 12.09 42.37
CA THR M 27 26.06 11.85 41.29
C THR M 27 27.11 12.94 41.28
N PHE M 28 28.34 12.58 41.65
CA PHE M 28 29.40 13.54 41.89
C PHE M 28 29.69 14.40 40.67
N THR M 29 29.72 13.77 39.51
CA THR M 29 30.12 14.44 38.28
C THR M 29 29.00 15.26 37.66
N GLY M 30 27.84 15.25 38.29
CA GLY M 30 26.68 15.96 37.75
C GLY M 30 26.60 17.39 38.26
N TYR M 31 27.52 17.77 39.15
CA TYR M 31 27.48 19.10 39.76
C TYR M 31 28.85 19.75 39.81
N TYR M 32 28.88 21.08 39.86
CA TYR M 32 30.13 21.80 40.09
C TYR M 32 30.38 21.94 41.57
N MET M 33 31.64 21.91 41.97
CA MET M 33 32.00 22.19 43.35
C MET M 33 32.64 23.57 43.47
N HIS M 34 32.04 24.41 44.30
CA HIS M 34 32.53 25.77 44.52
C HIS M 34 33.17 25.90 45.89
N TRP M 35 34.10 26.83 46.01
CA TRP M 35 34.66 27.15 47.32
C TRP M 35 34.35 28.60 47.71
N VAL M 36 33.93 28.77 48.97
CA VAL M 36 33.57 30.08 49.50
C VAL M 36 34.30 30.35 50.81
N ARG M 37 34.84 31.56 50.96
CA ARG M 37 35.65 31.91 52.13
C ARG M 37 34.94 32.92 53.04
N GLN M 38 35.17 32.79 54.35
CA GLN M 38 34.59 33.72 55.31
C GLN M 38 35.58 34.11 56.42
N ALA M 39 36.15 35.30 56.32
CA ALA M 39 37.05 35.81 57.36
C ALA M 39 36.25 36.14 58.61
N PRO M 40 36.87 36.15 59.79
CA PRO M 40 36.24 36.42 61.07
C PRO M 40 35.45 37.72 61.06
N GLY M 41 34.16 37.62 61.35
CA GLY M 41 33.30 38.79 61.46
C GLY M 41 32.86 39.34 60.10
N GLN M 42 33.32 38.69 59.03
CA GLN M 42 33.04 39.15 57.67
C GLN M 42 32.00 38.30 56.99
N GLY M 43 31.67 38.66 55.76
CA GLY M 43 30.67 37.95 54.98
C GLY M 43 31.30 36.85 54.12
N LEU M 44 30.71 36.61 52.97
CA LEU M 44 31.11 35.47 52.14
C LEU M 44 31.75 35.91 50.83
N GLU M 45 32.85 35.25 50.46
CA GLU M 45 33.54 35.53 49.21
C GLU M 45 33.69 34.27 48.36
N TRP M 46 33.32 34.35 47.09
CA TRP M 46 33.45 33.23 46.18
C TRP M 46 34.87 33.16 45.60
N MET M 47 35.46 31.96 45.61
CA MET M 47 36.84 31.78 45.18
C MET M 47 36.97 31.20 43.78
N GLY M 48 36.09 30.26 43.44
CA GLY M 48 36.19 29.54 42.17
C GLY M 48 35.39 28.24 42.18
N TRP M 49 35.39 27.54 41.05
CA TRP M 49 34.71 26.25 40.93
C TRP M 49 35.53 25.23 40.16
N ILE M 50 35.26 23.96 40.44
CA ILE M 50 35.80 22.87 39.65
C ILE M 50 34.70 21.93 39.16
N ASN M 51 34.82 21.48 37.91
CA ASN M 51 33.91 20.51 37.31
C ASN M 51 34.57 19.14 37.17
N PRO M 52 34.29 18.21 38.09
CA PRO M 52 34.92 16.92 38.25
C PRO M 52 34.95 16.05 36.98
N ILE M 53 33.96 16.22 36.11
CA ILE M 53 33.90 15.39 34.90
C ILE M 53 34.98 15.78 33.90
N SER M 54 35.29 17.06 33.85
CA SER M 54 36.23 17.59 32.88
C SER M 54 37.52 17.99 33.54
N SER M 55 37.48 18.14 34.87
CA SER M 55 38.57 18.69 35.65
C SER M 55 38.83 20.15 35.25
N GLY M 56 37.84 20.79 34.63
CA GLY M 56 37.92 22.19 34.29
C GLY M 56 37.64 23.05 35.50
N THR M 57 38.25 24.23 35.54
CA THR M 57 38.08 25.13 36.67
C THR M 57 37.92 26.58 36.23
N SER M 58 37.45 27.40 37.15
CA SER M 58 37.46 28.84 36.97
C SER M 58 37.64 29.51 38.33
N TYR M 59 38.43 30.58 38.36
CA TYR M 59 38.71 31.25 39.63
C TYR M 59 38.36 32.73 39.59
N ALA M 60 38.09 33.28 40.77
CA ALA M 60 37.90 34.71 40.93
C ALA M 60 39.22 35.44 40.70
N GLN M 61 39.13 36.68 40.23
CA GLN M 61 40.30 37.47 39.88
C GLN M 61 41.26 37.63 41.06
N THR M 62 40.71 37.67 42.26
CA THR M 62 41.51 37.86 43.46
C THR M 62 42.50 36.72 43.71
N PHE M 63 42.11 35.51 43.34
CA PHE M 63 42.91 34.34 43.64
C PHE M 63 43.60 33.76 42.42
N GLN M 64 43.51 34.45 41.30
CA GLN M 64 44.10 33.91 40.08
C GLN M 64 45.61 33.79 40.22
N GLY M 65 46.11 32.56 40.11
CA GLY M 65 47.53 32.30 40.26
C GLY M 65 47.90 31.87 41.68
N ARG M 66 46.99 32.10 42.62
CA ARG M 66 47.23 31.74 44.02
C ARG M 66 46.61 30.41 44.41
N VAL M 67 45.49 30.09 43.77
CA VAL M 67 44.70 28.92 44.18
C VAL M 67 44.63 27.87 43.09
N THR M 68 44.66 26.60 43.51
CA THR M 68 44.46 25.49 42.62
C THR M 68 43.37 24.57 43.16
N MET M 69 42.47 24.14 42.29
CA MET M 69 41.42 23.19 42.66
C MET M 69 41.55 21.90 41.88
N THR M 70 41.34 20.79 42.57
CA THR M 70 41.40 19.46 41.96
C THR M 70 40.27 18.58 42.47
N SER M 71 40.08 17.44 41.82
CA SER M 71 39.08 16.48 42.28
C SER M 71 39.48 15.06 41.94
N ASP M 72 38.95 14.12 42.69
CA ASP M 72 39.18 12.70 42.46
C ASP M 72 37.87 11.94 42.52
N THR M 73 37.40 11.49 41.36
CA THR M 73 36.07 10.90 41.26
C THR M 73 36.00 9.55 41.93
N SER M 74 37.15 8.89 42.10
CA SER M 74 37.17 7.54 42.66
C SER M 74 36.83 7.54 44.13
N ILE M 75 36.92 8.71 44.75
CA ILE M 75 36.57 8.87 46.15
C ILE M 75 35.58 10.02 46.31
N THR M 76 34.98 10.45 45.20
CA THR M 76 34.07 11.58 45.17
C THR M 76 34.51 12.70 46.11
N THR M 77 35.73 13.18 45.93
CA THR M 77 36.27 14.23 46.78
C THR M 77 36.89 15.37 45.98
N ALA M 78 36.64 16.60 46.41
CA ALA M 78 37.25 17.78 45.81
C ALA M 78 38.25 18.42 46.78
N TYR M 79 39.28 19.05 46.22
CA TYR M 79 40.31 19.69 47.03
C TYR M 79 40.56 21.13 46.59
N MET M 80 40.80 22.01 47.56
CA MET M 80 41.22 23.38 47.27
C MET M 80 42.57 23.66 47.93
N GLU M 81 43.51 24.14 47.15
CA GLU M 81 44.84 24.44 47.66
C GLU M 81 45.21 25.90 47.44
N LEU M 82 45.52 26.59 48.54
CA LEU M 82 45.86 28.01 48.47
C LEU M 82 47.32 28.24 48.87
N SER M 83 48.09 28.86 47.97
CA SER M 83 49.53 29.04 48.19
C SER M 83 49.89 30.45 48.61
N ARG M 84 51.16 30.64 49.01
CA ARG M 84 51.67 31.95 49.39
C ARG M 84 50.77 32.60 50.43
N LEU M 85 50.51 31.87 51.50
CA LEU M 85 49.54 32.29 52.50
C LEU M 85 49.95 33.56 53.23
N ARG M 86 48.95 34.37 53.57
CA ARG M 86 49.14 35.58 54.35
C ARG M 86 48.19 35.58 55.54
N SER M 87 48.42 36.47 56.49
CA SER M 87 47.62 36.51 57.71
C SER M 87 46.15 36.78 57.43
N ASP M 88 45.86 37.46 56.33
CA ASP M 88 44.49 37.82 56.00
C ASP M 88 43.79 36.69 55.23
N ASP M 89 44.48 35.56 55.11
CA ASP M 89 43.86 34.36 54.56
C ASP M 89 43.23 33.55 55.67
N THR M 90 43.32 34.04 56.90
CA THR M 90 42.62 33.39 58.00
C THR M 90 41.12 33.50 57.81
N ALA M 91 40.46 32.36 57.76
CA ALA M 91 39.04 32.31 57.45
C ALA M 91 38.50 30.91 57.59
N VAL M 92 37.17 30.80 57.64
CA VAL M 92 36.53 29.51 57.45
C VAL M 92 36.27 29.27 55.98
N TYR M 93 36.70 28.13 55.47
CA TYR M 93 36.54 27.79 54.07
C TYR M 93 35.44 26.75 53.89
N TYR M 94 34.54 27.00 52.95
CA TYR M 94 33.44 26.08 52.69
C TYR M 94 33.51 25.52 51.30
N CYS M 95 33.07 24.27 51.14
CA CYS M 95 32.73 23.73 49.83
C CYS M 95 31.21 23.82 49.66
N ALA M 96 30.78 24.10 48.45
CA ALA M 96 29.35 24.22 48.17
C ALA M 96 29.02 23.68 46.79
N ARG M 97 27.83 23.13 46.66
CA ARG M 97 27.42 22.50 45.41
C ARG M 97 26.49 23.40 44.61
N ALA M 98 26.67 23.39 43.30
CA ALA M 98 25.79 24.08 42.38
C ALA M 98 25.67 23.30 41.07
N ALA M 99 24.59 23.53 40.33
CA ALA M 99 24.41 22.88 39.04
C ALA M 99 25.43 23.40 38.05
N PRO M 100 25.72 22.64 36.99
CA PRO M 100 26.54 22.99 35.86
C PRO M 100 25.84 24.04 35.00
N PHE M 101 26.61 24.67 34.11
CA PHE M 101 26.11 25.78 33.32
C PHE M 101 25.02 25.41 32.32
N TYR M 102 24.91 24.12 32.01
CA TYR M 102 23.92 23.69 31.05
C TYR M 102 22.56 23.45 31.68
N ASP M 103 22.46 23.72 32.98
CA ASP M 103 21.20 23.55 33.68
C ASP M 103 20.15 24.52 33.14
N PHE M 104 19.03 23.96 32.68
CA PHE M 104 18.01 24.73 32.00
C PHE M 104 17.37 25.80 32.90
N TRP M 105 17.22 25.48 34.18
CA TRP M 105 16.53 26.37 35.09
C TRP M 105 17.51 27.19 35.95
N SER M 106 18.71 27.42 35.41
CA SER M 106 19.68 28.31 36.03
C SER M 106 20.07 27.88 37.44
N GLY M 107 20.24 26.57 37.65
CA GLY M 107 20.63 26.06 38.95
C GLY M 107 22.10 26.35 39.23
N TYR M 108 22.80 26.88 38.23
CA TYR M 108 24.21 27.19 38.37
C TYR M 108 24.42 28.49 39.11
N SER M 109 23.36 29.28 39.23
CA SER M 109 23.48 30.64 39.76
C SER M 109 23.52 30.67 41.29
N TYR M 110 23.22 29.56 41.92
CA TYR M 110 23.15 29.53 43.38
C TYR M 110 23.70 28.23 43.96
N PHE M 111 24.05 28.26 45.23
CA PHE M 111 24.62 27.12 45.92
C PHE M 111 23.58 26.45 46.79
N ASP M 112 23.28 25.19 46.50
CA ASP M 112 22.16 24.53 47.15
C ASP M 112 22.57 23.70 48.37
N TYR M 113 23.81 23.25 48.40
CA TYR M 113 24.30 22.48 49.55
C TYR M 113 25.65 22.98 50.01
N TRP M 114 25.86 22.99 51.31
CA TRP M 114 27.10 23.45 51.90
C TRP M 114 27.68 22.40 52.80
N GLY M 115 28.99 22.29 52.79
CA GLY M 115 29.68 21.51 53.84
C GLY M 115 29.87 22.42 55.01
N GLN M 116 30.04 21.83 56.18
CA GLN M 116 30.42 22.62 57.35
C GLN M 116 31.89 23.00 57.17
N GLY M 117 32.22 24.25 57.46
CA GLY M 117 33.46 24.82 56.99
C GLY M 117 34.71 24.33 57.70
N THR M 118 35.87 24.57 57.09
CA THR M 118 37.17 24.26 57.65
C THR M 118 37.89 25.53 58.05
N LEU M 119 38.25 25.62 59.31
CA LEU M 119 38.93 26.82 59.80
C LEU M 119 40.42 26.77 59.53
N VAL M 120 40.91 27.78 58.82
CA VAL M 120 42.33 27.89 58.55
C VAL M 120 42.89 29.17 59.17
N THR M 121 43.90 29.01 60.02
CA THR M 121 44.55 30.15 60.65
C THR M 121 45.98 30.30 60.15
N VAL M 122 46.35 31.51 59.73
CA VAL M 122 47.68 31.76 59.18
C VAL M 122 48.44 32.75 60.08
N VAL N 1 9.45 -36.16 24.11
CA VAL N 1 9.64 -37.60 24.21
C VAL N 1 9.54 -38.06 25.68
N ILE N 2 8.71 -39.08 25.93
CA ILE N 2 8.56 -39.66 27.26
C ILE N 2 9.44 -40.88 27.42
N TRP N 3 10.27 -40.86 28.45
CA TRP N 3 11.20 -41.95 28.71
C TRP N 3 10.52 -43.05 29.52
N MET N 4 10.61 -44.28 29.07
CA MET N 4 9.99 -45.41 29.76
C MET N 4 11.03 -46.30 30.41
N THR N 5 10.81 -46.63 31.67
CA THR N 5 11.72 -47.50 32.43
C THR N 5 10.98 -48.70 33.00
N GLN N 6 11.64 -49.84 33.02
CA GLN N 6 11.07 -51.03 33.64
C GLN N 6 12.00 -51.65 34.67
N SER N 7 11.41 -52.35 35.65
CA SER N 7 12.16 -53.01 36.69
C SER N 7 11.39 -54.19 37.24
N PRO N 8 12.01 -55.37 37.39
CA PRO N 8 13.43 -55.68 37.11
C PRO N 8 13.64 -55.84 35.60
N SER N 9 14.87 -55.75 35.17
CA SER N 9 15.15 -56.05 33.77
C SER N 9 14.99 -57.54 33.48
N SER N 10 15.10 -58.36 34.52
CA SER N 10 14.96 -59.80 34.41
C SER N 10 14.61 -60.39 35.76
N LEU N 11 13.71 -61.37 35.76
CA LEU N 11 13.34 -62.05 37.00
C LEU N 11 13.13 -63.53 36.76
N SER N 12 13.50 -64.34 37.75
CA SER N 12 13.24 -65.77 37.70
C SER N 12 12.07 -66.12 38.60
N ALA N 13 11.19 -66.99 38.12
CA ALA N 13 10.03 -67.41 38.91
C ALA N 13 9.62 -68.82 38.54
N SER N 14 9.05 -69.53 39.51
CA SER N 14 8.57 -70.89 39.30
C SER N 14 7.10 -70.89 38.94
N VAL N 15 6.58 -72.05 38.60
CA VAL N 15 5.16 -72.18 38.31
C VAL N 15 4.37 -72.04 39.60
N GLY N 16 3.39 -71.14 39.58
CA GLY N 16 2.56 -70.87 40.75
C GLY N 16 3.00 -69.60 41.48
N ASP N 17 4.19 -69.09 41.15
CA ASP N 17 4.69 -67.89 41.79
C ASP N 17 3.97 -66.64 41.28
N ARG N 18 3.92 -65.62 42.13
CA ARG N 18 3.38 -64.32 41.74
C ARG N 18 4.47 -63.46 41.14
N VAL N 19 4.23 -62.95 39.93
CA VAL N 19 5.22 -62.15 39.24
C VAL N 19 4.76 -60.72 39.03
N THR N 20 5.54 -59.78 39.54
CA THR N 20 5.21 -58.37 39.38
C THR N 20 6.29 -57.63 38.60
N ILE N 21 5.85 -56.85 37.61
CA ILE N 21 6.75 -56.06 36.78
C ILE N 21 6.37 -54.59 36.85
N THR N 22 7.33 -53.73 37.17
CA THR N 22 7.08 -52.30 37.30
C THR N 22 7.45 -51.55 36.01
N CYS N 23 6.60 -50.60 35.62
CA CYS N 23 6.88 -49.68 34.51
C CYS N 23 6.66 -48.25 34.95
N GLN N 24 7.63 -47.39 34.67
CA GLN N 24 7.57 -46.01 35.11
C GLN N 24 7.78 -45.04 33.95
N ALA N 25 6.94 -44.02 33.89
CA ALA N 25 7.06 -42.98 32.88
C ALA N 25 7.69 -41.73 33.46
N SER N 26 8.54 -41.07 32.67
CA SER N 26 9.16 -39.82 33.09
C SER N 26 8.16 -38.68 33.13
N GLN N 27 7.01 -38.89 32.49
CA GLN N 27 5.94 -37.90 32.46
C GLN N 27 4.61 -38.54 32.85
N ASP N 28 3.69 -37.72 33.33
CA ASP N 28 2.36 -38.22 33.64
C ASP N 28 1.61 -38.55 32.36
N ILE N 29 1.33 -39.85 32.16
CA ILE N 29 0.66 -40.32 30.92
C ILE N 29 -0.77 -40.75 31.24
N ARG N 30 -1.27 -40.31 32.37
CA ARG N 30 -2.61 -40.71 32.81
C ARG N 30 -2.74 -42.25 32.87
N PHE N 31 -3.64 -42.82 32.07
CA PHE N 31 -3.83 -44.30 32.07
C PHE N 31 -3.65 -44.83 30.65
N TYR N 32 -2.83 -44.15 29.85
CA TYR N 32 -2.66 -44.53 28.46
C TYR N 32 -1.44 -45.43 28.26
N LEU N 33 -1.48 -46.60 28.88
CA LEU N 33 -0.38 -47.54 28.80
C LEU N 33 -0.84 -48.91 28.28
N ASN N 34 -0.08 -49.47 27.35
CA ASN N 34 -0.31 -50.83 26.86
C ASN N 34 0.74 -51.78 27.41
N TRP N 35 0.34 -53.03 27.65
CA TRP N 35 1.30 -54.08 27.99
C TRP N 35 1.34 -55.18 26.93
N TYR N 36 2.54 -55.53 26.49
CA TYR N 36 2.74 -56.55 25.48
C TYR N 36 3.53 -57.73 25.99
N GLN N 37 3.27 -58.91 25.43
CA GLN N 37 4.03 -60.12 25.71
C GLN N 37 4.66 -60.68 24.45
N GLN N 38 5.98 -60.80 24.43
CA GLN N 38 6.66 -61.28 23.23
C GLN N 38 7.48 -62.54 23.49
N LYS N 39 7.27 -63.53 22.64
CA LYS N 39 8.07 -64.74 22.67
C LYS N 39 9.01 -64.76 21.46
N PRO N 40 10.18 -65.40 21.56
CA PRO N 40 11.22 -65.42 20.56
C PRO N 40 10.69 -65.80 19.18
N GLY N 41 11.01 -64.99 18.18
CA GLY N 41 10.64 -65.28 16.80
C GLY N 41 9.22 -64.83 16.44
N LYS N 42 8.50 -64.26 17.41
CA LYS N 42 7.12 -63.87 17.17
C LYS N 42 6.90 -62.38 17.41
N ALA N 43 5.88 -61.82 16.75
CA ALA N 43 5.45 -60.46 17.01
C ALA N 43 4.84 -60.39 18.42
N PRO N 44 4.92 -59.23 19.09
CA PRO N 44 4.33 -58.94 20.38
C PRO N 44 2.82 -59.12 20.38
N LYS N 45 2.29 -59.64 21.48
CA LYS N 45 0.85 -59.74 21.68
C LYS N 45 0.38 -58.78 22.76
N LEU N 46 -0.69 -58.06 22.49
CA LEU N 46 -1.23 -57.13 23.49
C LEU N 46 -2.02 -57.90 24.56
N LEU N 47 -1.72 -57.63 25.82
CA LEU N 47 -2.46 -58.25 26.92
C LEU N 47 -3.37 -57.26 27.63
N ILE N 48 -2.84 -56.06 27.87
CA ILE N 48 -3.59 -55.05 28.63
C ILE N 48 -3.55 -53.69 27.94
N SER N 49 -4.68 -53.02 27.92
CA SER N 49 -4.77 -51.66 27.36
C SER N 49 -5.35 -50.71 28.39
N ASP N 50 -5.16 -49.41 28.16
CA ASP N 50 -5.69 -48.41 29.07
C ASP N 50 -5.27 -48.73 30.49
N ALA N 51 -4.01 -49.14 30.69
CA ALA N 51 -3.47 -49.44 32.01
C ALA N 51 -4.03 -50.75 32.62
N SER N 52 -5.35 -50.89 32.65
CA SER N 52 -5.95 -51.99 33.41
C SER N 52 -7.04 -52.78 32.68
N ASN N 53 -7.32 -52.44 31.43
CA ASN N 53 -8.36 -53.16 30.69
C ASN N 53 -7.79 -54.40 30.01
N MET N 54 -8.37 -55.55 30.31
CA MET N 54 -7.87 -56.81 29.77
C MET N 54 -8.37 -57.02 28.35
N GLU N 55 -7.51 -57.57 27.50
CA GLU N 55 -7.91 -57.92 26.15
C GLU N 55 -8.71 -59.21 26.13
N THR N 56 -9.52 -59.37 25.09
CA THR N 56 -10.32 -60.58 24.95
C THR N 56 -9.41 -61.77 24.66
N GLY N 57 -9.62 -62.86 25.40
CA GLY N 57 -8.85 -64.08 25.21
C GLY N 57 -7.68 -64.19 26.20
N VAL N 58 -7.42 -63.11 26.92
CA VAL N 58 -6.33 -63.10 27.89
C VAL N 58 -6.78 -63.74 29.21
N PRO N 59 -6.03 -64.75 29.71
CA PRO N 59 -6.29 -65.48 30.93
C PRO N 59 -6.45 -64.54 32.13
N SER N 60 -7.34 -64.93 33.04
CA SER N 60 -7.69 -64.12 34.19
C SER N 60 -6.54 -63.97 35.19
N ARG N 61 -5.50 -64.77 35.03
CA ARG N 61 -4.34 -64.69 35.90
C ARG N 61 -3.52 -63.43 35.63
N PHE N 62 -3.76 -62.80 34.47
CA PHE N 62 -3.09 -61.56 34.13
C PHE N 62 -3.89 -60.37 34.63
N SER N 63 -3.20 -59.36 35.14
CA SER N 63 -3.83 -58.14 35.58
C SER N 63 -2.86 -56.98 35.52
N GLY N 64 -3.38 -55.78 35.74
CA GLY N 64 -2.53 -54.59 35.77
C GLY N 64 -3.28 -53.40 36.33
N SER N 65 -2.53 -52.42 36.80
CA SER N 65 -3.12 -51.21 37.38
C SER N 65 -2.09 -50.09 37.44
N GLY N 66 -2.54 -48.90 37.79
CA GLY N 66 -1.64 -47.78 37.97
C GLY N 66 -2.16 -46.54 37.26
N SER N 67 -1.63 -45.40 37.63
CA SER N 67 -2.03 -44.12 37.04
C SER N 67 -0.92 -43.10 37.19
N GLY N 68 -0.77 -42.25 36.18
CA GLY N 68 0.21 -41.18 36.23
C GLY N 68 1.55 -41.64 35.72
N THR N 69 2.47 -41.90 36.64
CA THR N 69 3.82 -42.29 36.26
C THR N 69 4.17 -43.73 36.65
N ASP N 70 3.44 -44.29 37.62
CA ASP N 70 3.81 -45.59 38.17
C ASP N 70 2.77 -46.66 37.88
N PHE N 71 3.15 -47.65 37.07
CA PHE N 71 2.25 -48.72 36.66
C PHE N 71 2.80 -50.09 37.01
N THR N 72 1.92 -51.04 37.28
CA THR N 72 2.33 -52.40 37.61
C THR N 72 1.60 -53.45 36.77
N PHE N 73 2.36 -54.44 36.30
CA PHE N 73 1.83 -55.61 35.61
C PHE N 73 2.01 -56.83 36.50
N THR N 74 0.96 -57.64 36.65
CA THR N 74 1.04 -58.78 37.55
C THR N 74 0.51 -60.07 36.93
N ILE N 75 1.23 -61.16 37.20
CA ILE N 75 0.74 -62.50 36.93
C ILE N 75 0.52 -63.21 38.26
N SER N 76 -0.75 -63.46 38.59
CA SER N 76 -1.09 -63.96 39.93
C SER N 76 -0.55 -65.36 40.19
N SER N 77 -0.41 -66.14 39.13
CA SER N 77 0.08 -67.51 39.23
C SER N 77 0.75 -67.93 37.93
N LEU N 78 2.07 -67.80 37.88
CA LEU N 78 2.81 -68.04 36.65
C LEU N 78 2.62 -69.44 36.12
N GLN N 79 2.34 -69.54 34.82
CA GLN N 79 2.23 -70.83 34.16
C GLN N 79 3.43 -71.03 33.22
N PRO N 80 3.73 -72.27 32.82
CA PRO N 80 4.80 -72.63 31.92
C PRO N 80 4.76 -71.84 30.60
N GLU N 81 3.57 -71.47 30.15
CA GLU N 81 3.41 -70.78 28.89
C GLU N 81 3.60 -69.27 29.01
N ASP N 82 3.87 -68.79 30.23
CA ASP N 82 4.00 -67.36 30.48
C ASP N 82 5.45 -66.89 30.44
N ILE N 83 6.32 -67.74 29.94
CA ILE N 83 7.74 -67.38 29.83
C ILE N 83 7.97 -66.56 28.58
N ALA N 84 8.18 -65.26 28.78
CA ALA N 84 8.23 -64.28 27.69
C ALA N 84 8.85 -62.99 28.16
N THR N 85 9.15 -62.10 27.22
CA THR N 85 9.61 -60.76 27.56
C THR N 85 8.44 -59.78 27.51
N TYR N 86 8.24 -59.05 28.60
CA TYR N 86 7.11 -58.13 28.69
C TYR N 86 7.53 -56.69 28.46
N TYR N 87 6.73 -55.97 27.68
CA TYR N 87 7.00 -54.57 27.37
C TYR N 87 5.83 -53.70 27.78
N CYS N 88 6.14 -52.48 28.23
CA CYS N 88 5.11 -51.45 28.43
C CYS N 88 5.27 -50.37 27.36
N GLN N 89 4.15 -49.80 26.93
CA GLN N 89 4.18 -48.80 25.85
C GLN N 89 3.20 -47.68 26.12
N GLN N 90 3.66 -46.44 25.97
CA GLN N 90 2.79 -45.29 26.19
C GLN N 90 2.31 -44.74 24.86
N TYR N 91 1.05 -44.34 24.84
CA TYR N 91 0.48 -43.69 23.67
C TYR N 91 -0.25 -42.41 24.07
N ASP N 92 0.25 -41.75 25.12
CA ASP N 92 -0.29 -40.48 25.53
C ASP N 92 0.02 -39.41 24.50
N ASN N 93 1.25 -39.46 23.97
CA ASN N 93 1.62 -38.53 22.92
C ASN N 93 2.67 -39.12 21.97
N LEU N 94 2.75 -38.56 20.78
CA LEU N 94 3.71 -38.96 19.79
C LEU N 94 5.03 -38.21 19.98
N PRO N 95 6.15 -38.89 19.77
CA PRO N 95 6.33 -40.28 19.35
C PRO N 95 5.94 -41.25 20.46
N PHE N 96 5.46 -42.43 20.07
CA PHE N 96 5.16 -43.49 21.01
C PHE N 96 6.43 -44.20 21.42
N THR N 97 6.46 -44.69 22.66
CA THR N 97 7.67 -45.33 23.16
C THR N 97 7.39 -46.64 23.87
N PHE N 98 8.34 -47.56 23.78
CA PHE N 98 8.31 -48.83 24.51
C PHE N 98 9.35 -48.82 25.62
N GLY N 99 9.10 -49.56 26.69
CA GLY N 99 10.09 -49.73 27.74
C GLY N 99 11.16 -50.74 27.32
N PRO N 100 12.23 -50.88 28.10
CA PRO N 100 13.37 -51.75 27.89
C PRO N 100 12.99 -53.21 27.65
N GLY N 101 11.94 -53.68 28.32
CA GLY N 101 11.53 -55.07 28.22
C GLY N 101 12.02 -55.86 29.44
N THR N 102 11.11 -56.60 30.07
CA THR N 102 11.45 -57.43 31.22
C THR N 102 11.38 -58.90 30.88
N LYS N 103 12.48 -59.60 31.06
CA LYS N 103 12.53 -61.02 30.72
C LYS N 103 12.19 -61.90 31.90
N VAL N 104 11.16 -62.73 31.73
CA VAL N 104 10.77 -63.68 32.77
C VAL N 104 11.21 -65.09 32.38
N ASP N 105 11.91 -65.76 33.28
CA ASP N 105 12.34 -67.13 33.03
C ASP N 105 12.16 -67.99 34.28
N PHE N 106 12.56 -69.27 34.19
CA PHE N 106 12.37 -70.24 35.29
C PHE N 106 13.52 -70.14 36.28
N GLU O 1 -10.17 -63.86 8.73
CA GLU O 1 -8.78 -63.87 9.17
C GLU O 1 -8.08 -62.57 8.78
N VAL O 2 -7.50 -61.89 9.78
CA VAL O 2 -6.75 -60.66 9.56
C VAL O 2 -5.28 -60.94 9.36
N GLN O 3 -4.72 -60.39 8.29
CA GLN O 3 -3.31 -60.59 7.98
C GLN O 3 -2.59 -59.29 7.65
N LEU O 4 -1.33 -59.23 8.03
CA LEU O 4 -0.42 -58.18 7.61
C LEU O 4 0.89 -58.82 7.16
N VAL O 5 1.26 -58.59 5.91
CA VAL O 5 2.41 -59.27 5.33
C VAL O 5 3.49 -58.31 4.86
N GLU O 6 4.60 -58.26 5.58
CA GLU O 6 5.74 -57.43 5.21
C GLU O 6 6.56 -58.08 4.11
N SER O 7 7.10 -57.25 3.22
CA SER O 7 8.02 -57.72 2.19
C SER O 7 8.95 -56.60 1.75
N GLY O 8 10.01 -56.96 1.05
CA GLY O 8 10.95 -55.97 0.52
C GLY O 8 12.21 -55.85 1.37
N GLY O 9 12.40 -56.79 2.29
CA GLY O 9 13.60 -56.78 3.13
C GLY O 9 14.78 -57.27 2.32
N GLY O 10 15.93 -57.45 2.99
CA GLY O 10 17.13 -57.85 2.28
C GLY O 10 18.38 -57.17 2.84
N VAL O 11 19.47 -57.21 2.07
CA VAL O 11 20.75 -56.67 2.50
C VAL O 11 21.19 -55.51 1.63
N VAL O 12 21.48 -54.38 2.26
CA VAL O 12 21.93 -53.20 1.54
C VAL O 12 23.23 -52.63 2.13
N GLN O 13 23.86 -51.75 1.39
CA GLN O 13 25.07 -51.08 1.85
C GLN O 13 24.72 -49.82 2.62
N PRO O 14 25.59 -49.39 3.56
CA PRO O 14 25.50 -48.14 4.29
C PRO O 14 25.40 -46.97 3.34
N GLY O 15 24.46 -46.07 3.62
CA GLY O 15 24.24 -44.90 2.78
C GLY O 15 23.24 -45.19 1.67
N GLY O 16 22.84 -46.45 1.55
CA GLY O 16 21.92 -46.86 0.51
C GLY O 16 20.48 -46.66 0.93
N SER O 17 19.55 -47.27 0.18
CA SER O 17 18.13 -47.12 0.47
C SER O 17 17.38 -48.41 0.23
N LEU O 18 16.27 -48.57 0.96
CA LEU O 18 15.43 -49.74 0.82
C LEU O 18 13.97 -49.38 1.09
N ARG O 19 13.07 -49.90 0.27
CA ARG O 19 11.65 -49.64 0.44
C ARG O 19 10.89 -50.88 0.87
N LEU O 20 10.22 -50.79 2.00
CA LEU O 20 9.40 -51.89 2.51
C LEU O 20 7.94 -51.69 2.17
N SER O 21 7.20 -52.79 2.07
CA SER O 21 5.77 -52.72 1.90
C SER O 21 5.07 -53.73 2.79
N CYS O 22 3.81 -53.46 3.14
CA CYS O 22 3.00 -54.35 3.95
C CYS O 22 1.61 -54.51 3.35
N ALA O 23 1.30 -55.72 2.93
CA ALA O 23 0.00 -56.02 2.34
C ALA O 23 -1.02 -56.34 3.42
N ALA O 24 -2.11 -55.58 3.43
CA ALA O 24 -3.13 -55.75 4.46
C ALA O 24 -4.38 -56.39 3.90
N SER O 25 -4.97 -57.29 4.68
CA SER O 25 -6.23 -57.91 4.30
C SER O 25 -6.99 -58.40 5.54
N GLY O 26 -8.30 -58.60 5.38
CA GLY O 26 -9.11 -59.17 6.43
C GLY O 26 -9.74 -58.11 7.34
N PHE O 27 -9.38 -56.85 7.11
CA PHE O 27 -9.91 -55.76 7.90
C PHE O 27 -10.00 -54.49 7.07
N THR O 28 -10.73 -53.51 7.58
CA THR O 28 -10.96 -52.27 6.83
C THR O 28 -9.75 -51.37 6.90
N PHE O 29 -8.74 -51.69 6.11
CA PHE O 29 -7.46 -51.02 6.13
C PHE O 29 -7.58 -49.50 6.04
N ASN O 30 -8.46 -49.03 5.19
CA ASN O 30 -8.55 -47.61 4.89
C ASN O 30 -9.29 -46.83 5.97
N SER O 31 -9.64 -47.50 7.06
CA SER O 31 -10.27 -46.84 8.18
C SER O 31 -9.33 -46.66 9.36
N TYR O 32 -8.19 -47.35 9.33
CA TYR O 32 -7.27 -47.31 10.47
C TYR O 32 -5.98 -46.62 10.12
N GLY O 33 -5.39 -45.95 11.10
CA GLY O 33 -4.01 -45.49 10.97
C GLY O 33 -3.08 -46.67 11.13
N MET O 34 -1.86 -46.54 10.63
CA MET O 34 -0.91 -47.65 10.69
C MET O 34 0.45 -47.23 11.23
N HIS O 35 1.13 -48.17 11.90
CA HIS O 35 2.43 -47.91 12.47
C HIS O 35 3.50 -48.82 11.89
N TRP O 36 4.74 -48.34 11.91
CA TRP O 36 5.90 -49.21 11.74
C TRP O 36 6.65 -49.30 13.06
N VAL O 37 7.06 -50.52 13.42
CA VAL O 37 7.84 -50.80 14.62
C VAL O 37 9.01 -51.69 14.25
N ARG O 38 10.19 -51.41 14.81
CA ARG O 38 11.34 -52.23 14.47
C ARG O 38 11.99 -52.82 15.72
N GLN O 39 12.64 -53.96 15.55
CA GLN O 39 13.34 -54.60 16.66
C GLN O 39 14.70 -55.12 16.22
N ALA O 40 15.75 -54.46 16.71
CA ALA O 40 17.11 -54.89 16.40
C ALA O 40 17.39 -56.21 17.11
N PRO O 41 18.30 -57.03 16.57
CA PRO O 41 18.71 -58.30 17.14
C PRO O 41 19.15 -58.14 18.59
N GLY O 42 18.49 -58.86 19.49
CA GLY O 42 18.84 -58.86 20.90
C GLY O 42 18.33 -57.63 21.64
N LYS O 43 17.58 -56.77 20.95
CA LYS O 43 17.10 -55.53 21.53
C LYS O 43 15.58 -55.53 21.70
N GLY O 44 15.06 -54.50 22.37
CA GLY O 44 13.63 -54.37 22.59
C GLY O 44 12.95 -53.70 21.40
N LEU O 45 11.67 -53.37 21.57
CA LEU O 45 10.88 -52.78 20.50
C LEU O 45 11.09 -51.29 20.40
N GLU O 46 11.15 -50.78 19.17
CA GLU O 46 11.24 -49.34 18.96
C GLU O 46 10.24 -48.87 17.92
N TRP O 47 9.47 -47.85 18.27
CA TRP O 47 8.48 -47.27 17.37
C TRP O 47 9.16 -46.43 16.30
N VAL O 48 8.71 -46.56 15.05
CA VAL O 48 9.36 -45.87 13.95
C VAL O 48 8.51 -44.73 13.35
N ALA O 49 7.28 -45.05 12.97
CA ALA O 49 6.45 -44.06 12.27
C ALA O 49 4.96 -44.38 12.36
N PHE O 50 4.14 -43.36 12.13
CA PHE O 50 2.68 -43.49 12.12
C PHE O 50 2.05 -42.64 11.02
N ILE O 51 1.07 -43.21 10.33
CA ILE O 51 0.32 -42.49 9.30
C ILE O 51 -1.18 -42.60 9.55
N ARG O 52 -1.90 -41.50 9.36
CA ARG O 52 -3.35 -41.47 9.56
C ARG O 52 -4.11 -42.22 8.44
N TYR O 53 -5.44 -42.32 8.59
CA TYR O 53 -6.26 -43.18 7.72
C TYR O 53 -6.37 -42.70 6.29
N ASP O 54 -6.24 -41.40 6.10
CA ASP O 54 -6.35 -40.83 4.75
C ASP O 54 -4.96 -40.67 4.16
N GLY O 55 -3.95 -40.97 4.95
CA GLY O 55 -2.57 -40.84 4.52
C GLY O 55 -2.09 -39.38 4.63
N GLY O 56 -2.95 -38.53 5.17
CA GLY O 56 -2.67 -37.11 5.21
C GLY O 56 -1.55 -36.71 6.20
N ASN O 57 -1.68 -37.11 7.45
CA ASN O 57 -0.74 -36.66 8.48
C ASN O 57 0.26 -37.76 8.85
N LYS O 58 1.52 -37.40 8.97
CA LYS O 58 2.57 -38.38 9.19
C LYS O 58 3.45 -38.01 10.37
N TYR O 59 3.85 -39.02 11.14
CA TYR O 59 4.68 -38.79 12.31
C TYR O 59 5.85 -39.76 12.33
N TYR O 60 6.99 -39.30 12.84
CA TYR O 60 8.19 -40.12 12.87
C TYR O 60 8.90 -40.05 14.20
N ALA O 61 9.63 -41.12 14.53
CA ALA O 61 10.55 -41.10 15.66
C ALA O 61 11.73 -40.19 15.36
N ASP O 62 12.27 -39.56 16.39
CA ASP O 62 13.38 -38.63 16.21
C ASP O 62 14.62 -39.31 15.61
N SER O 63 14.75 -40.61 15.84
CA SER O 63 15.91 -41.35 15.38
C SER O 63 15.88 -41.62 13.87
N VAL O 64 14.72 -41.48 13.24
CA VAL O 64 14.58 -41.75 11.82
C VAL O 64 14.05 -40.52 11.06
N LYS O 65 13.60 -39.53 11.80
CA LYS O 65 13.00 -38.34 11.21
C LYS O 65 13.95 -37.69 10.22
N GLY O 66 13.46 -37.47 9.00
CA GLY O 66 14.25 -36.84 7.96
C GLY O 66 14.92 -37.87 7.04
N ARG O 67 14.92 -39.13 7.46
CA ARG O 67 15.52 -40.19 6.67
C ARG O 67 14.48 -41.18 6.17
N PHE O 68 13.48 -41.44 7.01
CA PHE O 68 12.42 -42.39 6.65
C PHE O 68 11.15 -41.64 6.25
N THR O 69 10.44 -42.17 5.25
CA THR O 69 9.16 -41.63 4.83
C THR O 69 8.08 -42.69 4.87
N ILE O 70 6.94 -42.37 5.46
CA ILE O 70 5.82 -43.30 5.54
C ILE O 70 4.71 -42.88 4.58
N SER O 71 4.11 -43.87 3.93
CA SER O 71 3.02 -43.59 2.99
C SER O 71 2.09 -44.78 2.89
N ARG O 72 0.92 -44.58 2.31
CA ARG O 72 -0.02 -45.67 2.11
C ARG O 72 -0.85 -45.49 0.85
N ASP O 73 -1.20 -46.60 0.22
CA ASP O 73 -2.11 -46.60 -0.91
C ASP O 73 -3.37 -47.36 -0.57
N ASN O 74 -4.46 -46.63 -0.34
CA ASN O 74 -5.69 -47.23 0.17
C ASN O 74 -6.45 -48.00 -0.90
N SER O 75 -6.01 -47.87 -2.15
CA SER O 75 -6.67 -48.61 -3.23
C SER O 75 -6.02 -49.98 -3.40
N LYS O 76 -4.88 -50.19 -2.76
CA LYS O 76 -4.14 -51.44 -2.85
C LYS O 76 -4.02 -52.08 -1.47
N ASN O 77 -4.60 -51.44 -0.46
CA ASN O 77 -4.48 -51.87 0.92
C ASN O 77 -3.04 -52.13 1.30
N THR O 78 -2.15 -51.25 0.87
CA THR O 78 -0.73 -51.47 1.12
C THR O 78 -0.06 -50.29 1.82
N LEU O 79 0.69 -50.59 2.86
CA LEU O 79 1.45 -49.60 3.62
C LEU O 79 2.91 -49.65 3.17
N TYR O 80 3.53 -48.48 3.04
CA TYR O 80 4.93 -48.42 2.60
C TYR O 80 5.83 -47.68 3.58
N LEU O 81 7.11 -48.08 3.60
CA LEU O 81 8.13 -47.33 4.31
C LEU O 81 9.36 -47.17 3.44
N GLN O 82 9.70 -45.91 3.11
CA GLN O 82 10.87 -45.62 2.30
C GLN O 82 12.03 -45.17 3.16
N MET O 83 13.10 -45.96 3.19
CA MET O 83 14.23 -45.66 4.06
C MET O 83 15.44 -45.23 3.26
N LYS O 84 15.91 -44.01 3.51
CA LYS O 84 17.08 -43.49 2.82
C LYS O 84 18.23 -43.28 3.79
N SER O 85 19.45 -43.22 3.25
CA SER O 85 20.64 -43.00 4.06
C SER O 85 20.72 -44.00 5.21
N LEU O 86 20.47 -45.26 4.90
CA LEU O 86 20.47 -46.32 5.91
C LEU O 86 21.82 -46.46 6.59
N ARG O 87 21.78 -46.63 7.92
CA ARG O 87 22.96 -46.77 8.73
C ARG O 87 23.06 -48.17 9.30
N ALA O 88 24.23 -48.54 9.81
CA ALA O 88 24.40 -49.85 10.43
C ALA O 88 23.42 -50.02 11.59
N GLU O 89 23.12 -48.92 12.27
CA GLU O 89 22.23 -48.93 13.42
C GLU O 89 20.78 -49.21 13.04
N ASP O 90 20.48 -49.18 11.75
CA ASP O 90 19.12 -49.41 11.28
C ASP O 90 18.85 -50.89 11.03
N THR O 91 19.83 -51.74 11.29
CA THR O 91 19.58 -53.19 11.15
C THR O 91 18.56 -53.63 12.18
N ALA O 92 17.47 -54.20 11.69
CA ALA O 92 16.36 -54.60 12.55
C ALA O 92 15.32 -55.39 11.79
N VAL O 93 14.47 -56.08 12.53
CA VAL O 93 13.27 -56.65 11.94
C VAL O 93 12.15 -55.63 11.97
N TYR O 94 11.62 -55.31 10.81
CA TYR O 94 10.59 -54.29 10.69
C TYR O 94 9.20 -54.91 10.64
N TYR O 95 8.31 -54.38 11.46
CA TYR O 95 6.93 -54.83 11.50
C TYR O 95 6.00 -53.71 11.08
N CYS O 96 4.92 -54.08 10.39
CA CYS O 96 3.77 -53.19 10.24
C CYS O 96 2.72 -53.62 11.25
N ALA O 97 2.03 -52.65 11.83
CA ALA O 97 1.08 -52.97 12.89
C ALA O 97 -0.03 -51.96 13.01
N ASN O 98 -1.15 -52.43 13.52
CA ASN O 98 -2.26 -51.58 13.92
C ASN O 98 -2.35 -51.61 15.43
N LEU O 99 -1.77 -50.60 16.08
CA LEU O 99 -1.62 -50.63 17.53
C LEU O 99 -2.86 -50.08 18.22
N LYS O 100 -3.34 -50.81 19.23
CA LYS O 100 -4.53 -50.34 19.96
C LYS O 100 -4.23 -49.00 20.63
N ASP O 101 -5.06 -48.01 20.35
CA ASP O 101 -4.76 -46.63 20.73
C ASP O 101 -6.03 -45.79 20.84
N SER O 102 -6.40 -45.46 22.07
CA SER O 102 -7.64 -44.76 22.33
C SER O 102 -7.51 -43.25 22.17
N ARG O 103 -6.32 -42.77 21.84
CA ARG O 103 -6.14 -41.33 21.73
C ARG O 103 -5.96 -40.82 20.31
N TYR O 104 -5.27 -41.58 19.48
CA TYR O 104 -4.92 -41.06 18.16
C TYR O 104 -5.54 -41.82 17.00
N SER O 105 -5.25 -43.11 16.89
CA SER O 105 -5.74 -43.86 15.73
C SER O 105 -7.18 -44.30 15.90
N GLY O 106 -7.57 -44.52 17.12
CA GLY O 106 -8.93 -44.93 17.41
C GLY O 106 -9.15 -46.41 17.14
N SER O 107 -8.06 -47.16 17.02
CA SER O 107 -8.14 -48.58 16.76
C SER O 107 -8.47 -49.34 18.04
N TYR O 108 -9.40 -50.29 17.98
CA TYR O 108 -9.79 -51.03 19.21
C TYR O 108 -9.24 -52.44 19.11
N TYR O 109 -8.50 -52.71 18.04
CA TYR O 109 -7.91 -54.03 17.84
C TYR O 109 -6.43 -53.92 17.59
N ASP O 110 -5.68 -54.94 17.97
CA ASP O 110 -4.23 -54.90 17.84
C ASP O 110 -3.73 -55.97 16.86
N TYR O 111 -3.16 -55.54 15.74
CA TYR O 111 -2.70 -56.46 14.69
C TYR O 111 -1.21 -56.26 14.39
N TRP O 112 -0.50 -57.37 14.16
CA TRP O 112 0.91 -57.32 13.77
C TRP O 112 1.19 -58.26 12.60
N GLY O 113 2.15 -57.88 11.76
CA GLY O 113 2.66 -58.79 10.73
C GLY O 113 3.76 -59.67 11.30
N GLN O 114 4.33 -60.54 10.46
CA GLN O 114 5.38 -61.44 10.93
C GLN O 114 6.74 -60.75 11.02
N GLY O 115 6.90 -59.65 10.28
CA GLY O 115 8.12 -58.87 10.30
C GLY O 115 9.08 -59.28 9.18
N THR O 116 9.88 -58.32 8.71
CA THR O 116 10.88 -58.58 7.68
C THR O 116 12.23 -57.99 8.06
N LEU O 117 13.30 -58.75 7.83
CA LEU O 117 14.62 -58.33 8.27
C LEU O 117 15.33 -57.45 7.25
N VAL O 118 15.79 -56.30 7.73
CA VAL O 118 16.59 -55.39 6.93
C VAL O 118 17.99 -55.28 7.50
N THR O 119 18.99 -55.64 6.70
CA THR O 119 20.38 -55.63 7.14
C THR O 119 21.19 -54.59 6.39
N VAL O 120 21.93 -53.79 7.13
CA VAL O 120 22.82 -52.79 6.53
C VAL O 120 24.27 -53.18 6.78
N SER O 121 25.00 -53.44 5.69
CA SER O 121 26.37 -53.96 5.77
C SER O 121 27.11 -53.76 4.46
C1 NAG P . 11.93 32.35 32.85
C2 NAG P . 12.89 33.12 33.68
C3 NAG P . 13.06 34.47 33.18
C4 NAG P . 13.33 34.44 31.74
C5 NAG P . 12.22 33.76 30.98
C6 NAG P . 12.49 33.75 29.54
C7 NAG P . 13.23 32.18 36.00
C8 NAG P . 12.97 32.31 37.47
N2 NAG P . 12.68 33.12 35.24
O3 NAG P . 14.08 35.15 33.94
O4 NAG P . 13.24 35.82 31.39
O5 NAG P . 12.12 32.34 31.45
O6 NAG P . 13.88 33.56 29.41
O7 NAG P . 13.88 31.27 35.53
C1 NAG P . 14.62 36.08 30.53
C2 NAG P . 14.58 37.55 29.90
C3 NAG P . 15.87 37.90 29.07
C4 NAG P . 17.08 37.72 30.01
C5 NAG P . 17.11 36.27 30.54
C6 NAG P . 18.31 36.03 31.41
C7 NAG P . 12.40 38.38 29.21
C8 NAG P . 11.24 38.38 28.26
N2 NAG P . 13.44 37.60 28.95
O3 NAG P . 15.78 39.23 28.62
O4 NAG P . 18.27 37.98 29.23
O5 NAG P . 15.92 35.99 31.28
O6 NAG P . 18.35 34.69 31.88
O7 NAG P . 12.38 39.09 30.22
C1 FUC P . 14.03 32.50 28.24
C2 FUC P . 15.55 32.49 27.69
C3 FUC P . 16.46 32.00 28.85
C4 FUC P . 16.03 30.60 29.28
C5 FUC P . 14.55 30.63 29.70
C6 FUC P . 14.06 29.27 30.11
O2 FUC P . 15.89 33.80 27.33
O3 FUC P . 17.82 32.02 28.46
O4 FUC P . 16.23 29.69 28.17
O5 FUC P . 13.69 31.10 28.59
C1 NAG Q . 7.20 -0.67 -75.51
C2 NAG Q . 7.97 -0.61 -76.85
C3 NAG Q . 8.81 -1.86 -77.02
C4 NAG Q . 9.89 -2.03 -75.81
C5 NAG Q . 8.97 -1.98 -74.50
C6 NAG Q . 9.85 -2.04 -73.27
C7 NAG Q . 6.91 0.59 -78.63
C8 NAG Q . 5.90 0.71 -79.75
N2 NAG Q . 7.02 -0.51 -77.96
O3 NAG Q . 9.58 -1.82 -78.21
O4 NAG Q . 10.23 -3.28 -75.90
O5 NAG Q . 8.13 -0.77 -74.43
O6 NAG Q . 9.21 -2.67 -72.20
O7 NAG Q . 7.64 1.57 -78.39
C1 NAG Q . 11.91 -3.28 -75.89
C2 NAG Q . 12.42 -4.76 -75.74
C3 NAG Q . 13.94 -4.78 -75.76
C4 NAG Q . 14.46 -4.12 -77.05
C5 NAG Q . 13.88 -2.67 -77.11
C6 NAG Q . 14.37 -1.94 -78.34
C7 NAG Q . 11.18 -6.37 -74.39
C8 NAG Q . 10.75 -6.90 -73.05
N2 NAG Q . 11.96 -5.30 -74.44
O3 NAG Q . 14.41 -6.13 -75.70
O4 NAG Q . 15.89 -4.09 -77.04
O5 NAG Q . 12.46 -2.67 -77.11
O6 NAG Q . 13.91 -0.60 -78.34
O7 NAG Q . 10.84 -6.95 -75.42
C1 NAG R . 11.19 -20.14 -65.57
C2 NAG R . 11.91 -21.06 -66.60
C3 NAG R . 13.09 -21.77 -65.93
C4 NAG R . 14.17 -20.70 -65.34
C5 NAG R . 13.27 -19.79 -64.37
C6 NAG R . 14.15 -18.70 -63.82
C7 NAG R . 10.72 -22.11 -68.39
C8 NAG R . 9.79 -23.18 -68.92
N2 NAG R . 11.01 -22.09 -67.13
O3 NAG R . 13.80 -22.58 -66.84
O4 NAG R . 14.86 -21.42 -64.52
O5 NAG R . 12.12 -19.20 -65.06
O6 NAG R . 13.46 -17.88 -62.92
O7 NAG R . 11.18 -21.28 -69.17
C1 NAG R . 16.47 -21.18 -64.98
C2 NAG R . 17.41 -21.70 -63.83
C3 NAG R . 18.87 -21.56 -64.23
C4 NAG R . 19.11 -22.30 -65.55
C5 NAG R . 18.14 -21.73 -66.61
C6 NAG R . 18.34 -22.41 -67.96
C7 NAG R . 16.48 -21.45 -61.59
C8 NAG R . 16.26 -20.63 -60.35
N2 NAG R . 17.16 -20.93 -62.60
O3 NAG R . 19.72 -22.08 -63.21
O4 NAG R . 20.47 -22.12 -65.96
O5 NAG R . 16.77 -21.88 -66.22
O6 NAG R . 17.60 -21.74 -68.98
O7 NAG R . 16.05 -22.61 -61.66
C1 NAG S . -17.69 -12.47 42.42
C2 NAG S . -18.34 -12.21 43.72
C3 NAG S . -19.74 -12.63 43.71
C4 NAG S . -20.41 -12.12 42.52
C5 NAG S . -19.74 -12.56 41.25
C6 NAG S . -20.43 -12.05 40.06
C7 NAG S . -16.75 -11.91 45.65
C8 NAG S . -16.16 -12.46 46.91
N2 NAG S . -17.63 -12.69 45.03
O3 NAG S . -20.38 -12.26 44.95
O4 NAG S . -21.65 -12.81 42.55
O5 NAG S . -18.33 -12.03 41.25
O6 NAG S . -20.87 -10.76 40.41
O7 NAG S . -16.46 -10.79 45.23
C1 NAG S . -22.77 -11.60 42.37
C2 NAG S . -24.22 -12.25 42.19
C3 NAG S . -25.36 -11.17 42.02
C4 NAG S . -25.29 -10.24 43.25
C5 NAG S . -23.89 -9.60 43.33
C6 NAG S . -23.80 -8.62 44.49
C7 NAG S . -24.35 -14.37 41.01
C8 NAG S . -24.27 -15.17 39.73
N2 NAG S . -24.21 -13.05 40.94
O3 NAG S . -26.59 -11.83 41.95
O4 NAG S . -26.29 -9.22 43.06
O5 NAG S . -22.88 -10.61 43.48
O6 NAG S . -22.52 -8.03 44.54
O7 NAG S . -24.50 -14.94 42.08
C1 FUC S . -20.54 -9.87 39.14
C2 FUC S . -21.35 -8.47 39.20
C3 FUC S . -20.82 -7.69 40.43
C4 FUC S . -19.33 -7.43 40.28
C5 FUC S . -18.60 -8.79 40.11
C6 FUC S . -17.11 -8.60 39.92
O2 FUC S . -22.71 -8.77 39.36
O3 FUC S . -21.53 -6.47 40.59
O4 FUC S . -19.11 -6.59 39.11
O5 FUC S . -19.11 -9.52 38.93
C1 NAG T . -33.48 21.13 -64.70
C2 NAG T . -34.38 22.01 -65.60
C3 NAG T . -33.75 23.39 -65.79
C4 NAG T . -33.54 24.14 -64.36
C5 NAG T . -32.67 23.08 -63.51
C6 NAG T . -32.46 23.62 -62.12
C7 NAG T . -35.69 20.88 -67.25
C8 NAG T . -35.86 20.17 -68.57
N2 NAG T . -34.54 21.37 -66.91
O3 NAG T . -34.57 24.24 -66.55
O4 NAG T . -32.67 25.06 -64.66
O5 NAG T . -33.30 21.76 -63.43
O6 NAG T . -31.26 23.19 -61.56
O7 NAG T . -36.68 20.94 -66.49
C1 NAG T . -33.33 26.49 -64.03
C2 NAG T . -32.25 27.62 -64.11
C3 NAG T . -32.84 28.93 -63.58
C4 NAG T . -34.11 29.28 -64.35
C5 NAG T . -35.10 28.09 -64.23
C6 NAG T . -36.41 28.38 -64.94
C7 NAG T . -29.89 27.12 -63.80
C8 NAG T . -28.72 26.75 -62.92
N2 NAG T . -31.08 27.25 -63.27
O3 NAG T . -31.88 29.99 -63.72
O4 NAG T . -34.68 30.47 -63.82
O5 NAG T . -34.54 26.88 -64.75
O6 NAG T . -37.32 27.32 -64.75
O7 NAG T . -29.70 27.32 -65.00
C1 NAG U . -14.91 32.28 -59.72
C2 NAG U . -14.86 33.55 -60.62
C3 NAG U . -14.46 34.76 -59.79
C4 NAG U . -15.51 35.03 -58.57
C5 NAG U . -15.51 33.63 -57.79
C6 NAG U . -16.53 33.71 -56.68
C7 NAG U . -14.27 33.42 -62.94
C8 NAG U . -13.26 33.26 -64.04
N2 NAG U . -13.89 33.40 -61.70
O3 NAG U . -14.45 35.96 -60.55
O4 NAG U . -14.86 35.82 -57.78
O5 NAG U . -15.84 32.50 -58.66
O6 NAG U . -16.57 32.55 -55.91
O7 NAG U . -15.46 33.54 -63.23
C1 NAG U . -15.87 37.14 -57.53
C2 NAG U . -15.33 37.97 -56.32
C3 NAG U . -16.19 39.20 -56.10
C4 NAG U . -16.22 40.03 -57.38
C5 NAG U . -16.75 39.14 -58.53
C6 NAG U . -16.82 39.91 -59.84
C7 NAG U . -14.25 36.62 -54.60
C8 NAG U . -14.32 35.78 -53.35
N2 NAG U . -15.36 37.13 -55.10
O3 NAG U . -15.66 39.99 -55.02
O4 NAG U . -17.06 41.18 -57.20
O5 NAG U . -15.93 37.99 -58.73
O6 NAG U . -17.50 39.16 -60.83
O7 NAG U . -13.16 36.85 -55.13
C1 NAG V . 34.69 -16.98 27.85
C2 NAG V . 35.28 -17.92 28.83
C3 NAG V . 36.17 -18.89 28.19
C4 NAG V . 35.51 -19.47 27.03
C5 NAG V . 35.09 -18.44 26.03
C6 NAG V . 34.45 -19.04 24.85
C7 NAG V . 35.20 -17.10 31.22
C8 NAG V . 35.95 -16.56 32.39
N2 NAG V . 35.94 -17.33 30.12
O3 NAG V . 36.62 -19.85 29.16
O4 NAG V . 36.58 -20.19 26.41
O5 NAG V . 34.10 -17.52 26.69
O6 NAG V . 33.71 -20.14 25.35
O7 NAG V . 34.01 -17.32 31.25
C1 NAG V . 35.95 -21.70 26.17
C2 NAG V . 36.98 -22.56 25.30
C3 NAG V . 36.46 -24.03 25.03
C4 NAG V . 36.18 -24.68 26.41
C5 NAG V . 35.15 -23.83 27.16
C6 NAG V . 34.78 -24.47 28.49
C7 NAG V . 38.28 -21.38 23.63
C8 NAG V . 38.38 -20.68 22.30
N2 NAG V . 37.11 -21.92 23.98
O3 NAG V . 37.45 -24.74 24.34
O4 NAG V . 35.65 -25.99 26.15
O5 NAG V . 35.64 -22.51 27.39
O6 NAG V . 33.81 -23.70 29.17
O7 NAG V . 39.26 -21.45 24.37
C1 FUC V . 32.32 -20.04 24.59
C2 FUC V . 31.51 -21.44 24.73
C3 FUC V . 31.17 -21.63 26.23
C4 FUC V . 30.31 -20.46 26.71
C5 FUC V . 31.07 -19.14 26.46
C6 FUC V . 30.26 -17.94 26.88
O2 FUC V . 32.36 -22.48 24.29
O3 FUC V . 30.51 -22.86 26.44
O4 FUC V . 29.05 -20.47 25.98
O5 FUC V . 31.39 -18.98 25.02
C1 NAG W . -31.05 -26.20 -64.06
C2 NAG W . -31.79 -27.23 -64.94
C3 NAG W . -33.25 -27.35 -64.50
C4 NAG W . -33.37 -27.82 -62.95
C5 NAG W . -32.48 -26.73 -62.17
C6 NAG W . -32.43 -27.08 -60.71
C7 NAG W . -31.02 -27.45 -67.20
C8 NAG W . -30.94 -26.98 -68.63
N2 NAG W . -31.75 -26.80 -66.34
O3 NAG W . -33.95 -28.32 -65.25
O4 NAG W . -34.58 -27.49 -62.65
O5 NAG W . -31.11 -26.62 -62.69
O6 NAG W . -32.31 -25.96 -59.89
O7 NAG W . -30.40 -28.45 -66.87
C1 NAG W . -35.24 -28.88 -61.94
C2 NAG W . -36.63 -28.52 -61.30
C3 NAG W . -37.25 -29.77 -60.69
C4 NAG W . -37.36 -30.86 -61.75
C5 NAG W . -35.95 -31.13 -62.33
C6 NAG W . -35.97 -32.24 -63.36
C7 NAG W . -37.01 -26.32 -60.30
C8 NAG W . -36.80 -25.34 -59.19
N2 NAG W . -36.43 -27.51 -60.24
O3 NAG W . -38.56 -29.46 -60.18
O4 NAG W . -37.90 -32.05 -61.16
O5 NAG W . -35.39 -29.96 -62.91
O6 NAG W . -34.65 -32.52 -63.81
O7 NAG W . -37.74 -26.04 -61.25
C1 NAG X . -45.42 -17.06 -49.77
C2 NAG X . -46.85 -17.47 -50.20
C3 NAG X . -47.66 -17.90 -48.99
C4 NAG X . -46.97 -19.16 -48.22
C5 NAG X . -45.49 -18.61 -47.91
C6 NAG X . -44.70 -19.73 -47.27
C7 NAG X . -47.93 -16.45 -52.09
C8 NAG X . -48.66 -15.30 -52.74
N2 NAG X . -47.56 -16.36 -50.85
O3 NAG X . -48.96 -18.33 -49.34
O4 NAG X . -47.55 -19.15 -47.06
O5 NAG X . -44.80 -18.16 -49.11
O6 NAG X . -43.42 -19.33 -46.92
O7 NAG X . -47.69 -17.47 -52.75
C1 NAG X . -48.14 -20.72 -46.85
C2 NAG X . -48.53 -20.91 -45.35
C3 NAG X . -49.11 -22.30 -45.13
C4 NAG X . -50.31 -22.49 -46.06
C5 NAG X . -49.85 -22.26 -47.52
C6 NAG X . -51.00 -22.46 -48.49
C7 NAG X . -47.13 -19.67 -43.79
C8 NAG X . -45.89 -19.55 -42.93
N2 NAG X . -47.32 -20.75 -44.51
O3 NAG X . -49.52 -22.45 -43.77
O4 NAG X . -50.84 -23.80 -45.89
O5 NAG X . -49.30 -20.95 -47.71
O6 NAG X . -50.53 -22.46 -49.83
O7 NAG X . -47.96 -18.76 -43.80
C1 NAG Y . 60.61 -15.64 -1.36
C2 NAG Y . 61.92 -16.47 -1.09
C3 NAG Y . 61.57 -17.73 -0.25
C4 NAG Y . 60.93 -17.28 1.07
C5 NAG Y . 59.67 -16.46 0.75
C6 NAG Y . 59.01 -15.99 2.03
C7 NAG Y . 63.74 -16.62 -2.66
C8 NAG Y . 64.32 -17.07 -3.96
N2 NAG Y . 62.49 -16.92 -2.36
O3 NAG Y . 62.76 -18.48 0.01
O4 NAG Y . 60.59 -18.43 1.82
O5 NAG Y . 60.02 -15.30 -0.09
O6 NAG Y . 59.86 -15.13 2.79
O7 NAG Y . 64.44 -15.96 -1.87
C1 NAG Z . 44.74 14.80 -22.15
C2 NAG Z . 43.34 15.49 -22.25
C3 NAG Z . 43.26 16.30 -23.56
C4 NAG Z . 44.38 17.35 -23.56
C5 NAG Z . 45.74 16.62 -23.42
C6 NAG Z . 46.88 17.61 -23.38
C7 NAG Z . 41.63 14.16 -21.18
C8 NAG Z . 40.58 13.09 -21.20
N2 NAG Z . 42.29 14.45 -22.29
O3 NAG Z . 42.00 16.95 -23.66
O4 NAG Z . 44.34 18.09 -24.77
O5 NAG Z . 45.76 15.82 -22.19
O6 NAG Z . 48.14 16.95 -23.48
O7 NAG Z . 41.89 14.73 -20.12
C1 NAG AA . 40.08 6.22 4.40
C2 NAG AA . 38.62 6.16 4.96
C3 NAG AA . 37.69 7.10 4.12
C4 NAG AA . 38.28 8.52 4.18
C5 NAG AA . 39.71 8.49 3.63
C6 NAG AA . 40.35 9.87 3.64
C7 NAG AA . 37.64 4.14 5.87
C8 NAG AA . 37.16 2.74 5.75
N2 NAG AA . 38.11 4.79 4.83
O3 NAG AA . 36.38 7.08 4.66
O4 NAG AA . 37.44 9.39 3.41
O5 NAG AA . 40.55 7.59 4.43
O6 NAG AA . 39.82 10.70 2.61
O7 NAG AA . 37.61 4.70 6.99
C1 NAG BA . 51.38 -2.08 19.10
C2 NAG BA . 49.91 -1.61 19.39
C3 NAG BA . 49.83 -0.96 20.80
C4 NAG BA . 50.28 -2.02 21.82
C5 NAG BA . 51.71 -2.49 21.48
C6 NAG BA . 52.19 -3.55 22.44
C7 NAG BA . 48.75 -0.98 17.36
C8 NAG BA . 48.34 0.02 16.32
N2 NAG BA . 49.51 -0.61 18.39
O3 NAG BA . 48.51 -0.56 21.08
O4 NAG BA . 50.26 -1.44 23.12
O5 NAG BA . 51.76 -3.03 20.12
O6 NAG BA . 53.60 -3.65 22.43
O7 NAG BA . 48.39 -2.15 17.26
C1 NAG CA . 10.91 45.15 7.58
C2 NAG CA . 11.58 46.28 6.71
C3 NAG CA . 10.55 47.41 6.44
C4 NAG CA . 9.33 46.80 5.73
C5 NAG CA . 8.75 45.67 6.61
C6 NAG CA . 7.55 45.02 5.95
C7 NAG CA . 13.93 46.80 6.95
C8 NAG CA . 15.08 47.39 7.72
N2 NAG CA . 12.72 46.86 7.45
O3 NAG CA . 11.13 48.41 5.63
O4 NAG CA . 8.35 47.82 5.53
O5 NAG CA . 9.76 44.65 6.88
O6 NAG CA . 7.00 44.00 6.77
O7 NAG CA . 14.14 46.27 5.85
C1 NAG DA . 26.84 -2.98 -42.79
C2 NAG DA . 25.61 -3.41 -43.68
C3 NAG DA . 26.02 -4.59 -44.60
C4 NAG DA . 27.22 -4.14 -45.47
C5 NAG DA . 28.37 -3.70 -44.54
C6 NAG DA . 29.55 -3.22 -45.36
C7 NAG DA . 23.34 -3.25 -42.86
C8 NAG DA . 22.23 -3.71 -41.96
N2 NAG DA . 24.51 -3.86 -42.81
O3 NAG DA . 24.93 -4.96 -45.42
O4 NAG DA . 27.63 -5.24 -46.27
O5 NAG DA . 27.92 -2.61 -43.66
O6 NAG DA . 30.63 -2.83 -44.53
O7 NAG DA . 23.16 -2.29 -43.61
C1 NAG EA . 21.04 30.00 -46.86
C2 NAG EA . 22.56 30.38 -46.67
C3 NAG EA . 22.66 31.55 -45.67
C4 NAG EA . 21.86 32.74 -46.22
C5 NAG EA . 20.41 32.31 -46.45
C6 NAG EA . 19.61 33.45 -47.06
C7 NAG EA . 23.93 28.42 -46.93
C8 NAG EA . 24.70 27.25 -46.39
N2 NAG EA . 23.31 29.24 -46.12
O3 NAG EA . 24.03 31.93 -45.48
O4 NAG EA . 21.92 33.82 -45.28
O5 NAG EA . 20.35 31.16 -47.35
O6 NAG EA . 18.24 33.12 -47.18
O7 NAG EA . 23.89 28.60 -48.15
C1 NAG FA . 2.92 18.14 -74.76
C2 NAG FA . 4.38 17.57 -74.48
C3 NAG FA . 5.09 18.44 -73.43
C4 NAG FA . 5.12 19.91 -73.85
C5 NAG FA . 3.66 20.36 -74.04
C6 NAG FA . 3.60 21.82 -74.51
C7 NAG FA . 4.41 15.19 -74.74
C8 NAG FA . 4.30 13.81 -74.14
N2 NAG FA . 4.29 16.22 -73.95
O3 NAG FA . 6.42 17.97 -73.23
O4 NAG FA . 5.76 20.69 -72.85
O5 NAG FA . 3.02 19.53 -75.06
O6 NAG FA . 2.28 22.33 -74.41
O7 NAG FA . 4.60 15.32 -75.95
C1 NAG GA . -2.07 11.56 -89.95
C2 NAG GA . -0.71 11.87 -90.68
C3 NAG GA . -0.87 11.68 -92.21
C4 NAG GA . -1.36 10.24 -92.49
C5 NAG GA . -2.69 10.03 -91.76
C6 NAG GA . -3.21 8.62 -92.00
C7 NAG GA . 0.75 13.57 -89.79
C8 NAG GA . 1.09 15.01 -89.54
N2 NAG GA . -0.34 13.27 -90.44
O3 NAG GA . 0.37 11.90 -92.86
O4 NAG GA . -1.53 10.08 -93.90
O5 NAG GA . -2.49 10.24 -90.31
O6 NAG GA . -2.38 7.64 -91.40
O7 NAG GA . 1.50 12.69 -89.37
C1 NAG HA . -18.97 23.26 -90.16
C2 NAG HA . -18.55 24.75 -89.92
C3 NAG HA . -19.81 25.63 -89.84
C4 NAG HA . -20.61 25.49 -91.15
C5 NAG HA . -20.96 24.00 -91.35
C6 NAG HA . -21.67 23.81 -92.68
C7 NAG HA . -16.57 25.32 -88.65
C8 NAG HA . -15.81 25.45 -87.37
N2 NAG HA . -17.80 24.87 -88.66
O3 NAG HA . -19.45 26.99 -89.65
O4 NAG HA . -21.79 26.26 -91.06
O5 NAG HA . -19.73 23.18 -91.36
O6 NAG HA . -22.02 22.45 -92.89
O7 NAG HA . -16.02 25.66 -89.71
C1 NAG IA . 15.37 32.50 -28.34
C2 NAG IA . 15.84 33.98 -28.53
C3 NAG IA . 14.64 34.86 -28.99
C4 NAG IA . 14.11 34.28 -30.31
C5 NAG IA . 13.69 32.81 -30.08
C6 NAG IA . 13.19 32.19 -31.37
C7 NAG IA . 17.58 34.92 -27.13
C8 NAG IA . 18.08 35.44 -25.82
N2 NAG IA . 16.33 34.51 -27.24
O3 NAG IA . 15.07 36.20 -29.18
O4 NAG IA . 12.98 35.05 -30.71
O5 NAG IA . 14.84 32.03 -29.60
O6 NAG IA . 12.78 30.86 -31.18
O7 NAG IA . 18.35 34.85 -28.10
C1 NAG JA . -9.93 27.00 -76.21
C2 NAG JA . -11.28 27.39 -76.86
C3 NAG JA . -11.00 28.22 -78.13
C4 NAG JA . -10.19 29.47 -77.72
C5 NAG JA . -8.89 29.03 -77.01
C6 NAG JA . -8.10 30.22 -76.54
C7 NAG JA . -13.09 25.83 -76.53
C8 NAG JA . -13.83 24.57 -76.86
N2 NAG JA . -12.01 26.16 -77.21
O3 NAG JA . -12.23 28.61 -78.75
O4 NAG JA . -9.88 30.21 -78.89
O5 NAG JA . -9.21 28.19 -75.85
O6 NAG JA . -6.92 29.82 -75.86
O7 NAG JA . -13.50 26.55 -75.61
C1 NAG KA . 34.10 -20.37 -25.79
C2 NAG KA . 34.77 -19.82 -27.10
C3 NAG KA . 34.73 -21.03 -28.06
C4 NAG KA . 35.46 -22.24 -27.48
C5 NAG KA . 34.81 -22.63 -26.15
C6 NAG KA . 35.57 -23.69 -25.41
C7 NAG KA . 34.59 -17.61 -28.11
C8 NAG KA . 33.78 -16.50 -28.75
N2 NAG KA . 34.00 -18.71 -27.69
O3 NAG KA . 35.29 -20.71 -29.34
O4 NAG KA . 35.37 -23.34 -28.38
O5 NAG KA . 34.87 -21.50 -25.23
O6 NAG KA . 34.82 -24.19 -24.31
O7 NAG KA . 35.80 -17.48 -27.99
C1 NAG LA . -11.36 59.25 16.74
C2 NAG LA . -11.09 60.72 17.23
C3 NAG LA . -9.58 60.89 17.51
C4 NAG LA . -9.14 59.86 18.57
C5 NAG LA . -9.46 58.45 18.04
C6 NAG LA . -9.06 57.41 19.08
C7 NAG LA . -12.33 62.63 16.47
C8 NAG LA . -12.71 63.60 15.40
N2 NAG LA . -11.47 61.68 16.19
O3 NAG LA . -9.32 62.21 17.97
O4 NAG LA . -7.74 60.00 18.80
O5 NAG LA . -10.90 58.34 17.75
O6 NAG LA . -9.78 57.55 20.29
O7 NAG LA . -12.82 62.75 17.60
C1 NAG MA . -38.80 34.72 0.74
C2 NAG MA . -38.85 33.21 0.32
C3 NAG MA . -40.04 32.99 -0.65
C4 NAG MA . -41.34 33.42 0.05
C5 NAG MA . -41.21 34.90 0.47
C6 NAG MA . -42.46 35.36 1.19
C7 NAG MA . -36.66 32.23 0.28
C8 NAG MA . -35.37 31.87 -0.41
N2 NAG MA . -37.61 32.84 -0.38
O3 NAG MA . -40.12 31.61 -1.02
O4 NAG MA . -42.43 33.25 -0.85
O5 NAG MA . -40.05 35.08 1.35
O6 NAG MA . -42.45 36.77 1.39
O7 NAG MA . -36.80 31.95 1.48
C1 NAG NA . -18.95 29.89 20.31
C2 NAG NA . -18.11 28.56 20.25
C3 NAG NA . -18.86 27.48 19.42
C4 NAG NA . -20.23 27.25 20.07
C5 NAG NA . -20.99 28.59 20.11
C6 NAG NA . -22.37 28.44 20.72
C7 NAG NA . -15.68 28.57 20.15
C8 NAG NA . -14.39 28.89 19.48
N2 NAG NA . -16.83 28.86 19.57
O3 NAG NA . -18.11 26.28 19.41
O4 NAG NA . -20.95 26.27 19.33
O5 NAG NA . -20.25 29.58 20.88
O6 NAG NA . -23.28 27.78 19.85
O7 NAG NA . -15.67 28.05 21.29
C1 NAG OA . -10.46 40.71 35.25
C2 NAG OA . -10.15 39.17 35.10
C3 NAG OA . -10.08 38.51 36.50
C4 NAG OA . -8.96 39.22 37.29
C5 NAG OA . -9.27 40.73 37.38
C6 NAG OA . -8.18 41.47 38.12
C7 NAG OA . -11.05 38.27 33.04
C8 NAG OA . -12.14 37.63 32.24
N2 NAG OA . -11.24 38.53 34.34
O3 NAG OA . -9.78 37.12 36.38
O4 NAG OA . -8.89 38.65 38.60
O5 NAG OA . -9.40 41.31 36.04
O6 NAG OA . -8.65 42.71 38.60
O7 NAG OA . -9.99 38.57 32.50
C1 NAG PA . -38.26 -14.79 23.06
C2 NAG PA . -39.82 -14.62 22.84
C3 NAG PA . -40.45 -16.00 22.54
C4 NAG PA . -39.77 -16.59 21.29
C5 NAG PA . -38.25 -16.69 21.56
C6 NAG PA . -37.52 -17.24 20.35
C7 NAG PA . -41.07 -12.95 24.06
C8 NAG PA . -41.68 -12.41 25.33
N2 NAG PA . -40.43 -14.09 24.08
O3 NAG PA . -41.85 -15.85 22.30
O4 NAG PA . -40.32 -17.88 21.04
O5 NAG PA . -37.69 -15.38 21.88
O6 NAG PA . -36.13 -17.36 20.59
O7 NAG PA . -41.17 -12.29 23.02
C1 NAG QA . -25.72 32.48 -29.04
C2 NAG QA . -25.26 31.84 -30.40
C3 NAG QA . -24.82 32.96 -31.38
C4 NAG QA . -26.02 33.91 -31.59
C5 NAG QA . -26.45 34.48 -30.23
C6 NAG QA . -27.64 35.40 -30.39
C7 NAG QA . -24.16 29.68 -30.45
C8 NAG QA . -22.97 28.80 -30.18
N2 NAG QA . -24.09 30.96 -30.15
O3 NAG QA . -24.43 32.38 -32.62
O4 NAG QA . -25.60 34.97 -32.46
O5 NAG QA . -26.81 33.40 -29.31
O6 NAG QA . -28.04 35.96 -29.15
O7 NAG QA . -25.19 29.20 -30.92
C1 NAG RA . -52.27 11.93 -25.78
C2 NAG RA . -53.09 12.99 -24.94
C3 NAG RA . -53.68 12.29 -23.70
C4 NAG RA . -54.59 11.14 -24.16
C5 NAG RA . -53.75 10.16 -25.01
C6 NAG RA . -54.63 9.04 -25.53
C7 NAG RA . -52.13 15.18 -25.21
C8 NAG RA . -51.24 16.31 -24.77
N2 NAG RA . -52.22 14.08 -24.49
O3 NAG RA . -54.44 13.22 -22.93
O4 NAG RA . -55.09 10.47 -23.01
O5 NAG RA . -53.15 10.86 -26.16
O6 NAG RA . -53.87 8.07 -26.24
O7 NAG RA . -52.76 15.30 -26.27
C1 NAG SA . -46.96 7.98 -60.47
C2 NAG SA . -46.96 9.46 -59.85
C3 NAG SA . -47.50 9.41 -58.41
C4 NAG SA . -48.90 8.77 -58.38
C5 NAG SA . -48.79 7.36 -58.95
C6 NAG SA . -50.15 6.67 -59.00
C7 NAG SA . -45.11 10.71 -60.71
C8 NAG SA . -43.69 11.18 -60.59
N2 NAG SA . -45.59 9.95 -59.78
O3 NAG SA . -47.56 10.72 -57.87
O4 NAG SA . -49.38 8.74 -57.04
O5 NAG SA . -48.27 7.44 -60.33
O6 NAG SA . -50.01 5.29 -59.26
O7 NAG SA . -45.80 11.04 -61.68
C1 NAG TA . -45.88 10.02 -77.61
C2 NAG TA . -46.97 11.16 -77.68
C3 NAG TA . -47.38 11.42 -79.15
C4 NAG TA . -46.14 11.76 -79.97
C5 NAG TA . -45.13 10.62 -79.86
C6 NAG TA . -43.87 10.92 -80.65
C7 NAG TA . -48.57 11.37 -75.88
C8 NAG TA . -49.78 10.89 -75.15
N2 NAG TA . -48.16 10.72 -76.95
O3 NAG TA . -48.32 12.48 -79.21
O4 NAG TA . -46.51 11.98 -81.33
O5 NAG TA . -44.78 10.39 -78.45
O6 NAG TA . -43.14 11.99 -80.09
O7 NAG TA . -47.96 12.36 -75.48
C1 NAG UA . -48.98 -10.05 -80.80
C2 NAG UA . -50.29 -10.48 -80.03
C3 NAG UA . -50.48 -12.00 -80.18
C4 NAG UA . -50.59 -12.34 -81.68
C5 NAG UA . -49.32 -11.87 -82.38
C6 NAG UA . -49.43 -12.12 -83.88
C7 NAG UA . -51.01 -9.35 -78.02
C8 NAG UA . -50.87 -9.02 -76.56
N2 NAG UA . -50.15 -10.16 -78.60
O3 NAG UA . -51.66 -12.42 -79.50
O4 NAG UA . -50.73 -13.76 -81.81
O5 NAG UA . -49.13 -10.43 -82.17
O6 NAG UA . -48.26 -11.69 -84.56
O7 NAG UA . -51.93 -8.84 -78.66
C1 NAG VA . -44.45 2.29 -10.71
C2 NAG VA . -45.93 1.98 -10.29
C3 NAG VA . -46.38 0.63 -10.91
C4 NAG VA . -46.23 0.72 -12.44
C5 NAG VA . -44.77 1.06 -12.78
C6 NAG VA . -44.60 1.18 -14.28
C7 NAG VA . -46.80 2.71 -8.16
C8 NAG VA . -46.89 2.62 -6.66
N2 NAG VA . -46.03 1.88 -8.83
O3 NAG VA . -47.73 0.36 -10.55
O4 NAG VA . -46.60 -0.54 -12.99
O5 NAG VA . -44.38 2.32 -12.15
O6 NAG VA . -43.25 1.48 -14.62
O7 NAG VA . -47.45 3.58 -8.76
C1 NAG WA . -49.83 -7.00 -64.05
C2 NAG WA . -49.89 -8.21 -65.02
C3 NAG WA . -51.21 -8.14 -65.83
C4 NAG WA . -52.39 -8.17 -64.82
C5 NAG WA . -52.23 -6.98 -63.84
C6 NAG WA . -53.34 -7.00 -62.80
C7 NAG WA . -47.77 -9.02 -65.82
C8 NAG WA . -46.58 -8.95 -66.73
N2 NAG WA . -48.74 -8.15 -65.94
O3 NAG WA . -51.31 -9.25 -66.71
O4 NAG WA . -53.60 -8.04 -65.54
O5 NAG WA . -50.94 -7.05 -63.15
O6 NAG WA . -53.19 -5.94 -61.87
O7 NAG WA . -47.82 -9.91 -64.95
C1 NAG XA . -7.23 43.98 -16.00
C2 NAG XA . -8.48 44.53 -16.77
C3 NAG XA . -7.87 45.30 -17.96
C4 NAG XA . -6.91 46.40 -17.51
C5 NAG XA . -5.79 45.78 -16.68
C6 NAG XA . -4.91 46.82 -16.03
C7 NAG XA . -10.65 43.47 -17.13
C8 NAG XA . -11.50 42.36 -17.69
N2 NAG XA . -9.33 43.45 -17.27
O3 NAG XA . -8.88 45.85 -18.82
O4 NAG XA . -6.35 47.04 -18.65
O5 NAG XA . -6.36 45.09 -15.53
O6 NAG XA . -3.75 46.21 -15.46
O7 NAG XA . -11.18 44.41 -16.54
C1 NAG YA . -37.38 -42.42 26.90
C2 NAG YA . -38.49 -43.01 27.84
C3 NAG YA . -39.11 -41.88 28.68
C4 NAG YA . -38.00 -41.21 29.51
C5 NAG YA . -36.93 -40.67 28.54
C6 NAG YA . -35.80 -40.01 29.32
C7 NAG YA . -39.89 -44.87 27.22
C8 NAG YA . -40.99 -45.47 26.39
N2 NAG YA . -39.55 -43.61 27.03
O3 NAG YA . -40.11 -42.41 29.55
O4 NAG YA . -38.56 -40.14 30.26
O5 NAG YA . -36.39 -41.76 27.71
O6 NAG YA . -35.14 -40.94 30.17
O7 NAG YA . -39.33 -45.55 28.08
C1 NAG ZA . -13.11 -50.23 -4.08
C2 NAG ZA . -12.00 -49.44 -4.89
C3 NAG ZA . -11.76 -50.15 -6.25
C4 NAG ZA . -11.32 -51.60 -5.99
C5 NAG ZA . -12.41 -52.31 -5.17
C6 NAG ZA . -12.01 -53.73 -4.85
C7 NAG ZA . -12.08 -47.09 -4.39
C8 NAG ZA . -12.56 -45.69 -4.63
N2 NAG ZA . -12.48 -48.08 -5.16
O3 NAG ZA . -10.76 -49.46 -6.99
O4 NAG ZA . -11.13 -52.26 -7.23
O5 NAG ZA . -12.65 -51.59 -3.90
O6 NAG ZA . -13.10 -54.46 -4.29
O7 NAG ZA . -11.30 -47.30 -3.45
C1 NAG AB . -8.79 -34.88 19.27
C2 NAG AB . -8.06 -33.49 19.17
C3 NAG AB . -7.21 -33.42 17.86
C4 NAG AB . -6.22 -34.59 17.88
C5 NAG AB . -7.00 -35.92 17.99
C6 NAG AB . -6.08 -37.12 17.99
C7 NAG AB . -9.04 -31.42 19.97
C8 NAG AB . -10.10 -30.35 19.94
N2 NAG AB . -9.08 -32.42 19.12
O3 NAG AB . -6.51 -32.19 17.80
O4 NAG AB . -5.44 -34.56 16.68
O5 NAG AB . -7.80 -35.93 19.22
O6 NAG AB . -5.56 -37.39 16.70
O7 NAG AB . -8.16 -31.38 20.85
C1 NAG BB . -14.83 -36.02 38.63
C2 NAG BB . -13.74 -34.96 38.19
C3 NAG BB . -12.65 -34.83 39.29
C4 NAG BB . -13.35 -34.39 40.59
C5 NAG BB . -14.42 -35.44 40.96
C6 NAG BB . -15.16 -35.03 42.23
C7 NAG BB . -13.50 -34.88 35.78
C8 NAG BB . -12.89 -35.31 34.49
N2 NAG BB . -13.11 -35.40 36.94
O3 NAG BB . -11.68 -33.86 38.90
O4 NAG BB . -12.37 -34.31 41.62
O5 NAG BB . -15.40 -35.57 39.88
O6 NAG BB . -15.80 -36.14 42.82
O7 NAG BB . -14.39 -34.01 35.77
C1 NAG CB . 36.64 -29.43 2.45
C2 NAG CB . 37.01 -30.78 1.73
C3 NAG CB . 38.27 -30.57 0.85
C4 NAG CB . 37.98 -29.46 -0.17
C5 NAG CB . 37.58 -28.18 0.59
C6 NAG CB . 37.25 -27.05 -0.36
C7 NAG CB . 36.63 -32.91 2.81
C8 NAG CB . 36.97 -33.95 3.86
N2 NAG CB . 37.34 -31.80 2.75
O3 NAG CB . 38.59 -31.77 0.17
O4 NAG CB . 39.15 -29.22 -0.95
O5 NAG CB . 36.42 -28.42 1.45
O6 NAG CB . 36.91 -25.87 0.33
O7 NAG CB . 35.70 -33.12 2.03
C1 NAG DB . -28.68 -32.27 -26.39
C2 NAG DB . -28.89 -31.29 -27.61
C3 NAG DB . -30.40 -31.29 -28.01
C4 NAG DB . -30.80 -32.73 -28.38
C5 NAG DB . -30.53 -33.65 -27.17
C6 NAG DB . -30.89 -35.08 -27.50
C7 NAG DB . -27.57 -29.28 -27.83
C8 NAG DB . -27.19 -27.89 -27.41
N2 NAG DB . -28.53 -29.92 -27.19
O3 NAG DB . -30.58 -30.43 -29.13
O4 NAG DB . -32.18 -32.74 -28.71
O5 NAG DB . -29.12 -33.59 -26.78
O6 NAG DB . -30.68 -35.94 -26.39
O7 NAG DB . -26.97 -29.81 -28.77
C1 NAG EB . -0.07 -45.07 -38.83
C2 NAG EB . -0.27 -46.45 -38.10
C3 NAG EB . 1.05 -46.85 -37.40
C4 NAG EB . 2.17 -46.94 -38.46
C5 NAG EB . 2.30 -45.58 -39.18
C6 NAG EB . 3.34 -45.67 -40.27
C7 NAG EB . -2.55 -46.67 -37.39
C8 NAG EB . -3.64 -46.58 -36.36
N2 NAG EB . -1.32 -46.35 -37.08
O3 NAG EB . 0.90 -48.11 -36.74
O4 NAG EB . 3.39 -47.27 -37.81
O5 NAG EB . 1.01 -45.21 -39.78
O6 NAG EB . 3.55 -44.41 -40.88
O7 NAG EB . -2.84 -47.07 -38.53
C1 NAG FB . -13.22 -31.85 -68.82
C2 NAG FB . -14.17 -32.71 -67.86
C3 NAG FB . -13.33 -33.42 -66.80
C4 NAG FB . -12.25 -34.30 -67.46
C5 NAG FB . -11.37 -33.39 -68.31
C6 NAG FB . -10.29 -34.18 -69.04
C7 NAG FB . -16.29 -31.60 -67.61
C8 NAG FB . -17.19 -30.67 -66.86
N2 NAG FB . -15.09 -31.80 -67.17
O3 NAG FB . -14.17 -34.23 -65.98
O4 NAG FB . -11.48 -34.94 -66.45
O5 NAG FB . -12.20 -32.71 -69.32
O6 NAG FB . -9.31 -33.33 -69.59
O7 NAG FB . -16.69 -32.17 -68.64
C1 NAG GB . -22.41 -28.61 -83.11
C2 NAG GB . -22.95 -30.09 -83.26
C3 NAG GB . -23.60 -30.28 -84.65
C4 NAG GB . -24.72 -29.24 -84.82
C5 NAG GB . -24.11 -27.85 -84.68
C6 NAG GB . -25.18 -26.77 -84.84
C7 NAG GB . -21.74 -31.90 -82.20
C8 NAG GB . -20.57 -32.82 -82.12
N2 NAG GB . -21.81 -31.02 -83.17
O3 NAG GB . -24.14 -31.59 -84.76
O4 NAG GB . -25.31 -29.41 -86.12
O5 NAG GB . -23.49 -27.71 -83.35
O6 NAG GB . -26.13 -26.81 -83.77
O7 NAG GB . -22.64 -31.96 -81.34
C1 NAG HB . -6.00 -20.60 -92.57
C2 NAG HB . -4.82 -21.64 -92.47
C3 NAG HB . -3.55 -21.01 -93.10
C4 NAG HB . -3.85 -20.65 -94.56
C5 NAG HB . -5.04 -19.67 -94.59
C6 NAG HB . -5.40 -19.34 -96.03
C7 NAG HB . -4.64 -23.21 -90.64
C8 NAG HB . -4.36 -23.53 -89.20
N2 NAG HB . -4.54 -21.97 -91.07
O3 NAG HB . -2.47 -21.93 -93.04
O4 NAG HB . -2.70 -20.03 -95.12
O5 NAG HB . -6.21 -20.27 -93.94
O6 NAG HB . -6.50 -18.44 -96.09
O7 NAG HB . -4.97 -24.12 -91.42
C1 NAG IB . 11.05 -36.59 -25.19
C2 NAG IB . 12.05 -37.77 -25.45
C3 NAG IB . 13.09 -37.35 -26.53
C4 NAG IB . 12.33 -36.98 -27.81
C5 NAG IB . 11.33 -35.85 -27.49
C6 NAG IB . 10.55 -35.47 -28.73
C7 NAG IB . 12.68 -39.29 -23.67
C8 NAG IB . 13.40 -39.60 -22.40
N2 NAG IB . 12.78 -38.09 -24.21
O3 NAG IB . 13.99 -38.43 -26.78
O4 NAG IB . 13.27 -36.54 -28.79
O5 NAG IB . 10.40 -36.26 -26.44
O6 NAG IB . 9.63 -34.42 -28.46
O7 NAG IB . 11.97 -40.15 -24.20
C1 NAG JB . -1.26 -26.11 -77.15
C2 NAG JB . -0.63 -25.36 -78.36
C3 NAG JB . -0.52 -26.36 -79.54
C4 NAG JB . 0.38 -27.53 -79.09
C5 NAG JB . -0.24 -28.19 -77.83
C6 NAG JB . 0.63 -29.31 -77.32
C7 NAG JB . -1.13 -23.00 -78.52
C8 NAG JB . -2.02 -21.86 -78.87
N2 NAG JB . -1.52 -24.25 -78.74
O3 NAG JB . 0.06 -25.72 -80.67
O4 NAG JB . 0.45 -28.48 -80.14
O5 NAG JB . -0.41 -27.20 -76.77
O6 NAG JB . 0.08 -29.90 -76.15
O7 NAG JB . -0.02 -22.77 -78.01
C1 NAG KB . -39.97 -24.92 -4.87
C2 NAG KB . -40.25 -26.11 -5.87
C3 NAG KB . -41.60 -25.74 -6.50
C4 NAG KB . -42.70 -25.58 -5.45
C5 NAG KB . -42.29 -24.48 -4.46
C6 NAG KB . -43.21 -24.37 -3.28
C7 NAG KB . -38.68 -27.34 -7.27
C8 NAG KB . -37.66 -27.40 -8.39
N2 NAG KB . -39.23 -26.19 -6.92
O3 NAG KB . -42.03 -26.70 -7.47
O4 NAG KB . -43.92 -25.19 -6.07
O5 NAG KB . -41.02 -24.85 -3.84
O6 NAG KB . -42.94 -23.21 -2.52
#